data_6ZOB
#
_entry.id   6ZOB
#
_cell.length_a   145.361
_cell.length_b   160.195
_cell.length_c   244.341
_cell.angle_alpha   90.000
_cell.angle_beta   90.000
_cell.angle_gamma   90.000
#
_symmetry.space_group_name_H-M   'P 21 21 21'
#
loop_
_entity.id
_entity.type
_entity.pdbx_description
1 polymer 'Multidrug efflux pump subunit AcrB'
2 polymer DARPIN
3 non-polymer DODECYL-BETA-D-MALTOSIDE
4 non-polymer HEXANE
5 non-polymer GLYCEROL
6 non-polymer 2-{2-[2-2-(METHOXY-ETHOXY)-ETHOXY]-ETHOXY}-ETHANOL
7 non-polymer '(2S,12Z,14E,16S,17S,18R,19R,20R,21S,22R,23S,24E)-8-formyl-5,6,9,17,19-pentahydroxy-23-methoxy-2,4,12,16,18,20,22-heptam ethyl-1,11-dioxo-1,2-dihydro-2,7-(epoxypentadeca[1,11,13]trienoimino)naphtho[2,1-b]furan-21-yl acetate'
8 non-polymer 1,2-ETHANEDIOL
9 non-polymer '(2S)-3-hydroxypropane-1,2-diyl didecanoate'
10 non-polymer DECYLAMINE-N,N-DIMETHYL-N-OXIDE
11 non-polymer N-OCTANE
12 non-polymer DECANE
13 non-polymer 'CHLORIDE ION'
14 water water
#
loop_
_entity_poly.entity_id
_entity_poly.type
_entity_poly.pdbx_seq_one_letter_code
_entity_poly.pdbx_strand_id
1 'polypeptide(L)'
;MPNFFIDRPIFAWVIAIIIMLAGGLAILKLPVAQYPTIAPPAVTISASYPGADAKTVQDTVTQVIEQNMNGIDNLMYMSS
NSDSTGTVQITLTFESGTDADIAQVQVQNKLQLAMPLLPQEVQQQGVSVEKSSSSFLMVVGVINTDGTMTQEDISDYVAA
NMKDAISRTSGVGDVQLFGSQYAMRIWMNPNELNKFQLTPVDVITAIKAQNAQVAAGQLGGTPPVKGQQLNASIIAQTRL
TSTEEFGKILLKVNQDGSRVLLRDVAKIELGGENYDIIAEFNGQPASGLGIKLATGANALDTAAAIRAELAKMEPFFPSG
LKIVYPYDTTPFVKISIHEVVKTLVEAIILVFLVMYLFLQNFRATLIPTIAVPVVLLGTFAVLAAFGFSINTLTMFGMVL
AIGLLVDDAIVVVENVERVMAEEGLPPKEATRKSMGQIQGALVGIAMVLSAVFVPMAFFGGSTGAIYRQFSITIVSAMAL
SVLVALILTPALCATMLKPIAKGDHGEGKKGFFGWFNRMFEKSTHHYTDSVGGILRSTGRYLVLYLIIVVGMAYLFVRLP
SSFLPDEDQGVFMTMVQLPAGATQERTQKVLNEVTHYYLTKEKNNVESVFAVNGFGFAGRGQNTGIAFVSLKDWADRPGE
ENKVEAITMRATRAFSQIKDAMVFAFNLPAIVELGTATGFDFELIDQAGLGHEKLTQARNQLLAEAAKHPDMLTSVRPNG
LEDTPQFKIDIDQEKAQALGVSINDINTTLGAAWGGSYVNDFIDRGRVKKVYVMSEAKYRMLPDDIGDWYVRAADGQMVP
FSAFSSSRWEYGSPRLERYNGLPSMEILGQAAPGKSTGEAMELMEQLASKLPTGVGYDWTGMSYQERLSGNQAPSLYAIS
LIVVFLCLAALYESWSIPFSVMLVVPLGVIGALLAATFRGLTNDVYFQVGLLTTIGLSAKNAILIVEFAKDLMDKEGKGL
IEATLDAVRMRLRPILMTSLAFILGVMPLVISTGAGSGAQNAVGTGVMGGMVTATVLAIFFVPVFFVVVRRRFSRKNEDI
EHSHTVDHHLEHHHHHH
;
A,B,C
2 'polypeptide(L)'
;MRGSHHHHHHGSDLGKKLLEAARAGRDDEVRILMANGADVNAADVVGWTPLHLAAYWGHLEIVEVLLKNGADVNAYDTLG
STPLHLAAHFGHLEIVEVLLKNGADVNAKDDNGITPLHLAANRGHLEIVEVLLKYGADVNAQDKFGKTAFDISINNGNED
LAEILQKLN
;
D,E
#
loop_
_chem_comp.id
_chem_comp.type
_chem_comp.name
_chem_comp.formula
3YI non-polymer '(2S,12Z,14E,16S,17S,18R,19R,20R,21S,22R,23S,24E)-8-formyl-5,6,9,17,19-pentahydroxy-23-methoxy-2,4,12,16,18,20,22-heptam ethyl-1,11-dioxo-1,2-dihydro-2,7-(epoxypentadeca[1,11,13]trienoimino)naphtho[2,1-b]furan-21-yl acetate' 'C38 H47 N O13'
CL non-polymer 'CHLORIDE ION' 'Cl -1'
D10 non-polymer DECANE 'C10 H22'
DDQ non-polymer DECYLAMINE-N,N-DIMETHYL-N-OXIDE 'C12 H27 N O'
DDR non-polymer '(2S)-3-hydroxypropane-1,2-diyl didecanoate' 'C23 H44 O5'
EDO non-polymer 1,2-ETHANEDIOL 'C2 H6 O2'
ETE non-polymer 2-{2-[2-2-(METHOXY-ETHOXY)-ETHOXY]-ETHOXY}-ETHANOL 'C9 H20 O5'
GOL non-polymer GLYCEROL 'C3 H8 O3'
HEX non-polymer HEXANE 'C6 H14'
LMT D-saccharide DODECYL-BETA-D-MALTOSIDE 'C24 H46 O11'
OCT non-polymer N-OCTANE 'C8 H18'
#
# COMPACT_ATOMS: atom_id res chain seq x y z
N MET A 1 15.70 -20.79 -40.52
CA MET A 1 16.43 -21.08 -39.24
C MET A 1 17.00 -22.49 -39.24
N PRO A 2 16.20 -23.55 -39.54
CA PRO A 2 16.72 -24.93 -39.50
C PRO A 2 18.03 -25.12 -40.26
N ASN A 3 18.09 -24.64 -41.51
CA ASN A 3 19.28 -24.76 -42.41
C ASN A 3 20.46 -23.99 -41.81
N PHE A 4 20.19 -22.89 -41.08
CA PHE A 4 21.21 -22.06 -40.39
C PHE A 4 21.84 -22.86 -39.24
N PHE A 5 21.00 -23.49 -38.40
CA PHE A 5 21.42 -24.17 -37.14
C PHE A 5 21.87 -25.61 -37.41
N ILE A 6 21.52 -26.17 -38.57
CA ILE A 6 22.07 -27.48 -39.07
C ILE A 6 23.58 -27.30 -39.32
N ASP A 7 23.96 -26.14 -39.88
CA ASP A 7 25.38 -25.78 -40.20
C ASP A 7 26.09 -25.28 -38.93
N ARG A 8 25.34 -24.91 -37.89
CA ARG A 8 25.86 -24.38 -36.60
C ARG A 8 25.29 -25.18 -35.43
N PRO A 9 25.72 -26.45 -35.22
CA PRO A 9 25.31 -27.23 -34.06
C PRO A 9 25.62 -26.58 -32.70
N ILE A 10 26.79 -25.96 -32.55
CA ILE A 10 27.28 -25.36 -31.27
C ILE A 10 26.36 -24.18 -30.89
N PHE A 11 26.00 -23.32 -31.86
CA PHE A 11 25.07 -22.18 -31.65
C PHE A 11 23.76 -22.70 -31.05
N ALA A 12 23.17 -23.72 -31.69
CA ALA A 12 21.92 -24.39 -31.25
C ALA A 12 22.07 -24.86 -29.80
N TRP A 13 23.20 -25.48 -29.46
CA TRP A 13 23.54 -25.98 -28.10
C TRP A 13 23.59 -24.79 -27.12
N VAL A 14 24.18 -23.66 -27.53
CA VAL A 14 24.33 -22.43 -26.69
C VAL A 14 22.94 -21.88 -26.34
N ILE A 15 22.06 -21.75 -27.33
CA ILE A 15 20.65 -21.27 -27.15
C ILE A 15 19.95 -22.16 -26.12
N ALA A 16 20.07 -23.49 -26.28
CA ALA A 16 19.45 -24.51 -25.40
C ALA A 16 19.96 -24.34 -23.96
N ILE A 17 21.27 -24.17 -23.79
CA ILE A 17 21.94 -24.09 -22.46
C ILE A 17 21.48 -22.80 -21.74
N ILE A 18 21.46 -21.67 -22.45
CA ILE A 18 21.00 -20.35 -21.90
C ILE A 18 19.53 -20.47 -21.47
N ILE A 19 18.70 -21.13 -22.29
CA ILE A 19 17.27 -21.44 -21.99
C ILE A 19 17.21 -22.24 -20.68
N MET A 20 18.12 -23.20 -20.50
CA MET A 20 18.16 -24.11 -19.32
C MET A 20 18.71 -23.37 -18.09
N LEU A 21 19.64 -22.43 -18.28
CA LEU A 21 20.15 -21.53 -17.19
C LEU A 21 18.99 -20.67 -16.70
N ALA A 22 18.31 -19.98 -17.62
CA ALA A 22 17.11 -19.15 -17.36
C ALA A 22 16.07 -19.96 -16.57
N GLY A 23 15.81 -21.19 -17.01
CA GLY A 23 14.92 -22.15 -16.33
C GLY A 23 15.44 -22.54 -14.96
N GLY A 24 16.74 -22.86 -14.88
CA GLY A 24 17.44 -23.19 -13.62
C GLY A 24 17.34 -22.04 -12.61
N LEU A 25 17.70 -20.84 -13.04
CA LEU A 25 17.72 -19.61 -12.19
C LEU A 25 16.29 -19.19 -11.85
N ALA A 26 15.30 -19.51 -12.70
CA ALA A 26 13.87 -19.27 -12.46
C ALA A 26 13.38 -20.18 -11.33
N ILE A 27 13.65 -21.49 -11.43
CA ILE A 27 13.21 -22.54 -10.46
C ILE A 27 13.73 -22.20 -9.05
N LEU A 28 14.94 -21.64 -8.94
CA LEU A 28 15.55 -21.24 -7.66
C LEU A 28 14.77 -20.09 -7.03
N LYS A 29 14.35 -19.10 -7.84
CA LYS A 29 13.79 -17.81 -7.36
C LYS A 29 12.25 -17.83 -7.38
N LEU A 30 11.63 -18.68 -8.21
CA LEU A 30 10.15 -18.72 -8.39
C LEU A 30 9.47 -19.05 -7.07
N PRO A 31 8.34 -18.38 -6.72
CA PRO A 31 7.54 -18.75 -5.56
C PRO A 31 6.89 -20.13 -5.72
N VAL A 32 6.70 -20.85 -4.60
CA VAL A 32 6.04 -22.18 -4.56
C VAL A 32 4.83 -22.10 -3.64
N ALA A 33 3.67 -22.60 -4.11
CA ALA A 33 2.40 -22.72 -3.36
C ALA A 33 1.64 -23.95 -3.87
N GLN A 34 0.53 -24.31 -3.22
CA GLN A 34 -0.36 -25.42 -3.65
C GLN A 34 -1.20 -24.95 -4.85
N TYR A 35 -1.83 -23.78 -4.71
CA TYR A 35 -2.69 -23.14 -5.74
C TYR A 35 -2.38 -21.65 -5.83
N PRO A 36 -2.79 -20.96 -6.92
CA PRO A 36 -2.80 -19.50 -6.94
C PRO A 36 -3.83 -18.95 -5.95
N THR A 37 -3.59 -17.76 -5.40
CA THR A 37 -4.46 -17.10 -4.38
C THR A 37 -5.73 -16.59 -5.06
N ILE A 38 -6.86 -17.29 -4.84
CA ILE A 38 -8.18 -16.95 -5.47
C ILE A 38 -9.10 -16.28 -4.44
N ALA A 39 -8.92 -16.57 -3.14
CA ALA A 39 -9.80 -16.13 -2.03
C ALA A 39 -9.78 -14.62 -1.91
N PRO A 40 -10.94 -13.96 -1.65
CA PRO A 40 -11.00 -12.51 -1.49
C PRO A 40 -10.32 -12.03 -0.21
N PRO A 41 -9.54 -10.92 -0.27
CA PRO A 41 -8.99 -10.30 0.94
C PRO A 41 -10.05 -9.98 2.00
N ALA A 42 -9.70 -10.17 3.29
CA ALA A 42 -10.57 -9.89 4.45
C ALA A 42 -9.79 -9.09 5.50
N VAL A 43 -10.21 -7.85 5.74
CA VAL A 43 -9.71 -6.99 6.87
C VAL A 43 -10.59 -7.25 8.10
N THR A 44 -9.96 -7.50 9.25
CA THR A 44 -10.63 -7.92 10.52
C THR A 44 -10.31 -6.89 11.62
N ILE A 45 -11.34 -6.18 12.11
CA ILE A 45 -11.26 -5.27 13.27
C ILE A 45 -11.65 -6.06 14.53
N SER A 46 -10.71 -6.23 15.46
CA SER A 46 -10.91 -6.93 16.76
C SER A 46 -10.73 -5.94 17.92
N ALA A 47 -11.66 -5.95 18.88
CA ALA A 47 -11.64 -5.12 20.11
C ALA A 47 -12.10 -5.97 21.30
N SER A 48 -11.79 -5.53 22.52
CA SER A 48 -12.07 -6.25 23.80
C SER A 48 -12.57 -5.27 24.86
N TYR A 49 -13.76 -5.50 25.41
CA TYR A 49 -14.35 -4.76 26.55
C TYR A 49 -14.40 -5.71 27.76
N PRO A 50 -13.39 -5.69 28.65
CA PRO A 50 -13.35 -6.60 29.80
C PRO A 50 -14.61 -6.55 30.68
N GLY A 51 -15.28 -7.70 30.84
CA GLY A 51 -16.44 -7.88 31.73
C GLY A 51 -17.74 -7.41 31.11
N ALA A 52 -17.78 -7.20 29.79
CA ALA A 52 -18.94 -6.69 29.04
C ALA A 52 -19.73 -7.85 28.43
N ASP A 53 -21.06 -7.76 28.47
CA ASP A 53 -22.00 -8.72 27.83
C ASP A 53 -22.12 -8.38 26.34
N ALA A 54 -22.63 -9.31 25.53
CA ALA A 54 -22.79 -9.21 24.06
C ALA A 54 -23.43 -7.87 23.69
N LYS A 55 -24.45 -7.43 24.45
CA LYS A 55 -25.24 -6.21 24.14
C LYS A 55 -24.40 -4.96 24.43
N THR A 56 -23.83 -4.85 25.64
CA THR A 56 -22.94 -3.74 26.07
C THR A 56 -21.83 -3.53 25.03
N VAL A 57 -21.24 -4.64 24.57
CA VAL A 57 -20.17 -4.67 23.53
C VAL A 57 -20.73 -4.10 22.22
N GLN A 58 -21.86 -4.64 21.75
CA GLN A 58 -22.50 -4.29 20.45
C GLN A 58 -22.84 -2.79 20.41
N ASP A 59 -23.39 -2.26 21.50
CA ASP A 59 -24.07 -0.94 21.54
C ASP A 59 -23.09 0.18 21.92
N THR A 60 -21.91 -0.15 22.45
CA THR A 60 -20.85 0.83 22.82
C THR A 60 -19.66 0.77 21.85
N VAL A 61 -19.49 -0.35 21.11
CA VAL A 61 -18.32 -0.57 20.21
C VAL A 61 -18.81 -0.90 18.79
N THR A 62 -19.36 -2.11 18.59
CA THR A 62 -19.66 -2.70 17.25
C THR A 62 -20.43 -1.69 16.39
N GLN A 63 -21.53 -1.13 16.91
CA GLN A 63 -22.42 -0.18 16.19
C GLN A 63 -21.66 1.11 15.88
N VAL A 64 -20.88 1.62 16.84
CA VAL A 64 -20.09 2.89 16.72
C VAL A 64 -19.06 2.72 15.58
N ILE A 65 -18.42 1.56 15.50
CA ILE A 65 -17.40 1.24 14.45
C ILE A 65 -18.11 1.03 13.11
N GLU A 66 -19.12 0.15 13.07
CA GLU A 66 -19.90 -0.22 11.86
C GLU A 66 -20.42 1.03 11.15
N GLN A 67 -20.90 2.03 11.90
CA GLN A 67 -21.53 3.27 11.38
C GLN A 67 -20.49 4.16 10.69
N ASN A 68 -19.20 4.01 11.03
CA ASN A 68 -18.08 4.81 10.47
C ASN A 68 -17.52 4.16 9.20
N MET A 69 -17.74 2.85 9.03
CA MET A 69 -17.22 2.06 7.87
C MET A 69 -18.03 2.40 6.62
N ASN A 70 -17.62 3.44 5.90
CA ASN A 70 -18.25 3.92 4.64
C ASN A 70 -17.16 4.47 3.71
N GLY A 71 -17.47 4.57 2.41
CA GLY A 71 -16.54 5.06 1.37
C GLY A 71 -15.27 4.22 1.30
N ILE A 72 -15.43 2.89 1.35
CA ILE A 72 -14.32 1.90 1.30
C ILE A 72 -14.41 1.15 -0.03
N ASP A 73 -13.34 1.19 -0.83
CA ASP A 73 -13.29 0.67 -2.22
C ASP A 73 -13.32 -0.86 -2.21
N ASN A 74 -14.09 -1.45 -3.13
CA ASN A 74 -14.09 -2.90 -3.45
C ASN A 74 -14.71 -3.72 -2.31
N LEU A 75 -15.41 -3.07 -1.36
CA LEU A 75 -16.07 -3.75 -0.22
C LEU A 75 -17.30 -4.51 -0.73
N MET A 76 -17.38 -5.82 -0.48
CA MET A 76 -18.48 -6.71 -0.93
C MET A 76 -19.57 -6.76 0.15
N TYR A 77 -19.17 -6.95 1.42
CA TYR A 77 -20.09 -7.00 2.59
C TYR A 77 -19.27 -6.87 3.89
N MET A 78 -19.97 -6.77 5.03
CA MET A 78 -19.38 -6.57 6.38
C MET A 78 -20.21 -7.34 7.42
N SER A 79 -19.66 -8.43 7.95
CA SER A 79 -20.24 -9.23 9.06
C SER A 79 -19.52 -8.90 10.36
N SER A 80 -20.24 -8.92 11.49
CA SER A 80 -19.70 -8.63 12.86
C SER A 80 -20.36 -9.54 13.89
N ASN A 81 -19.59 -9.94 14.93
CA ASN A 81 -20.06 -10.75 16.08
C ASN A 81 -19.68 -10.04 17.38
N SER A 82 -20.65 -9.82 18.26
CA SER A 82 -20.48 -9.26 19.63
C SER A 82 -20.90 -10.33 20.65
N ASP A 83 -19.94 -10.85 21.42
CA ASP A 83 -20.14 -12.04 22.30
C ASP A 83 -20.02 -11.64 23.78
N SER A 84 -20.37 -12.56 24.68
CA SER A 84 -20.45 -12.39 26.15
C SER A 84 -19.06 -12.30 26.78
N THR A 85 -18.03 -12.79 26.08
CA THR A 85 -16.60 -12.70 26.49
C THR A 85 -16.17 -11.23 26.62
N GLY A 86 -16.79 -10.35 25.81
CA GLY A 86 -16.47 -8.91 25.74
C GLY A 86 -15.77 -8.56 24.43
N THR A 87 -15.86 -9.44 23.43
CA THR A 87 -15.08 -9.39 22.16
C THR A 87 -15.98 -8.90 21.01
N VAL A 88 -15.42 -8.08 20.11
CA VAL A 88 -16.01 -7.73 18.78
C VAL A 88 -15.11 -8.33 17.70
N GLN A 89 -15.67 -8.61 16.52
CA GLN A 89 -14.92 -9.14 15.35
C GLN A 89 -15.66 -8.73 14.06
N ILE A 90 -15.42 -7.51 13.59
CA ILE A 90 -16.00 -6.95 12.32
C ILE A 90 -15.09 -7.39 11.16
N THR A 91 -15.66 -8.10 10.19
CA THR A 91 -14.94 -8.72 9.04
C THR A 91 -15.42 -8.09 7.73
N LEU A 92 -14.63 -7.17 7.17
CA LEU A 92 -14.90 -6.49 5.88
C LEU A 92 -14.21 -7.27 4.75
N THR A 93 -15.00 -7.82 3.80
CA THR A 93 -14.54 -8.71 2.71
C THR A 93 -14.56 -7.92 1.39
N PHE A 94 -13.50 -8.05 0.58
CA PHE A 94 -13.24 -7.21 -0.62
C PHE A 94 -13.24 -8.05 -1.89
N GLU A 95 -13.27 -7.39 -3.05
CA GLU A 95 -13.21 -8.02 -4.41
C GLU A 95 -11.86 -8.72 -4.59
N SER A 96 -11.83 -9.79 -5.38
CA SER A 96 -10.59 -10.50 -5.83
C SER A 96 -9.76 -9.54 -6.68
N GLY A 97 -8.55 -9.21 -6.23
CA GLY A 97 -7.62 -8.27 -6.90
C GLY A 97 -7.39 -7.00 -6.08
N THR A 98 -8.19 -6.80 -5.02
CA THR A 98 -8.06 -5.65 -4.08
C THR A 98 -6.71 -5.72 -3.38
N ASP A 99 -5.96 -4.61 -3.40
CA ASP A 99 -4.68 -4.45 -2.65
C ASP A 99 -5.03 -4.41 -1.16
N ALA A 100 -4.69 -5.47 -0.43
CA ALA A 100 -5.02 -5.68 1.01
C ALA A 100 -4.35 -4.59 1.87
N ASP A 101 -3.21 -4.06 1.41
CA ASP A 101 -2.47 -2.96 2.07
C ASP A 101 -3.35 -1.70 2.10
N ILE A 102 -3.93 -1.34 0.95
CA ILE A 102 -4.81 -0.13 0.78
C ILE A 102 -6.14 -0.38 1.49
N ALA A 103 -6.67 -1.60 1.41
CA ALA A 103 -7.92 -2.03 2.10
C ALA A 103 -7.77 -1.82 3.60
N GLN A 104 -6.64 -2.23 4.17
CA GLN A 104 -6.30 -2.07 5.62
C GLN A 104 -6.21 -0.58 5.96
N VAL A 105 -5.57 0.22 5.11
CA VAL A 105 -5.33 1.69 5.32
C VAL A 105 -6.68 2.42 5.31
N GLN A 106 -7.58 2.06 4.38
CA GLN A 106 -8.92 2.70 4.22
C GLN A 106 -9.80 2.35 5.43
N VAL A 107 -9.82 1.08 5.83
CA VAL A 107 -10.64 0.55 6.98
C VAL A 107 -10.17 1.24 8.28
N GLN A 108 -8.86 1.38 8.46
CA GLN A 108 -8.25 1.98 9.69
C GLN A 108 -8.55 3.48 9.73
N ASN A 109 -8.38 4.18 8.60
CA ASN A 109 -8.70 5.63 8.46
C ASN A 109 -10.08 5.92 9.07
N LYS A 110 -11.03 5.02 8.87
CA LYS A 110 -12.44 5.15 9.34
C LYS A 110 -12.56 4.70 10.81
N LEU A 111 -11.84 3.66 11.21
CA LEU A 111 -11.78 3.19 12.62
C LEU A 111 -11.25 4.34 13.50
N GLN A 112 -10.29 5.10 12.98
CA GLN A 112 -9.61 6.23 13.69
C GLN A 112 -10.64 7.30 14.07
N LEU A 113 -11.72 7.44 13.29
CA LEU A 113 -12.83 8.40 13.56
C LEU A 113 -13.73 7.85 14.67
N ALA A 114 -13.92 6.53 14.73
CA ALA A 114 -14.76 5.82 15.72
C ALA A 114 -14.00 5.66 17.05
N MET A 115 -12.66 5.63 17.00
CA MET A 115 -11.76 5.27 18.14
C MET A 115 -12.08 6.11 19.37
N PRO A 116 -12.15 7.47 19.29
CA PRO A 116 -12.35 8.29 20.48
C PRO A 116 -13.75 8.16 21.11
N LEU A 117 -14.74 7.72 20.33
CA LEU A 117 -16.15 7.52 20.79
C LEU A 117 -16.26 6.22 21.59
N LEU A 118 -15.31 5.28 21.41
CA LEU A 118 -15.31 3.96 22.10
C LEU A 118 -15.00 4.15 23.58
N PRO A 119 -15.44 3.20 24.45
CA PRO A 119 -15.08 3.26 25.88
C PRO A 119 -13.57 3.26 26.12
N GLN A 120 -13.13 3.89 27.21
CA GLN A 120 -11.70 4.03 27.60
C GLN A 120 -11.08 2.64 27.81
N GLU A 121 -11.86 1.70 28.35
CA GLU A 121 -11.42 0.31 28.66
C GLU A 121 -11.14 -0.44 27.36
N VAL A 122 -11.92 -0.19 26.30
CA VAL A 122 -11.82 -0.87 24.97
C VAL A 122 -10.56 -0.38 24.26
N GLN A 123 -10.29 0.93 24.32
CA GLN A 123 -9.09 1.57 23.71
C GLN A 123 -7.82 1.02 24.38
N GLN A 124 -7.83 0.90 25.71
CA GLN A 124 -6.66 0.48 26.54
C GLN A 124 -6.40 -1.02 26.39
N GLN A 125 -7.37 -1.79 25.89
CA GLN A 125 -7.20 -3.23 25.56
C GLN A 125 -6.51 -3.37 24.20
N GLY A 126 -6.42 -2.28 23.43
CA GLY A 126 -5.76 -2.24 22.11
C GLY A 126 -6.65 -2.80 21.02
N VAL A 127 -7.21 -1.92 20.18
CA VAL A 127 -8.04 -2.29 18.99
C VAL A 127 -7.07 -2.68 17.87
N SER A 128 -7.29 -3.83 17.22
CA SER A 128 -6.40 -4.40 16.19
C SER A 128 -7.07 -4.36 14.81
N VAL A 129 -6.29 -4.13 13.76
CA VAL A 129 -6.72 -4.16 12.33
C VAL A 129 -5.75 -5.06 11.56
N GLU A 130 -6.22 -6.25 11.14
CA GLU A 130 -5.38 -7.32 10.55
C GLU A 130 -5.94 -7.74 9.18
N LYS A 131 -5.04 -8.12 8.26
CA LYS A 131 -5.36 -8.62 6.89
C LYS A 131 -4.73 -10.00 6.72
N SER A 132 -5.46 -11.05 7.11
CA SER A 132 -4.99 -12.46 7.14
C SER A 132 -6.06 -13.40 6.58
N SER A 133 -5.65 -14.58 6.11
CA SER A 133 -6.53 -15.75 5.85
C SER A 133 -7.08 -16.25 7.19
N SER A 134 -8.37 -16.59 7.25
CA SER A 134 -9.07 -17.01 8.49
C SER A 134 -8.59 -18.41 8.93
N SER A 135 -8.03 -19.20 8.00
CA SER A 135 -7.48 -20.55 8.25
C SER A 135 -6.08 -20.45 8.86
N PHE A 136 -5.66 -21.50 9.58
CA PHE A 136 -4.34 -21.57 10.28
C PHE A 136 -3.28 -22.14 9.32
N LEU A 137 -2.19 -21.39 9.13
CA LEU A 137 -0.98 -21.84 8.39
C LEU A 137 -0.34 -23.00 9.15
N MET A 138 -0.01 -22.77 10.43
CA MET A 138 0.59 -23.77 11.34
C MET A 138 0.23 -23.42 12.79
N VAL A 139 0.38 -24.39 13.70
CA VAL A 139 0.35 -24.19 15.17
C VAL A 139 1.73 -24.61 15.71
N VAL A 140 2.44 -23.69 16.37
CA VAL A 140 3.75 -23.93 17.03
C VAL A 140 3.50 -24.28 18.50
N GLY A 141 3.52 -25.57 18.84
CA GLY A 141 3.33 -26.06 20.22
C GLY A 141 4.57 -25.86 21.06
N VAL A 142 4.40 -25.63 22.36
CA VAL A 142 5.50 -25.48 23.36
C VAL A 142 5.12 -26.25 24.62
N ILE A 143 5.97 -27.19 25.05
CA ILE A 143 5.75 -28.07 26.25
C ILE A 143 7.01 -28.03 27.12
N ASN A 144 6.91 -28.51 28.37
CA ASN A 144 8.04 -28.69 29.31
C ASN A 144 8.15 -30.19 29.65
N THR A 145 9.26 -30.82 29.25
CA THR A 145 9.50 -32.28 29.36
C THR A 145 9.98 -32.64 30.77
N ASP A 146 10.47 -31.66 31.54
CA ASP A 146 10.99 -31.84 32.93
C ASP A 146 9.89 -31.53 33.95
N GLY A 147 8.75 -30.98 33.52
CA GLY A 147 7.65 -30.55 34.39
C GLY A 147 8.08 -29.49 35.38
N THR A 148 9.05 -28.65 34.99
CA THR A 148 9.62 -27.54 35.81
C THR A 148 8.67 -26.34 35.78
N MET A 149 7.90 -26.20 34.69
CA MET A 149 6.98 -25.06 34.44
C MET A 149 5.55 -25.59 34.28
N THR A 150 4.57 -24.85 34.82
CA THR A 150 3.11 -25.14 34.70
C THR A 150 2.64 -24.72 33.30
N GLN A 151 1.40 -25.06 32.94
CA GLN A 151 0.73 -24.61 31.69
C GLN A 151 0.72 -23.07 31.64
N GLU A 152 0.52 -22.44 32.80
CA GLU A 152 0.45 -20.96 32.97
C GLU A 152 1.84 -20.34 32.81
N ASP A 153 2.89 -21.05 33.24
CA ASP A 153 4.31 -20.59 33.13
C ASP A 153 4.76 -20.64 31.66
N ILE A 154 4.46 -21.73 30.96
CA ILE A 154 4.82 -21.94 29.52
C ILE A 154 4.22 -20.80 28.70
N SER A 155 2.92 -20.55 28.88
CA SER A 155 2.13 -19.50 28.18
C SER A 155 2.78 -18.13 28.36
N ASP A 156 3.19 -17.80 29.59
CA ASP A 156 3.84 -16.50 29.95
C ASP A 156 5.15 -16.37 29.15
N TYR A 157 5.97 -17.41 29.11
CA TYR A 157 7.27 -17.43 28.39
C TYR A 157 7.04 -17.22 26.89
N VAL A 158 6.16 -18.03 26.29
CA VAL A 158 5.77 -17.96 24.85
C VAL A 158 5.35 -16.52 24.52
N ALA A 159 4.55 -15.91 25.40
CA ALA A 159 3.98 -14.54 25.23
C ALA A 159 5.09 -13.48 25.33
N ALA A 160 6.00 -13.63 26.30
CA ALA A 160 6.97 -12.59 26.72
C ALA A 160 8.32 -12.74 26.01
N ASN A 161 8.60 -13.90 25.39
CA ASN A 161 9.94 -14.24 24.84
C ASN A 161 9.87 -14.71 23.38
N MET A 162 8.69 -15.08 22.86
CA MET A 162 8.56 -15.71 21.51
C MET A 162 7.52 -14.97 20.65
N LYS A 163 6.29 -14.83 21.16
CA LYS A 163 5.09 -14.35 20.40
C LYS A 163 5.44 -13.11 19.57
N ASP A 164 6.00 -12.07 20.20
CA ASP A 164 6.23 -10.73 19.60
C ASP A 164 7.04 -10.84 18.30
N ALA A 165 8.14 -11.59 18.31
CA ALA A 165 9.08 -11.75 17.17
C ALA A 165 8.38 -12.45 15.99
N ILE A 166 7.51 -13.44 16.29
CA ILE A 166 6.71 -14.18 15.28
C ILE A 166 5.68 -13.21 14.67
N SER A 167 5.12 -12.33 15.49
CA SER A 167 4.07 -11.34 15.12
C SER A 167 4.65 -10.28 14.17
N ARG A 168 5.95 -9.99 14.25
CA ARG A 168 6.64 -8.96 13.44
C ARG A 168 7.21 -9.55 12.14
N THR A 169 7.34 -10.89 12.06
CA THR A 169 7.85 -11.62 10.88
C THR A 169 6.93 -11.35 9.68
N SER A 170 7.50 -10.94 8.54
CA SER A 170 6.79 -10.64 7.28
C SER A 170 6.05 -11.89 6.79
N GLY A 171 4.76 -11.74 6.42
CA GLY A 171 3.89 -12.83 5.94
C GLY A 171 2.92 -13.29 7.02
N VAL A 172 3.19 -12.98 8.29
CA VAL A 172 2.36 -13.36 9.47
C VAL A 172 1.26 -12.31 9.66
N GLY A 173 0.03 -12.65 9.31
CA GLY A 173 -1.16 -11.77 9.42
C GLY A 173 -1.75 -11.77 10.81
N ASP A 174 -1.81 -12.94 11.45
CA ASP A 174 -2.39 -13.14 12.82
C ASP A 174 -1.51 -14.13 13.60
N VAL A 175 -1.40 -13.92 14.92
CA VAL A 175 -0.78 -14.87 15.89
C VAL A 175 -1.69 -14.95 17.11
N GLN A 176 -2.29 -16.12 17.36
CA GLN A 176 -3.17 -16.38 18.53
C GLN A 176 -2.39 -17.18 19.58
N LEU A 177 -2.19 -16.59 20.76
CA LEU A 177 -1.56 -17.25 21.94
C LEU A 177 -2.56 -18.22 22.56
N PHE A 178 -2.27 -19.52 22.53
CA PHE A 178 -3.09 -20.59 23.17
C PHE A 178 -2.74 -20.63 24.66
N GLY A 179 -3.24 -19.62 25.38
CA GLY A 179 -2.93 -19.32 26.80
C GLY A 179 -3.12 -17.85 27.10
N SER A 180 -2.27 -17.29 27.95
CA SER A 180 -2.27 -15.84 28.32
C SER A 180 -0.94 -15.44 28.95
N GLN A 181 -0.41 -14.27 28.57
CA GLN A 181 0.75 -13.62 29.24
C GLN A 181 0.37 -13.34 30.70
N TYR A 182 1.34 -13.40 31.61
CA TYR A 182 1.12 -13.10 33.06
C TYR A 182 0.78 -11.62 33.22
N ALA A 183 -0.08 -11.33 34.20
CA ALA A 183 -0.43 -9.98 34.70
C ALA A 183 -0.40 -10.02 36.24
N MET A 184 -0.12 -8.89 36.88
CA MET A 184 -0.14 -8.78 38.36
C MET A 184 -1.60 -8.84 38.83
N ARG A 185 -2.04 -10.02 39.28
CA ARG A 185 -3.43 -10.28 39.71
C ARG A 185 -3.62 -9.87 41.16
N ILE A 186 -4.42 -8.83 41.42
CA ILE A 186 -4.88 -8.41 42.77
C ILE A 186 -6.28 -9.03 43.00
N TRP A 187 -6.33 -10.23 43.58
CA TRP A 187 -7.58 -10.97 43.89
C TRP A 187 -8.19 -10.42 45.19
N MET A 188 -9.20 -9.54 45.07
CA MET A 188 -9.80 -8.79 46.20
C MET A 188 -10.66 -9.73 47.07
N ASN A 189 -10.72 -9.43 48.37
CA ASN A 189 -11.56 -10.12 49.39
C ASN A 189 -12.55 -9.11 49.95
N PRO A 190 -13.87 -9.27 49.71
CA PRO A 190 -14.85 -8.26 50.13
C PRO A 190 -15.03 -8.16 51.65
N ASN A 191 -14.86 -9.28 52.36
CA ASN A 191 -14.95 -9.38 53.84
C ASN A 191 -13.87 -8.50 54.47
N GLU A 192 -12.63 -8.59 53.95
CA GLU A 192 -11.45 -7.84 54.44
C GLU A 192 -11.56 -6.36 54.05
N LEU A 193 -12.08 -6.07 52.85
CA LEU A 193 -12.29 -4.69 52.32
C LEU A 193 -13.29 -3.94 53.21
N ASN A 194 -14.45 -4.56 53.47
CA ASN A 194 -15.56 -3.99 54.29
C ASN A 194 -15.07 -3.77 55.73
N LYS A 195 -14.24 -4.69 56.24
CA LYS A 195 -13.71 -4.67 57.63
C LYS A 195 -12.94 -3.36 57.89
N PHE A 196 -12.09 -2.96 56.94
CA PHE A 196 -11.24 -1.74 57.03
C PHE A 196 -11.94 -0.55 56.34
N GLN A 197 -13.20 -0.73 55.93
CA GLN A 197 -14.07 0.32 55.33
C GLN A 197 -13.41 0.84 54.04
N LEU A 198 -13.07 -0.08 53.13
CA LEU A 198 -12.43 0.23 51.81
C LEU A 198 -13.24 -0.43 50.68
N THR A 199 -13.11 0.11 49.47
CA THR A 199 -13.80 -0.34 48.24
C THR A 199 -12.76 -0.78 47.21
N PRO A 200 -13.18 -1.48 46.12
CA PRO A 200 -12.31 -1.67 44.95
C PRO A 200 -11.77 -0.35 44.36
N VAL A 201 -12.50 0.75 44.55
CA VAL A 201 -12.11 2.12 44.11
C VAL A 201 -10.79 2.51 44.80
N ASP A 202 -10.70 2.30 46.12
CA ASP A 202 -9.53 2.66 46.96
C ASP A 202 -8.31 1.84 46.54
N VAL A 203 -8.52 0.55 46.24
CA VAL A 203 -7.46 -0.39 45.76
C VAL A 203 -6.89 0.14 44.44
N ILE A 204 -7.77 0.51 43.50
CA ILE A 204 -7.40 1.04 42.15
C ILE A 204 -6.67 2.37 42.31
N THR A 205 -7.17 3.27 43.16
CA THR A 205 -6.58 4.60 43.46
C THR A 205 -5.16 4.43 44.00
N ALA A 206 -4.96 3.47 44.92
CA ALA A 206 -3.67 3.18 45.58
C ALA A 206 -2.67 2.63 44.56
N ILE A 207 -3.08 1.67 43.73
CA ILE A 207 -2.22 1.00 42.71
C ILE A 207 -1.70 2.04 41.72
N LYS A 208 -2.55 2.97 41.28
CA LYS A 208 -2.18 4.07 40.34
C LYS A 208 -1.21 5.04 41.03
N ALA A 209 -1.43 5.30 42.33
CA ALA A 209 -0.63 6.24 43.16
C ALA A 209 0.77 5.67 43.41
N GLN A 210 0.87 4.36 43.69
CA GLN A 210 2.07 3.71 44.26
C GLN A 210 2.74 2.75 43.26
N ASN A 211 2.07 2.40 42.16
CA ASN A 211 2.69 1.71 40.99
C ASN A 211 2.77 2.73 39.84
N ALA A 212 3.59 3.77 40.03
CA ALA A 212 3.75 4.91 39.11
C ALA A 212 5.21 5.02 38.65
N GLN A 213 5.42 5.38 37.38
CA GLN A 213 6.76 5.70 36.78
C GLN A 213 6.81 7.20 36.51
N VAL A 214 7.50 7.95 37.36
CA VAL A 214 7.37 9.44 37.50
C VAL A 214 8.55 10.12 36.78
N ALA A 215 8.25 11.14 35.97
CA ALA A 215 9.22 12.06 35.33
C ALA A 215 9.53 13.20 36.31
N ALA A 216 10.72 13.17 36.93
CA ALA A 216 11.11 14.03 38.08
C ALA A 216 12.23 15.00 37.70
N GLY A 217 12.56 15.13 36.40
CA GLY A 217 13.54 16.12 35.89
C GLY A 217 14.96 15.73 36.19
N GLN A 218 15.82 16.72 36.45
CA GLN A 218 17.29 16.57 36.63
C GLN A 218 17.84 17.59 37.62
N LEU A 219 18.93 17.24 38.30
CA LEU A 219 19.85 18.21 38.99
C LEU A 219 20.70 18.89 37.92
N GLY A 220 20.93 20.20 38.05
CA GLY A 220 21.68 21.02 37.08
C GLY A 220 21.10 20.93 35.68
N GLY A 221 19.76 20.83 35.57
CA GLY A 221 19.04 20.70 34.29
C GLY A 221 19.02 22.01 33.53
N THR A 222 18.80 21.93 32.21
CA THR A 222 18.81 23.10 31.29
C THR A 222 17.48 23.84 31.38
N PRO A 223 17.45 25.20 31.35
CA PRO A 223 18.68 26.02 31.39
C PRO A 223 19.26 26.13 32.80
N PRO A 224 20.57 25.89 32.99
CA PRO A 224 21.18 25.92 34.32
C PRO A 224 21.67 27.31 34.76
N VAL A 225 22.10 27.44 36.02
CA VAL A 225 22.78 28.65 36.56
C VAL A 225 24.26 28.59 36.18
N LYS A 226 24.96 29.72 36.31
CA LYS A 226 26.42 29.83 36.00
C LYS A 226 27.23 29.13 37.09
N GLY A 227 28.22 28.32 36.69
CA GLY A 227 29.14 27.62 37.59
C GLY A 227 28.51 26.36 38.19
N GLN A 228 27.47 25.81 37.56
CA GLN A 228 26.86 24.51 37.94
C GLN A 228 27.88 23.41 37.62
N GLN A 229 28.21 22.59 38.61
CA GLN A 229 29.26 21.53 38.53
C GLN A 229 28.61 20.16 38.31
N LEU A 230 27.40 19.95 38.82
CA LEU A 230 26.70 18.64 38.85
C LEU A 230 25.53 18.64 37.86
N ASN A 231 25.41 17.59 37.05
CA ASN A 231 24.24 17.27 36.20
C ASN A 231 23.92 15.78 36.35
N ALA A 232 22.71 15.45 36.83
CA ALA A 232 22.28 14.07 37.15
C ALA A 232 20.76 13.95 37.03
N SER A 233 20.28 12.80 36.54
CA SER A 233 18.84 12.43 36.47
C SER A 233 18.28 12.28 37.88
N ILE A 234 17.06 12.80 38.13
CA ILE A 234 16.30 12.59 39.39
C ILE A 234 15.34 11.42 39.17
N ILE A 235 15.41 10.40 40.02
CA ILE A 235 14.56 9.17 39.97
C ILE A 235 13.65 9.16 41.20
N ALA A 236 12.33 9.28 41.00
CA ALA A 236 11.29 9.18 42.04
C ALA A 236 10.73 7.76 42.04
N GLN A 237 9.40 7.60 42.00
CA GLN A 237 8.72 6.27 41.99
C GLN A 237 8.94 5.59 40.63
N THR A 238 9.25 4.28 40.65
CA THR A 238 9.36 3.40 39.47
C THR A 238 8.22 2.36 39.52
N ARG A 239 7.96 1.68 38.40
CA ARG A 239 6.98 0.57 38.32
C ARG A 239 7.38 -0.52 39.31
N LEU A 240 6.41 -1.09 40.03
CA LEU A 240 6.62 -2.24 40.96
C LEU A 240 6.92 -3.48 40.11
N THR A 241 7.82 -4.34 40.58
CA THR A 241 8.44 -5.44 39.79
C THR A 241 8.12 -6.82 40.38
N SER A 242 7.44 -6.89 41.53
CA SER A 242 7.25 -8.14 42.31
C SER A 242 5.92 -8.10 43.07
N THR A 243 5.35 -9.29 43.33
CA THR A 243 4.14 -9.51 44.18
C THR A 243 4.37 -8.91 45.57
N GLU A 244 5.59 -9.03 46.09
CA GLU A 244 6.02 -8.55 47.43
C GLU A 244 5.83 -7.02 47.52
N GLU A 245 6.16 -6.29 46.44
CA GLU A 245 6.09 -4.81 46.38
C GLU A 245 4.63 -4.35 46.31
N PHE A 246 3.79 -5.05 45.52
CA PHE A 246 2.32 -4.80 45.43
C PHE A 246 1.67 -5.09 46.78
N GLY A 247 2.16 -6.12 47.49
CA GLY A 247 1.70 -6.51 48.83
C GLY A 247 1.81 -5.38 49.84
N LYS A 248 2.91 -4.62 49.80
CA LYS A 248 3.22 -3.54 50.78
C LYS A 248 2.83 -2.17 50.18
N ILE A 249 1.80 -2.13 49.33
CA ILE A 249 1.10 -0.88 48.92
C ILE A 249 0.23 -0.43 50.10
N LEU A 250 0.47 0.78 50.62
CA LEU A 250 -0.21 1.34 51.82
C LEU A 250 -1.58 1.90 51.41
N LEU A 251 -2.67 1.21 51.76
CA LEU A 251 -4.06 1.61 51.44
C LEU A 251 -4.51 2.71 52.41
N LYS A 252 -4.40 2.47 53.72
CA LYS A 252 -4.76 3.44 54.79
C LYS A 252 -3.95 3.15 56.06
N VAL A 253 -3.67 4.20 56.84
CA VAL A 253 -3.16 4.11 58.24
C VAL A 253 -4.37 4.25 59.18
N ASN A 254 -4.61 3.24 60.02
CA ASN A 254 -5.78 3.18 60.95
C ASN A 254 -5.63 4.26 62.03
N GLN A 255 -6.66 4.40 62.89
CA GLN A 255 -6.78 5.44 63.94
C GLN A 255 -5.64 5.31 64.95
N ASP A 256 -5.18 4.07 65.21
CA ASP A 256 -4.19 3.74 66.29
C ASP A 256 -2.77 3.64 65.72
N GLY A 257 -2.57 3.93 64.43
CA GLY A 257 -1.25 3.95 63.77
C GLY A 257 -0.95 2.67 63.02
N SER A 258 -1.75 1.62 63.20
CA SER A 258 -1.64 0.33 62.47
C SER A 258 -1.94 0.56 60.99
N ARG A 259 -1.23 -0.16 60.11
CA ARG A 259 -1.21 0.07 58.64
C ARG A 259 -1.97 -1.06 57.93
N VAL A 260 -2.90 -0.70 57.03
CA VAL A 260 -3.63 -1.64 56.13
C VAL A 260 -2.91 -1.64 54.78
N LEU A 261 -2.25 -2.74 54.43
CA LEU A 261 -1.55 -2.95 53.14
C LEU A 261 -2.48 -3.68 52.18
N LEU A 262 -2.12 -3.77 50.90
CA LEU A 262 -2.95 -4.41 49.83
C LEU A 262 -3.03 -5.92 50.08
N ARG A 263 -2.01 -6.52 50.70
CA ARG A 263 -1.95 -7.98 51.00
C ARG A 263 -2.93 -8.33 52.13
N ASP A 264 -3.39 -7.34 52.89
CA ASP A 264 -4.35 -7.50 54.02
C ASP A 264 -5.79 -7.58 53.49
N VAL A 265 -6.04 -7.14 52.25
CA VAL A 265 -7.40 -7.07 51.64
C VAL A 265 -7.48 -7.93 50.37
N ALA A 266 -6.36 -8.49 49.90
CA ALA A 266 -6.29 -9.22 48.60
C ALA A 266 -5.13 -10.24 48.60
N LYS A 267 -5.27 -11.30 47.80
CA LYS A 267 -4.21 -12.28 47.50
C LYS A 267 -3.53 -11.88 46.18
N ILE A 268 -2.20 -11.75 46.20
CA ILE A 268 -1.39 -11.13 45.12
C ILE A 268 -0.49 -12.20 44.50
N GLU A 269 -0.64 -12.46 43.19
CA GLU A 269 0.12 -13.49 42.44
C GLU A 269 0.23 -13.11 40.96
N LEU A 270 1.26 -13.61 40.27
CA LEU A 270 1.38 -13.56 38.79
C LEU A 270 0.38 -14.56 38.20
N GLY A 271 -0.53 -14.08 37.35
CA GLY A 271 -1.58 -14.88 36.70
C GLY A 271 -1.97 -14.32 35.35
N GLY A 272 -2.53 -15.16 34.48
CA GLY A 272 -2.90 -14.79 33.10
C GLY A 272 -3.75 -13.52 33.03
N GLU A 273 -3.52 -12.69 32.01
CA GLU A 273 -4.37 -11.50 31.69
C GLU A 273 -5.83 -11.96 31.65
N ASN A 274 -6.07 -13.16 31.12
CA ASN A 274 -7.38 -13.89 31.19
C ASN A 274 -7.09 -15.38 31.40
N TYR A 275 -8.10 -16.15 31.84
CA TYR A 275 -8.02 -17.60 32.15
C TYR A 275 -8.98 -18.38 31.23
N ASP A 276 -9.09 -17.96 29.96
CA ASP A 276 -10.09 -18.47 28.99
C ASP A 276 -9.47 -19.61 28.16
N ILE A 277 -8.23 -19.43 27.67
CA ILE A 277 -7.54 -20.41 26.77
C ILE A 277 -6.66 -21.32 27.62
N ILE A 278 -6.83 -22.64 27.47
CA ILE A 278 -6.01 -23.70 28.14
C ILE A 278 -5.74 -24.82 27.13
N ALA A 279 -4.46 -25.04 26.78
CA ALA A 279 -4.02 -25.99 25.72
C ALA A 279 -3.39 -27.24 26.36
N GLU A 280 -3.48 -28.38 25.65
CA GLU A 280 -2.84 -29.67 26.03
C GLU A 280 -2.31 -30.35 24.76
N PHE A 281 -1.04 -30.72 24.74
CA PHE A 281 -0.37 -31.50 23.66
C PHE A 281 -0.28 -32.97 24.08
N ASN A 282 -1.01 -33.86 23.40
CA ASN A 282 -1.02 -35.33 23.63
C ASN A 282 -1.36 -35.62 25.11
N GLY A 283 -2.23 -34.80 25.72
CA GLY A 283 -2.68 -34.96 27.11
C GLY A 283 -1.90 -34.10 28.10
N GLN A 284 -0.60 -33.89 27.86
CA GLN A 284 0.31 -33.16 28.80
C GLN A 284 0.12 -31.66 28.61
N PRO A 285 0.43 -30.83 29.63
CA PRO A 285 0.24 -29.38 29.55
C PRO A 285 1.08 -28.73 28.43
N ALA A 286 0.50 -27.75 27.73
CA ALA A 286 1.11 -27.08 26.57
C ALA A 286 0.60 -25.63 26.45
N SER A 287 1.36 -24.80 25.74
CA SER A 287 0.92 -23.51 25.14
C SER A 287 1.36 -23.51 23.67
N GLY A 288 1.21 -22.39 22.96
CA GLY A 288 1.68 -22.28 21.57
C GLY A 288 1.15 -21.05 20.84
N LEU A 289 1.39 -20.99 19.52
CA LEU A 289 1.04 -19.86 18.63
C LEU A 289 0.25 -20.39 17.43
N GLY A 290 -1.04 -20.03 17.33
CA GLY A 290 -1.87 -20.25 16.14
C GLY A 290 -1.62 -19.17 15.10
N ILE A 291 -0.80 -19.47 14.09
CA ILE A 291 -0.31 -18.49 13.07
C ILE A 291 -1.21 -18.57 11.83
N LYS A 292 -1.75 -17.42 11.39
CA LYS A 292 -2.55 -17.27 10.15
C LYS A 292 -1.74 -16.48 9.13
N LEU A 293 -1.84 -16.85 7.85
CA LEU A 293 -1.03 -16.30 6.73
C LEU A 293 -1.62 -14.96 6.27
N ALA A 294 -0.80 -13.90 6.26
CA ALA A 294 -1.17 -12.54 5.81
C ALA A 294 -1.63 -12.60 4.35
N THR A 295 -2.62 -11.77 3.98
CA THR A 295 -3.32 -11.78 2.68
C THR A 295 -2.30 -11.71 1.53
N GLY A 296 -2.26 -12.76 0.69
CA GLY A 296 -1.44 -12.81 -0.54
C GLY A 296 -0.06 -13.40 -0.32
N ALA A 297 0.43 -13.39 0.92
CA ALA A 297 1.79 -13.84 1.31
C ALA A 297 1.98 -15.32 0.98
N ASN A 298 3.24 -15.73 0.74
CA ASN A 298 3.64 -17.12 0.39
C ASN A 298 3.68 -17.97 1.67
N ALA A 299 3.01 -19.12 1.67
CA ALA A 299 2.90 -20.04 2.82
C ALA A 299 4.27 -20.61 3.19
N LEU A 300 5.02 -21.11 2.20
CA LEU A 300 6.32 -21.81 2.39
C LEU A 300 7.40 -20.82 2.83
N ASP A 301 7.43 -19.62 2.23
CA ASP A 301 8.44 -18.56 2.53
C ASP A 301 8.23 -18.04 3.95
N THR A 302 6.98 -17.85 4.37
CA THR A 302 6.58 -17.35 5.71
C THR A 302 6.90 -18.41 6.77
N ALA A 303 6.53 -19.67 6.51
CA ALA A 303 6.79 -20.84 7.38
C ALA A 303 8.31 -20.96 7.63
N ALA A 304 9.11 -20.89 6.57
CA ALA A 304 10.59 -20.92 6.60
C ALA A 304 11.12 -19.82 7.52
N ALA A 305 10.56 -18.61 7.41
CA ALA A 305 10.96 -17.40 8.17
C ALA A 305 10.62 -17.57 9.66
N ILE A 306 9.49 -18.22 9.97
CA ILE A 306 9.02 -18.47 11.36
C ILE A 306 9.98 -19.47 12.04
N ARG A 307 10.35 -20.54 11.33
CA ARG A 307 11.25 -21.61 11.84
C ARG A 307 12.66 -21.05 12.07
N ALA A 308 13.06 -20.04 11.29
CA ALA A 308 14.35 -19.32 11.41
C ALA A 308 14.39 -18.51 12.72
N GLU A 309 13.24 -17.93 13.11
CA GLU A 309 13.10 -17.05 14.31
C GLU A 309 12.99 -17.92 15.57
N LEU A 310 12.35 -19.09 15.48
CA LEU A 310 12.22 -20.07 16.59
C LEU A 310 13.60 -20.71 16.85
N ALA A 311 14.37 -20.95 15.79
CA ALA A 311 15.76 -21.48 15.85
C ALA A 311 16.67 -20.52 16.62
N LYS A 312 16.40 -19.20 16.51
CA LYS A 312 17.16 -18.13 17.21
C LYS A 312 16.82 -18.10 18.70
N MET A 313 15.62 -18.56 19.08
CA MET A 313 15.10 -18.53 20.47
C MET A 313 15.56 -19.76 21.25
N GLU A 314 15.54 -20.94 20.62
CA GLU A 314 15.74 -22.27 21.26
C GLU A 314 16.96 -22.25 22.20
N PRO A 315 18.16 -21.82 21.74
CA PRO A 315 19.34 -21.80 22.60
C PRO A 315 19.17 -21.14 23.98
N PHE A 316 18.24 -20.19 24.12
CA PHE A 316 18.03 -19.36 25.34
C PHE A 316 16.74 -19.76 26.06
N PHE A 317 16.22 -20.97 25.80
CA PHE A 317 15.05 -21.55 26.51
C PHE A 317 15.47 -21.95 27.93
N PRO A 318 14.53 -21.94 28.90
CA PRO A 318 14.74 -22.64 30.18
C PRO A 318 14.82 -24.15 29.96
N SER A 319 15.44 -24.88 30.90
CA SER A 319 15.64 -26.35 30.85
C SER A 319 14.28 -27.06 30.81
N GLY A 320 14.08 -27.98 29.85
CA GLY A 320 12.85 -28.78 29.68
C GLY A 320 11.96 -28.25 28.59
N LEU A 321 11.86 -26.92 28.44
CA LEU A 321 11.03 -26.25 27.41
C LEU A 321 11.56 -26.59 26.02
N LYS A 322 10.71 -27.16 25.15
CA LYS A 322 11.06 -27.52 23.74
C LYS A 322 9.84 -27.25 22.84
N ILE A 323 10.09 -27.00 21.56
CA ILE A 323 9.05 -26.76 20.52
C ILE A 323 8.56 -28.11 19.99
N VAL A 324 7.25 -28.23 19.76
CA VAL A 324 6.59 -29.38 19.07
C VAL A 324 5.76 -28.83 17.91
N TYR A 325 5.50 -29.65 16.88
CA TYR A 325 4.84 -29.24 15.62
C TYR A 325 3.55 -30.04 15.44
N PRO A 326 2.46 -29.68 16.17
CA PRO A 326 1.21 -30.44 16.14
C PRO A 326 0.28 -30.18 14.94
N TYR A 327 0.56 -29.15 14.13
CA TYR A 327 -0.29 -28.75 12.97
C TYR A 327 0.53 -27.83 12.06
N ASP A 328 0.70 -28.25 10.79
CA ASP A 328 1.44 -27.50 9.74
C ASP A 328 0.88 -27.91 8.38
N THR A 329 0.46 -26.93 7.57
CA THR A 329 -0.15 -27.13 6.22
C THR A 329 0.95 -27.17 5.14
N THR A 330 2.17 -26.76 5.47
CA THR A 330 3.29 -26.53 4.51
C THR A 330 3.92 -27.86 4.07
N PRO A 331 4.17 -28.84 4.97
CA PRO A 331 4.78 -30.11 4.56
C PRO A 331 4.07 -30.81 3.40
N PHE A 332 2.74 -30.77 3.37
CA PHE A 332 1.91 -31.34 2.27
C PHE A 332 2.27 -30.66 0.95
N VAL A 333 2.29 -29.32 0.94
CA VAL A 333 2.60 -28.49 -0.26
C VAL A 333 3.99 -28.87 -0.77
N LYS A 334 5.00 -28.78 0.10
CA LYS A 334 6.41 -29.20 -0.17
C LYS A 334 6.42 -30.58 -0.83
N ILE A 335 5.83 -31.57 -0.17
CA ILE A 335 5.91 -33.03 -0.54
C ILE A 335 5.04 -33.30 -1.76
N SER A 336 3.82 -32.73 -1.82
CA SER A 336 2.86 -32.90 -2.96
C SER A 336 3.50 -32.41 -4.26
N ILE A 337 4.15 -31.24 -4.22
CA ILE A 337 4.86 -30.63 -5.39
C ILE A 337 6.08 -31.50 -5.74
N HIS A 338 6.91 -31.83 -4.74
CA HIS A 338 8.11 -32.70 -4.86
C HIS A 338 7.74 -34.02 -5.55
N GLU A 339 6.56 -34.57 -5.27
CA GLU A 339 6.07 -35.86 -5.82
C GLU A 339 5.74 -35.71 -7.30
N VAL A 340 5.43 -34.49 -7.77
CA VAL A 340 5.15 -34.18 -9.21
C VAL A 340 6.47 -33.96 -9.95
N VAL A 341 7.46 -33.35 -9.29
CA VAL A 341 8.86 -33.19 -9.80
C VAL A 341 9.41 -34.59 -10.10
N LYS A 342 9.09 -35.56 -9.24
CA LYS A 342 9.57 -36.96 -9.33
C LYS A 342 8.97 -37.63 -10.57
N THR A 343 7.71 -37.35 -10.89
CA THR A 343 6.95 -37.95 -12.02
C THR A 343 7.38 -37.33 -13.35
N LEU A 344 7.99 -36.12 -13.32
CA LEU A 344 8.64 -35.50 -14.51
C LEU A 344 9.90 -36.30 -14.86
N VAL A 345 10.77 -36.53 -13.87
CA VAL A 345 12.05 -37.28 -13.99
C VAL A 345 11.75 -38.71 -14.47
N GLU A 346 10.71 -39.34 -13.91
CA GLU A 346 10.26 -40.72 -14.23
C GLU A 346 9.75 -40.76 -15.68
N ALA A 347 8.93 -39.77 -16.08
CA ALA A 347 8.33 -39.66 -17.43
C ALA A 347 9.42 -39.48 -18.49
N ILE A 348 10.49 -38.75 -18.16
CA ILE A 348 11.66 -38.49 -19.06
C ILE A 348 12.43 -39.81 -19.28
N ILE A 349 12.63 -40.59 -18.20
CA ILE A 349 13.30 -41.92 -18.25
C ILE A 349 12.43 -42.87 -19.10
N LEU A 350 11.12 -42.87 -18.89
CA LEU A 350 10.14 -43.76 -19.58
C LEU A 350 10.04 -43.37 -21.06
N VAL A 351 10.19 -42.08 -21.39
CA VAL A 351 10.29 -41.58 -22.79
C VAL A 351 11.56 -42.17 -23.42
N PHE A 352 12.69 -42.03 -22.73
CA PHE A 352 14.04 -42.51 -23.17
C PHE A 352 13.98 -44.00 -23.57
N LEU A 353 13.26 -44.82 -22.79
CA LEU A 353 13.15 -46.29 -23.00
C LEU A 353 12.31 -46.58 -24.26
N VAL A 354 11.15 -45.95 -24.39
CA VAL A 354 10.20 -46.13 -25.54
C VAL A 354 10.89 -45.62 -26.82
N MET A 355 11.76 -44.61 -26.70
CA MET A 355 12.56 -44.06 -27.84
C MET A 355 13.65 -45.06 -28.23
N TYR A 356 14.28 -45.72 -27.26
CA TYR A 356 15.35 -46.74 -27.47
C TYR A 356 14.74 -47.94 -28.22
N LEU A 357 13.50 -48.30 -27.90
CA LEU A 357 12.76 -49.45 -28.51
C LEU A 357 12.62 -49.24 -30.03
N PHE A 358 12.39 -47.99 -30.47
CA PHE A 358 12.02 -47.64 -31.86
C PHE A 358 13.24 -47.17 -32.66
N LEU A 359 14.09 -46.32 -32.08
CA LEU A 359 15.28 -45.75 -32.76
C LEU A 359 16.47 -46.72 -32.65
N GLN A 360 16.58 -47.47 -31.55
CA GLN A 360 17.51 -48.62 -31.38
C GLN A 360 18.96 -48.14 -31.48
N ASN A 361 19.25 -46.95 -30.92
CA ASN A 361 20.59 -46.31 -30.93
C ASN A 361 20.63 -45.24 -29.84
N PHE A 362 21.72 -45.19 -29.07
CA PHE A 362 21.88 -44.38 -27.82
C PHE A 362 21.72 -42.88 -28.15
N ARG A 363 22.55 -42.36 -29.06
CA ARG A 363 22.63 -40.90 -29.38
C ARG A 363 21.32 -40.43 -30.04
N ALA A 364 20.77 -41.22 -30.97
CA ALA A 364 19.49 -40.94 -31.67
C ALA A 364 18.35 -40.82 -30.65
N THR A 365 18.43 -41.60 -29.56
CA THR A 365 17.41 -41.68 -28.48
C THR A 365 17.51 -40.45 -27.56
N LEU A 366 18.66 -39.79 -27.50
CA LEU A 366 18.90 -38.60 -26.62
C LEU A 366 18.23 -37.35 -27.19
N ILE A 367 17.96 -37.31 -28.51
CA ILE A 367 17.42 -36.11 -29.21
C ILE A 367 16.03 -35.78 -28.64
N PRO A 368 15.05 -36.72 -28.67
CA PRO A 368 13.75 -36.48 -28.01
C PRO A 368 13.87 -36.30 -26.49
N THR A 369 14.84 -36.96 -25.87
CA THR A 369 15.08 -36.97 -24.40
C THR A 369 15.62 -35.62 -23.93
N ILE A 370 16.43 -34.95 -24.75
CA ILE A 370 17.07 -33.63 -24.42
C ILE A 370 16.06 -32.50 -24.64
N ALA A 371 15.25 -32.60 -25.71
CA ALA A 371 14.27 -31.58 -26.14
C ALA A 371 13.30 -31.25 -25.00
N VAL A 372 12.84 -32.27 -24.26
CA VAL A 372 11.79 -32.16 -23.20
C VAL A 372 12.30 -31.28 -22.06
N PRO A 373 13.42 -31.64 -21.37
CA PRO A 373 14.02 -30.77 -20.36
C PRO A 373 14.20 -29.31 -20.79
N VAL A 374 14.76 -29.08 -21.99
CA VAL A 374 15.09 -27.73 -22.54
C VAL A 374 13.84 -26.86 -22.54
N VAL A 375 12.72 -27.40 -23.04
CA VAL A 375 11.41 -26.68 -23.15
C VAL A 375 10.84 -26.44 -21.75
N LEU A 376 10.73 -27.51 -20.94
CA LEU A 376 10.13 -27.48 -19.58
C LEU A 376 10.89 -26.46 -18.72
N LEU A 377 12.22 -26.51 -18.70
CA LEU A 377 13.08 -25.51 -18.02
C LEU A 377 12.78 -24.12 -18.61
N GLY A 378 12.72 -24.02 -19.94
CA GLY A 378 12.35 -22.79 -20.67
C GLY A 378 10.99 -22.27 -20.22
N THR A 379 10.02 -23.16 -20.04
CA THR A 379 8.62 -22.83 -19.63
C THR A 379 8.63 -22.16 -18.24
N PHE A 380 9.45 -22.68 -17.31
CA PHE A 380 9.64 -22.11 -15.95
C PHE A 380 10.14 -20.66 -16.07
N ALA A 381 11.00 -20.37 -17.04
CA ALA A 381 11.55 -19.03 -17.33
C ALA A 381 10.44 -18.10 -17.84
N VAL A 382 9.50 -18.64 -18.62
CA VAL A 382 8.34 -17.88 -19.18
C VAL A 382 7.35 -17.56 -18.04
N LEU A 383 7.12 -18.52 -17.13
CA LEU A 383 6.25 -18.35 -15.94
C LEU A 383 6.82 -17.23 -15.05
N ALA A 384 8.14 -17.21 -14.86
CA ALA A 384 8.88 -16.20 -14.07
C ALA A 384 8.72 -14.82 -14.72
N ALA A 385 8.82 -14.75 -16.05
CA ALA A 385 8.67 -13.51 -16.86
C ALA A 385 7.23 -12.99 -16.77
N PHE A 386 6.25 -13.90 -16.83
CA PHE A 386 4.79 -13.59 -16.79
C PHE A 386 4.32 -13.35 -15.34
N GLY A 387 5.17 -13.69 -14.36
CA GLY A 387 4.94 -13.41 -12.93
C GLY A 387 4.07 -14.46 -12.27
N PHE A 388 4.15 -15.72 -12.74
CA PHE A 388 3.40 -16.89 -12.19
C PHE A 388 4.26 -17.57 -11.11
N SER A 389 3.68 -18.55 -10.42
CA SER A 389 4.33 -19.34 -9.34
C SER A 389 4.36 -20.83 -9.72
N ILE A 390 5.29 -21.58 -9.13
CA ILE A 390 5.37 -23.07 -9.22
C ILE A 390 4.30 -23.65 -8.28
N ASN A 391 3.17 -24.09 -8.82
CA ASN A 391 2.03 -24.64 -8.04
C ASN A 391 1.55 -25.94 -8.68
N THR A 392 0.69 -26.68 -7.97
CA THR A 392 0.10 -27.99 -8.37
C THR A 392 -0.30 -27.94 -9.85
N LEU A 393 -1.03 -26.89 -10.25
CA LEU A 393 -1.68 -26.76 -11.59
C LEU A 393 -0.60 -26.51 -12.66
N THR A 394 0.37 -25.64 -12.37
CA THR A 394 1.51 -25.31 -13.28
C THR A 394 2.41 -26.54 -13.45
N MET A 395 2.55 -27.36 -12.39
CA MET A 395 3.40 -28.57 -12.39
C MET A 395 2.72 -29.70 -13.20
N PHE A 396 1.40 -29.83 -13.08
CA PHE A 396 0.59 -30.76 -13.91
C PHE A 396 0.52 -30.23 -15.35
N GLY A 397 0.65 -28.90 -15.51
CA GLY A 397 0.86 -28.25 -16.82
C GLY A 397 2.12 -28.76 -17.50
N MET A 398 3.23 -28.87 -16.75
CA MET A 398 4.54 -29.38 -17.23
C MET A 398 4.40 -30.85 -17.65
N VAL A 399 3.62 -31.63 -16.89
CA VAL A 399 3.43 -33.10 -17.10
C VAL A 399 2.61 -33.33 -18.36
N LEU A 400 1.48 -32.63 -18.52
CA LEU A 400 0.58 -32.73 -19.70
C LEU A 400 1.31 -32.21 -20.94
N ALA A 401 2.15 -31.18 -20.77
CA ALA A 401 2.97 -30.56 -21.85
C ALA A 401 3.86 -31.61 -22.50
N ILE A 402 4.53 -32.45 -21.69
CA ILE A 402 5.48 -33.52 -22.13
C ILE A 402 4.95 -34.18 -23.40
N GLY A 403 3.67 -34.59 -23.40
CA GLY A 403 2.99 -35.25 -24.53
C GLY A 403 3.17 -34.48 -25.83
N LEU A 404 3.10 -33.15 -25.76
CA LEU A 404 3.16 -32.23 -26.94
C LEU A 404 4.61 -31.95 -27.31
N LEU A 405 5.52 -31.87 -26.32
CA LEU A 405 6.96 -31.55 -26.52
C LEU A 405 7.64 -32.74 -27.21
N VAL A 406 7.40 -33.95 -26.68
CA VAL A 406 7.94 -35.23 -27.20
C VAL A 406 7.50 -35.43 -28.66
N ASP A 407 6.21 -35.17 -28.93
CA ASP A 407 5.60 -35.32 -30.29
C ASP A 407 6.34 -34.42 -31.28
N ASP A 408 6.55 -33.15 -30.94
CA ASP A 408 7.31 -32.16 -31.76
C ASP A 408 8.69 -32.75 -32.12
N ALA A 409 9.40 -33.28 -31.12
CA ALA A 409 10.75 -33.86 -31.27
C ALA A 409 10.69 -35.16 -32.08
N ILE A 410 9.74 -36.04 -31.76
CA ILE A 410 9.52 -37.35 -32.45
C ILE A 410 9.20 -37.09 -33.92
N VAL A 411 8.17 -36.27 -34.19
CA VAL A 411 7.70 -35.90 -35.56
C VAL A 411 8.91 -35.50 -36.42
N VAL A 412 9.84 -34.72 -35.87
CA VAL A 412 11.07 -34.22 -36.55
C VAL A 412 12.03 -35.40 -36.77
N VAL A 413 12.44 -36.08 -35.69
CA VAL A 413 13.46 -37.17 -35.69
C VAL A 413 12.98 -38.32 -36.59
N GLU A 414 11.77 -38.82 -36.35
CA GLU A 414 11.15 -39.96 -37.09
C GLU A 414 11.19 -39.68 -38.60
N ASN A 415 10.88 -38.45 -39.00
CA ASN A 415 10.73 -38.04 -40.42
C ASN A 415 12.10 -38.06 -41.11
N VAL A 416 13.15 -37.60 -40.41
CA VAL A 416 14.56 -37.63 -40.90
C VAL A 416 14.96 -39.09 -41.17
N GLU A 417 14.68 -39.98 -40.22
CA GLU A 417 14.99 -41.44 -40.30
C GLU A 417 14.26 -42.07 -41.49
N ARG A 418 12.98 -41.72 -41.68
CA ARG A 418 12.11 -42.22 -42.78
C ARG A 418 12.65 -41.73 -44.13
N VAL A 419 13.07 -40.47 -44.21
CA VAL A 419 13.66 -39.84 -45.43
C VAL A 419 14.93 -40.60 -45.83
N MET A 420 15.77 -40.96 -44.85
CA MET A 420 17.02 -41.73 -45.06
C MET A 420 16.69 -43.16 -45.50
N ALA A 421 15.62 -43.75 -44.94
CA ALA A 421 15.18 -45.14 -45.20
C ALA A 421 14.67 -45.27 -46.64
N GLU A 422 14.03 -44.22 -47.17
CA GLU A 422 13.34 -44.24 -48.49
C GLU A 422 14.32 -43.91 -49.62
N GLU A 423 15.25 -42.97 -49.40
CA GLU A 423 16.13 -42.40 -50.47
C GLU A 423 17.62 -42.69 -50.21
N GLY A 424 18.02 -42.90 -48.96
CA GLY A 424 19.42 -43.22 -48.59
C GLY A 424 20.30 -41.99 -48.56
N LEU A 425 19.75 -40.85 -48.13
CA LEU A 425 20.48 -39.56 -47.98
C LEU A 425 21.30 -39.59 -46.69
N PRO A 426 22.48 -38.91 -46.63
CA PRO A 426 23.24 -38.81 -45.39
C PRO A 426 22.52 -37.99 -44.32
N PRO A 427 22.97 -38.05 -43.04
CA PRO A 427 22.27 -37.38 -41.95
C PRO A 427 21.96 -35.89 -42.18
N LYS A 428 22.97 -35.12 -42.61
CA LYS A 428 22.90 -33.64 -42.79
C LYS A 428 21.89 -33.31 -43.90
N GLU A 429 21.97 -33.99 -45.05
CA GLU A 429 21.13 -33.73 -46.25
C GLU A 429 19.69 -34.16 -45.98
N ALA A 430 19.49 -35.30 -45.30
CA ALA A 430 18.18 -35.86 -44.92
C ALA A 430 17.44 -34.89 -44.00
N THR A 431 18.15 -34.25 -43.08
CA THR A 431 17.62 -33.25 -42.11
C THR A 431 17.06 -32.04 -42.87
N ARG A 432 17.87 -31.45 -43.77
CA ARG A 432 17.48 -30.29 -44.62
C ARG A 432 16.18 -30.60 -45.36
N LYS A 433 16.12 -31.77 -46.02
CA LYS A 433 14.94 -32.24 -46.79
C LYS A 433 13.75 -32.41 -45.86
N SER A 434 13.96 -33.02 -44.68
CA SER A 434 12.92 -33.38 -43.69
C SER A 434 12.28 -32.11 -43.09
N MET A 435 13.11 -31.15 -42.65
CA MET A 435 12.65 -29.86 -42.07
C MET A 435 11.95 -29.03 -43.15
N GLY A 436 12.30 -29.25 -44.43
CA GLY A 436 11.73 -28.52 -45.58
C GLY A 436 10.25 -28.83 -45.80
N GLN A 437 9.76 -29.97 -45.32
CA GLN A 437 8.39 -30.49 -45.60
C GLN A 437 7.54 -30.56 -44.32
N ILE A 438 8.10 -30.23 -43.15
CA ILE A 438 7.39 -30.30 -41.83
C ILE A 438 7.36 -28.92 -41.16
N GLN A 439 8.46 -28.15 -41.26
CA GLN A 439 8.61 -26.78 -40.67
C GLN A 439 7.28 -26.02 -40.75
N GLY A 440 6.60 -26.09 -41.90
CA GLY A 440 5.31 -25.41 -42.16
C GLY A 440 4.21 -25.85 -41.20
N ALA A 441 4.00 -27.17 -41.06
CA ALA A 441 2.89 -27.79 -40.30
C ALA A 441 3.08 -27.55 -38.79
N LEU A 442 4.31 -27.70 -38.28
CA LEU A 442 4.65 -27.54 -36.84
C LEU A 442 4.14 -26.18 -36.34
N VAL A 443 4.49 -25.10 -37.06
CA VAL A 443 4.09 -23.70 -36.74
C VAL A 443 2.55 -23.63 -36.76
N GLY A 444 1.94 -24.15 -37.83
CA GLY A 444 0.47 -24.18 -38.03
C GLY A 444 -0.25 -24.90 -36.90
N ILE A 445 0.25 -26.07 -36.49
CA ILE A 445 -0.36 -26.94 -35.44
C ILE A 445 -0.36 -26.18 -34.10
N ALA A 446 0.74 -25.52 -33.75
CA ALA A 446 0.91 -24.73 -32.52
C ALA A 446 -0.12 -23.60 -32.46
N MET A 447 -0.49 -23.04 -33.63
CA MET A 447 -1.55 -22.01 -33.77
C MET A 447 -2.92 -22.68 -33.55
N VAL A 448 -3.14 -23.84 -34.18
CA VAL A 448 -4.41 -24.62 -34.10
C VAL A 448 -4.62 -25.10 -32.66
N LEU A 449 -3.54 -25.55 -32.00
CA LEU A 449 -3.59 -26.13 -30.63
C LEU A 449 -3.80 -25.00 -29.60
N SER A 450 -3.18 -23.83 -29.80
CA SER A 450 -3.33 -22.65 -28.92
C SER A 450 -4.80 -22.21 -28.89
N ALA A 451 -5.55 -22.45 -29.96
CA ALA A 451 -7.01 -22.21 -30.06
C ALA A 451 -7.79 -23.18 -29.17
N VAL A 452 -7.14 -24.23 -28.68
CA VAL A 452 -7.74 -25.26 -27.76
C VAL A 452 -7.50 -24.84 -26.30
N PHE A 453 -6.33 -24.26 -26.01
CA PHE A 453 -5.81 -24.03 -24.63
C PHE A 453 -5.98 -22.57 -24.19
N VAL A 454 -5.93 -21.60 -25.11
CA VAL A 454 -6.06 -20.15 -24.80
C VAL A 454 -7.46 -19.84 -24.28
N PRO A 455 -8.55 -20.36 -24.91
CA PRO A 455 -9.91 -20.05 -24.47
C PRO A 455 -10.17 -20.17 -22.95
N MET A 456 -9.66 -21.21 -22.30
CA MET A 456 -9.91 -21.50 -20.86
C MET A 456 -9.06 -20.59 -19.96
N ALA A 457 -8.16 -19.79 -20.55
CA ALA A 457 -7.42 -18.70 -19.86
C ALA A 457 -8.37 -17.53 -19.60
N PHE A 458 -9.48 -17.45 -20.34
CA PHE A 458 -10.49 -16.36 -20.27
C PHE A 458 -11.75 -16.82 -19.54
N PHE A 459 -11.63 -17.76 -18.59
CA PHE A 459 -12.73 -18.15 -17.66
C PHE A 459 -12.88 -17.05 -16.61
N GLY A 460 -14.08 -16.92 -16.04
CA GLY A 460 -14.49 -15.78 -15.20
C GLY A 460 -14.22 -16.00 -13.73
N GLY A 461 -13.83 -14.94 -13.01
CA GLY A 461 -13.74 -14.87 -11.54
C GLY A 461 -12.62 -15.74 -10.99
N SER A 462 -12.88 -16.39 -9.85
CA SER A 462 -11.90 -17.21 -9.08
C SER A 462 -11.61 -18.54 -9.79
N THR A 463 -12.62 -19.10 -10.47
CA THR A 463 -12.55 -20.37 -11.24
C THR A 463 -11.49 -20.27 -12.33
N GLY A 464 -11.50 -19.18 -13.10
CA GLY A 464 -10.62 -18.94 -14.27
C GLY A 464 -9.15 -18.86 -13.88
N ALA A 465 -8.86 -18.39 -12.67
CA ALA A 465 -7.49 -18.23 -12.12
C ALA A 465 -6.78 -19.59 -12.06
N ILE A 466 -7.53 -20.67 -11.81
CA ILE A 466 -7.02 -22.08 -11.81
C ILE A 466 -6.70 -22.49 -13.25
N TYR A 467 -7.65 -22.31 -14.16
CA TYR A 467 -7.57 -22.75 -15.58
C TYR A 467 -6.49 -21.96 -16.34
N ARG A 468 -6.27 -20.70 -15.95
CA ARG A 468 -5.26 -19.80 -16.58
C ARG A 468 -3.86 -20.36 -16.36
N GLN A 469 -3.61 -20.94 -15.19
CA GLN A 469 -2.30 -21.54 -14.80
C GLN A 469 -1.89 -22.60 -15.83
N PHE A 470 -2.84 -23.47 -16.21
CA PHE A 470 -2.65 -24.56 -17.22
C PHE A 470 -2.38 -23.95 -18.59
N SER A 471 -3.31 -23.11 -19.07
CA SER A 471 -3.28 -22.45 -20.40
C SER A 471 -1.89 -21.83 -20.63
N ILE A 472 -1.49 -20.90 -19.76
CA ILE A 472 -0.22 -20.10 -19.86
C ILE A 472 0.98 -21.04 -19.82
N THR A 473 0.92 -22.12 -19.02
CA THR A 473 2.00 -23.12 -18.86
C THR A 473 2.12 -23.97 -20.14
N ILE A 474 1.02 -24.58 -20.59
CA ILE A 474 0.97 -25.51 -21.74
C ILE A 474 1.30 -24.74 -23.03
N VAL A 475 0.69 -23.57 -23.24
CA VAL A 475 0.85 -22.73 -24.47
C VAL A 475 2.31 -22.27 -24.58
N SER A 476 2.92 -21.85 -23.47
CA SER A 476 4.34 -21.40 -23.39
C SER A 476 5.29 -22.54 -23.80
N ALA A 477 5.03 -23.74 -23.29
CA ALA A 477 5.79 -24.98 -23.58
C ALA A 477 5.67 -25.32 -25.07
N MET A 478 4.43 -25.33 -25.60
CA MET A 478 4.13 -25.58 -27.02
C MET A 478 4.92 -24.61 -27.91
N ALA A 479 4.90 -23.32 -27.56
CA ALA A 479 5.58 -22.22 -28.29
C ALA A 479 7.10 -22.44 -28.29
N LEU A 480 7.67 -22.73 -27.11
CA LEU A 480 9.13 -22.99 -26.93
C LEU A 480 9.53 -24.29 -27.65
N SER A 481 8.65 -25.29 -27.66
CA SER A 481 8.87 -26.61 -28.30
C SER A 481 9.09 -26.44 -29.81
N VAL A 482 8.22 -25.66 -30.46
CA VAL A 482 8.30 -25.36 -31.93
C VAL A 482 9.57 -24.56 -32.21
N LEU A 483 9.90 -23.62 -31.32
CA LEU A 483 11.15 -22.79 -31.38
C LEU A 483 12.37 -23.71 -31.27
N VAL A 484 12.29 -24.73 -30.41
CA VAL A 484 13.36 -25.74 -30.16
C VAL A 484 13.38 -26.75 -31.31
N ALA A 485 12.21 -27.11 -31.86
CA ALA A 485 12.04 -28.07 -32.96
C ALA A 485 12.59 -27.49 -34.28
N LEU A 486 12.87 -26.19 -34.32
CA LEU A 486 13.40 -25.47 -35.51
C LEU A 486 14.88 -25.09 -35.31
N ILE A 487 15.37 -25.04 -34.06
CA ILE A 487 16.76 -24.61 -33.73
C ILE A 487 17.61 -25.85 -33.42
N LEU A 488 17.37 -26.52 -32.28
CA LEU A 488 18.26 -27.57 -31.72
C LEU A 488 17.95 -28.93 -32.37
N THR A 489 16.68 -29.35 -32.37
CA THR A 489 16.23 -30.70 -32.81
C THR A 489 16.78 -30.99 -34.21
N PRO A 490 16.71 -30.06 -35.17
CA PRO A 490 17.36 -30.24 -36.47
C PRO A 490 18.90 -30.33 -36.38
N ALA A 491 19.51 -29.44 -35.59
CA ALA A 491 20.97 -29.35 -35.36
C ALA A 491 21.50 -30.68 -34.81
N LEU A 492 20.73 -31.32 -33.92
CA LEU A 492 21.09 -32.62 -33.29
C LEU A 492 20.91 -33.76 -34.31
N CYS A 493 19.83 -33.72 -35.10
CA CYS A 493 19.53 -34.72 -36.17
C CYS A 493 20.65 -34.71 -37.23
N ALA A 494 21.27 -33.56 -37.48
CA ALA A 494 22.34 -33.37 -38.49
C ALA A 494 23.65 -34.03 -38.02
N THR A 495 23.99 -33.86 -36.73
CA THR A 495 25.28 -34.29 -36.13
C THR A 495 25.18 -35.71 -35.56
N MET A 496 24.13 -35.98 -34.76
CA MET A 496 24.07 -37.14 -33.83
C MET A 496 23.51 -38.40 -34.53
N LEU A 497 22.55 -38.24 -35.46
CA LEU A 497 21.88 -39.39 -36.14
C LEU A 497 22.92 -40.17 -36.96
N LYS A 498 22.73 -41.49 -37.05
CA LYS A 498 23.62 -42.46 -37.76
C LYS A 498 23.15 -42.60 -39.21
N PRO A 499 24.06 -42.73 -40.20
CA PRO A 499 23.66 -42.98 -41.59
C PRO A 499 22.78 -44.23 -41.77
N ILE A 500 21.89 -44.19 -42.77
CA ILE A 500 20.98 -45.30 -43.17
C ILE A 500 20.90 -45.35 -44.70
N ALA A 501 21.31 -46.47 -45.30
CA ALA A 501 21.26 -46.71 -46.77
C ALA A 501 19.81 -47.02 -47.17
N LYS A 502 19.47 -46.82 -48.45
CA LYS A 502 18.10 -46.95 -49.02
C LYS A 502 17.61 -48.40 -48.85
N GLY A 503 16.34 -48.56 -48.45
CA GLY A 503 15.65 -49.87 -48.36
C GLY A 503 15.81 -50.53 -47.00
N ASP A 504 16.67 -49.98 -46.13
CA ASP A 504 16.99 -50.55 -44.79
C ASP A 504 15.94 -50.08 -43.78
N HIS A 505 15.19 -51.03 -43.21
CA HIS A 505 14.16 -50.80 -42.15
C HIS A 505 14.56 -51.55 -40.88
N GLY A 506 15.85 -51.82 -40.71
CA GLY A 506 16.41 -52.57 -39.56
C GLY A 506 15.98 -54.03 -39.53
N GLU A 507 15.61 -54.57 -40.69
CA GLU A 507 15.03 -55.95 -40.85
C GLU A 507 16.02 -56.98 -40.31
N GLY A 508 17.29 -56.89 -40.73
CA GLY A 508 18.36 -57.85 -40.40
C GLY A 508 19.23 -57.37 -39.25
N LYS A 509 18.94 -57.85 -38.03
CA LYS A 509 19.74 -57.60 -36.80
C LYS A 509 19.50 -58.75 -35.81
N LYS A 510 20.57 -59.33 -35.25
CA LYS A 510 20.50 -60.45 -34.27
C LYS A 510 20.20 -59.87 -32.88
N GLY A 511 19.14 -60.37 -32.23
CA GLY A 511 18.69 -59.95 -30.89
C GLY A 511 17.21 -59.61 -30.87
N PHE A 512 16.76 -58.94 -29.82
CA PHE A 512 15.35 -58.52 -29.59
C PHE A 512 14.91 -57.50 -30.66
N PHE A 513 15.84 -56.62 -31.08
CA PHE A 513 15.58 -55.49 -32.00
C PHE A 513 15.14 -56.01 -33.38
N GLY A 514 15.98 -56.84 -34.02
CA GLY A 514 15.74 -57.39 -35.36
C GLY A 514 14.36 -58.00 -35.50
N TRP A 515 13.93 -58.77 -34.49
CA TRP A 515 12.58 -59.41 -34.43
C TRP A 515 11.49 -58.34 -34.39
N PHE A 516 11.67 -57.30 -33.57
CA PHE A 516 10.72 -56.17 -33.39
C PHE A 516 10.57 -55.37 -34.70
N ASN A 517 11.66 -55.23 -35.45
CA ASN A 517 11.70 -54.53 -36.76
C ASN A 517 10.87 -55.33 -37.77
N ARG A 518 11.00 -56.66 -37.78
CA ARG A 518 10.24 -57.59 -38.66
C ARG A 518 8.78 -57.64 -38.19
N MET A 519 8.54 -57.53 -36.88
CA MET A 519 7.18 -57.48 -36.27
C MET A 519 6.47 -56.20 -36.73
N PHE A 520 7.18 -55.08 -36.76
CA PHE A 520 6.64 -53.72 -37.10
C PHE A 520 6.34 -53.64 -38.60
N GLU A 521 7.28 -54.12 -39.44
CA GLU A 521 7.20 -54.02 -40.93
C GLU A 521 5.99 -54.82 -41.44
N LYS A 522 5.72 -56.00 -40.85
CA LYS A 522 4.55 -56.85 -41.19
C LYS A 522 3.28 -56.21 -40.61
N SER A 523 3.34 -55.73 -39.36
CA SER A 523 2.24 -55.02 -38.65
C SER A 523 1.81 -53.79 -39.46
N THR A 524 2.77 -53.10 -40.07
CA THR A 524 2.55 -51.91 -40.96
C THR A 524 1.77 -52.36 -42.21
N HIS A 525 2.19 -53.46 -42.84
CA HIS A 525 1.53 -54.07 -44.04
C HIS A 525 0.12 -54.55 -43.66
N HIS A 526 -0.01 -55.26 -42.53
CA HIS A 526 -1.29 -55.73 -41.96
C HIS A 526 -2.24 -54.54 -41.74
N TYR A 527 -1.70 -53.41 -41.29
CA TYR A 527 -2.45 -52.16 -40.98
C TYR A 527 -2.96 -51.52 -42.28
N THR A 528 -2.07 -51.36 -43.28
CA THR A 528 -2.37 -50.72 -44.59
C THR A 528 -3.43 -51.53 -45.34
N ASP A 529 -3.22 -52.84 -45.46
CA ASP A 529 -4.15 -53.80 -46.13
C ASP A 529 -5.52 -53.74 -45.44
N SER A 530 -5.54 -53.66 -44.11
CA SER A 530 -6.75 -53.53 -43.26
C SER A 530 -7.46 -52.20 -43.55
N VAL A 531 -6.70 -51.10 -43.59
CA VAL A 531 -7.22 -49.72 -43.85
C VAL A 531 -7.80 -49.68 -45.27
N GLY A 532 -7.07 -50.19 -46.27
CA GLY A 532 -7.51 -50.31 -47.67
C GLY A 532 -8.88 -50.96 -47.77
N GLY A 533 -9.12 -52.00 -46.98
CA GLY A 533 -10.41 -52.70 -46.88
C GLY A 533 -11.48 -51.85 -46.20
N ILE A 534 -11.08 -51.08 -45.18
CA ILE A 534 -11.97 -50.16 -44.42
C ILE A 534 -12.46 -49.04 -45.36
N LEU A 535 -11.56 -48.47 -46.16
CA LEU A 535 -11.85 -47.33 -47.09
C LEU A 535 -12.86 -47.78 -48.16
N ARG A 536 -12.89 -49.07 -48.48
CA ARG A 536 -13.84 -49.66 -49.47
C ARG A 536 -15.25 -49.77 -48.84
N SER A 537 -15.35 -49.98 -47.53
CA SER A 537 -16.62 -50.11 -46.77
C SER A 537 -17.23 -48.72 -46.55
N THR A 538 -16.56 -47.87 -45.76
CA THR A 538 -16.92 -46.45 -45.48
C THR A 538 -18.25 -46.40 -44.70
N GLY A 539 -19.36 -46.72 -45.37
CA GLY A 539 -20.75 -46.55 -44.87
C GLY A 539 -20.95 -47.12 -43.47
N ARG A 540 -20.44 -48.33 -43.21
CA ARG A 540 -20.72 -49.09 -41.96
C ARG A 540 -19.90 -48.53 -40.79
N TYR A 541 -18.79 -47.83 -41.06
CA TYR A 541 -17.89 -47.24 -40.04
C TYR A 541 -18.44 -45.88 -39.58
N LEU A 542 -19.14 -45.16 -40.47
CA LEU A 542 -19.86 -43.91 -40.13
C LEU A 542 -20.93 -44.21 -39.07
N VAL A 543 -21.59 -45.36 -39.19
CA VAL A 543 -22.65 -45.83 -38.23
C VAL A 543 -21.98 -46.24 -36.92
N LEU A 544 -20.80 -46.86 -36.97
CA LEU A 544 -19.99 -47.24 -35.79
C LEU A 544 -19.44 -45.98 -35.11
N TYR A 545 -19.13 -44.93 -35.89
CA TYR A 545 -18.67 -43.61 -35.37
C TYR A 545 -19.81 -42.93 -34.61
N LEU A 546 -21.01 -42.94 -35.18
CA LEU A 546 -22.24 -42.35 -34.56
C LEU A 546 -22.52 -43.05 -33.22
N ILE A 547 -22.27 -44.37 -33.14
CA ILE A 547 -22.42 -45.18 -31.90
C ILE A 547 -21.47 -44.64 -30.82
N ILE A 548 -20.21 -44.41 -31.17
CA ILE A 548 -19.15 -43.87 -30.25
C ILE A 548 -19.61 -42.50 -29.72
N VAL A 549 -20.17 -41.66 -30.59
CA VAL A 549 -20.64 -40.28 -30.27
C VAL A 549 -21.80 -40.36 -29.26
N VAL A 550 -22.77 -41.24 -29.48
CA VAL A 550 -23.94 -41.45 -28.58
C VAL A 550 -23.45 -42.04 -27.26
N GLY A 551 -22.55 -43.04 -27.33
CA GLY A 551 -21.90 -43.64 -26.15
C GLY A 551 -21.14 -42.60 -25.33
N MET A 552 -20.42 -41.71 -26.00
CA MET A 552 -19.68 -40.57 -25.37
C MET A 552 -20.70 -39.62 -24.72
N ALA A 553 -21.65 -39.11 -25.51
CA ALA A 553 -22.70 -38.16 -25.08
C ALA A 553 -23.45 -38.73 -23.87
N TYR A 554 -23.64 -40.05 -23.83
CA TYR A 554 -24.28 -40.79 -22.70
C TYR A 554 -23.37 -40.75 -21.47
N LEU A 555 -22.15 -41.29 -21.60
CA LEU A 555 -21.15 -41.41 -20.50
C LEU A 555 -20.95 -40.05 -19.82
N PHE A 556 -20.81 -38.97 -20.61
CA PHE A 556 -20.57 -37.59 -20.14
C PHE A 556 -21.69 -37.15 -19.17
N VAL A 557 -22.95 -37.36 -19.57
CA VAL A 557 -24.16 -36.90 -18.84
C VAL A 557 -24.26 -37.65 -17.50
N ARG A 558 -23.93 -38.95 -17.49
CA ARG A 558 -24.02 -39.82 -16.28
C ARG A 558 -22.89 -39.48 -15.30
N LEU A 559 -21.66 -39.30 -15.80
CA LEU A 559 -20.45 -39.00 -14.98
C LEU A 559 -20.67 -37.70 -14.22
N PRO A 560 -20.73 -37.73 -12.86
CA PRO A 560 -20.84 -36.51 -12.07
C PRO A 560 -19.61 -35.59 -12.22
N SER A 561 -19.80 -34.28 -12.00
CA SER A 561 -18.76 -33.23 -12.13
C SER A 561 -18.40 -32.67 -10.75
N SER A 562 -17.15 -32.22 -10.58
CA SER A 562 -16.62 -31.52 -9.38
C SER A 562 -15.61 -30.45 -9.82
N PHE A 563 -14.80 -29.92 -8.89
CA PHE A 563 -13.79 -28.86 -9.17
C PHE A 563 -12.38 -29.39 -8.89
N LEU A 564 -11.98 -29.49 -7.62
CA LEU A 564 -10.65 -29.97 -7.18
C LEU A 564 -10.81 -30.99 -6.06
N PRO A 565 -10.47 -32.28 -6.30
CA PRO A 565 -10.62 -33.32 -5.28
C PRO A 565 -10.04 -32.97 -3.89
N ASP A 566 -10.76 -33.34 -2.83
CA ASP A 566 -10.29 -33.27 -1.42
C ASP A 566 -9.04 -34.15 -1.29
N GLU A 567 -7.95 -33.58 -0.75
CA GLU A 567 -6.65 -34.26 -0.57
C GLU A 567 -6.41 -34.51 0.93
N ASP A 568 -5.87 -35.69 1.27
CA ASP A 568 -5.27 -35.99 2.58
C ASP A 568 -4.00 -35.15 2.70
N GLN A 569 -3.96 -34.21 3.66
CA GLN A 569 -2.84 -33.26 3.86
C GLN A 569 -2.08 -33.60 5.16
N GLY A 570 -2.34 -34.76 5.74
CA GLY A 570 -1.70 -35.26 6.97
C GLY A 570 -2.12 -34.47 8.20
N VAL A 571 -3.17 -33.64 8.08
CA VAL A 571 -3.71 -32.79 9.18
C VAL A 571 -5.22 -32.61 8.97
N PHE A 572 -5.94 -32.32 10.05
CA PHE A 572 -7.38 -31.94 10.06
C PHE A 572 -7.74 -31.38 11.45
N MET A 573 -8.89 -30.73 11.57
CA MET A 573 -9.35 -30.07 12.83
C MET A 573 -10.68 -30.70 13.28
N THR A 574 -10.88 -30.75 14.60
CA THR A 574 -12.12 -31.25 15.26
C THR A 574 -12.69 -30.11 16.12
N MET A 575 -13.91 -29.66 15.80
CA MET A 575 -14.60 -28.53 16.48
C MET A 575 -15.49 -29.08 17.60
N VAL A 576 -15.38 -28.52 18.81
CA VAL A 576 -16.18 -28.87 20.01
C VAL A 576 -17.05 -27.66 20.38
N GLN A 577 -18.36 -27.73 20.12
CA GLN A 577 -19.35 -26.65 20.38
C GLN A 577 -20.43 -27.17 21.33
N LEU A 578 -20.39 -26.74 22.59
CA LEU A 578 -21.44 -27.02 23.61
C LEU A 578 -22.47 -25.89 23.56
N PRO A 579 -23.70 -26.12 24.11
CA PRO A 579 -24.67 -25.03 24.26
C PRO A 579 -24.13 -23.86 25.09
N ALA A 580 -24.57 -22.64 24.80
CA ALA A 580 -24.26 -21.42 25.56
C ALA A 580 -24.74 -21.59 27.00
N GLY A 581 -23.89 -21.24 27.98
CA GLY A 581 -24.13 -21.46 29.42
C GLY A 581 -23.27 -22.59 29.97
N ALA A 582 -22.74 -23.45 29.09
CA ALA A 582 -21.81 -24.56 29.43
C ALA A 582 -20.53 -24.00 30.04
N THR A 583 -20.02 -24.65 31.09
CA THR A 583 -18.78 -24.26 31.83
C THR A 583 -17.56 -24.79 31.07
N GLN A 584 -16.37 -24.26 31.38
CA GLN A 584 -15.09 -24.67 30.74
C GLN A 584 -14.71 -26.07 31.22
N GLU A 585 -15.19 -26.46 32.41
CA GLU A 585 -14.99 -27.80 33.01
C GLU A 585 -15.69 -28.87 32.16
N ARG A 586 -16.92 -28.59 31.70
CA ARG A 586 -17.74 -29.54 30.90
C ARG A 586 -17.24 -29.56 29.45
N THR A 587 -16.67 -28.45 28.97
CA THR A 587 -16.02 -28.34 27.64
C THR A 587 -14.71 -29.15 27.64
N GLN A 588 -13.96 -29.07 28.74
CA GLN A 588 -12.70 -29.84 28.96
C GLN A 588 -13.03 -31.33 28.99
N LYS A 589 -14.15 -31.71 29.61
CA LYS A 589 -14.64 -33.12 29.69
C LYS A 589 -14.81 -33.69 28.27
N VAL A 590 -15.43 -32.92 27.38
CA VAL A 590 -15.72 -33.32 25.97
C VAL A 590 -14.41 -33.34 25.18
N LEU A 591 -13.52 -32.37 25.42
CA LEU A 591 -12.19 -32.28 24.76
C LEU A 591 -11.33 -33.49 25.14
N ASN A 592 -11.44 -33.96 26.39
CA ASN A 592 -10.74 -35.17 26.89
C ASN A 592 -11.22 -36.40 26.09
N GLU A 593 -12.53 -36.52 25.89
CA GLU A 593 -13.18 -37.63 25.13
C GLU A 593 -12.71 -37.60 23.67
N VAL A 594 -12.57 -36.41 23.08
CA VAL A 594 -12.10 -36.20 21.68
C VAL A 594 -10.63 -36.63 21.59
N THR A 595 -9.78 -36.13 22.50
CA THR A 595 -8.34 -36.47 22.60
C THR A 595 -8.19 -37.98 22.80
N HIS A 596 -9.03 -38.58 23.64
CA HIS A 596 -9.03 -40.03 23.99
C HIS A 596 -9.19 -40.88 22.72
N TYR A 597 -10.26 -40.64 21.95
CA TYR A 597 -10.62 -41.40 20.72
C TYR A 597 -9.40 -41.54 19.81
N TYR A 598 -8.73 -40.42 19.52
CA TYR A 598 -7.61 -40.31 18.55
C TYR A 598 -6.37 -41.05 19.09
N LEU A 599 -6.11 -40.96 20.40
CA LEU A 599 -4.89 -41.53 21.04
C LEU A 599 -5.09 -43.02 21.37
N THR A 600 -6.33 -43.53 21.26
CA THR A 600 -6.69 -44.95 21.60
C THR A 600 -7.11 -45.71 20.33
N LYS A 601 -8.19 -45.27 19.66
CA LYS A 601 -8.75 -45.96 18.48
C LYS A 601 -7.85 -45.72 17.24
N GLU A 602 -7.49 -44.46 16.98
CA GLU A 602 -6.73 -44.04 15.76
C GLU A 602 -5.25 -43.81 16.11
N LYS A 603 -4.67 -44.65 16.99
CA LYS A 603 -3.25 -44.53 17.44
C LYS A 603 -2.31 -44.99 16.31
N ASN A 604 -2.82 -45.75 15.34
CA ASN A 604 -2.06 -46.22 14.15
C ASN A 604 -1.99 -45.10 13.10
N ASN A 605 -2.91 -44.13 13.14
CA ASN A 605 -3.05 -43.05 12.13
C ASN A 605 -2.63 -41.69 12.72
N VAL A 606 -3.13 -41.35 13.91
CA VAL A 606 -2.89 -40.03 14.57
C VAL A 606 -1.49 -40.04 15.21
N GLU A 607 -0.73 -38.96 15.01
CA GLU A 607 0.61 -38.74 15.62
C GLU A 607 0.44 -37.92 16.91
N SER A 608 -0.22 -36.76 16.81
CA SER A 608 -0.38 -35.78 17.92
C SER A 608 -1.79 -35.17 17.90
N VAL A 609 -2.28 -34.76 19.08
CA VAL A 609 -3.54 -33.98 19.28
C VAL A 609 -3.20 -32.75 20.14
N PHE A 610 -3.31 -31.54 19.57
CA PHE A 610 -3.17 -30.25 20.28
C PHE A 610 -4.57 -29.68 20.53
N ALA A 611 -5.16 -30.03 21.67
CA ALA A 611 -6.50 -29.60 22.12
C ALA A 611 -6.40 -28.25 22.83
N VAL A 612 -7.34 -27.35 22.56
CA VAL A 612 -7.41 -25.97 23.15
C VAL A 612 -8.84 -25.76 23.69
N ASN A 613 -8.96 -25.57 25.01
CA ASN A 613 -10.24 -25.29 25.72
C ASN A 613 -10.43 -23.76 25.79
N GLY A 614 -11.58 -23.27 25.34
CA GLY A 614 -11.97 -21.84 25.40
C GLY A 614 -11.66 -21.09 24.12
N PHE A 615 -11.27 -21.80 23.05
CA PHE A 615 -11.00 -21.22 21.71
C PHE A 615 -11.73 -22.04 20.64
N GLY A 616 -12.70 -21.41 19.96
CA GLY A 616 -13.31 -21.91 18.72
C GLY A 616 -12.60 -21.34 17.51
N PHE A 617 -12.88 -21.87 16.32
CA PHE A 617 -12.28 -21.41 15.04
C PHE A 617 -12.68 -19.95 14.78
N ALA A 618 -13.93 -19.59 15.10
CA ALA A 618 -14.52 -18.25 14.91
C ALA A 618 -15.45 -17.91 16.07
N GLY A 619 -14.98 -18.11 17.32
CA GLY A 619 -15.78 -17.85 18.53
C GLY A 619 -14.97 -18.01 19.81
N ARG A 620 -15.40 -17.33 20.88
CA ARG A 620 -14.82 -17.40 22.26
C ARG A 620 -15.90 -17.89 23.23
N GLY A 621 -15.54 -18.07 24.50
CA GLY A 621 -16.46 -18.48 25.58
C GLY A 621 -16.02 -19.77 26.24
N GLN A 622 -16.71 -20.17 27.32
CA GLN A 622 -16.42 -21.40 28.10
C GLN A 622 -16.96 -22.63 27.39
N ASN A 623 -17.89 -22.45 26.43
CA ASN A 623 -18.68 -23.54 25.81
C ASN A 623 -18.07 -23.98 24.46
N THR A 624 -16.87 -23.50 24.12
CA THR A 624 -16.24 -23.74 22.79
C THR A 624 -14.82 -24.28 22.97
N GLY A 625 -14.38 -25.13 22.03
CA GLY A 625 -13.03 -25.74 22.00
C GLY A 625 -12.69 -26.26 20.61
N ILE A 626 -11.41 -26.52 20.35
CA ILE A 626 -10.89 -27.03 19.05
C ILE A 626 -9.69 -27.96 19.32
N ALA A 627 -9.54 -28.99 18.50
CA ALA A 627 -8.42 -29.98 18.55
C ALA A 627 -7.74 -30.03 17.18
N PHE A 628 -6.44 -29.67 17.15
CA PHE A 628 -5.57 -29.74 15.95
C PHE A 628 -4.90 -31.12 15.89
N VAL A 629 -5.29 -31.95 14.92
CA VAL A 629 -4.84 -33.36 14.77
C VAL A 629 -3.80 -33.43 13.65
N SER A 630 -2.64 -34.03 13.93
CA SER A 630 -1.57 -34.36 12.95
C SER A 630 -1.49 -35.88 12.79
N LEU A 631 -1.58 -36.38 11.55
CA LEU A 631 -1.52 -37.83 11.23
C LEU A 631 -0.06 -38.25 11.04
N LYS A 632 0.21 -39.56 11.17
CA LYS A 632 1.51 -40.19 10.80
C LYS A 632 1.69 -40.04 9.28
N ASP A 633 2.91 -40.30 8.78
CA ASP A 633 3.29 -40.15 7.35
C ASP A 633 2.35 -41.00 6.48
N TRP A 634 2.14 -40.57 5.24
CA TRP A 634 1.17 -41.15 4.26
C TRP A 634 1.50 -42.62 3.99
N ALA A 635 2.79 -42.97 3.97
CA ALA A 635 3.30 -44.34 3.70
C ALA A 635 2.92 -45.29 4.85
N ASP A 636 2.91 -44.79 6.09
CA ASP A 636 2.56 -45.56 7.32
C ASP A 636 1.04 -45.77 7.40
N ARG A 637 0.26 -45.06 6.56
CA ARG A 637 -1.22 -45.15 6.50
C ARG A 637 -1.65 -45.64 5.12
N PRO A 638 -1.45 -46.95 4.80
CA PRO A 638 -1.86 -47.51 3.52
C PRO A 638 -3.37 -47.77 3.44
N GLY A 639 -3.94 -47.67 2.22
CA GLY A 639 -5.37 -47.93 1.95
C GLY A 639 -6.23 -46.69 2.15
N GLU A 640 -7.46 -46.72 1.64
CA GLU A 640 -8.42 -45.59 1.66
C GLU A 640 -8.96 -45.37 3.08
N GLU A 641 -9.10 -46.45 3.86
CA GLU A 641 -9.74 -46.45 5.20
C GLU A 641 -8.83 -45.75 6.23
N ASN A 642 -7.56 -45.53 5.90
CA ASN A 642 -6.56 -44.88 6.79
C ASN A 642 -6.26 -43.45 6.30
N LYS A 643 -7.10 -42.90 5.41
CA LYS A 643 -7.00 -41.49 4.92
C LYS A 643 -8.03 -40.64 5.67
N VAL A 644 -7.82 -39.31 5.68
CA VAL A 644 -8.57 -38.34 6.54
C VAL A 644 -10.07 -38.50 6.31
N GLU A 645 -10.48 -38.69 5.05
CA GLU A 645 -11.91 -38.84 4.63
C GLU A 645 -12.60 -39.87 5.54
N ALA A 646 -12.03 -41.08 5.63
CA ALA A 646 -12.57 -42.23 6.41
C ALA A 646 -12.37 -41.97 7.92
N ILE A 647 -11.22 -41.43 8.31
CA ILE A 647 -10.84 -41.17 9.74
C ILE A 647 -11.86 -40.20 10.35
N THR A 648 -12.14 -39.08 9.66
CA THR A 648 -13.08 -38.01 10.11
C THR A 648 -14.52 -38.53 10.07
N MET A 649 -14.87 -39.33 9.04
CA MET A 649 -16.20 -39.96 8.88
C MET A 649 -16.48 -40.89 10.08
N ARG A 650 -15.48 -41.68 10.49
CA ARG A 650 -15.54 -42.59 11.67
C ARG A 650 -15.65 -41.76 12.95
N ALA A 651 -14.75 -40.78 13.12
CA ALA A 651 -14.63 -39.92 14.31
C ALA A 651 -15.95 -39.18 14.57
N THR A 652 -16.55 -38.59 13.53
CA THR A 652 -17.82 -37.82 13.59
C THR A 652 -18.96 -38.73 14.08
N ARG A 653 -18.99 -39.98 13.61
CA ARG A 653 -20.01 -41.00 13.98
C ARG A 653 -19.83 -41.40 15.45
N ALA A 654 -18.57 -41.48 15.91
CA ALA A 654 -18.20 -41.83 17.31
C ALA A 654 -18.62 -40.71 18.26
N PHE A 655 -18.38 -39.45 17.88
CA PHE A 655 -18.59 -38.25 18.74
C PHE A 655 -20.09 -37.87 18.79
N SER A 656 -20.91 -38.41 17.89
CA SER A 656 -22.38 -38.20 17.86
C SER A 656 -23.01 -38.72 19.17
N GLN A 657 -22.38 -39.73 19.80
CA GLN A 657 -22.82 -40.33 21.08
C GLN A 657 -22.69 -39.32 22.23
N ILE A 658 -21.73 -38.39 22.14
CA ILE A 658 -21.45 -37.36 23.20
C ILE A 658 -22.68 -36.45 23.30
N LYS A 659 -23.32 -36.42 24.48
CA LYS A 659 -24.58 -35.69 24.76
C LYS A 659 -24.25 -34.26 25.23
N ASP A 660 -25.19 -33.33 25.01
CA ASP A 660 -25.10 -31.91 25.44
C ASP A 660 -23.82 -31.27 24.87
N ALA A 661 -23.45 -31.62 23.65
CA ALA A 661 -22.26 -31.12 22.92
C ALA A 661 -22.33 -31.54 21.44
N MET A 662 -21.99 -30.61 20.54
CA MET A 662 -21.87 -30.87 19.08
C MET A 662 -20.38 -30.90 18.71
N VAL A 663 -19.90 -32.03 18.20
CA VAL A 663 -18.46 -32.29 17.90
C VAL A 663 -18.34 -32.68 16.42
N PHE A 664 -17.62 -31.87 15.63
CA PHE A 664 -17.46 -32.01 14.16
C PHE A 664 -15.99 -32.19 13.80
N ALA A 665 -15.63 -33.34 13.23
CA ALA A 665 -14.32 -33.64 12.62
C ALA A 665 -14.50 -33.76 11.10
N PHE A 666 -13.76 -32.95 10.33
CA PHE A 666 -13.87 -32.88 8.84
C PHE A 666 -12.53 -32.46 8.24
N ASN A 667 -12.35 -32.75 6.95
CA ASN A 667 -11.17 -32.38 6.13
C ASN A 667 -11.47 -31.06 5.42
N LEU A 668 -10.67 -30.01 5.67
CA LEU A 668 -10.78 -28.70 4.95
C LEU A 668 -10.68 -28.97 3.45
N PRO A 669 -11.52 -28.32 2.60
CA PRO A 669 -11.54 -28.63 1.17
C PRO A 669 -10.27 -28.16 0.46
N ALA A 670 -10.18 -28.40 -0.86
CA ALA A 670 -9.10 -27.94 -1.75
C ALA A 670 -8.82 -26.46 -1.48
N ILE A 671 -9.88 -25.65 -1.42
CA ILE A 671 -9.85 -24.19 -1.07
C ILE A 671 -11.05 -23.90 -0.14
N VAL A 672 -10.78 -23.41 1.07
CA VAL A 672 -11.79 -23.16 2.15
C VAL A 672 -12.79 -22.11 1.66
N GLU A 673 -12.31 -21.08 0.96
CA GLU A 673 -13.07 -19.84 0.63
C GLU A 673 -13.95 -20.04 -0.61
N LEU A 674 -13.91 -21.22 -1.24
CA LEU A 674 -14.87 -21.63 -2.30
C LEU A 674 -16.19 -22.06 -1.63
N GLY A 675 -16.10 -22.91 -0.61
CA GLY A 675 -17.25 -23.41 0.18
C GLY A 675 -17.42 -24.91 0.04
N THR A 676 -18.38 -25.48 0.79
CA THR A 676 -18.74 -26.93 0.75
C THR A 676 -19.44 -27.21 -0.59
N ALA A 677 -19.25 -28.43 -1.12
CA ALA A 677 -19.66 -28.87 -2.48
C ALA A 677 -20.97 -28.20 -2.90
N THR A 678 -22.08 -28.50 -2.21
CA THR A 678 -23.45 -28.04 -2.53
C THR A 678 -24.14 -27.53 -1.26
N GLY A 679 -23.52 -26.58 -0.56
CA GLY A 679 -24.08 -25.87 0.60
C GLY A 679 -24.39 -24.42 0.28
N PHE A 680 -25.16 -23.74 1.14
CA PHE A 680 -25.52 -22.31 1.01
C PHE A 680 -25.32 -21.59 2.35
N ASP A 681 -25.12 -20.27 2.28
CA ASP A 681 -24.85 -19.38 3.44
C ASP A 681 -25.86 -18.22 3.42
N PHE A 682 -26.92 -18.34 4.22
CA PHE A 682 -28.10 -17.43 4.27
C PHE A 682 -27.95 -16.49 5.48
N GLU A 683 -28.39 -15.23 5.33
CA GLU A 683 -28.37 -14.18 6.38
C GLU A 683 -29.77 -13.60 6.56
N LEU A 684 -30.41 -13.87 7.70
CA LEU A 684 -31.74 -13.32 8.09
C LEU A 684 -31.53 -11.95 8.72
N ILE A 685 -32.14 -10.90 8.16
CA ILE A 685 -31.87 -9.47 8.49
C ILE A 685 -33.07 -8.86 9.22
N ASP A 686 -32.80 -8.08 10.28
CA ASP A 686 -33.79 -7.21 10.98
C ASP A 686 -33.74 -5.83 10.30
N GLN A 687 -34.66 -5.60 9.35
CA GLN A 687 -34.64 -4.44 8.41
C GLN A 687 -35.42 -3.25 9.00
N ALA A 688 -36.26 -3.48 10.02
CA ALA A 688 -37.25 -2.51 10.54
C ALA A 688 -37.07 -2.27 12.05
N GLY A 689 -35.91 -2.62 12.60
CA GLY A 689 -35.59 -2.44 14.04
C GLY A 689 -36.57 -3.17 14.94
N LEU A 690 -36.87 -4.44 14.62
CA LEU A 690 -37.81 -5.31 15.37
C LEU A 690 -37.22 -5.64 16.75
N GLY A 691 -35.97 -6.14 16.78
CA GLY A 691 -35.26 -6.55 18.00
C GLY A 691 -34.71 -7.96 17.88
N HIS A 692 -34.11 -8.48 18.95
CA HIS A 692 -33.48 -9.83 19.00
C HIS A 692 -34.58 -10.90 19.10
N GLU A 693 -35.54 -10.74 20.02
CA GLU A 693 -36.63 -11.71 20.31
C GLU A 693 -37.45 -11.94 19.03
N LYS A 694 -37.91 -10.87 18.39
CA LYS A 694 -38.77 -10.93 17.17
C LYS A 694 -38.00 -11.55 16.00
N LEU A 695 -36.69 -11.28 15.89
CA LEU A 695 -35.80 -11.88 14.86
C LEU A 695 -35.58 -13.36 15.17
N THR A 696 -35.43 -13.71 16.45
CA THR A 696 -35.29 -15.11 16.93
C THR A 696 -36.53 -15.92 16.53
N GLN A 697 -37.72 -15.32 16.66
CA GLN A 697 -39.03 -15.92 16.30
C GLN A 697 -39.09 -16.14 14.78
N ALA A 698 -38.72 -15.13 14.00
CA ALA A 698 -38.66 -15.17 12.52
C ALA A 698 -37.76 -16.32 12.05
N ARG A 699 -36.60 -16.49 12.71
CA ARG A 699 -35.61 -17.55 12.42
C ARG A 699 -36.24 -18.93 12.70
N ASN A 700 -36.86 -19.09 13.87
CA ASN A 700 -37.52 -20.36 14.31
C ASN A 700 -38.61 -20.75 13.30
N GLN A 701 -39.39 -19.77 12.83
CA GLN A 701 -40.49 -19.95 11.84
C GLN A 701 -39.91 -20.44 10.50
N LEU A 702 -38.74 -19.91 10.10
CA LEU A 702 -38.05 -20.28 8.84
C LEU A 702 -37.47 -21.70 8.97
N LEU A 703 -36.77 -21.98 10.07
CA LEU A 703 -36.17 -23.32 10.37
C LEU A 703 -37.26 -24.38 10.37
N ALA A 704 -38.43 -24.06 10.93
CA ALA A 704 -39.62 -24.93 11.01
C ALA A 704 -40.06 -25.34 9.59
N GLU A 705 -40.24 -24.36 8.70
CA GLU A 705 -40.72 -24.56 7.30
C GLU A 705 -39.68 -25.32 6.48
N ALA A 706 -38.38 -25.07 6.71
CA ALA A 706 -37.25 -25.71 6.01
C ALA A 706 -37.20 -27.21 6.31
N ALA A 707 -37.59 -27.60 7.54
CA ALA A 707 -37.64 -29.00 8.01
C ALA A 707 -38.81 -29.75 7.34
N LYS A 708 -39.83 -29.02 6.86
CA LYS A 708 -41.03 -29.57 6.19
C LYS A 708 -40.76 -29.81 4.70
N HIS A 709 -39.51 -29.60 4.25
CA HIS A 709 -39.06 -29.83 2.85
C HIS A 709 -37.75 -30.62 2.85
N PRO A 710 -37.74 -31.89 3.33
CA PRO A 710 -36.56 -32.76 3.20
C PRO A 710 -36.22 -33.11 1.75
N ASP A 711 -37.21 -33.06 0.86
CA ASP A 711 -37.07 -33.32 -0.61
C ASP A 711 -36.12 -32.29 -1.24
N MET A 712 -36.07 -31.07 -0.70
CA MET A 712 -35.32 -29.91 -1.29
C MET A 712 -34.13 -29.52 -0.40
N LEU A 713 -34.36 -29.35 0.91
CA LEU A 713 -33.38 -28.74 1.85
C LEU A 713 -32.94 -29.77 2.90
N THR A 714 -31.64 -29.75 3.26
CA THR A 714 -30.99 -30.67 4.23
C THR A 714 -30.22 -29.85 5.28
N SER A 715 -30.45 -30.13 6.56
CA SER A 715 -29.70 -29.60 7.73
C SER A 715 -29.71 -28.07 7.74
N VAL A 716 -30.86 -27.45 7.48
CA VAL A 716 -31.04 -25.97 7.59
C VAL A 716 -31.01 -25.61 9.08
N ARG A 717 -29.96 -24.89 9.50
CA ARG A 717 -29.57 -24.71 10.93
C ARG A 717 -28.99 -23.32 11.14
N PRO A 718 -29.12 -22.73 12.34
CA PRO A 718 -28.47 -21.45 12.66
C PRO A 718 -27.00 -21.62 13.01
N ASN A 719 -26.14 -20.72 12.51
CA ASN A 719 -24.70 -20.63 12.88
C ASN A 719 -24.58 -19.57 13.99
N GLY A 720 -25.27 -19.78 15.10
CA GLY A 720 -25.32 -18.87 16.26
C GLY A 720 -25.65 -19.62 17.54
N LEU A 721 -25.70 -18.89 18.67
CA LEU A 721 -25.99 -19.44 20.02
C LEU A 721 -27.39 -19.01 20.48
N GLU A 722 -28.05 -19.85 21.27
CA GLU A 722 -29.39 -19.57 21.87
C GLU A 722 -29.20 -18.67 23.08
N ASP A 723 -30.26 -17.96 23.48
CA ASP A 723 -30.27 -17.07 24.68
C ASP A 723 -30.08 -17.92 25.93
N THR A 724 -29.46 -17.34 26.97
CA THR A 724 -29.17 -18.00 28.28
C THR A 724 -29.66 -17.09 29.41
N PRO A 725 -29.98 -17.66 30.60
CA PRO A 725 -30.33 -16.84 31.76
C PRO A 725 -29.23 -15.82 32.10
N GLN A 726 -29.62 -14.56 32.36
CA GLN A 726 -28.71 -13.46 32.75
C GLN A 726 -29.21 -12.85 34.08
N PHE A 727 -28.26 -12.46 34.94
CA PHE A 727 -28.53 -11.89 36.29
C PHE A 727 -28.69 -10.37 36.16
N LYS A 728 -29.92 -9.91 35.92
CA LYS A 728 -30.28 -8.47 35.80
C LYS A 728 -30.28 -7.84 37.20
N ILE A 729 -29.55 -6.73 37.37
CA ILE A 729 -29.42 -5.98 38.65
C ILE A 729 -29.69 -4.49 38.38
N ASP A 730 -30.72 -3.93 39.01
CA ASP A 730 -31.17 -2.52 38.85
C ASP A 730 -30.66 -1.69 40.04
N ILE A 731 -29.91 -0.63 39.76
CA ILE A 731 -29.42 0.35 40.78
C ILE A 731 -30.53 1.38 41.03
N ASP A 732 -31.15 1.34 42.22
CA ASP A 732 -32.19 2.32 42.63
C ASP A 732 -31.51 3.67 42.87
N GLN A 733 -31.67 4.61 41.94
CA GLN A 733 -30.97 5.92 41.90
C GLN A 733 -31.35 6.76 43.13
N GLU A 734 -32.62 6.71 43.55
CA GLU A 734 -33.14 7.49 44.71
C GLU A 734 -32.43 7.06 46.00
N LYS A 735 -32.38 5.75 46.27
CA LYS A 735 -31.82 5.18 47.52
C LYS A 735 -30.30 5.41 47.56
N ALA A 736 -29.64 5.40 46.40
CA ALA A 736 -28.20 5.73 46.23
C ALA A 736 -27.96 7.19 46.63
N GLN A 737 -28.78 8.11 46.09
CA GLN A 737 -28.73 9.56 46.38
C GLN A 737 -29.13 9.82 47.83
N ALA A 738 -30.03 9.00 48.39
CA ALA A 738 -30.53 9.09 49.78
C ALA A 738 -29.39 8.84 50.77
N LEU A 739 -28.63 7.74 50.56
CA LEU A 739 -27.55 7.29 51.46
C LEU A 739 -26.25 8.05 51.15
N GLY A 740 -26.17 8.72 49.98
CA GLY A 740 -24.99 9.47 49.53
C GLY A 740 -23.94 8.55 48.94
N VAL A 741 -24.36 7.57 48.14
CA VAL A 741 -23.48 6.62 47.40
C VAL A 741 -23.45 7.06 45.93
N SER A 742 -22.28 7.46 45.42
CA SER A 742 -22.07 7.88 44.02
C SER A 742 -22.23 6.66 43.09
N ILE A 743 -22.77 6.88 41.89
CA ILE A 743 -23.07 5.78 40.91
C ILE A 743 -21.74 5.30 40.31
N ASN A 744 -20.73 6.19 40.26
CA ASN A 744 -19.34 5.89 39.82
C ASN A 744 -18.75 4.81 40.72
N ASP A 745 -18.83 4.99 42.04
CA ASP A 745 -18.30 4.04 43.07
C ASP A 745 -19.01 2.70 42.94
N ILE A 746 -20.34 2.71 42.75
CA ILE A 746 -21.20 1.50 42.65
C ILE A 746 -20.77 0.67 41.44
N ASN A 747 -20.79 1.27 40.24
CA ASN A 747 -20.53 0.59 38.94
C ASN A 747 -19.08 0.12 38.89
N THR A 748 -18.13 0.91 39.40
CA THR A 748 -16.68 0.56 39.51
C THR A 748 -16.53 -0.67 40.42
N THR A 749 -17.13 -0.63 41.62
CA THR A 749 -17.11 -1.71 42.63
C THR A 749 -17.68 -3.00 42.02
N LEU A 750 -18.81 -2.90 41.32
CA LEU A 750 -19.48 -4.03 40.63
C LEU A 750 -18.58 -4.54 39.49
N GLY A 751 -18.18 -3.64 38.59
CA GLY A 751 -17.40 -3.96 37.38
C GLY A 751 -16.04 -4.54 37.69
N ALA A 752 -15.29 -3.90 38.61
CA ALA A 752 -13.92 -4.29 39.01
C ALA A 752 -13.93 -5.69 39.63
N ALA A 753 -14.78 -5.91 40.64
CA ALA A 753 -14.91 -7.17 41.40
C ALA A 753 -15.27 -8.32 40.44
N TRP A 754 -16.41 -8.21 39.76
CA TRP A 754 -17.05 -9.31 39.00
C TRP A 754 -16.48 -9.42 37.58
N GLY A 755 -16.15 -8.30 36.94
CA GLY A 755 -15.66 -8.23 35.55
C GLY A 755 -14.14 -8.21 35.47
N GLY A 756 -13.50 -7.41 36.32
CA GLY A 756 -12.04 -7.16 36.31
C GLY A 756 -11.71 -5.81 35.72
N SER A 757 -10.70 -5.12 36.27
CA SER A 757 -10.26 -3.76 35.86
C SER A 757 -8.75 -3.74 35.63
N TYR A 758 -8.33 -3.52 34.38
CA TYR A 758 -6.92 -3.28 33.97
C TYR A 758 -6.51 -1.88 34.46
N VAL A 759 -5.87 -1.81 35.62
CA VAL A 759 -5.56 -0.55 36.36
C VAL A 759 -4.45 0.20 35.62
N ASN A 760 -3.26 -0.39 35.56
CA ASN A 760 -2.05 0.22 34.91
C ASN A 760 -1.04 -0.90 34.61
N ASP A 761 0.16 -0.53 34.15
CA ASP A 761 1.24 -1.48 33.76
C ASP A 761 2.29 -1.60 34.87
N PHE A 762 3.05 -2.70 34.85
CA PHE A 762 4.20 -2.99 35.75
C PHE A 762 5.26 -3.75 34.94
N ILE A 763 6.50 -3.80 35.44
CA ILE A 763 7.64 -4.49 34.76
C ILE A 763 7.86 -5.85 35.42
N ASP A 764 7.74 -6.94 34.66
CA ASP A 764 7.96 -8.34 35.10
C ASP A 764 9.20 -8.90 34.40
N ARG A 765 10.33 -8.94 35.11
CA ARG A 765 11.66 -9.37 34.58
C ARG A 765 11.98 -8.58 33.30
N GLY A 766 11.89 -7.25 33.38
CA GLY A 766 12.30 -6.31 32.32
C GLY A 766 11.39 -6.33 31.10
N ARG A 767 10.10 -6.62 31.28
CA ARG A 767 9.06 -6.53 30.21
C ARG A 767 7.79 -5.90 30.78
N VAL A 768 7.22 -4.92 30.07
CA VAL A 768 5.94 -4.22 30.44
C VAL A 768 4.80 -5.24 30.35
N LYS A 769 4.09 -5.44 31.47
CA LYS A 769 2.90 -6.33 31.57
C LYS A 769 1.80 -5.61 32.36
N LYS A 770 0.60 -6.19 32.39
CA LYS A 770 -0.64 -5.53 32.91
C LYS A 770 -0.81 -5.79 34.42
N VAL A 771 -1.55 -4.92 35.10
CA VAL A 771 -2.02 -5.08 36.51
C VAL A 771 -3.55 -5.14 36.49
N TYR A 772 -4.13 -6.28 36.86
CA TYR A 772 -5.59 -6.53 36.90
C TYR A 772 -6.08 -6.60 38.35
N VAL A 773 -7.09 -5.79 38.68
CA VAL A 773 -7.85 -5.85 39.97
C VAL A 773 -9.18 -6.57 39.69
N MET A 774 -9.51 -7.57 40.49
CA MET A 774 -10.70 -8.43 40.33
C MET A 774 -10.96 -9.20 41.64
N SER A 775 -12.20 -9.65 41.85
CA SER A 775 -12.60 -10.50 43.00
C SER A 775 -11.95 -11.87 42.89
N GLU A 776 -11.57 -12.46 44.02
CA GLU A 776 -11.14 -13.88 44.11
C GLU A 776 -12.36 -14.76 43.78
N ALA A 777 -12.16 -15.83 43.00
CA ALA A 777 -13.21 -16.69 42.42
C ALA A 777 -14.38 -16.87 43.41
N LYS A 778 -14.07 -17.26 44.65
CA LYS A 778 -15.05 -17.72 45.68
C LYS A 778 -16.09 -16.64 46.00
N TYR A 779 -15.83 -15.36 45.71
CA TYR A 779 -16.72 -14.22 46.03
C TYR A 779 -17.43 -13.68 44.78
N ARG A 780 -17.30 -14.35 43.63
CA ARG A 780 -17.96 -13.94 42.35
C ARG A 780 -18.48 -15.17 41.61
N MET A 781 -19.04 -16.14 42.35
CA MET A 781 -19.58 -17.42 41.80
C MET A 781 -21.11 -17.46 41.96
N LEU A 782 -21.63 -17.07 43.12
CA LEU A 782 -23.07 -17.18 43.50
C LEU A 782 -23.75 -15.81 43.41
N PRO A 783 -25.04 -15.76 43.00
CA PRO A 783 -25.84 -14.53 43.11
C PRO A 783 -25.90 -13.90 44.50
N ASP A 784 -25.84 -14.71 45.57
CA ASP A 784 -25.91 -14.26 46.99
C ASP A 784 -24.62 -13.51 47.37
N ASP A 785 -23.55 -13.65 46.59
CA ASP A 785 -22.24 -12.99 46.83
C ASP A 785 -22.31 -11.50 46.47
N ILE A 786 -23.36 -11.06 45.77
CA ILE A 786 -23.56 -9.64 45.36
C ILE A 786 -23.67 -8.77 46.63
N GLY A 787 -24.40 -9.25 47.63
CA GLY A 787 -24.64 -8.55 48.91
C GLY A 787 -23.40 -8.47 49.78
N ASP A 788 -22.41 -9.34 49.55
CA ASP A 788 -21.12 -9.39 50.31
C ASP A 788 -20.29 -8.14 50.03
N TRP A 789 -20.53 -7.44 48.92
CA TRP A 789 -19.77 -6.26 48.46
C TRP A 789 -20.37 -4.97 49.05
N TYR A 790 -19.50 -4.11 49.61
CA TYR A 790 -19.87 -2.85 50.31
C TYR A 790 -19.24 -1.66 49.58
N VAL A 791 -19.96 -0.53 49.54
CA VAL A 791 -19.54 0.75 48.93
C VAL A 791 -19.60 1.84 50.01
N ARG A 792 -18.54 2.63 50.16
CA ARG A 792 -18.44 3.72 51.18
C ARG A 792 -19.22 4.94 50.67
N ALA A 793 -20.14 5.45 51.49
CA ALA A 793 -20.93 6.68 51.23
C ALA A 793 -20.10 7.91 51.58
N ALA A 794 -20.62 9.11 51.28
CA ALA A 794 -19.98 10.42 51.56
C ALA A 794 -19.90 10.64 53.08
N ASP A 795 -20.88 10.14 53.84
CA ASP A 795 -20.98 10.30 55.31
C ASP A 795 -19.92 9.42 56.00
N GLY A 796 -19.45 8.35 55.32
CA GLY A 796 -18.35 7.49 55.77
C GLY A 796 -18.80 6.06 56.04
N GLN A 797 -20.11 5.81 56.10
CA GLN A 797 -20.71 4.48 56.44
C GLN A 797 -20.62 3.55 55.22
N MET A 798 -20.31 2.27 55.47
CA MET A 798 -20.25 1.20 54.44
C MET A 798 -21.68 0.68 54.18
N VAL A 799 -22.06 0.57 52.91
CA VAL A 799 -23.43 0.20 52.45
C VAL A 799 -23.33 -1.06 51.59
N PRO A 800 -24.10 -2.13 51.89
CA PRO A 800 -24.11 -3.33 51.04
C PRO A 800 -24.96 -3.09 49.78
N PHE A 801 -24.63 -3.79 48.69
CA PHE A 801 -25.35 -3.72 47.39
C PHE A 801 -26.84 -4.01 47.59
N SER A 802 -27.17 -4.88 48.54
CA SER A 802 -28.55 -5.28 48.92
C SER A 802 -29.41 -4.05 49.24
N ALA A 803 -28.82 -2.99 49.78
CA ALA A 803 -29.52 -1.77 50.28
C ALA A 803 -30.09 -0.94 49.11
N PHE A 804 -29.34 -0.81 48.00
CA PHE A 804 -29.64 0.14 46.89
C PHE A 804 -29.79 -0.57 45.54
N SER A 805 -30.01 -1.90 45.53
CA SER A 805 -30.14 -2.70 44.29
C SER A 805 -31.21 -3.79 44.45
N SER A 806 -31.70 -4.30 43.30
CA SER A 806 -32.67 -5.41 43.18
C SER A 806 -32.27 -6.31 41.99
N SER A 807 -32.50 -7.62 42.10
CA SER A 807 -32.04 -8.65 41.13
C SER A 807 -33.22 -9.49 40.63
N ARG A 808 -33.08 -10.06 39.42
CA ARG A 808 -34.05 -11.01 38.80
C ARG A 808 -33.37 -11.71 37.61
N TRP A 809 -33.82 -12.92 37.28
CA TRP A 809 -33.37 -13.70 36.09
C TRP A 809 -34.20 -13.29 34.87
N GLU A 810 -33.54 -13.04 33.74
CA GLU A 810 -34.18 -12.86 32.41
C GLU A 810 -33.16 -13.22 31.33
N TYR A 811 -33.64 -13.77 30.20
CA TYR A 811 -32.79 -14.33 29.11
C TYR A 811 -32.23 -13.19 28.24
N GLY A 812 -31.07 -13.45 27.63
CA GLY A 812 -30.36 -12.53 26.71
C GLY A 812 -29.31 -13.25 25.89
N SER A 813 -28.85 -12.63 24.81
CA SER A 813 -27.95 -13.24 23.79
C SER A 813 -26.51 -13.24 24.28
N PRO A 814 -25.80 -14.40 24.18
CA PRO A 814 -24.35 -14.44 24.40
C PRO A 814 -23.52 -14.16 23.13
N ARG A 815 -24.18 -14.03 21.97
CA ARG A 815 -23.55 -13.72 20.66
C ARG A 815 -24.58 -13.05 19.74
N LEU A 816 -24.48 -11.72 19.57
CA LEU A 816 -25.35 -10.92 18.66
C LEU A 816 -24.63 -10.75 17.31
N GLU A 817 -25.23 -11.29 16.24
CA GLU A 817 -24.69 -11.24 14.85
C GLU A 817 -25.25 -10.01 14.14
N ARG A 818 -24.45 -9.36 13.30
CA ARG A 818 -24.86 -8.23 12.42
C ARG A 818 -24.26 -8.44 11.02
N TYR A 819 -25.06 -8.21 9.97
CA TYR A 819 -24.64 -8.31 8.55
C TYR A 819 -24.95 -6.99 7.84
N ASN A 820 -23.91 -6.35 7.30
CA ASN A 820 -23.96 -5.03 6.59
C ASN A 820 -24.58 -3.98 7.52
N GLY A 821 -24.22 -4.00 8.81
CA GLY A 821 -24.55 -2.95 9.79
C GLY A 821 -25.86 -3.19 10.53
N LEU A 822 -26.70 -4.11 10.05
CA LEU A 822 -28.05 -4.41 10.62
C LEU A 822 -27.99 -5.70 11.45
N PRO A 823 -28.85 -5.86 12.48
CA PRO A 823 -28.95 -7.12 13.21
C PRO A 823 -29.31 -8.28 12.27
N SER A 824 -28.57 -9.39 12.36
CA SER A 824 -28.67 -10.56 11.44
C SER A 824 -28.63 -11.88 12.22
N MET A 825 -28.89 -12.98 11.52
CA MET A 825 -28.72 -14.38 12.01
C MET A 825 -28.34 -15.29 10.84
N GLU A 826 -27.13 -15.85 10.88
CA GLU A 826 -26.55 -16.69 9.80
C GLU A 826 -27.19 -18.09 9.86
N ILE A 827 -27.70 -18.56 8.71
CA ILE A 827 -28.36 -19.89 8.55
C ILE A 827 -27.61 -20.66 7.45
N LEU A 828 -27.16 -21.87 7.78
CA LEU A 828 -26.41 -22.78 6.85
C LEU A 828 -27.29 -23.99 6.52
N GLY A 829 -27.06 -24.60 5.36
CA GLY A 829 -27.81 -25.79 4.88
C GLY A 829 -27.29 -26.27 3.54
N GLN A 830 -27.69 -27.48 3.14
CA GLN A 830 -27.30 -28.13 1.85
C GLN A 830 -28.56 -28.37 1.00
N ALA A 831 -28.41 -28.32 -0.32
CA ALA A 831 -29.41 -28.80 -1.31
C ALA A 831 -29.53 -30.32 -1.17
N ALA A 832 -30.76 -30.85 -1.14
CA ALA A 832 -31.07 -32.28 -0.94
C ALA A 832 -30.41 -33.11 -2.05
N PRO A 833 -30.14 -34.41 -1.81
CA PRO A 833 -29.51 -35.26 -2.83
C PRO A 833 -30.26 -35.26 -4.17
N GLY A 834 -29.54 -35.02 -5.27
CA GLY A 834 -30.10 -34.92 -6.63
C GLY A 834 -30.36 -33.48 -7.04
N LYS A 835 -30.96 -32.70 -6.14
CA LYS A 835 -31.28 -31.25 -6.34
C LYS A 835 -29.98 -30.43 -6.36
N SER A 836 -29.98 -29.32 -7.09
CA SER A 836 -28.85 -28.36 -7.20
C SER A 836 -28.99 -27.27 -6.14
N THR A 837 -27.92 -26.52 -5.88
CA THR A 837 -27.87 -25.39 -4.92
C THR A 837 -28.81 -24.27 -5.38
N GLY A 838 -28.97 -24.11 -6.70
CA GLY A 838 -29.88 -23.11 -7.32
C GLY A 838 -31.33 -23.34 -6.92
N GLU A 839 -31.78 -24.59 -6.92
CA GLU A 839 -33.17 -25.00 -6.55
C GLU A 839 -33.39 -24.74 -5.05
N ALA A 840 -32.41 -25.11 -4.21
CA ALA A 840 -32.44 -24.98 -2.74
C ALA A 840 -32.61 -23.52 -2.34
N MET A 841 -31.75 -22.64 -2.86
CA MET A 841 -31.72 -21.18 -2.53
C MET A 841 -33.04 -20.53 -2.96
N GLU A 842 -33.60 -20.94 -4.11
CA GLU A 842 -34.87 -20.39 -4.68
C GLU A 842 -36.01 -20.59 -3.67
N LEU A 843 -36.08 -21.78 -3.06
CA LEU A 843 -37.13 -22.14 -2.05
C LEU A 843 -36.87 -21.35 -0.75
N MET A 844 -35.61 -21.26 -0.31
CA MET A 844 -35.19 -20.51 0.89
C MET A 844 -35.66 -19.06 0.78
N GLU A 845 -35.55 -18.47 -0.42
CA GLU A 845 -36.02 -17.09 -0.74
C GLU A 845 -37.56 -17.02 -0.62
N GLN A 846 -38.26 -18.04 -1.12
CA GLN A 846 -39.75 -18.13 -1.09
C GLN A 846 -40.22 -18.19 0.36
N LEU A 847 -39.63 -19.07 1.18
CA LEU A 847 -39.97 -19.25 2.62
C LEU A 847 -39.61 -17.98 3.40
N ALA A 848 -38.50 -17.32 3.02
CA ALA A 848 -38.01 -16.05 3.62
C ALA A 848 -39.01 -14.92 3.35
N SER A 849 -39.69 -14.95 2.21
CA SER A 849 -40.67 -13.92 1.76
C SER A 849 -41.94 -13.97 2.61
N LYS A 850 -42.29 -15.14 3.15
CA LYS A 850 -43.54 -15.39 3.92
C LYS A 850 -43.33 -15.15 5.41
N LEU A 851 -42.19 -14.55 5.81
CA LEU A 851 -41.83 -14.27 7.23
C LEU A 851 -42.52 -13.00 7.69
N PRO A 852 -42.52 -12.70 9.01
CA PRO A 852 -43.12 -11.47 9.54
C PRO A 852 -42.59 -10.18 8.89
N THR A 853 -43.34 -9.08 9.02
CA THR A 853 -43.02 -7.74 8.46
C THR A 853 -41.74 -7.20 9.13
N GLY A 854 -40.87 -6.58 8.33
CA GLY A 854 -39.60 -5.98 8.79
C GLY A 854 -38.45 -6.97 8.79
N VAL A 855 -38.69 -8.20 8.34
CA VAL A 855 -37.67 -9.30 8.28
C VAL A 855 -37.30 -9.53 6.81
N GLY A 856 -36.09 -9.12 6.42
CA GLY A 856 -35.49 -9.37 5.08
C GLY A 856 -34.45 -10.46 5.13
N TYR A 857 -33.67 -10.62 4.06
CA TYR A 857 -32.61 -11.65 3.95
C TYR A 857 -31.53 -11.19 2.95
N ASP A 858 -30.47 -11.99 2.83
CA ASP A 858 -29.33 -11.78 1.89
C ASP A 858 -28.49 -13.05 1.82
N TRP A 859 -27.67 -13.19 0.76
CA TRP A 859 -26.70 -14.30 0.56
C TRP A 859 -25.28 -13.77 0.78
N THR A 860 -24.43 -14.54 1.47
CA THR A 860 -23.02 -14.19 1.80
C THR A 860 -22.10 -15.36 1.46
N GLY A 861 -20.78 -15.11 1.50
CA GLY A 861 -19.72 -16.13 1.36
C GLY A 861 -19.84 -16.91 0.06
N MET A 862 -20.02 -18.23 0.17
CA MET A 862 -20.07 -19.19 -0.98
C MET A 862 -21.32 -18.94 -1.84
N SER A 863 -22.40 -18.44 -1.23
CA SER A 863 -23.71 -18.16 -1.90
C SER A 863 -23.65 -16.85 -2.68
N TYR A 864 -22.81 -15.90 -2.25
CA TYR A 864 -22.63 -14.56 -2.87
C TYR A 864 -21.98 -14.70 -4.25
N GLN A 865 -20.91 -15.51 -4.34
CA GLN A 865 -20.07 -15.69 -5.55
C GLN A 865 -20.58 -16.87 -6.40
N GLU A 866 -21.57 -17.62 -5.90
CA GLU A 866 -22.22 -18.74 -6.62
C GLU A 866 -23.12 -18.16 -7.73
N ARG A 867 -24.03 -17.26 -7.35
CA ARG A 867 -25.03 -16.61 -8.23
C ARG A 867 -24.37 -15.49 -9.06
N LEU A 868 -23.15 -15.08 -8.72
CA LEU A 868 -22.34 -14.08 -9.48
C LEU A 868 -22.07 -14.65 -10.88
N SER A 869 -23.07 -14.55 -11.77
CA SER A 869 -23.06 -15.07 -13.17
C SER A 869 -22.44 -16.47 -13.20
N GLY A 870 -21.35 -16.66 -13.96
CA GLY A 870 -20.66 -17.97 -14.10
C GLY A 870 -21.27 -18.81 -15.21
N ASN A 871 -20.80 -20.05 -15.36
CA ASN A 871 -21.26 -21.04 -16.37
C ASN A 871 -20.97 -20.48 -17.77
N GLN A 872 -19.69 -20.48 -18.17
CA GLN A 872 -19.22 -20.05 -19.52
C GLN A 872 -18.51 -21.25 -20.19
N ALA A 873 -19.08 -22.45 -20.04
CA ALA A 873 -18.51 -23.73 -20.52
C ALA A 873 -18.89 -23.97 -21.98
N PRO A 874 -20.19 -23.91 -22.38
CA PRO A 874 -20.54 -23.95 -23.80
C PRO A 874 -19.99 -22.73 -24.56
N SER A 875 -19.98 -21.56 -23.92
CA SER A 875 -19.61 -20.25 -24.49
C SER A 875 -18.17 -20.26 -25.03
N LEU A 876 -17.21 -20.69 -24.22
CA LEU A 876 -15.75 -20.56 -24.50
C LEU A 876 -15.24 -21.74 -25.34
N TYR A 877 -15.87 -22.92 -25.22
CA TYR A 877 -15.52 -24.12 -26.03
C TYR A 877 -16.29 -24.09 -27.36
N ALA A 878 -17.25 -23.18 -27.51
CA ALA A 878 -17.96 -22.91 -28.79
C ALA A 878 -17.01 -22.18 -29.75
N ILE A 879 -16.33 -21.13 -29.27
CA ILE A 879 -15.33 -20.36 -30.06
C ILE A 879 -14.09 -21.23 -30.28
N SER A 880 -13.76 -22.09 -29.31
CA SER A 880 -12.61 -23.04 -29.37
C SER A 880 -12.71 -23.89 -30.63
N LEU A 881 -13.89 -24.46 -30.89
CA LEU A 881 -14.20 -25.21 -32.14
C LEU A 881 -14.09 -24.29 -33.35
N ILE A 882 -14.76 -23.13 -33.29
CA ILE A 882 -14.89 -22.15 -34.40
C ILE A 882 -13.50 -21.63 -34.79
N VAL A 883 -12.67 -21.25 -33.80
CA VAL A 883 -11.30 -20.71 -34.02
C VAL A 883 -10.39 -21.83 -34.55
N VAL A 884 -10.54 -23.05 -34.02
CA VAL A 884 -9.79 -24.26 -34.47
C VAL A 884 -10.18 -24.57 -35.92
N PHE A 885 -11.48 -24.57 -36.22
CA PHE A 885 -12.06 -24.80 -37.57
C PHE A 885 -11.45 -23.79 -38.56
N LEU A 886 -11.43 -22.50 -38.18
CA LEU A 886 -10.88 -21.39 -39.00
C LEU A 886 -9.38 -21.61 -39.23
N CYS A 887 -8.63 -21.91 -38.18
CA CYS A 887 -7.16 -22.13 -38.21
C CYS A 887 -6.81 -23.26 -39.18
N LEU A 888 -7.63 -24.33 -39.20
CA LEU A 888 -7.45 -25.50 -40.10
C LEU A 888 -7.73 -25.09 -41.55
N ALA A 889 -8.78 -24.28 -41.77
CA ALA A 889 -9.21 -23.77 -43.10
C ALA A 889 -8.07 -22.99 -43.76
N ALA A 890 -7.28 -22.27 -42.96
CA ALA A 890 -6.10 -21.48 -43.40
C ALA A 890 -4.94 -22.42 -43.78
N LEU A 891 -4.74 -23.48 -43.00
CA LEU A 891 -3.61 -24.45 -43.15
C LEU A 891 -3.75 -25.20 -44.49
N TYR A 892 -4.96 -25.66 -44.82
CA TYR A 892 -5.26 -26.52 -45.99
C TYR A 892 -5.76 -25.68 -47.18
N GLU A 893 -6.33 -24.51 -46.92
CA GLU A 893 -7.03 -23.66 -47.93
C GLU A 893 -8.27 -24.43 -48.41
N SER A 894 -9.20 -24.68 -47.49
CA SER A 894 -10.46 -25.44 -47.72
C SER A 894 -11.40 -25.28 -46.52
N TRP A 895 -12.70 -25.06 -46.78
CA TRP A 895 -13.75 -24.89 -45.75
C TRP A 895 -14.29 -26.26 -45.30
N SER A 896 -13.90 -27.34 -45.99
CA SER A 896 -14.47 -28.71 -45.83
C SER A 896 -13.45 -29.66 -45.17
N ILE A 897 -12.18 -29.60 -45.58
CA ILE A 897 -11.10 -30.55 -45.15
C ILE A 897 -10.94 -30.52 -43.63
N PRO A 898 -10.98 -29.35 -42.95
CA PRO A 898 -10.90 -29.30 -41.49
C PRO A 898 -11.75 -30.35 -40.75
N PHE A 899 -12.95 -30.66 -41.26
CA PHE A 899 -13.90 -31.64 -40.68
C PHE A 899 -13.25 -33.03 -40.60
N SER A 900 -12.35 -33.35 -41.54
CA SER A 900 -11.58 -34.62 -41.58
C SER A 900 -10.72 -34.76 -40.30
N VAL A 901 -10.22 -33.63 -39.79
CA VAL A 901 -9.39 -33.56 -38.54
C VAL A 901 -10.32 -33.48 -37.32
N MET A 902 -11.30 -32.58 -37.34
CA MET A 902 -12.12 -32.17 -36.16
C MET A 902 -12.97 -33.35 -35.64
N LEU A 903 -13.26 -34.35 -36.48
CA LEU A 903 -14.15 -35.50 -36.15
C LEU A 903 -13.40 -36.55 -35.30
N VAL A 904 -12.14 -36.30 -34.93
CA VAL A 904 -11.31 -37.23 -34.09
C VAL A 904 -11.50 -36.89 -32.61
N VAL A 905 -12.08 -35.73 -32.29
CA VAL A 905 -12.25 -35.21 -30.89
C VAL A 905 -12.89 -36.31 -30.05
N PRO A 906 -14.05 -36.89 -30.45
CA PRO A 906 -14.74 -37.90 -29.64
C PRO A 906 -13.95 -39.21 -29.41
N LEU A 907 -13.02 -39.55 -30.30
CA LEU A 907 -12.21 -40.81 -30.24
C LEU A 907 -11.37 -40.81 -28.96
N GLY A 908 -10.95 -39.63 -28.48
CA GLY A 908 -10.18 -39.45 -27.23
C GLY A 908 -11.07 -39.25 -26.02
N VAL A 909 -12.26 -38.69 -26.20
CA VAL A 909 -13.22 -38.36 -25.10
C VAL A 909 -13.83 -39.67 -24.56
N ILE A 910 -14.12 -40.64 -25.44
CA ILE A 910 -14.79 -41.92 -25.08
C ILE A 910 -13.90 -42.71 -24.12
N GLY A 911 -12.58 -42.75 -24.37
CA GLY A 911 -11.60 -43.46 -23.53
C GLY A 911 -11.45 -42.80 -22.18
N ALA A 912 -11.42 -41.47 -22.14
CA ALA A 912 -11.31 -40.63 -20.92
C ALA A 912 -12.53 -40.89 -20.02
N LEU A 913 -13.74 -40.82 -20.60
CA LEU A 913 -15.03 -40.99 -19.87
C LEU A 913 -15.16 -42.43 -19.35
N LEU A 914 -14.69 -43.42 -20.11
CA LEU A 914 -14.71 -44.86 -19.71
C LEU A 914 -13.78 -45.06 -18.50
N ALA A 915 -12.53 -44.60 -18.61
CA ALA A 915 -11.49 -44.69 -17.56
C ALA A 915 -11.93 -43.91 -16.31
N ALA A 916 -12.64 -42.79 -16.50
CA ALA A 916 -13.16 -41.91 -15.43
C ALA A 916 -14.30 -42.62 -14.68
N THR A 917 -15.25 -43.20 -15.42
CA THR A 917 -16.45 -43.90 -14.90
C THR A 917 -16.03 -45.16 -14.15
N PHE A 918 -15.21 -46.01 -14.78
CA PHE A 918 -14.79 -47.35 -14.29
C PHE A 918 -13.98 -47.22 -13.00
N ARG A 919 -13.02 -46.27 -12.97
CA ARG A 919 -12.17 -46.00 -11.78
C ARG A 919 -13.02 -45.40 -10.67
N GLY A 920 -14.04 -44.61 -11.02
CA GLY A 920 -14.95 -43.93 -10.07
C GLY A 920 -14.51 -42.52 -9.75
N LEU A 921 -14.02 -41.79 -10.76
CA LEU A 921 -13.59 -40.37 -10.67
C LEU A 921 -14.70 -39.48 -11.24
N THR A 922 -14.47 -38.16 -11.26
CA THR A 922 -15.48 -37.12 -11.63
C THR A 922 -14.95 -36.24 -12.76
N ASN A 923 -15.86 -35.55 -13.47
CA ASN A 923 -15.55 -34.55 -14.52
C ASN A 923 -15.10 -33.25 -13.83
N ASP A 924 -13.81 -33.17 -13.48
CA ASP A 924 -13.21 -32.07 -12.68
C ASP A 924 -12.16 -31.33 -13.52
N VAL A 925 -11.47 -30.36 -12.92
CA VAL A 925 -10.41 -29.51 -13.56
C VAL A 925 -9.37 -30.43 -14.22
N TYR A 926 -8.84 -31.39 -13.47
CA TYR A 926 -7.71 -32.29 -13.86
C TYR A 926 -8.12 -33.18 -15.03
N PHE A 927 -9.38 -33.65 -15.04
CA PHE A 927 -9.96 -34.47 -16.13
C PHE A 927 -10.02 -33.65 -17.43
N GLN A 928 -10.50 -32.41 -17.34
CA GLN A 928 -10.76 -31.49 -18.48
C GLN A 928 -9.44 -31.11 -19.17
N VAL A 929 -8.46 -30.63 -18.40
CA VAL A 929 -7.12 -30.20 -18.91
C VAL A 929 -6.40 -31.42 -19.50
N GLY A 930 -6.55 -32.59 -18.88
CA GLY A 930 -6.00 -33.88 -19.37
C GLY A 930 -6.71 -34.34 -20.64
N LEU A 931 -8.02 -34.08 -20.74
CA LEU A 931 -8.85 -34.42 -21.92
C LEU A 931 -8.51 -33.47 -23.08
N LEU A 932 -8.22 -32.19 -22.79
CA LEU A 932 -7.81 -31.18 -23.79
C LEU A 932 -6.44 -31.56 -24.37
N THR A 933 -5.52 -32.06 -23.53
CA THR A 933 -4.19 -32.57 -23.92
C THR A 933 -4.36 -33.77 -24.86
N THR A 934 -5.31 -34.65 -24.55
CA THR A 934 -5.66 -35.87 -25.34
C THR A 934 -6.22 -35.45 -26.70
N ILE A 935 -7.19 -34.52 -26.71
CA ILE A 935 -7.83 -33.96 -27.93
C ILE A 935 -6.74 -33.29 -28.79
N GLY A 936 -5.80 -32.59 -28.15
CA GLY A 936 -4.68 -31.89 -28.81
C GLY A 936 -3.84 -32.84 -29.66
N LEU A 937 -3.38 -33.94 -29.08
CA LEU A 937 -2.46 -34.93 -29.73
C LEU A 937 -3.21 -35.70 -30.82
N SER A 938 -4.41 -36.22 -30.50
CA SER A 938 -5.29 -36.96 -31.43
C SER A 938 -5.62 -36.11 -32.66
N ALA A 939 -5.76 -34.79 -32.46
CA ALA A 939 -5.97 -33.78 -33.52
C ALA A 939 -4.65 -33.55 -34.27
N LYS A 940 -3.54 -33.39 -33.55
CA LYS A 940 -2.18 -33.15 -34.12
C LYS A 940 -1.81 -34.29 -35.07
N ASN A 941 -2.08 -35.54 -34.67
CA ASN A 941 -1.81 -36.76 -35.46
C ASN A 941 -2.67 -36.74 -36.73
N ALA A 942 -3.95 -36.37 -36.60
CA ALA A 942 -4.95 -36.30 -37.70
C ALA A 942 -4.55 -35.20 -38.69
N ILE A 943 -4.06 -34.07 -38.20
CA ILE A 943 -3.59 -32.92 -39.03
C ILE A 943 -2.48 -33.41 -39.98
N LEU A 944 -1.46 -34.07 -39.44
CA LEU A 944 -0.26 -34.54 -40.20
C LEU A 944 -0.66 -35.64 -41.19
N ILE A 945 -1.67 -36.46 -40.87
CA ILE A 945 -2.15 -37.57 -41.74
C ILE A 945 -2.74 -36.98 -43.03
N VAL A 946 -3.76 -36.11 -42.90
CA VAL A 946 -4.50 -35.50 -44.05
C VAL A 946 -3.59 -34.49 -44.76
N GLU A 947 -2.62 -33.90 -44.05
CA GLU A 947 -1.58 -33.01 -44.61
C GLU A 947 -0.69 -33.81 -45.58
N PHE A 948 -0.22 -34.98 -45.14
CA PHE A 948 0.63 -35.91 -45.94
C PHE A 948 -0.15 -36.42 -47.16
N ALA A 949 -1.44 -36.72 -46.98
CA ALA A 949 -2.36 -37.23 -48.03
C ALA A 949 -2.51 -36.16 -49.13
N LYS A 950 -2.78 -34.91 -48.74
CA LYS A 950 -2.90 -33.74 -49.66
C LYS A 950 -1.57 -33.49 -50.37
N ASP A 951 -0.47 -33.46 -49.61
CA ASP A 951 0.89 -33.13 -50.12
C ASP A 951 1.42 -34.24 -51.03
N LEU A 952 0.73 -35.38 -51.10
CA LEU A 952 0.95 -36.42 -52.14
C LEU A 952 -0.01 -36.17 -53.32
N MET A 953 -1.29 -35.91 -53.03
CA MET A 953 -2.37 -35.64 -54.02
C MET A 953 -2.06 -34.36 -54.81
N ASP A 954 -1.33 -33.41 -54.21
CA ASP A 954 -1.00 -32.09 -54.81
C ASP A 954 0.38 -32.15 -55.48
N LYS A 955 1.44 -32.38 -54.69
CA LYS A 955 2.86 -32.26 -55.12
C LYS A 955 3.22 -33.42 -56.06
N GLU A 956 2.70 -34.63 -55.81
CA GLU A 956 3.04 -35.86 -56.58
C GLU A 956 1.85 -36.32 -57.44
N GLY A 957 0.70 -35.66 -57.33
CA GLY A 957 -0.50 -35.93 -58.15
C GLY A 957 -0.91 -37.39 -58.10
N LYS A 958 -1.17 -37.92 -56.90
CA LYS A 958 -1.65 -39.31 -56.66
C LYS A 958 -3.17 -39.30 -56.50
N GLY A 959 -3.79 -40.49 -56.53
CA GLY A 959 -5.24 -40.68 -56.32
C GLY A 959 -5.61 -40.50 -54.86
N LEU A 960 -6.91 -40.33 -54.58
CA LEU A 960 -7.47 -40.10 -53.22
C LEU A 960 -7.06 -41.25 -52.28
N ILE A 961 -7.31 -42.50 -52.69
CA ILE A 961 -7.11 -43.72 -51.86
C ILE A 961 -5.60 -44.01 -51.74
N GLU A 962 -4.90 -44.10 -52.88
CA GLU A 962 -3.45 -44.43 -52.96
C GLU A 962 -2.66 -43.53 -52.01
N ALA A 963 -3.00 -42.23 -51.97
CA ALA A 963 -2.34 -41.20 -51.13
C ALA A 963 -2.68 -41.42 -49.64
N THR A 964 -3.95 -41.70 -49.34
CA THR A 964 -4.47 -41.96 -47.96
C THR A 964 -3.74 -43.16 -47.36
N LEU A 965 -3.49 -44.20 -48.17
CA LEU A 965 -2.78 -45.44 -47.74
C LEU A 965 -1.30 -45.14 -47.50
N ASP A 966 -0.67 -44.35 -48.39
CA ASP A 966 0.75 -43.92 -48.28
C ASP A 966 0.91 -42.98 -47.10
N ALA A 967 -0.12 -42.18 -46.80
CA ALA A 967 -0.14 -41.20 -45.67
C ALA A 967 -0.09 -41.94 -44.34
N VAL A 968 -1.01 -42.86 -44.10
CA VAL A 968 -1.23 -43.54 -42.79
C VAL A 968 0.01 -44.38 -42.42
N ARG A 969 0.61 -45.07 -43.39
CA ARG A 969 1.77 -45.99 -43.16
C ARG A 969 3.00 -45.17 -42.76
N MET A 970 3.15 -43.96 -43.31
CA MET A 970 4.28 -43.04 -42.99
C MET A 970 4.07 -42.42 -41.60
N ARG A 971 2.82 -42.29 -41.15
CA ARG A 971 2.45 -41.64 -39.85
C ARG A 971 2.26 -42.68 -38.74
N LEU A 972 2.07 -43.96 -39.08
CA LEU A 972 1.80 -45.05 -38.10
C LEU A 972 2.91 -45.09 -37.04
N ARG A 973 4.18 -45.07 -37.48
CA ARG A 973 5.38 -45.22 -36.61
C ARG A 973 5.43 -44.10 -35.57
N PRO A 974 5.48 -42.80 -35.96
CA PRO A 974 5.54 -41.71 -34.99
C PRO A 974 4.29 -41.59 -34.09
N ILE A 975 3.11 -41.93 -34.62
CA ILE A 975 1.82 -41.92 -33.86
C ILE A 975 1.94 -42.88 -32.68
N LEU A 976 2.32 -44.13 -32.93
CA LEU A 976 2.44 -45.21 -31.91
C LEU A 976 3.59 -44.88 -30.94
N MET A 977 4.67 -44.27 -31.43
CA MET A 977 5.86 -43.88 -30.64
C MET A 977 5.46 -42.90 -29.53
N THR A 978 4.71 -41.86 -29.88
CA THR A 978 4.25 -40.79 -28.95
C THR A 978 3.21 -41.35 -27.97
N SER A 979 2.30 -42.19 -28.46
CA SER A 979 1.19 -42.81 -27.68
C SER A 979 1.77 -43.65 -26.53
N LEU A 980 2.63 -44.63 -26.85
CA LEU A 980 3.29 -45.52 -25.87
C LEU A 980 4.13 -44.69 -24.89
N ALA A 981 4.88 -43.69 -25.40
CA ALA A 981 5.79 -42.82 -24.63
C ALA A 981 4.98 -42.02 -23.58
N PHE A 982 3.86 -41.43 -23.99
CA PHE A 982 3.01 -40.54 -23.13
C PHE A 982 2.16 -41.38 -22.18
N ILE A 983 1.61 -42.51 -22.65
CA ILE A 983 0.78 -43.46 -21.84
C ILE A 983 1.65 -44.00 -20.69
N LEU A 984 2.88 -44.42 -20.98
CA LEU A 984 3.85 -44.94 -19.97
C LEU A 984 4.33 -43.78 -19.08
N GLY A 985 4.45 -42.58 -19.65
CA GLY A 985 4.88 -41.36 -18.95
C GLY A 985 3.96 -40.98 -17.80
N VAL A 986 2.66 -41.26 -17.95
CA VAL A 986 1.60 -40.89 -16.94
C VAL A 986 1.19 -42.11 -16.12
N MET A 987 1.84 -43.27 -16.32
CA MET A 987 1.59 -44.51 -15.53
C MET A 987 1.90 -44.27 -14.07
N PRO A 988 3.02 -43.60 -13.71
CA PRO A 988 3.30 -43.25 -12.32
C PRO A 988 2.10 -42.57 -11.62
N LEU A 989 1.39 -41.70 -12.33
CA LEU A 989 0.24 -40.92 -11.80
C LEU A 989 -0.99 -41.82 -11.66
N VAL A 990 -1.24 -42.70 -12.63
CA VAL A 990 -2.41 -43.65 -12.65
C VAL A 990 -2.28 -44.60 -11.44
N ILE A 991 -1.08 -45.14 -11.21
CA ILE A 991 -0.77 -46.11 -10.13
C ILE A 991 -0.57 -45.37 -8.80
N SER A 992 -0.11 -44.11 -8.86
CA SER A 992 0.37 -43.30 -7.71
C SER A 992 -0.49 -43.51 -6.44
N THR A 993 0.18 -43.71 -5.31
CA THR A 993 -0.36 -43.57 -3.93
C THR A 993 0.52 -42.57 -3.18
N GLY A 994 0.06 -42.09 -2.01
CA GLY A 994 0.81 -41.16 -1.15
C GLY A 994 0.30 -39.72 -1.29
N ALA A 995 1.17 -38.75 -1.00
CA ALA A 995 0.84 -37.30 -0.91
C ALA A 995 0.42 -36.77 -2.28
N GLY A 996 -0.78 -36.16 -2.34
CA GLY A 996 -1.31 -35.46 -3.52
C GLY A 996 -1.65 -36.41 -4.66
N SER A 997 -1.94 -37.68 -4.34
CA SER A 997 -2.25 -38.76 -5.32
C SER A 997 -3.68 -38.61 -5.85
N GLY A 998 -4.58 -38.01 -5.06
CA GLY A 998 -5.97 -37.70 -5.46
C GLY A 998 -6.02 -36.92 -6.76
N ALA A 999 -5.15 -35.91 -6.88
CA ALA A 999 -4.96 -35.09 -8.10
C ALA A 999 -4.28 -35.93 -9.19
N GLN A 1000 -3.17 -36.60 -8.83
CA GLN A 1000 -2.31 -37.37 -9.77
C GLN A 1000 -3.15 -38.45 -10.47
N ASN A 1001 -3.92 -39.23 -9.69
CA ASN A 1001 -4.83 -40.30 -10.21
C ASN A 1001 -5.80 -39.69 -11.22
N ALA A 1002 -6.45 -38.58 -10.86
CA ALA A 1002 -7.46 -37.88 -11.67
C ALA A 1002 -6.85 -37.39 -12.99
N VAL A 1003 -5.61 -36.89 -12.94
CA VAL A 1003 -4.87 -36.36 -14.13
C VAL A 1003 -4.56 -37.52 -15.08
N GLY A 1004 -3.83 -38.53 -14.61
CA GLY A 1004 -3.27 -39.64 -15.41
C GLY A 1004 -4.35 -40.53 -16.00
N THR A 1005 -5.37 -40.86 -15.22
CA THR A 1005 -6.46 -41.82 -15.59
C THR A 1005 -7.19 -41.32 -16.85
N GLY A 1006 -7.64 -40.05 -16.83
CA GLY A 1006 -8.36 -39.41 -17.94
C GLY A 1006 -7.51 -39.34 -19.20
N VAL A 1007 -6.19 -39.17 -19.05
CA VAL A 1007 -5.21 -39.10 -20.17
C VAL A 1007 -4.98 -40.51 -20.72
N MET A 1008 -4.57 -41.45 -19.85
CA MET A 1008 -4.25 -42.86 -20.22
C MET A 1008 -5.44 -43.46 -20.99
N GLY A 1009 -6.63 -43.45 -20.37
CA GLY A 1009 -7.88 -43.94 -20.98
C GLY A 1009 -8.14 -43.30 -22.33
N GLY A 1010 -8.05 -41.96 -22.40
CA GLY A 1010 -8.26 -41.17 -23.62
C GLY A 1010 -7.23 -41.48 -24.69
N MET A 1011 -5.95 -41.48 -24.33
CA MET A 1011 -4.81 -41.72 -25.25
C MET A 1011 -4.92 -43.14 -25.86
N VAL A 1012 -5.40 -44.11 -25.08
CA VAL A 1012 -5.55 -45.54 -25.51
C VAL A 1012 -6.55 -45.60 -26.67
N THR A 1013 -7.79 -45.15 -26.45
CA THR A 1013 -8.88 -45.15 -27.46
C THR A 1013 -8.51 -44.23 -28.62
N ALA A 1014 -8.01 -43.03 -28.34
CA ALA A 1014 -7.57 -42.03 -29.33
C ALA A 1014 -6.61 -42.66 -30.33
N THR A 1015 -5.56 -43.35 -29.83
CA THR A 1015 -4.47 -43.95 -30.64
C THR A 1015 -5.04 -45.06 -31.54
N VAL A 1016 -5.74 -46.05 -30.94
CA VAL A 1016 -6.22 -47.27 -31.64
C VAL A 1016 -7.29 -46.90 -32.68
N LEU A 1017 -8.20 -45.99 -32.34
CA LEU A 1017 -9.37 -45.62 -33.21
C LEU A 1017 -8.93 -44.67 -34.33
N ALA A 1018 -8.17 -43.62 -34.00
CA ALA A 1018 -7.77 -42.52 -34.93
C ALA A 1018 -7.11 -43.11 -36.19
N ILE A 1019 -6.14 -44.02 -36.01
CA ILE A 1019 -5.33 -44.62 -37.12
C ILE A 1019 -6.27 -45.34 -38.11
N PHE A 1020 -7.46 -45.76 -37.67
CA PHE A 1020 -8.47 -46.49 -38.49
C PHE A 1020 -9.58 -45.54 -38.97
N PHE A 1021 -9.89 -44.48 -38.22
CA PHE A 1021 -11.06 -43.59 -38.47
C PHE A 1021 -10.66 -42.33 -39.24
N VAL A 1022 -9.43 -41.82 -39.05
CA VAL A 1022 -8.91 -40.62 -39.78
C VAL A 1022 -8.91 -40.90 -41.28
N PRO A 1023 -8.44 -42.08 -41.74
CA PRO A 1023 -8.46 -42.42 -43.17
C PRO A 1023 -9.88 -42.39 -43.75
N VAL A 1024 -10.87 -42.86 -42.97
CA VAL A 1024 -12.31 -42.83 -43.32
C VAL A 1024 -12.74 -41.37 -43.47
N PHE A 1025 -12.49 -40.55 -42.44
CA PHE A 1025 -12.89 -39.13 -42.35
C PHE A 1025 -12.46 -38.39 -43.63
N PHE A 1026 -11.18 -38.49 -44.00
CA PHE A 1026 -10.57 -37.77 -45.15
C PHE A 1026 -11.26 -38.19 -46.46
N VAL A 1027 -11.35 -39.49 -46.71
CA VAL A 1027 -11.91 -40.08 -47.97
C VAL A 1027 -13.38 -39.68 -48.10
N VAL A 1028 -14.16 -39.76 -47.02
CA VAL A 1028 -15.63 -39.45 -46.99
C VAL A 1028 -15.83 -37.94 -47.18
N VAL A 1029 -15.04 -37.12 -46.49
CA VAL A 1029 -15.12 -35.63 -46.53
C VAL A 1029 -14.72 -35.15 -47.94
N ARG A 1030 -13.66 -35.70 -48.53
CA ARG A 1030 -13.12 -35.28 -49.85
C ARG A 1030 -14.13 -35.60 -50.95
N ARG A 1031 -14.80 -36.77 -50.89
CA ARG A 1031 -15.76 -37.24 -51.92
C ARG A 1031 -17.05 -36.44 -51.85
N ARG A 1032 -17.42 -35.96 -50.65
CA ARG A 1032 -18.68 -35.21 -50.40
C ARG A 1032 -18.53 -33.76 -50.86
N PHE A 1033 -17.31 -33.20 -50.81
CA PHE A 1033 -16.99 -31.79 -51.15
C PHE A 1033 -15.90 -31.74 -52.22
N SER A 1034 -16.31 -31.66 -53.50
CA SER A 1034 -15.45 -31.52 -54.70
C SER A 1034 -16.25 -31.94 -55.95
N ARG A 1035 -16.16 -31.16 -57.03
CA ARG A 1035 -16.85 -31.42 -58.33
C ARG A 1035 -15.88 -32.14 -59.27
N MET B 1 21.58 -6.06 -42.05
CA MET B 1 21.02 -4.80 -41.47
C MET B 1 21.93 -3.60 -41.78
N PRO B 2 23.27 -3.70 -41.59
CA PRO B 2 24.18 -2.67 -42.11
C PRO B 2 23.99 -2.42 -43.61
N ASN B 3 23.80 -3.49 -44.40
CA ASN B 3 23.50 -3.44 -45.86
C ASN B 3 22.22 -2.63 -46.08
N PHE B 4 21.19 -2.88 -45.28
CA PHE B 4 19.86 -2.21 -45.32
C PHE B 4 20.04 -0.69 -45.23
N PHE B 5 20.86 -0.22 -44.28
CA PHE B 5 21.05 1.22 -43.94
C PHE B 5 22.19 1.84 -44.77
N ILE B 6 23.01 1.02 -45.45
CA ILE B 6 24.00 1.49 -46.45
C ILE B 6 23.25 1.99 -47.69
N ASP B 7 22.19 1.26 -48.10
CA ASP B 7 21.32 1.62 -49.25
C ASP B 7 20.30 2.68 -48.81
N ARG B 8 20.05 2.82 -47.50
CA ARG B 8 19.05 3.75 -46.92
C ARG B 8 19.72 4.68 -45.91
N PRO B 9 20.58 5.62 -46.35
CA PRO B 9 21.25 6.56 -45.44
C PRO B 9 20.31 7.55 -44.72
N ILE B 10 19.17 7.90 -45.32
CA ILE B 10 18.19 8.88 -44.76
C ILE B 10 17.46 8.23 -43.56
N PHE B 11 17.09 6.95 -43.68
CA PHE B 11 16.49 6.13 -42.58
C PHE B 11 17.42 6.19 -41.37
N ALA B 12 18.71 5.93 -41.60
CA ALA B 12 19.79 5.94 -40.57
C ALA B 12 19.86 7.32 -39.89
N TRP B 13 19.73 8.39 -40.67
CA TRP B 13 19.72 9.80 -40.17
C TRP B 13 18.47 10.06 -39.32
N VAL B 14 17.33 9.50 -39.72
CA VAL B 14 16.02 9.63 -39.00
C VAL B 14 16.16 9.03 -37.59
N ILE B 15 16.69 7.80 -37.49
CA ILE B 15 16.90 7.07 -36.21
C ILE B 15 17.86 7.89 -35.33
N ALA B 16 18.92 8.46 -35.93
CA ALA B 16 19.93 9.31 -35.25
C ALA B 16 19.25 10.57 -34.70
N ILE B 17 18.29 11.14 -35.44
CA ILE B 17 17.51 12.34 -35.02
C ILE B 17 16.56 11.95 -33.89
N ILE B 18 15.80 10.86 -34.06
CA ILE B 18 14.82 10.35 -33.04
C ILE B 18 15.57 10.11 -31.72
N ILE B 19 16.69 9.39 -31.77
CA ILE B 19 17.56 9.06 -30.60
C ILE B 19 18.05 10.37 -29.95
N MET B 20 18.44 11.35 -30.77
CA MET B 20 18.95 12.68 -30.31
C MET B 20 17.83 13.45 -29.58
N LEU B 21 16.62 13.46 -30.15
CA LEU B 21 15.44 14.17 -29.58
C LEU B 21 15.05 13.53 -28.24
N ALA B 22 14.99 12.19 -28.19
CA ALA B 22 14.70 11.39 -26.98
C ALA B 22 15.69 11.78 -25.87
N GLY B 23 16.98 11.90 -26.21
CA GLY B 23 18.07 12.26 -25.29
C GLY B 23 17.94 13.68 -24.76
N GLY B 24 17.75 14.65 -25.67
CA GLY B 24 17.54 16.07 -25.33
C GLY B 24 16.32 16.27 -24.46
N LEU B 25 15.24 15.55 -24.76
CA LEU B 25 13.96 15.57 -24.00
C LEU B 25 14.18 14.92 -22.63
N ALA B 26 14.98 13.86 -22.57
CA ALA B 26 15.34 13.11 -21.35
C ALA B 26 16.19 14.01 -20.43
N ILE B 27 17.22 14.67 -20.98
CA ILE B 27 18.17 15.56 -20.24
C ILE B 27 17.37 16.62 -19.46
N LEU B 28 16.35 17.22 -20.07
CA LEU B 28 15.55 18.33 -19.48
C LEU B 28 14.62 17.79 -18.38
N LYS B 29 14.08 16.57 -18.55
CA LYS B 29 13.04 15.99 -17.67
C LYS B 29 13.67 15.13 -16.55
N LEU B 30 14.94 14.73 -16.71
CA LEU B 30 15.62 13.77 -15.79
C LEU B 30 15.84 14.42 -14.42
N PRO B 31 15.68 13.66 -13.31
CA PRO B 31 16.09 14.13 -11.99
C PRO B 31 17.61 14.28 -11.88
N VAL B 32 18.07 15.15 -10.97
CA VAL B 32 19.51 15.42 -10.71
C VAL B 32 19.74 15.41 -9.19
N ALA B 33 20.69 14.61 -8.73
CA ALA B 33 21.08 14.46 -7.30
C ALA B 33 22.54 14.00 -7.23
N GLN B 34 23.21 14.18 -6.09
CA GLN B 34 24.61 13.72 -5.85
C GLN B 34 24.64 12.19 -5.91
N TYR B 35 23.77 11.54 -5.12
CA TYR B 35 23.62 10.07 -5.06
C TYR B 35 22.14 9.71 -5.14
N PRO B 36 21.79 8.53 -5.70
CA PRO B 36 20.42 8.03 -5.69
C PRO B 36 20.10 7.38 -4.33
N THR B 37 18.88 6.89 -4.15
CA THR B 37 18.44 6.16 -2.93
C THR B 37 19.11 4.78 -2.92
N ILE B 38 19.95 4.52 -1.92
CA ILE B 38 20.79 3.29 -1.79
C ILE B 38 20.36 2.51 -0.54
N ALA B 39 20.39 3.17 0.62
CA ALA B 39 20.04 2.58 1.94
C ALA B 39 18.65 1.95 1.88
N PRO B 40 18.42 0.81 2.58
CA PRO B 40 17.09 0.20 2.61
C PRO B 40 16.11 1.11 3.35
N PRO B 41 14.81 1.14 2.95
CA PRO B 41 13.84 2.07 3.57
C PRO B 41 13.78 1.90 5.09
N ALA B 42 14.04 2.98 5.82
CA ALA B 42 14.00 3.03 7.31
C ALA B 42 12.93 4.04 7.74
N VAL B 43 12.09 3.66 8.71
CA VAL B 43 11.03 4.53 9.31
C VAL B 43 11.35 4.69 10.80
N THR B 44 11.51 5.93 11.27
CA THR B 44 11.91 6.29 12.65
C THR B 44 10.72 6.90 13.39
N ILE B 45 10.22 6.19 14.42
CA ILE B 45 9.20 6.71 15.39
C ILE B 45 9.96 7.50 16.46
N SER B 46 9.52 8.72 16.77
CA SER B 46 10.17 9.65 17.73
C SER B 46 9.13 10.29 18.65
N ALA B 47 9.46 10.46 19.93
CA ALA B 47 8.59 11.06 20.98
C ALA B 47 9.44 11.71 22.07
N SER B 48 8.85 12.68 22.78
CA SER B 48 9.45 13.39 23.94
C SER B 48 8.58 13.17 25.19
N TYR B 49 9.22 12.92 26.33
CA TYR B 49 8.60 12.86 27.68
C TYR B 49 9.34 13.85 28.57
N PRO B 50 8.97 15.15 28.56
CA PRO B 50 9.64 16.18 29.37
C PRO B 50 9.92 15.76 30.82
N GLY B 51 11.21 15.79 31.21
CA GLY B 51 11.68 15.51 32.58
C GLY B 51 11.83 14.03 32.87
N ALA B 52 11.66 13.17 31.85
CA ALA B 52 11.70 11.70 31.96
C ALA B 52 13.14 11.19 31.80
N ASP B 53 13.49 10.15 32.54
CA ASP B 53 14.80 9.45 32.47
C ASP B 53 14.69 8.26 31.51
N ALA B 54 15.83 7.77 31.02
CA ALA B 54 15.97 6.64 30.06
C ALA B 54 15.00 5.51 30.42
N LYS B 55 14.94 5.13 31.70
CA LYS B 55 14.13 3.99 32.22
C LYS B 55 12.64 4.33 32.07
N THR B 56 12.21 5.49 32.58
CA THR B 56 10.81 5.99 32.55
C THR B 56 10.31 6.02 31.10
N VAL B 57 11.17 6.45 30.16
CA VAL B 57 10.86 6.53 28.70
C VAL B 57 10.71 5.10 28.16
N GLN B 58 11.66 4.21 28.47
CA GLN B 58 11.71 2.82 27.96
C GLN B 58 10.48 2.04 28.44
N ASP B 59 10.16 2.15 29.75
CA ASP B 59 9.21 1.26 30.46
C ASP B 59 7.77 1.75 30.34
N THR B 60 7.53 2.93 29.77
CA THR B 60 6.17 3.51 29.56
C THR B 60 5.89 3.76 28.07
N VAL B 61 6.92 4.04 27.26
CA VAL B 61 6.77 4.45 25.83
C VAL B 61 7.37 3.37 24.91
N THR B 62 8.69 3.18 24.98
CA THR B 62 9.50 2.39 24.00
C THR B 62 8.95 0.96 23.90
N GLN B 63 8.87 0.25 25.03
CA GLN B 63 8.41 -1.18 25.10
C GLN B 63 6.98 -1.29 24.56
N VAL B 64 6.11 -0.33 24.93
CA VAL B 64 4.66 -0.33 24.56
C VAL B 64 4.55 -0.21 23.02
N ILE B 65 5.26 0.75 22.43
CA ILE B 65 5.30 0.97 20.95
C ILE B 65 5.90 -0.27 20.29
N GLU B 66 7.04 -0.77 20.81
CA GLU B 66 7.77 -1.96 20.30
C GLU B 66 6.86 -3.20 20.32
N GLN B 67 6.04 -3.35 21.38
CA GLN B 67 5.13 -4.51 21.59
C GLN B 67 3.99 -4.48 20.55
N ASN B 68 3.77 -3.36 19.87
CA ASN B 68 2.59 -3.11 19.00
C ASN B 68 2.98 -3.07 17.52
N MET B 69 4.26 -3.20 17.17
CA MET B 69 4.77 -3.11 15.77
C MET B 69 4.65 -4.48 15.08
N ASN B 70 3.42 -5.00 14.97
CA ASN B 70 3.12 -6.35 14.43
C ASN B 70 2.30 -6.22 13.14
N GLY B 71 2.29 -7.27 12.31
CA GLY B 71 1.50 -7.36 11.07
C GLY B 71 1.95 -6.36 10.01
N ILE B 72 3.18 -5.85 10.12
CA ILE B 72 3.80 -4.89 9.15
C ILE B 72 4.67 -5.71 8.18
N ASP B 73 4.66 -5.32 6.89
CA ASP B 73 5.23 -6.11 5.77
C ASP B 73 6.71 -5.76 5.56
N ASN B 74 7.52 -6.77 5.24
CA ASN B 74 8.93 -6.65 4.75
C ASN B 74 9.81 -5.93 5.77
N LEU B 75 9.66 -6.26 7.07
CA LEU B 75 10.51 -5.73 8.17
C LEU B 75 11.73 -6.65 8.34
N MET B 76 12.94 -6.07 8.29
CA MET B 76 14.22 -6.82 8.45
C MET B 76 14.59 -6.87 9.93
N TYR B 77 14.67 -5.71 10.59
CA TYR B 77 15.01 -5.58 12.03
C TYR B 77 14.47 -4.25 12.60
N MET B 78 14.40 -4.17 13.93
CA MET B 78 13.89 -2.99 14.70
C MET B 78 14.89 -2.67 15.83
N SER B 79 15.45 -1.46 15.82
CA SER B 79 16.37 -0.94 16.86
C SER B 79 15.78 0.35 17.46
N SER B 80 16.06 0.61 18.75
CA SER B 80 15.50 1.77 19.49
C SER B 80 16.48 2.25 20.57
N ASN B 81 16.46 3.56 20.86
CA ASN B 81 17.18 4.23 21.97
C ASN B 81 16.15 4.81 22.94
N SER B 82 16.46 4.82 24.24
CA SER B 82 15.70 5.50 25.32
C SER B 82 16.68 6.22 26.25
N ASP B 83 16.75 7.56 26.16
CA ASP B 83 17.82 8.38 26.78
C ASP B 83 17.24 9.27 27.90
N SER B 84 18.13 9.98 28.60
CA SER B 84 17.82 10.74 29.86
C SER B 84 17.37 12.17 29.57
N THR B 85 17.23 12.55 28.30
CA THR B 85 16.67 13.86 27.86
C THR B 85 15.16 13.72 27.60
N GLY B 86 14.59 12.55 27.93
CA GLY B 86 13.15 12.26 27.80
C GLY B 86 12.78 11.83 26.38
N THR B 87 13.78 11.57 25.53
CA THR B 87 13.60 11.27 24.08
C THR B 87 13.67 9.76 23.85
N VAL B 88 12.86 9.26 22.91
CA VAL B 88 12.92 7.87 22.36
C VAL B 88 12.98 7.97 20.83
N GLN B 89 13.78 7.12 20.19
CA GLN B 89 13.83 6.97 18.71
C GLN B 89 13.81 5.47 18.37
N ILE B 90 12.71 4.99 17.78
CA ILE B 90 12.52 3.58 17.33
C ILE B 90 12.62 3.54 15.80
N THR B 91 13.66 2.92 15.26
CA THR B 91 13.95 2.81 13.81
C THR B 91 13.59 1.40 13.33
N LEU B 92 12.69 1.30 12.33
CA LEU B 92 12.31 0.03 11.66
C LEU B 92 12.88 0.04 10.24
N THR B 93 13.95 -0.73 10.01
CA THR B 93 14.62 -0.91 8.69
C THR B 93 13.90 -2.02 7.92
N PHE B 94 13.50 -1.75 6.67
CA PHE B 94 12.69 -2.64 5.81
C PHE B 94 13.56 -3.25 4.71
N GLU B 95 13.03 -4.26 4.01
CA GLU B 95 13.69 -4.96 2.88
C GLU B 95 13.93 -3.96 1.74
N SER B 96 15.09 -4.03 1.08
CA SER B 96 15.42 -3.22 -0.13
C SER B 96 14.43 -3.56 -1.25
N GLY B 97 13.69 -2.56 -1.75
CA GLY B 97 12.63 -2.72 -2.77
C GLY B 97 11.25 -2.53 -2.19
N THR B 98 11.13 -2.41 -0.86
CA THR B 98 9.87 -2.10 -0.14
C THR B 98 9.43 -0.67 -0.48
N ASP B 99 8.14 -0.46 -0.73
CA ASP B 99 7.52 0.87 -0.93
C ASP B 99 7.58 1.62 0.41
N ALA B 100 8.45 2.63 0.51
CA ALA B 100 8.74 3.41 1.75
C ALA B 100 7.46 4.09 2.25
N ASP B 101 6.57 4.49 1.34
CA ASP B 101 5.26 5.13 1.64
C ASP B 101 4.37 4.12 2.39
N ILE B 102 4.27 2.89 1.88
CA ILE B 102 3.46 1.78 2.48
C ILE B 102 4.10 1.36 3.81
N ALA B 103 5.43 1.25 3.85
CA ALA B 103 6.22 0.91 5.06
C ALA B 103 5.91 1.90 6.18
N GLN B 104 5.81 3.19 5.86
CA GLN B 104 5.58 4.29 6.83
C GLN B 104 4.14 4.23 7.36
N VAL B 105 3.15 4.16 6.46
CA VAL B 105 1.69 4.20 6.82
C VAL B 105 1.35 2.97 7.66
N GLN B 106 1.95 1.81 7.37
CA GLN B 106 1.75 0.54 8.11
C GLN B 106 2.31 0.70 9.54
N VAL B 107 3.49 1.30 9.68
CA VAL B 107 4.12 1.62 11.00
C VAL B 107 3.28 2.69 11.71
N GLN B 108 2.92 3.75 10.98
CA GLN B 108 2.09 4.88 11.44
C GLN B 108 0.78 4.37 12.05
N ASN B 109 0.14 3.40 11.38
CA ASN B 109 -1.22 2.89 11.71
C ASN B 109 -1.19 2.06 13.00
N LYS B 110 -0.14 1.25 13.20
CA LYS B 110 0.00 0.38 14.40
C LYS B 110 0.34 1.24 15.63
N LEU B 111 1.05 2.37 15.42
CA LEU B 111 1.36 3.36 16.49
C LEU B 111 0.07 4.03 16.97
N GLN B 112 -0.79 4.46 16.03
CA GLN B 112 -2.09 5.14 16.30
C GLN B 112 -2.92 4.32 17.30
N LEU B 113 -2.95 2.99 17.12
CA LEU B 113 -3.76 2.06 17.96
C LEU B 113 -3.06 1.81 19.31
N ALA B 114 -1.77 2.14 19.41
CA ALA B 114 -0.94 2.01 20.63
C ALA B 114 -0.90 3.32 21.42
N MET B 115 -1.45 4.41 20.86
CA MET B 115 -1.42 5.77 21.47
C MET B 115 -2.19 5.80 22.78
N PRO B 116 -3.36 5.14 22.90
CA PRO B 116 -4.10 5.11 24.16
C PRO B 116 -3.36 4.45 25.34
N LEU B 117 -2.25 3.74 25.06
CA LEU B 117 -1.47 2.96 26.07
C LEU B 117 -0.27 3.76 26.58
N LEU B 118 0.00 4.94 26.00
CA LEU B 118 1.16 5.80 26.35
C LEU B 118 0.74 6.82 27.40
N PRO B 119 1.68 7.39 28.19
CA PRO B 119 1.36 8.40 29.19
C PRO B 119 0.67 9.65 28.61
N GLN B 120 -0.13 10.33 29.44
CA GLN B 120 -0.84 11.60 29.08
C GLN B 120 0.17 12.61 28.51
N GLU B 121 1.32 12.76 29.18
CA GLU B 121 2.37 13.76 28.85
C GLU B 121 2.94 13.49 27.44
N VAL B 122 3.05 12.21 27.06
CA VAL B 122 3.62 11.77 25.75
C VAL B 122 2.55 11.93 24.66
N GLN B 123 1.30 11.55 24.94
CA GLN B 123 0.14 11.74 24.05
C GLN B 123 -0.02 13.23 23.71
N GLN B 124 0.09 14.09 24.74
CA GLN B 124 -0.02 15.56 24.64
C GLN B 124 1.09 16.10 23.72
N GLN B 125 2.33 15.65 23.93
CA GLN B 125 3.50 15.98 23.07
C GLN B 125 3.27 15.45 21.65
N GLY B 126 2.76 14.23 21.55
CA GLY B 126 2.55 13.51 20.27
C GLY B 126 3.80 12.76 19.84
N VAL B 127 3.68 11.90 18.83
CA VAL B 127 4.75 10.95 18.37
C VAL B 127 4.90 11.08 16.85
N SER B 128 6.09 11.47 16.39
CA SER B 128 6.44 11.65 14.96
C SER B 128 6.81 10.30 14.33
N VAL B 129 6.44 10.08 13.07
CA VAL B 129 6.87 8.91 12.23
C VAL B 129 7.36 9.46 10.88
N GLU B 130 8.68 9.47 10.67
CA GLU B 130 9.35 10.05 9.49
C GLU B 130 10.12 8.96 8.74
N LYS B 131 10.25 9.10 7.41
CA LYS B 131 11.07 8.21 6.54
C LYS B 131 12.55 8.56 6.76
N SER B 132 13.27 7.71 7.51
CA SER B 132 14.68 7.92 7.95
C SER B 132 15.63 7.78 6.75
N SER B 133 16.35 8.85 6.43
CA SER B 133 17.38 8.93 5.37
C SER B 133 18.15 10.25 5.52
N SER B 134 19.11 10.30 6.44
CA SER B 134 19.95 11.49 6.75
C SER B 134 20.78 11.85 5.50
N SER B 135 20.09 12.35 4.46
CA SER B 135 20.64 12.65 3.12
C SER B 135 20.11 14.02 2.66
N PHE B 136 20.55 15.10 3.31
CA PHE B 136 20.12 16.49 3.06
C PHE B 136 20.73 16.98 1.73
N LEU B 137 19.99 17.84 1.03
CA LEU B 137 20.48 18.59 -0.17
C LEU B 137 21.48 19.65 0.30
N MET B 138 21.14 20.38 1.37
CA MET B 138 21.98 21.44 1.98
C MET B 138 21.47 21.77 3.38
N VAL B 139 22.30 22.46 4.18
CA VAL B 139 21.93 23.03 5.52
C VAL B 139 22.10 24.54 5.43
N VAL B 140 20.99 25.29 5.52
CA VAL B 140 20.97 26.79 5.53
C VAL B 140 21.08 27.27 6.97
N GLY B 141 22.22 27.83 7.35
CA GLY B 141 22.47 28.42 8.68
C GLY B 141 21.92 29.84 8.76
N VAL B 142 21.28 30.18 9.88
CA VAL B 142 20.74 31.55 10.18
C VAL B 142 21.39 32.03 11.48
N ILE B 143 22.11 33.16 11.43
CA ILE B 143 22.97 33.68 12.53
C ILE B 143 22.64 35.15 12.78
N ASN B 144 22.88 35.63 14.01
CA ASN B 144 22.76 37.06 14.41
C ASN B 144 24.16 37.57 14.79
N THR B 145 24.67 38.59 14.08
CA THR B 145 26.09 39.03 14.10
C THR B 145 26.27 40.28 14.96
N ASP B 146 25.20 40.83 15.55
CA ASP B 146 25.24 42.07 16.37
C ASP B 146 24.69 41.82 17.78
N GLY B 147 24.58 40.54 18.19
CA GLY B 147 24.21 40.12 19.55
C GLY B 147 22.91 40.75 20.05
N THR B 148 21.96 41.00 19.15
CA THR B 148 20.60 41.54 19.47
C THR B 148 19.62 40.38 19.70
N MET B 149 19.88 39.22 19.08
CA MET B 149 18.99 38.04 19.10
C MET B 149 19.72 36.85 19.76
N THR B 150 18.99 36.08 20.58
CA THR B 150 19.45 34.80 21.18
C THR B 150 19.31 33.67 20.15
N GLN B 151 19.74 32.46 20.50
CA GLN B 151 19.56 31.22 19.68
C GLN B 151 18.07 31.00 19.40
N GLU B 152 17.23 31.21 20.41
CA GLU B 152 15.76 30.94 20.38
C GLU B 152 15.06 32.02 19.56
N ASP B 153 15.52 33.27 19.66
CA ASP B 153 14.97 34.45 18.93
C ASP B 153 15.08 34.22 17.42
N ILE B 154 16.21 33.67 16.96
CA ILE B 154 16.49 33.36 15.53
C ILE B 154 15.56 32.21 15.10
N SER B 155 15.54 31.12 15.89
CA SER B 155 14.72 29.90 15.64
C SER B 155 13.26 30.28 15.42
N ASP B 156 12.71 31.16 16.27
CA ASP B 156 11.28 31.61 16.23
C ASP B 156 11.03 32.37 14.91
N TYR B 157 11.92 33.30 14.55
CA TYR B 157 11.82 34.11 13.30
C TYR B 157 11.81 33.16 12.09
N VAL B 158 12.76 32.23 12.04
CA VAL B 158 12.94 31.25 10.93
C VAL B 158 11.67 30.40 10.81
N ALA B 159 11.13 29.94 11.93
CA ALA B 159 9.90 29.11 12.03
C ALA B 159 8.70 29.87 11.47
N ALA B 160 8.60 31.17 11.79
CA ALA B 160 7.41 32.01 11.52
C ALA B 160 7.43 32.55 10.09
N ASN B 161 8.61 32.93 9.57
CA ASN B 161 8.74 33.81 8.37
C ASN B 161 9.41 33.08 7.20
N MET B 162 10.24 32.05 7.44
CA MET B 162 11.12 31.43 6.41
C MET B 162 10.71 29.98 6.14
N LYS B 163 10.69 29.12 7.17
CA LYS B 163 10.54 27.65 7.07
C LYS B 163 9.44 27.29 6.04
N ASP B 164 8.25 27.86 6.20
CA ASP B 164 7.04 27.55 5.39
C ASP B 164 7.26 27.93 3.92
N ALA B 165 7.99 29.01 3.65
CA ALA B 165 8.29 29.53 2.30
C ALA B 165 9.30 28.62 1.59
N ILE B 166 10.30 28.09 2.33
CA ILE B 166 11.31 27.13 1.81
C ILE B 166 10.60 25.79 1.55
N SER B 167 9.71 25.38 2.46
CA SER B 167 8.87 24.16 2.34
C SER B 167 8.05 24.20 1.04
N ARG B 168 7.56 25.39 0.65
CA ARG B 168 6.68 25.61 -0.53
C ARG B 168 7.51 25.86 -1.80
N THR B 169 8.81 26.15 -1.66
CA THR B 169 9.75 26.39 -2.79
C THR B 169 9.81 25.15 -3.68
N SER B 170 9.99 25.35 -4.99
CA SER B 170 9.94 24.29 -6.05
C SER B 170 11.09 23.30 -5.84
N GLY B 171 10.77 22.01 -5.74
CA GLY B 171 11.75 20.90 -5.67
C GLY B 171 12.10 20.48 -4.25
N VAL B 172 11.70 21.28 -3.25
CA VAL B 172 11.97 21.01 -1.80
C VAL B 172 11.03 19.90 -1.33
N GLY B 173 11.59 18.86 -0.70
CA GLY B 173 10.87 17.65 -0.25
C GLY B 173 10.50 17.73 1.23
N ASP B 174 11.49 17.98 2.10
CA ASP B 174 11.31 18.06 3.57
C ASP B 174 12.23 19.16 4.12
N VAL B 175 11.80 19.84 5.19
CA VAL B 175 12.55 20.95 5.84
C VAL B 175 12.44 20.79 7.37
N GLN B 176 13.57 20.48 8.02
CA GLN B 176 13.70 20.45 9.51
C GLN B 176 14.21 21.81 9.99
N LEU B 177 13.61 22.34 11.06
CA LEU B 177 14.11 23.54 11.78
C LEU B 177 15.10 23.10 12.85
N PHE B 178 16.37 23.54 12.74
CA PHE B 178 17.43 23.27 13.73
C PHE B 178 17.26 24.24 14.91
N GLY B 179 16.32 23.88 15.81
CA GLY B 179 15.85 24.70 16.93
C GLY B 179 14.34 24.59 17.09
N SER B 180 13.77 25.26 18.10
CA SER B 180 12.32 25.28 18.39
C SER B 180 11.79 26.72 18.30
N GLN B 181 10.55 26.90 17.85
CA GLN B 181 9.83 28.20 17.88
C GLN B 181 9.52 28.54 19.35
N TYR B 182 9.17 29.81 19.63
CA TYR B 182 8.95 30.33 21.00
C TYR B 182 7.95 29.45 21.77
N ALA B 183 8.11 29.43 23.10
CA ALA B 183 7.17 28.83 24.07
C ALA B 183 7.02 29.79 25.26
N MET B 184 5.81 29.92 25.81
CA MET B 184 5.53 30.75 27.00
C MET B 184 6.12 30.06 28.23
N ARG B 185 7.25 30.56 28.72
CA ARG B 185 8.01 29.97 29.86
C ARG B 185 7.60 30.67 31.16
N ILE B 186 6.93 29.95 32.06
CA ILE B 186 6.60 30.40 33.45
C ILE B 186 7.68 29.83 34.38
N TRP B 187 8.65 30.67 34.77
CA TRP B 187 9.77 30.31 35.67
C TRP B 187 9.36 30.52 37.13
N MET B 188 8.84 29.47 37.78
CA MET B 188 8.21 29.52 39.13
C MET B 188 9.27 29.79 40.21
N ASN B 189 8.88 30.53 41.25
CA ASN B 189 9.71 30.85 42.45
C ASN B 189 9.07 30.13 43.65
N PRO B 190 9.76 29.16 44.30
CA PRO B 190 9.16 28.36 45.35
C PRO B 190 8.93 29.12 46.68
N ASN B 191 9.74 30.14 46.94
CA ASN B 191 9.63 31.02 48.14
C ASN B 191 8.32 31.80 48.09
N GLU B 192 8.00 32.36 46.91
CA GLU B 192 6.78 33.18 46.66
C GLU B 192 5.55 32.28 46.65
N LEU B 193 5.65 31.07 46.08
CA LEU B 193 4.57 30.03 46.11
C LEU B 193 4.23 29.68 47.56
N ASN B 194 5.26 29.47 48.39
CA ASN B 194 5.13 29.10 49.83
C ASN B 194 4.56 30.29 50.62
N LYS B 195 4.91 31.52 50.22
CA LYS B 195 4.48 32.78 50.88
C LYS B 195 2.95 32.92 50.81
N PHE B 196 2.34 32.54 49.69
CA PHE B 196 0.90 32.71 49.39
C PHE B 196 0.15 31.37 49.49
N GLN B 197 0.79 30.34 50.06
CA GLN B 197 0.22 28.97 50.25
C GLN B 197 -0.24 28.43 48.90
N LEU B 198 0.68 28.28 47.94
CA LEU B 198 0.41 27.82 46.55
C LEU B 198 1.46 26.79 46.13
N THR B 199 1.13 26.02 45.07
CA THR B 199 1.98 24.94 44.50
C THR B 199 1.98 25.09 42.97
N PRO B 200 2.86 24.36 42.24
CA PRO B 200 2.77 24.27 40.78
C PRO B 200 1.43 23.71 40.29
N VAL B 201 0.76 22.87 41.09
CA VAL B 201 -0.58 22.28 40.78
C VAL B 201 -1.58 23.43 40.59
N ASP B 202 -1.50 24.47 41.42
CA ASP B 202 -2.39 25.66 41.40
C ASP B 202 -2.11 26.48 40.13
N VAL B 203 -0.84 26.73 39.84
CA VAL B 203 -0.36 27.50 38.65
C VAL B 203 -0.89 26.83 37.38
N ILE B 204 -0.82 25.50 37.30
CA ILE B 204 -1.26 24.69 36.13
C ILE B 204 -2.79 24.76 36.00
N THR B 205 -3.52 24.58 37.11
CA THR B 205 -5.00 24.66 37.18
C THR B 205 -5.47 26.02 36.66
N ALA B 206 -4.77 27.11 37.04
CA ALA B 206 -5.09 28.50 36.66
C ALA B 206 -4.85 28.72 35.17
N ILE B 207 -3.70 28.29 34.65
CA ILE B 207 -3.29 28.46 33.21
C ILE B 207 -4.28 27.69 32.33
N LYS B 208 -4.70 26.50 32.74
CA LYS B 208 -5.63 25.62 31.97
C LYS B 208 -7.03 26.25 31.93
N ALA B 209 -7.40 27.00 32.97
CA ALA B 209 -8.73 27.66 33.13
C ALA B 209 -8.76 28.99 32.36
N GLN B 210 -7.69 29.78 32.48
CA GLN B 210 -7.63 31.21 32.03
C GLN B 210 -6.87 31.34 30.71
N ASN B 211 -6.38 30.24 30.12
CA ASN B 211 -5.78 30.19 28.77
C ASN B 211 -6.37 29.00 28.02
N ALA B 212 -7.61 29.14 27.53
CA ALA B 212 -8.41 28.06 26.90
C ALA B 212 -9.36 28.64 25.84
N GLN B 213 -9.77 27.80 24.88
CA GLN B 213 -10.79 28.10 23.85
C GLN B 213 -12.13 27.54 24.33
N VAL B 214 -13.00 28.41 24.87
CA VAL B 214 -14.33 28.06 25.45
C VAL B 214 -15.37 28.13 24.33
N ALA B 215 -16.02 26.99 24.03
CA ALA B 215 -17.09 26.85 23.02
C ALA B 215 -18.41 27.35 23.61
N ALA B 216 -18.86 28.54 23.17
CA ALA B 216 -20.18 29.12 23.49
C ALA B 216 -21.22 28.56 22.52
N GLY B 217 -22.06 29.41 21.91
CA GLY B 217 -23.04 29.01 20.89
C GLY B 217 -23.29 30.13 19.89
N GLN B 218 -24.57 30.42 19.61
CA GLN B 218 -25.01 31.48 18.66
C GLN B 218 -26.26 32.18 19.20
N LEU B 219 -26.44 33.45 18.84
CA LEU B 219 -27.76 34.14 18.88
C LEU B 219 -28.59 33.61 17.71
N GLY B 220 -29.87 33.30 17.95
CA GLY B 220 -30.83 32.84 16.93
C GLY B 220 -30.32 31.64 16.14
N GLY B 221 -29.67 30.70 16.82
CA GLY B 221 -29.23 29.42 16.24
C GLY B 221 -30.39 28.46 16.08
N THR B 222 -30.31 27.53 15.13
CA THR B 222 -31.38 26.54 14.82
C THR B 222 -31.41 25.48 15.91
N PRO B 223 -32.59 24.99 16.35
CA PRO B 223 -33.89 25.49 15.88
C PRO B 223 -34.27 26.81 16.55
N PRO B 224 -34.69 27.85 15.79
CA PRO B 224 -34.97 29.16 16.34
C PRO B 224 -36.46 29.44 16.60
N VAL B 225 -36.77 30.56 17.26
CA VAL B 225 -38.14 31.16 17.32
C VAL B 225 -38.36 31.92 16.00
N LYS B 226 -39.32 31.48 15.19
CA LYS B 226 -39.63 32.09 13.86
C LYS B 226 -39.95 33.58 14.07
N GLY B 227 -39.35 34.45 13.24
CA GLY B 227 -39.42 35.92 13.37
C GLY B 227 -38.12 36.50 13.90
N GLN B 228 -37.09 35.67 14.10
CA GLN B 228 -35.72 36.08 14.49
C GLN B 228 -35.11 36.92 13.37
N GLN B 229 -34.43 38.03 13.72
CA GLN B 229 -33.82 38.99 12.76
C GLN B 229 -32.35 38.66 12.52
N LEU B 230 -31.61 38.29 13.58
CA LEU B 230 -30.14 38.16 13.58
C LEU B 230 -29.72 36.73 13.95
N ASN B 231 -28.68 36.21 13.28
CA ASN B 231 -27.96 34.95 13.63
C ASN B 231 -26.46 35.25 13.69
N ALA B 232 -25.89 35.36 14.90
CA ALA B 232 -24.47 35.69 15.15
C ALA B 232 -23.82 34.61 16.02
N SER B 233 -22.55 34.30 15.76
CA SER B 233 -21.70 33.39 16.58
C SER B 233 -21.33 34.11 17.88
N ILE B 234 -21.42 33.42 19.01
CA ILE B 234 -21.00 33.94 20.36
C ILE B 234 -19.53 33.54 20.57
N ILE B 235 -18.65 34.53 20.72
CA ILE B 235 -17.22 34.34 21.08
C ILE B 235 -17.08 34.51 22.59
N ALA B 236 -16.68 33.44 23.29
CA ALA B 236 -16.38 33.44 24.74
C ALA B 236 -14.86 33.60 24.92
N GLN B 237 -14.27 32.90 25.90
CA GLN B 237 -12.81 32.95 26.19
C GLN B 237 -12.05 32.26 25.05
N THR B 238 -11.02 32.94 24.52
CA THR B 238 -10.03 32.40 23.56
C THR B 238 -8.65 32.35 24.23
N ARG B 239 -7.66 31.76 23.56
CA ARG B 239 -6.26 31.59 24.08
C ARG B 239 -5.62 32.97 24.27
N LEU B 240 -4.80 33.13 25.31
CA LEU B 240 -4.04 34.37 25.62
C LEU B 240 -2.95 34.56 24.56
N THR B 241 -2.52 35.81 24.33
CA THR B 241 -1.72 36.23 23.15
C THR B 241 -0.35 36.81 23.54
N SER B 242 -0.12 37.15 24.81
CA SER B 242 1.08 37.89 25.27
C SER B 242 1.49 37.47 26.68
N THR B 243 2.72 37.85 27.08
CA THR B 243 3.31 37.61 28.43
C THR B 243 2.53 38.40 29.48
N GLU B 244 2.05 39.59 29.12
CA GLU B 244 1.27 40.51 29.99
C GLU B 244 0.01 39.79 30.49
N GLU B 245 -0.72 39.16 29.57
CA GLU B 245 -1.99 38.43 29.85
C GLU B 245 -1.72 37.24 30.77
N PHE B 246 -0.62 36.50 30.52
CA PHE B 246 -0.16 35.36 31.35
C PHE B 246 0.24 35.86 32.74
N GLY B 247 0.88 37.03 32.82
CA GLY B 247 1.26 37.71 34.07
C GLY B 247 0.04 38.08 34.91
N LYS B 248 -1.07 38.43 34.26
CA LYS B 248 -2.32 38.91 34.90
C LYS B 248 -3.23 37.73 35.28
N ILE B 249 -2.80 36.48 35.03
CA ILE B 249 -3.53 35.25 35.44
C ILE B 249 -3.69 35.27 36.96
N LEU B 250 -4.94 35.26 37.45
CA LEU B 250 -5.31 35.29 38.89
C LEU B 250 -5.08 33.90 39.48
N LEU B 251 -4.30 33.81 40.56
CA LEU B 251 -4.00 32.54 41.28
C LEU B 251 -4.95 32.40 42.48
N LYS B 252 -5.04 33.43 43.34
CA LYS B 252 -5.99 33.46 44.49
C LYS B 252 -6.20 34.90 44.98
N VAL B 253 -7.31 35.12 45.69
CA VAL B 253 -7.69 36.40 46.37
C VAL B 253 -7.39 36.24 47.87
N ASN B 254 -6.53 37.10 48.42
CA ASN B 254 -6.13 37.08 49.86
C ASN B 254 -7.33 37.49 50.72
N GLN B 255 -7.21 37.30 52.04
CA GLN B 255 -8.28 37.57 53.05
C GLN B 255 -8.58 39.07 53.08
N ASP B 256 -7.54 39.91 52.96
CA ASP B 256 -7.62 41.39 53.12
C ASP B 256 -8.30 42.03 51.90
N GLY B 257 -8.13 41.43 50.71
CA GLY B 257 -8.72 41.92 49.44
C GLY B 257 -7.71 41.98 48.31
N SER B 258 -6.40 42.00 48.64
CA SER B 258 -5.28 41.99 47.68
C SER B 258 -5.28 40.68 46.88
N ARG B 259 -4.60 40.67 45.73
CA ARG B 259 -4.67 39.58 44.71
C ARG B 259 -3.27 39.00 44.48
N VAL B 260 -3.19 37.68 44.28
CA VAL B 260 -1.95 36.94 43.89
C VAL B 260 -2.06 36.60 42.40
N LEU B 261 -1.12 37.12 41.59
CA LEU B 261 -1.05 36.90 40.12
C LEU B 261 0.10 35.93 39.81
N LEU B 262 0.20 35.48 38.56
CA LEU B 262 1.24 34.52 38.10
C LEU B 262 2.62 35.20 38.06
N ARG B 263 2.64 36.53 37.86
CA ARG B 263 3.88 37.35 37.80
C ARG B 263 4.45 37.56 39.20
N ASP B 264 3.64 37.36 40.26
CA ASP B 264 4.03 37.55 41.68
C ASP B 264 4.84 36.34 42.15
N VAL B 265 4.59 35.15 41.59
CA VAL B 265 5.20 33.85 42.04
C VAL B 265 6.15 33.29 40.98
N ALA B 266 6.28 33.95 39.82
CA ALA B 266 7.08 33.45 38.68
C ALA B 266 7.53 34.61 37.78
N LYS B 267 8.69 34.44 37.13
CA LYS B 267 9.19 35.31 36.02
C LYS B 267 8.64 34.74 34.70
N ILE B 268 8.08 35.62 33.85
CA ILE B 268 7.31 35.23 32.62
C ILE B 268 7.97 35.88 31.40
N GLU B 269 8.40 35.05 30.44
CA GLU B 269 9.08 35.49 29.19
C GLU B 269 8.81 34.47 28.07
N LEU B 270 8.91 34.90 26.81
CA LEU B 270 9.01 34.01 25.63
C LEU B 270 10.40 33.37 25.61
N GLY B 271 10.47 32.06 25.39
CA GLY B 271 11.74 31.29 25.39
C GLY B 271 11.65 30.04 24.53
N GLY B 272 12.72 29.25 24.50
CA GLY B 272 12.79 27.99 23.74
C GLY B 272 11.97 26.88 24.41
N GLU B 273 11.49 25.92 23.62
CA GLU B 273 10.77 24.70 24.09
C GLU B 273 11.69 23.93 25.05
N ASN B 274 12.98 23.87 24.75
CA ASN B 274 14.05 23.30 25.62
C ASN B 274 15.33 24.13 25.45
N TYR B 275 16.29 23.95 26.36
CA TYR B 275 17.61 24.63 26.36
C TYR B 275 18.73 23.56 26.40
N ASP B 276 18.44 22.35 25.92
CA ASP B 276 19.36 21.19 25.90
C ASP B 276 20.50 21.47 24.90
N ILE B 277 20.15 21.98 23.71
CA ILE B 277 21.12 22.33 22.63
C ILE B 277 21.55 23.80 22.79
N ILE B 278 22.82 24.09 22.50
CA ILE B 278 23.36 25.47 22.29
C ILE B 278 24.12 25.48 20.96
N ALA B 279 23.58 26.17 19.96
CA ALA B 279 24.12 26.28 18.58
C ALA B 279 24.87 27.61 18.44
N GLU B 280 26.09 27.57 17.90
CA GLU B 280 26.95 28.75 17.62
C GLU B 280 27.65 28.57 16.27
N PHE B 281 27.65 29.61 15.45
CA PHE B 281 28.33 29.67 14.12
C PHE B 281 29.46 30.70 14.19
N ASN B 282 30.69 30.24 14.42
CA ASN B 282 31.91 31.07 14.63
C ASN B 282 31.69 31.98 15.86
N GLY B 283 31.13 31.42 16.94
CA GLY B 283 30.95 32.10 18.25
C GLY B 283 29.58 32.72 18.41
N GLN B 284 28.99 33.21 17.31
CA GLN B 284 27.72 33.99 17.31
C GLN B 284 26.53 33.03 17.39
N PRO B 285 25.45 33.38 18.14
CA PRO B 285 24.23 32.55 18.18
C PRO B 285 23.69 32.22 16.78
N ALA B 286 23.19 30.99 16.61
CA ALA B 286 22.79 30.42 15.30
C ALA B 286 21.61 29.46 15.44
N SER B 287 20.71 29.46 14.44
CA SER B 287 19.74 28.38 14.13
C SER B 287 20.02 27.89 12.71
N GLY B 288 19.06 27.24 12.05
CA GLY B 288 19.21 26.83 10.63
C GLY B 288 18.08 25.92 10.15
N LEU B 289 18.15 25.55 8.87
CA LEU B 289 17.15 24.68 8.16
C LEU B 289 17.90 23.55 7.43
N GLY B 290 17.56 22.30 7.74
CA GLY B 290 18.01 21.11 6.99
C GLY B 290 17.05 20.76 5.87
N ILE B 291 17.44 21.03 4.62
CA ILE B 291 16.59 20.90 3.40
C ILE B 291 16.93 19.58 2.69
N LYS B 292 15.91 18.75 2.43
CA LYS B 292 16.00 17.49 1.63
C LYS B 292 15.46 17.75 0.23
N LEU B 293 15.95 17.01 -0.76
CA LEU B 293 15.50 17.07 -2.18
C LEU B 293 14.29 16.15 -2.35
N ALA B 294 13.21 16.66 -2.95
CA ALA B 294 11.96 15.92 -3.25
C ALA B 294 12.25 14.84 -4.31
N THR B 295 11.37 13.84 -4.42
CA THR B 295 11.46 12.73 -5.40
C THR B 295 11.31 13.29 -6.82
N GLY B 296 12.23 12.91 -7.72
CA GLY B 296 12.21 13.29 -9.15
C GLY B 296 12.58 14.76 -9.37
N ALA B 297 13.15 15.41 -8.34
CA ALA B 297 13.51 16.85 -8.35
C ALA B 297 14.95 17.02 -8.83
N ASN B 298 15.26 18.20 -9.39
CA ASN B 298 16.61 18.60 -9.89
C ASN B 298 17.32 19.37 -8.78
N ALA B 299 18.42 18.82 -8.26
CA ALA B 299 19.21 19.35 -7.12
C ALA B 299 19.69 20.79 -7.43
N LEU B 300 20.15 21.02 -8.67
CA LEU B 300 20.71 22.33 -9.11
C LEU B 300 19.59 23.37 -9.19
N ASP B 301 18.44 22.99 -9.76
CA ASP B 301 17.24 23.86 -9.92
C ASP B 301 16.65 24.17 -8.54
N THR B 302 16.56 23.16 -7.67
CA THR B 302 16.03 23.28 -6.27
C THR B 302 16.91 24.24 -5.47
N ALA B 303 18.24 24.06 -5.56
CA ALA B 303 19.26 24.87 -4.85
C ALA B 303 19.20 26.33 -5.33
N ALA B 304 19.03 26.54 -6.64
CA ALA B 304 18.89 27.87 -7.27
C ALA B 304 17.63 28.56 -6.75
N ALA B 305 16.53 27.83 -6.63
CA ALA B 305 15.20 28.33 -6.19
C ALA B 305 15.24 28.71 -4.71
N ILE B 306 15.94 27.93 -3.87
CA ILE B 306 16.10 28.19 -2.41
C ILE B 306 16.80 29.53 -2.22
N ARG B 307 17.90 29.77 -2.94
CA ARG B 307 18.70 31.03 -2.90
C ARG B 307 17.82 32.19 -3.41
N ALA B 308 16.98 31.95 -4.41
CA ALA B 308 16.08 32.96 -5.02
C ALA B 308 14.98 33.36 -4.04
N GLU B 309 14.43 32.39 -3.29
CA GLU B 309 13.37 32.62 -2.28
C GLU B 309 13.98 33.30 -1.04
N LEU B 310 15.19 32.90 -0.64
CA LEU B 310 15.93 33.50 0.51
C LEU B 310 16.32 34.94 0.17
N ALA B 311 16.61 35.23 -1.09
CA ALA B 311 16.95 36.58 -1.61
C ALA B 311 15.75 37.53 -1.44
N LYS B 312 14.53 37.01 -1.64
CA LYS B 312 13.26 37.77 -1.50
C LYS B 312 12.97 38.08 -0.03
N MET B 313 13.51 37.28 0.90
CA MET B 313 13.28 37.40 2.36
C MET B 313 14.30 38.36 2.99
N GLU B 314 15.36 38.73 2.24
CA GLU B 314 16.47 39.62 2.70
C GLU B 314 15.89 40.92 3.26
N PRO B 315 14.95 41.60 2.57
CA PRO B 315 14.44 42.89 3.02
C PRO B 315 13.67 42.89 4.36
N PHE B 316 13.19 41.73 4.81
CA PHE B 316 12.32 41.60 6.01
C PHE B 316 13.12 41.10 7.23
N PHE B 317 14.35 40.60 7.03
CA PHE B 317 15.25 40.11 8.10
C PHE B 317 15.50 41.22 9.12
N PRO B 318 15.43 40.94 10.44
CA PRO B 318 15.92 41.87 11.45
C PRO B 318 17.41 42.19 11.25
N SER B 319 17.84 43.39 11.69
CA SER B 319 19.25 43.88 11.59
C SER B 319 20.16 42.95 12.39
N GLY B 320 21.17 42.36 11.72
CA GLY B 320 22.13 41.41 12.31
C GLY B 320 21.99 40.01 11.74
N LEU B 321 20.78 39.64 11.32
CA LEU B 321 20.46 38.28 10.79
C LEU B 321 21.14 38.10 9.43
N LYS B 322 21.88 37.00 9.26
CA LYS B 322 22.59 36.65 7.99
C LYS B 322 22.34 35.17 7.65
N ILE B 323 22.30 34.86 6.35
CA ILE B 323 22.21 33.48 5.79
C ILE B 323 23.63 32.98 5.53
N VAL B 324 23.94 31.75 5.97
CA VAL B 324 25.24 31.06 5.72
C VAL B 324 24.95 29.64 5.23
N TYR B 325 25.89 29.04 4.49
CA TYR B 325 25.74 27.73 3.82
C TYR B 325 26.89 26.82 4.25
N PRO B 326 26.88 26.30 5.50
CA PRO B 326 27.95 25.43 6.00
C PRO B 326 28.08 24.09 5.26
N TYR B 327 26.98 23.59 4.68
CA TYR B 327 26.90 22.31 3.94
C TYR B 327 26.01 22.47 2.71
N ASP B 328 26.49 22.01 1.55
CA ASP B 328 25.76 22.06 0.26
C ASP B 328 26.33 20.99 -0.68
N THR B 329 25.47 20.10 -1.19
CA THR B 329 25.83 18.97 -2.09
C THR B 329 25.91 19.46 -3.54
N THR B 330 25.24 20.58 -3.85
CA THR B 330 25.12 21.17 -5.21
C THR B 330 26.49 21.29 -5.87
N PRO B 331 27.49 21.96 -5.24
CA PRO B 331 28.85 22.03 -5.78
C PRO B 331 29.38 20.76 -6.45
N PHE B 332 29.21 19.59 -5.80
CA PHE B 332 29.72 18.27 -6.26
C PHE B 332 28.90 17.78 -7.45
N VAL B 333 27.57 17.98 -7.38
CA VAL B 333 26.60 17.58 -8.46
C VAL B 333 26.96 18.33 -9.74
N LYS B 334 27.22 19.65 -9.63
CA LYS B 334 27.71 20.52 -10.74
C LYS B 334 28.95 19.90 -11.39
N ILE B 335 29.99 19.65 -10.59
CA ILE B 335 31.33 19.17 -11.04
C ILE B 335 31.19 17.78 -11.64
N SER B 336 30.36 16.91 -11.05
CA SER B 336 30.12 15.51 -11.51
C SER B 336 29.25 15.49 -12.77
N ILE B 337 28.94 16.66 -13.35
CA ILE B 337 28.32 16.83 -14.70
C ILE B 337 29.31 17.57 -15.62
N HIS B 338 29.96 18.63 -15.10
CA HIS B 338 30.96 19.45 -15.84
C HIS B 338 32.13 18.56 -16.30
N GLU B 339 32.64 17.72 -15.40
CA GLU B 339 33.79 16.81 -15.65
C GLU B 339 33.35 15.69 -16.61
N VAL B 340 32.05 15.40 -16.67
CA VAL B 340 31.44 14.46 -17.66
C VAL B 340 31.44 15.16 -19.03
N VAL B 341 30.78 16.32 -19.11
CA VAL B 341 30.70 17.18 -20.33
C VAL B 341 32.11 17.41 -20.89
N LYS B 342 33.07 17.74 -20.02
CA LYS B 342 34.48 18.06 -20.37
C LYS B 342 35.15 16.82 -20.99
N THR B 343 34.98 15.65 -20.36
CA THR B 343 35.54 14.35 -20.80
C THR B 343 34.99 13.97 -22.18
N LEU B 344 33.67 14.11 -22.36
CA LEU B 344 32.94 13.65 -23.59
C LEU B 344 33.17 14.65 -24.73
N VAL B 345 33.78 15.81 -24.45
CA VAL B 345 34.19 16.83 -25.46
C VAL B 345 35.66 16.58 -25.82
N GLU B 346 36.54 16.47 -24.82
CA GLU B 346 37.99 16.14 -24.98
C GLU B 346 38.12 14.85 -25.79
N ALA B 347 37.29 13.84 -25.48
CA ALA B 347 37.21 12.54 -26.19
C ALA B 347 36.97 12.78 -27.69
N ILE B 348 35.98 13.61 -28.03
CA ILE B 348 35.59 13.93 -29.44
C ILE B 348 36.75 14.66 -30.13
N ILE B 349 37.43 15.57 -29.42
CA ILE B 349 38.62 16.32 -29.92
C ILE B 349 39.77 15.33 -30.16
N LEU B 350 40.14 14.56 -29.14
CA LEU B 350 41.30 13.62 -29.17
C LEU B 350 41.11 12.57 -30.27
N VAL B 351 39.88 12.09 -30.47
CA VAL B 351 39.52 11.13 -31.55
C VAL B 351 39.78 11.79 -32.91
N PHE B 352 39.28 13.02 -33.10
CA PHE B 352 39.45 13.84 -34.34
C PHE B 352 40.94 13.94 -34.68
N LEU B 353 41.79 14.23 -33.70
CA LEU B 353 43.26 14.43 -33.87
C LEU B 353 43.91 13.09 -34.28
N VAL B 354 43.66 12.02 -33.53
CA VAL B 354 44.19 10.65 -33.80
C VAL B 354 43.66 10.16 -35.15
N MET B 355 42.35 10.28 -35.38
CA MET B 355 41.68 9.88 -36.65
C MET B 355 42.40 10.55 -37.83
N TYR B 356 42.64 11.86 -37.74
CA TYR B 356 43.30 12.69 -38.78
C TYR B 356 44.78 12.31 -38.90
N LEU B 357 45.44 12.03 -37.78
CA LEU B 357 46.90 11.67 -37.73
C LEU B 357 47.16 10.41 -38.57
N PHE B 358 46.25 9.43 -38.51
CA PHE B 358 46.39 8.09 -39.12
C PHE B 358 45.73 8.07 -40.51
N LEU B 359 44.47 8.52 -40.62
CA LEU B 359 43.65 8.42 -41.86
C LEU B 359 43.91 9.64 -42.76
N GLN B 360 44.08 10.83 -42.18
CA GLN B 360 44.55 12.06 -42.85
C GLN B 360 43.52 12.53 -43.88
N ASN B 361 42.26 12.64 -43.47
CA ASN B 361 41.15 13.26 -44.25
C ASN B 361 40.05 13.71 -43.29
N PHE B 362 39.55 14.94 -43.45
CA PHE B 362 38.52 15.57 -42.58
C PHE B 362 37.18 14.81 -42.72
N ARG B 363 36.95 14.17 -43.87
CA ARG B 363 35.68 13.46 -44.20
C ARG B 363 35.40 12.34 -43.18
N ALA B 364 36.46 11.66 -42.71
CA ALA B 364 36.38 10.48 -41.81
C ALA B 364 36.22 10.94 -40.35
N THR B 365 36.85 12.06 -39.97
CA THR B 365 36.96 12.56 -38.57
C THR B 365 35.57 13.00 -38.06
N LEU B 366 34.62 13.27 -38.96
CA LEU B 366 33.25 13.73 -38.61
C LEU B 366 32.37 12.55 -38.20
N ILE B 367 32.73 11.32 -38.59
CA ILE B 367 31.90 10.09 -38.36
C ILE B 367 31.87 9.76 -36.88
N PRO B 368 33.02 9.68 -36.16
CA PRO B 368 33.02 9.58 -34.70
C PRO B 368 32.40 10.79 -34.00
N THR B 369 32.62 12.00 -34.54
CA THR B 369 32.13 13.29 -33.99
C THR B 369 30.61 13.31 -33.92
N ILE B 370 29.93 12.59 -34.83
CA ILE B 370 28.44 12.49 -34.90
C ILE B 370 27.97 11.36 -33.96
N ALA B 371 28.45 10.14 -34.20
CA ALA B 371 27.93 8.88 -33.60
C ALA B 371 28.07 8.89 -32.07
N VAL B 372 29.16 9.46 -31.53
CA VAL B 372 29.47 9.43 -30.07
C VAL B 372 28.42 10.24 -29.30
N PRO B 373 28.22 11.55 -29.62
CA PRO B 373 27.10 12.31 -29.06
C PRO B 373 25.72 11.63 -29.18
N VAL B 374 25.42 11.05 -30.35
CA VAL B 374 24.13 10.35 -30.64
C VAL B 374 23.91 9.23 -29.60
N VAL B 375 24.96 8.45 -29.33
CA VAL B 375 24.92 7.27 -28.41
C VAL B 375 24.76 7.77 -26.96
N LEU B 376 25.51 8.82 -26.58
CA LEU B 376 25.47 9.43 -25.22
C LEU B 376 24.06 9.98 -24.94
N LEU B 377 23.51 10.77 -25.87
CA LEU B 377 22.13 11.31 -25.79
C LEU B 377 21.13 10.15 -25.68
N GLY B 378 21.28 9.13 -26.53
CA GLY B 378 20.49 7.89 -26.50
C GLY B 378 20.52 7.24 -25.12
N THR B 379 21.70 7.20 -24.49
CA THR B 379 21.93 6.62 -23.14
C THR B 379 21.04 7.34 -22.12
N PHE B 380 21.05 8.68 -22.11
CA PHE B 380 20.24 9.55 -21.22
C PHE B 380 18.75 9.21 -21.36
N ALA B 381 18.31 8.88 -22.58
CA ALA B 381 16.91 8.52 -22.91
C ALA B 381 16.55 7.16 -22.30
N VAL B 382 17.46 6.19 -22.38
CA VAL B 382 17.27 4.80 -21.86
C VAL B 382 17.30 4.84 -20.31
N LEU B 383 18.08 5.76 -19.73
CA LEU B 383 18.13 5.99 -18.26
C LEU B 383 16.74 6.44 -17.77
N ALA B 384 16.14 7.41 -18.45
CA ALA B 384 14.81 7.99 -18.13
C ALA B 384 13.72 6.92 -18.22
N ALA B 385 13.79 6.05 -19.22
CA ALA B 385 12.86 4.92 -19.46
C ALA B 385 12.88 3.94 -18.29
N PHE B 386 14.06 3.72 -17.70
CA PHE B 386 14.31 2.76 -16.58
C PHE B 386 14.16 3.48 -15.23
N GLY B 387 13.97 4.81 -15.25
CA GLY B 387 13.64 5.64 -14.07
C GLY B 387 14.84 5.97 -13.22
N PHE B 388 16.04 6.00 -13.83
CA PHE B 388 17.31 6.39 -13.17
C PHE B 388 17.45 7.91 -13.25
N SER B 389 18.39 8.48 -12.46
CA SER B 389 18.65 9.93 -12.33
C SER B 389 20.11 10.24 -12.68
N ILE B 390 20.39 11.50 -13.04
CA ILE B 390 21.77 12.03 -13.26
C ILE B 390 22.42 12.22 -11.88
N ASN B 391 23.33 11.32 -11.51
CA ASN B 391 24.03 11.32 -10.21
C ASN B 391 25.50 10.90 -10.42
N THR B 392 26.32 11.05 -9.37
CA THR B 392 27.77 10.72 -9.37
C THR B 392 28.00 9.33 -9.98
N LEU B 393 27.19 8.34 -9.58
CA LEU B 393 27.37 6.92 -9.96
C LEU B 393 27.03 6.71 -11.44
N THR B 394 25.90 7.25 -11.91
CA THR B 394 25.42 7.14 -13.32
C THR B 394 26.31 7.99 -14.24
N MET B 395 26.91 9.07 -13.72
CA MET B 395 27.69 10.04 -14.52
C MET B 395 29.12 9.52 -14.73
N PHE B 396 29.78 9.01 -13.69
CA PHE B 396 31.15 8.44 -13.75
C PHE B 396 31.12 7.07 -14.43
N GLY B 397 29.95 6.41 -14.43
CA GLY B 397 29.71 5.18 -15.22
C GLY B 397 29.64 5.47 -16.71
N MET B 398 29.22 6.70 -17.07
CA MET B 398 29.10 7.19 -18.47
C MET B 398 30.46 7.69 -18.96
N VAL B 399 31.29 8.22 -18.05
CA VAL B 399 32.71 8.63 -18.32
C VAL B 399 33.50 7.38 -18.73
N LEU B 400 33.34 6.28 -17.99
CA LEU B 400 34.00 4.97 -18.25
C LEU B 400 33.53 4.40 -19.59
N ALA B 401 32.26 4.64 -19.94
CA ALA B 401 31.61 4.13 -21.17
C ALA B 401 32.26 4.73 -22.42
N ILE B 402 32.74 5.98 -22.34
CA ILE B 402 33.27 6.75 -23.51
C ILE B 402 34.37 5.94 -24.23
N GLY B 403 35.16 5.16 -23.48
CA GLY B 403 36.21 4.29 -24.03
C GLY B 403 35.64 3.22 -24.95
N LEU B 404 34.44 2.72 -24.64
CA LEU B 404 33.73 1.69 -25.44
C LEU B 404 33.14 2.33 -26.70
N LEU B 405 32.60 3.55 -26.58
CA LEU B 405 31.85 4.26 -27.66
C LEU B 405 32.84 4.75 -28.72
N VAL B 406 33.95 5.37 -28.29
CA VAL B 406 35.05 5.87 -29.17
C VAL B 406 35.59 4.70 -30.00
N ASP B 407 35.73 3.51 -29.40
CA ASP B 407 36.28 2.29 -30.05
C ASP B 407 35.37 1.89 -31.23
N ASP B 408 34.07 1.72 -30.96
CA ASP B 408 33.04 1.31 -31.96
C ASP B 408 33.09 2.24 -33.18
N ALA B 409 33.31 3.54 -32.94
CA ALA B 409 33.41 4.59 -33.98
C ALA B 409 34.66 4.35 -34.84
N ILE B 410 35.80 4.11 -34.20
CA ILE B 410 37.13 3.88 -34.87
C ILE B 410 37.10 2.55 -35.62
N VAL B 411 36.66 1.47 -34.95
CA VAL B 411 36.68 0.07 -35.47
C VAL B 411 35.95 -0.01 -36.82
N VAL B 412 34.80 0.66 -36.94
CA VAL B 412 33.94 0.64 -38.16
C VAL B 412 34.66 1.41 -39.29
N VAL B 413 35.03 2.67 -39.04
CA VAL B 413 35.64 3.59 -40.05
C VAL B 413 36.98 3.02 -40.52
N GLU B 414 37.88 2.71 -39.58
CA GLU B 414 39.26 2.22 -39.84
C GLU B 414 39.20 1.02 -40.80
N ASN B 415 38.28 0.09 -40.56
CA ASN B 415 38.15 -1.19 -41.33
C ASN B 415 37.69 -0.88 -42.77
N VAL B 416 36.92 0.20 -42.97
CA VAL B 416 36.49 0.67 -44.32
C VAL B 416 37.68 1.30 -45.03
N GLU B 417 38.42 2.17 -44.33
CA GLU B 417 39.62 2.88 -44.83
C GLU B 417 40.71 1.88 -45.24
N ARG B 418 40.81 0.75 -44.52
CA ARG B 418 41.80 -0.33 -44.79
C ARG B 418 41.37 -1.11 -46.04
N VAL B 419 40.14 -1.63 -46.05
CA VAL B 419 39.55 -2.45 -47.16
C VAL B 419 39.69 -1.69 -48.48
N MET B 420 39.46 -0.37 -48.47
CA MET B 420 39.60 0.52 -49.66
C MET B 420 41.07 0.58 -50.09
N ALA B 421 41.99 0.77 -49.14
CA ALA B 421 43.44 0.94 -49.38
C ALA B 421 44.06 -0.38 -49.88
N GLU B 422 43.48 -1.52 -49.50
CA GLU B 422 44.03 -2.87 -49.79
C GLU B 422 43.42 -3.45 -51.07
N GLU B 423 42.13 -3.20 -51.34
CA GLU B 423 41.37 -3.84 -52.45
C GLU B 423 40.92 -2.79 -53.49
N GLY B 424 41.01 -1.49 -53.18
CA GLY B 424 40.68 -0.40 -54.12
C GLY B 424 39.21 -0.37 -54.51
N LEU B 425 38.33 -0.80 -53.61
CA LEU B 425 36.86 -0.81 -53.82
C LEU B 425 36.30 0.60 -53.57
N PRO B 426 35.20 1.00 -54.26
CA PRO B 426 34.51 2.25 -53.94
C PRO B 426 33.92 2.20 -52.52
N PRO B 427 33.89 3.34 -51.79
CA PRO B 427 33.38 3.37 -50.42
C PRO B 427 32.11 2.53 -50.14
N LYS B 428 31.16 2.51 -51.07
CA LYS B 428 29.84 1.84 -50.91
C LYS B 428 30.03 0.32 -50.87
N GLU B 429 30.86 -0.24 -51.76
CA GLU B 429 31.21 -1.69 -51.80
C GLU B 429 32.17 -2.01 -50.63
N ALA B 430 33.08 -1.08 -50.32
CA ALA B 430 34.10 -1.21 -49.26
C ALA B 430 33.43 -1.31 -47.88
N THR B 431 32.41 -0.47 -47.64
CA THR B 431 31.60 -0.45 -46.40
C THR B 431 30.88 -1.79 -46.22
N ARG B 432 30.35 -2.36 -47.32
CA ARG B 432 29.60 -3.64 -47.32
C ARG B 432 30.52 -4.78 -46.87
N LYS B 433 31.72 -4.89 -47.45
CA LYS B 433 32.75 -5.89 -47.06
C LYS B 433 33.21 -5.61 -45.63
N SER B 434 33.58 -4.36 -45.33
CA SER B 434 34.08 -3.89 -44.01
C SER B 434 33.12 -4.34 -42.90
N MET B 435 31.83 -4.05 -43.05
CA MET B 435 30.77 -4.42 -42.06
C MET B 435 30.56 -5.94 -42.10
N GLY B 436 30.57 -6.54 -43.29
CA GLY B 436 30.46 -8.00 -43.49
C GLY B 436 31.47 -8.79 -42.68
N GLN B 437 32.63 -8.18 -42.38
CA GLN B 437 33.75 -8.80 -41.62
C GLN B 437 33.48 -8.70 -40.11
N ILE B 438 32.92 -7.59 -39.63
CA ILE B 438 32.90 -7.22 -38.18
C ILE B 438 31.46 -7.18 -37.62
N GLN B 439 30.42 -7.41 -38.43
CA GLN B 439 29.01 -7.29 -38.00
C GLN B 439 28.66 -8.42 -37.02
N GLY B 440 29.11 -9.64 -37.29
CA GLY B 440 28.91 -10.82 -36.43
C GLY B 440 29.64 -10.67 -35.10
N ALA B 441 30.85 -10.12 -35.14
CA ALA B 441 31.73 -9.87 -33.96
C ALA B 441 31.10 -8.83 -33.04
N LEU B 442 30.64 -7.71 -33.60
CA LEU B 442 30.07 -6.55 -32.85
C LEU B 442 28.82 -7.00 -32.05
N VAL B 443 27.98 -7.86 -32.64
CA VAL B 443 26.83 -8.50 -31.95
C VAL B 443 27.38 -9.38 -30.82
N GLY B 444 28.37 -10.22 -31.13
CA GLY B 444 29.06 -11.10 -30.17
C GLY B 444 29.62 -10.32 -28.98
N ILE B 445 30.23 -9.16 -29.25
CA ILE B 445 30.83 -8.25 -28.23
C ILE B 445 29.71 -7.72 -27.32
N ALA B 446 28.56 -7.33 -27.90
CA ALA B 446 27.38 -6.80 -27.18
C ALA B 446 26.90 -7.81 -26.14
N MET B 447 26.90 -9.10 -26.49
CA MET B 447 26.40 -10.22 -25.62
C MET B 447 27.43 -10.52 -24.54
N VAL B 448 28.73 -10.51 -24.88
CA VAL B 448 29.86 -10.72 -23.92
C VAL B 448 29.78 -9.65 -22.83
N LEU B 449 29.79 -8.37 -23.23
CA LEU B 449 29.80 -7.20 -22.30
C LEU B 449 28.52 -7.20 -21.45
N SER B 450 27.38 -7.54 -22.03
CA SER B 450 26.10 -7.77 -21.30
C SER B 450 26.34 -8.77 -20.17
N ALA B 451 26.95 -9.91 -20.49
CA ALA B 451 27.27 -11.01 -19.55
C ALA B 451 28.27 -10.52 -18.47
N VAL B 452 29.10 -9.52 -18.80
CA VAL B 452 30.11 -8.93 -17.87
C VAL B 452 29.40 -8.03 -16.85
N PHE B 453 28.53 -7.12 -17.33
CA PHE B 453 28.00 -5.95 -16.58
C PHE B 453 26.61 -6.22 -15.99
N VAL B 454 25.78 -7.04 -16.63
CA VAL B 454 24.36 -7.27 -16.22
C VAL B 454 24.31 -7.97 -14.86
N PRO B 455 25.06 -9.09 -14.64
CA PRO B 455 25.02 -9.79 -13.35
C PRO B 455 25.37 -8.91 -12.14
N MET B 456 26.20 -7.89 -12.36
CA MET B 456 26.65 -6.89 -11.35
C MET B 456 25.45 -6.15 -10.73
N ALA B 457 24.35 -6.01 -11.49
CA ALA B 457 23.11 -5.31 -11.05
C ALA B 457 22.32 -6.17 -10.05
N PHE B 458 22.51 -7.49 -10.06
CA PHE B 458 21.68 -8.47 -9.31
C PHE B 458 22.28 -8.77 -7.93
N PHE B 459 23.22 -7.93 -7.47
CA PHE B 459 23.65 -7.87 -6.04
C PHE B 459 22.48 -7.32 -5.21
N GLY B 460 22.45 -7.63 -3.91
CA GLY B 460 21.35 -7.26 -2.99
C GLY B 460 21.75 -6.18 -2.01
N GLY B 461 20.77 -5.40 -1.53
CA GLY B 461 20.95 -4.38 -0.48
C GLY B 461 21.63 -3.12 -1.00
N SER B 462 22.45 -2.48 -0.16
CA SER B 462 23.13 -1.19 -0.41
C SER B 462 24.13 -1.32 -1.58
N THR B 463 24.93 -2.40 -1.58
CA THR B 463 25.99 -2.66 -2.59
C THR B 463 25.34 -2.89 -3.97
N GLY B 464 24.28 -3.69 -4.02
CA GLY B 464 23.50 -3.98 -5.24
C GLY B 464 22.93 -2.72 -5.87
N ALA B 465 22.39 -1.82 -5.06
CA ALA B 465 21.80 -0.53 -5.46
C ALA B 465 22.85 0.34 -6.15
N ILE B 466 24.07 0.37 -5.61
CA ILE B 466 25.22 1.16 -6.16
C ILE B 466 25.65 0.58 -7.52
N TYR B 467 25.86 -0.74 -7.57
CA TYR B 467 26.33 -1.48 -8.77
C TYR B 467 25.28 -1.42 -9.88
N ARG B 468 24.00 -1.30 -9.52
CA ARG B 468 22.84 -1.20 -10.46
C ARG B 468 23.00 0.07 -11.31
N GLN B 469 23.49 1.16 -10.71
CA GLN B 469 23.66 2.48 -11.37
C GLN B 469 24.67 2.34 -12.52
N PHE B 470 25.85 1.80 -12.23
CA PHE B 470 26.96 1.58 -13.19
C PHE B 470 26.53 0.57 -14.26
N SER B 471 25.87 -0.52 -13.85
CA SER B 471 25.43 -1.66 -14.71
C SER B 471 24.53 -1.15 -15.83
N ILE B 472 23.38 -0.55 -15.49
CA ILE B 472 22.35 -0.05 -16.45
C ILE B 472 23.00 0.97 -17.39
N THR B 473 23.73 1.95 -16.83
CA THR B 473 24.40 3.05 -17.57
C THR B 473 25.32 2.47 -18.65
N ILE B 474 26.17 1.51 -18.29
CA ILE B 474 27.25 0.96 -19.16
C ILE B 474 26.65 0.00 -20.20
N VAL B 475 25.75 -0.89 -19.79
CA VAL B 475 25.06 -1.86 -20.70
C VAL B 475 24.23 -1.08 -21.73
N SER B 476 23.62 0.03 -21.32
CA SER B 476 22.78 0.92 -22.17
C SER B 476 23.65 1.58 -23.26
N ALA B 477 24.70 2.28 -22.84
CA ALA B 477 25.65 3.01 -23.73
C ALA B 477 26.29 2.02 -24.71
N MET B 478 26.78 0.89 -24.19
CA MET B 478 27.42 -0.21 -24.97
C MET B 478 26.45 -0.73 -26.03
N ALA B 479 25.20 -0.99 -25.63
CA ALA B 479 24.12 -1.56 -26.49
C ALA B 479 23.78 -0.59 -27.63
N LEU B 480 23.59 0.69 -27.32
CA LEU B 480 23.25 1.75 -28.31
C LEU B 480 24.39 1.93 -29.32
N SER B 481 25.64 1.91 -28.85
CA SER B 481 26.87 2.05 -29.66
C SER B 481 26.91 0.97 -30.76
N VAL B 482 26.45 -0.23 -30.43
CA VAL B 482 26.40 -1.40 -31.36
C VAL B 482 25.29 -1.19 -32.39
N LEU B 483 24.09 -0.77 -31.94
CA LEU B 483 22.94 -0.43 -32.83
C LEU B 483 23.35 0.70 -33.78
N VAL B 484 24.02 1.73 -33.26
CA VAL B 484 24.55 2.89 -34.02
C VAL B 484 25.64 2.42 -34.99
N ALA B 485 26.43 1.41 -34.60
CA ALA B 485 27.53 0.83 -35.40
C ALA B 485 26.97 -0.07 -36.52
N LEU B 486 25.74 -0.56 -36.37
CA LEU B 486 25.06 -1.48 -37.33
C LEU B 486 24.05 -0.72 -38.20
N ILE B 487 23.83 0.57 -37.93
CA ILE B 487 22.77 1.40 -38.60
C ILE B 487 23.40 2.70 -39.14
N LEU B 488 23.91 3.56 -38.25
CA LEU B 488 24.33 4.95 -38.57
C LEU B 488 25.70 4.96 -39.26
N THR B 489 26.76 4.51 -38.57
CA THR B 489 28.18 4.69 -38.99
C THR B 489 28.45 3.99 -40.32
N PRO B 490 27.84 2.83 -40.63
CA PRO B 490 27.95 2.25 -41.98
C PRO B 490 27.37 3.19 -43.05
N ALA B 491 26.17 3.73 -42.79
CA ALA B 491 25.46 4.69 -43.67
C ALA B 491 26.33 5.95 -43.87
N LEU B 492 26.90 6.48 -42.78
CA LEU B 492 27.82 7.65 -42.80
C LEU B 492 29.06 7.31 -43.65
N CYS B 493 29.70 6.17 -43.36
CA CYS B 493 30.94 5.68 -44.04
C CYS B 493 30.73 5.58 -45.55
N ALA B 494 29.63 4.98 -45.98
CA ALA B 494 29.31 4.66 -47.40
C ALA B 494 29.11 5.95 -48.22
N THR B 495 28.77 7.06 -47.56
CA THR B 495 28.31 8.32 -48.23
C THR B 495 29.29 9.49 -47.99
N MET B 496 30.18 9.40 -47.00
CA MET B 496 31.06 10.54 -46.58
C MET B 496 32.52 10.28 -46.98
N LEU B 497 33.02 9.05 -46.84
CA LEU B 497 34.44 8.69 -47.05
C LEU B 497 34.81 8.81 -48.54
N LYS B 498 35.95 9.44 -48.84
CA LYS B 498 36.54 9.55 -50.20
C LYS B 498 37.15 8.20 -50.58
N PRO B 499 37.06 7.76 -51.87
CA PRO B 499 37.71 6.53 -52.31
C PRO B 499 39.24 6.62 -52.22
N ILE B 500 39.90 5.46 -52.08
CA ILE B 500 41.39 5.33 -52.02
C ILE B 500 41.83 4.29 -53.07
N ALA B 501 42.87 4.63 -53.84
CA ALA B 501 43.49 3.76 -54.87
C ALA B 501 44.12 2.54 -54.21
N LYS B 502 43.95 1.35 -54.81
CA LYS B 502 44.51 0.07 -54.30
C LYS B 502 46.04 0.19 -54.19
N GLY B 503 46.58 -0.09 -52.99
CA GLY B 503 48.04 -0.06 -52.73
C GLY B 503 48.50 1.24 -52.10
N ASP B 504 47.70 2.32 -52.22
CA ASP B 504 48.01 3.65 -51.67
C ASP B 504 47.91 3.61 -50.13
N HIS B 505 49.06 3.54 -49.45
CA HIS B 505 49.19 3.58 -47.97
C HIS B 505 49.74 4.95 -47.55
N GLY B 506 49.71 5.93 -48.44
CA GLY B 506 50.10 7.33 -48.18
C GLY B 506 51.59 7.50 -47.96
N GLU B 507 52.40 6.57 -48.49
CA GLU B 507 53.89 6.62 -48.41
C GLU B 507 54.42 7.55 -49.52
N GLY B 508 53.61 7.77 -50.57
CA GLY B 508 53.94 8.67 -51.69
C GLY B 508 53.85 10.14 -51.29
N LYS B 509 53.17 10.45 -50.19
CA LYS B 509 52.99 11.83 -49.65
C LYS B 509 54.35 12.40 -49.22
N LYS B 510 54.40 13.73 -49.04
CA LYS B 510 55.58 14.50 -48.59
C LYS B 510 55.33 15.05 -47.19
N GLY B 511 56.29 15.79 -46.63
CA GLY B 511 56.16 16.49 -45.34
C GLY B 511 56.07 15.55 -44.16
N PHE B 512 55.08 15.75 -43.28
CA PHE B 512 54.89 15.00 -42.01
C PHE B 512 54.14 13.68 -42.29
N PHE B 513 52.99 13.77 -42.94
CA PHE B 513 52.06 12.62 -43.19
C PHE B 513 52.73 11.61 -44.14
N GLY B 514 53.70 12.06 -44.94
CA GLY B 514 54.58 11.17 -45.73
C GLY B 514 55.54 10.39 -44.84
N TRP B 515 56.21 11.09 -43.93
CA TRP B 515 57.17 10.52 -42.94
C TRP B 515 56.45 9.51 -42.03
N PHE B 516 55.32 9.91 -41.46
CA PHE B 516 54.51 9.13 -40.49
C PHE B 516 54.01 7.83 -41.14
N ASN B 517 53.52 7.92 -42.38
CA ASN B 517 52.95 6.78 -43.15
C ASN B 517 54.05 5.73 -43.40
N ARG B 518 55.24 6.18 -43.83
CA ARG B 518 56.41 5.30 -44.11
C ARG B 518 57.01 4.80 -42.79
N MET B 519 56.91 5.59 -41.73
CA MET B 519 57.37 5.23 -40.36
C MET B 519 56.47 4.12 -39.80
N PHE B 520 55.15 4.26 -39.93
CA PHE B 520 54.13 3.36 -39.33
C PHE B 520 54.08 2.03 -40.10
N GLU B 521 54.14 2.08 -41.44
CA GLU B 521 54.22 0.88 -42.32
C GLU B 521 55.44 0.04 -41.93
N LYS B 522 56.57 0.70 -41.68
CA LYS B 522 57.83 0.08 -41.21
C LYS B 522 57.61 -0.52 -39.82
N SER B 523 56.93 0.20 -38.92
CA SER B 523 56.62 -0.21 -37.53
C SER B 523 55.67 -1.43 -37.54
N THR B 524 54.76 -1.50 -38.52
CA THR B 524 53.78 -2.60 -38.70
C THR B 524 54.54 -3.88 -39.08
N HIS B 525 55.53 -3.77 -39.97
CA HIS B 525 56.42 -4.89 -40.39
C HIS B 525 57.31 -5.32 -39.23
N HIS B 526 57.79 -4.36 -38.43
CA HIS B 526 58.60 -4.60 -37.20
C HIS B 526 57.77 -5.36 -36.16
N TYR B 527 56.46 -5.08 -36.08
CA TYR B 527 55.52 -5.69 -35.12
C TYR B 527 55.21 -7.13 -35.55
N THR B 528 54.90 -7.36 -36.84
CA THR B 528 54.60 -8.69 -37.43
C THR B 528 55.83 -9.60 -37.32
N ASP B 529 57.03 -9.02 -37.43
CA ASP B 529 58.33 -9.75 -37.26
C ASP B 529 58.47 -10.18 -35.80
N SER B 530 58.17 -9.29 -34.85
CA SER B 530 58.25 -9.52 -33.38
C SER B 530 57.27 -10.64 -32.99
N VAL B 531 56.05 -10.61 -33.50
CA VAL B 531 54.99 -11.64 -33.24
C VAL B 531 55.44 -12.97 -33.83
N GLY B 532 55.99 -12.95 -35.05
CA GLY B 532 56.54 -14.13 -35.75
C GLY B 532 57.52 -14.91 -34.88
N GLY B 533 58.45 -14.19 -34.22
CA GLY B 533 59.46 -14.76 -33.31
C GLY B 533 58.86 -15.18 -31.97
N ILE B 534 57.83 -14.48 -31.51
CA ILE B 534 57.06 -14.80 -30.27
C ILE B 534 56.34 -16.14 -30.46
N LEU B 535 55.76 -16.36 -31.65
CA LEU B 535 54.96 -17.57 -31.98
C LEU B 535 55.87 -18.77 -32.23
N ARG B 536 57.19 -18.54 -32.43
CA ARG B 536 58.22 -19.61 -32.56
C ARG B 536 58.47 -20.24 -31.18
N SER B 537 58.51 -19.43 -30.12
CA SER B 537 58.76 -19.85 -28.72
C SER B 537 57.57 -19.46 -27.84
N THR B 538 56.45 -20.16 -27.99
CA THR B 538 55.18 -19.95 -27.23
C THR B 538 55.39 -20.40 -25.78
N GLY B 539 56.17 -21.46 -25.57
CA GLY B 539 56.46 -22.06 -24.25
C GLY B 539 56.91 -21.03 -23.23
N ARG B 540 57.88 -20.18 -23.59
CA ARG B 540 58.45 -19.11 -22.72
C ARG B 540 57.34 -18.14 -22.31
N TYR B 541 56.48 -17.74 -23.25
CA TYR B 541 55.46 -16.68 -23.06
C TYR B 541 54.27 -17.21 -22.24
N LEU B 542 53.99 -18.51 -22.31
CA LEU B 542 53.01 -19.19 -21.43
C LEU B 542 53.52 -19.16 -19.98
N VAL B 543 54.85 -19.18 -19.79
CA VAL B 543 55.51 -19.09 -18.46
C VAL B 543 55.43 -17.65 -17.94
N LEU B 544 55.70 -16.65 -18.80
CA LEU B 544 55.66 -15.20 -18.46
C LEU B 544 54.21 -14.79 -18.14
N TYR B 545 53.22 -15.46 -18.73
CA TYR B 545 51.77 -15.24 -18.49
C TYR B 545 51.42 -15.62 -17.04
N LEU B 546 51.90 -16.77 -16.57
CA LEU B 546 51.63 -17.30 -15.21
C LEU B 546 52.26 -16.36 -14.16
N ILE B 547 53.39 -15.72 -14.50
CA ILE B 547 54.05 -14.68 -13.65
C ILE B 547 53.13 -13.46 -13.55
N ILE B 548 52.43 -13.10 -14.64
CA ILE B 548 51.46 -11.97 -14.70
C ILE B 548 50.20 -12.34 -13.88
N VAL B 549 49.71 -13.58 -14.02
CA VAL B 549 48.52 -14.09 -13.30
C VAL B 549 48.83 -14.11 -11.79
N VAL B 550 49.98 -14.68 -11.42
CA VAL B 550 50.50 -14.70 -10.02
C VAL B 550 50.73 -13.25 -9.55
N GLY B 551 51.30 -12.42 -10.42
CA GLY B 551 51.53 -10.98 -10.19
C GLY B 551 50.24 -10.24 -9.91
N MET B 552 49.20 -10.51 -10.71
CA MET B 552 47.83 -9.95 -10.55
C MET B 552 47.25 -10.41 -9.21
N ALA B 553 47.09 -11.72 -9.03
CA ALA B 553 46.46 -12.38 -7.86
C ALA B 553 47.04 -11.81 -6.56
N TYR B 554 48.37 -11.64 -6.49
CA TYR B 554 49.11 -11.10 -5.32
C TYR B 554 48.72 -9.63 -5.12
N LEU B 555 48.97 -8.79 -6.13
CA LEU B 555 48.68 -7.33 -6.11
C LEU B 555 47.21 -7.08 -5.75
N PHE B 556 46.30 -7.95 -6.23
CA PHE B 556 44.83 -7.88 -6.00
C PHE B 556 44.53 -8.00 -4.50
N VAL B 557 45.20 -8.93 -3.82
CA VAL B 557 45.00 -9.22 -2.37
C VAL B 557 45.67 -8.12 -1.53
N ARG B 558 46.89 -7.72 -1.89
CA ARG B 558 47.71 -6.70 -1.17
C ARG B 558 46.97 -5.35 -1.14
N LEU B 559 46.33 -4.97 -2.26
CA LEU B 559 45.66 -3.65 -2.44
C LEU B 559 44.56 -3.48 -1.40
N PRO B 560 44.64 -2.46 -0.51
CA PRO B 560 43.56 -2.17 0.43
C PRO B 560 42.24 -1.86 -0.28
N SER B 561 41.14 -2.50 0.14
CA SER B 561 39.80 -2.43 -0.50
C SER B 561 38.79 -1.70 0.39
N SER B 562 37.78 -1.09 -0.23
CA SER B 562 36.61 -0.44 0.42
C SER B 562 35.42 -0.46 -0.55
N PHE B 563 34.27 0.07 -0.13
CA PHE B 563 33.07 0.25 -0.98
C PHE B 563 33.18 1.61 -1.70
N LEU B 564 33.44 2.67 -0.94
CA LEU B 564 33.59 4.06 -1.46
C LEU B 564 34.81 4.72 -0.81
N PRO B 565 35.49 5.65 -1.51
CA PRO B 565 36.66 6.33 -0.96
C PRO B 565 36.27 7.45 0.03
N ASP B 566 37.24 7.91 0.82
CA ASP B 566 37.07 9.01 1.81
C ASP B 566 37.61 10.31 1.20
N GLU B 567 36.78 11.01 0.42
CA GLU B 567 37.17 12.20 -0.39
C GLU B 567 37.00 13.46 0.46
N ASP B 568 37.64 14.56 0.03
CA ASP B 568 37.51 15.91 0.64
C ASP B 568 36.19 16.53 0.16
N GLN B 569 35.16 16.54 1.02
CA GLN B 569 33.82 17.11 0.73
C GLN B 569 33.76 18.57 1.21
N GLY B 570 34.89 19.13 1.66
CA GLY B 570 34.98 20.53 2.14
C GLY B 570 34.31 20.71 3.50
N VAL B 571 33.90 19.61 4.15
CA VAL B 571 33.28 19.60 5.50
C VAL B 571 33.74 18.34 6.24
N PHE B 572 34.01 18.47 7.55
CA PHE B 572 34.32 17.35 8.47
C PHE B 572 33.76 17.69 9.86
N MET B 573 33.83 16.73 10.79
CA MET B 573 33.21 16.83 12.14
C MET B 573 34.27 16.69 13.23
N THR B 574 33.93 17.10 14.46
CA THR B 574 34.79 17.03 15.67
C THR B 574 33.93 16.60 16.87
N MET B 575 33.98 15.32 17.23
CA MET B 575 33.26 14.74 18.40
C MET B 575 33.86 15.34 19.68
N VAL B 576 33.00 15.72 20.64
CA VAL B 576 33.38 16.24 21.98
C VAL B 576 32.56 15.48 23.05
N GLN B 577 33.23 14.59 23.80
CA GLN B 577 32.64 13.78 24.90
C GLN B 577 33.33 14.16 26.22
N LEU B 578 32.55 14.37 27.28
CA LEU B 578 33.04 14.76 28.64
C LEU B 578 32.65 13.69 29.65
N PRO B 579 33.21 13.73 30.89
CA PRO B 579 32.92 12.72 31.91
C PRO B 579 31.44 12.65 32.34
N ALA B 580 31.09 11.58 33.07
CA ALA B 580 29.77 11.35 33.69
C ALA B 580 29.47 12.45 34.71
N GLY B 581 28.38 13.20 34.51
CA GLY B 581 27.92 14.26 35.43
C GLY B 581 28.40 15.64 35.03
N ALA B 582 29.03 15.77 33.85
CA ALA B 582 29.55 17.05 33.31
C ALA B 582 28.40 17.91 32.79
N THR B 583 28.52 19.23 32.94
CA THR B 583 27.47 20.24 32.62
C THR B 583 27.71 20.80 31.21
N GLN B 584 26.70 21.51 30.65
CA GLN B 584 26.73 22.04 29.27
C GLN B 584 27.67 23.26 29.22
N GLU B 585 27.83 23.98 30.33
CA GLU B 585 28.78 25.12 30.46
C GLU B 585 30.21 24.62 30.26
N ARG B 586 30.56 23.49 30.89
CA ARG B 586 31.91 22.87 30.83
C ARG B 586 32.16 22.28 29.43
N THR B 587 31.10 21.81 28.76
CA THR B 587 31.13 21.30 27.36
C THR B 587 31.37 22.46 26.40
N GLN B 588 30.82 23.64 26.70
CA GLN B 588 30.92 24.86 25.85
C GLN B 588 32.36 25.39 25.89
N LYS B 589 32.97 25.42 27.09
CA LYS B 589 34.38 25.87 27.32
C LYS B 589 35.33 25.10 26.39
N VAL B 590 35.10 23.79 26.22
CA VAL B 590 35.89 22.91 25.31
C VAL B 590 35.60 23.31 23.86
N LEU B 591 34.31 23.36 23.49
CA LEU B 591 33.83 23.73 22.12
C LEU B 591 34.39 25.09 21.71
N ASN B 592 34.57 26.01 22.68
CA ASN B 592 35.19 27.34 22.47
C ASN B 592 36.68 27.16 22.11
N GLU B 593 37.38 26.31 22.86
CA GLU B 593 38.83 26.00 22.65
C GLU B 593 39.00 25.27 21.32
N VAL B 594 38.01 24.48 20.91
CA VAL B 594 37.98 23.76 19.60
C VAL B 594 37.75 24.78 18.47
N THR B 595 36.74 25.64 18.63
CA THR B 595 36.36 26.71 17.67
C THR B 595 37.54 27.69 17.51
N HIS B 596 38.21 28.02 18.61
CA HIS B 596 39.40 28.94 18.65
C HIS B 596 40.51 28.38 17.76
N TYR B 597 40.90 27.12 17.99
CA TYR B 597 41.98 26.40 17.25
C TYR B 597 41.75 26.52 15.73
N TYR B 598 40.52 26.23 15.29
CA TYR B 598 40.14 26.14 13.85
C TYR B 598 40.16 27.53 13.18
N LEU B 599 39.81 28.58 13.92
CA LEU B 599 39.75 29.98 13.42
C LEU B 599 41.08 30.70 13.67
N THR B 600 42.07 30.00 14.23
CA THR B 600 43.41 30.55 14.60
C THR B 600 44.50 29.87 13.75
N LYS B 601 44.67 28.55 13.92
CA LYS B 601 45.79 27.77 13.33
C LYS B 601 45.39 27.19 11.96
N GLU B 602 44.11 27.28 11.58
CA GLU B 602 43.57 26.74 10.30
C GLU B 602 42.67 27.80 9.63
N LYS B 603 43.01 29.09 9.77
CA LYS B 603 42.20 30.22 9.24
C LYS B 603 42.41 30.36 7.72
N ASN B 604 43.41 29.68 7.15
CA ASN B 604 43.65 29.59 5.69
C ASN B 604 42.73 28.52 5.08
N ASN B 605 42.34 27.50 5.87
CA ASN B 605 41.58 26.32 5.41
C ASN B 605 40.11 26.41 5.86
N VAL B 606 39.85 26.79 7.11
CA VAL B 606 38.51 26.79 7.75
C VAL B 606 37.73 28.03 7.32
N GLU B 607 36.44 27.86 6.98
CA GLU B 607 35.49 28.94 6.65
C GLU B 607 34.62 29.23 7.89
N SER B 608 34.03 28.19 8.48
CA SER B 608 33.12 28.30 9.66
C SER B 608 33.22 27.06 10.55
N VAL B 609 32.74 27.19 11.80
CA VAL B 609 32.63 26.10 12.81
C VAL B 609 31.24 26.20 13.46
N PHE B 610 30.38 25.20 13.22
CA PHE B 610 29.01 25.09 13.77
C PHE B 610 29.06 24.31 15.08
N ALA B 611 29.16 25.01 16.21
CA ALA B 611 29.36 24.45 17.57
C ALA B 611 28.02 24.06 18.19
N VAL B 612 27.64 22.78 18.09
CA VAL B 612 26.38 22.20 18.67
C VAL B 612 26.74 21.53 20.00
N ASN B 613 26.25 22.10 21.10
CA ASN B 613 26.45 21.58 22.49
C ASN B 613 25.20 20.81 22.91
N GLY B 614 25.27 19.48 22.93
CA GLY B 614 24.16 18.59 23.35
C GLY B 614 24.07 17.33 22.50
N PHE B 615 24.48 17.40 21.23
CA PHE B 615 24.34 16.32 20.22
C PHE B 615 25.63 15.50 20.12
N GLY B 616 25.51 14.21 19.82
CA GLY B 616 26.66 13.27 19.66
C GLY B 616 26.30 12.08 18.81
N PHE B 617 27.31 11.28 18.42
CA PHE B 617 27.19 10.06 17.58
C PHE B 617 26.82 8.86 18.47
N ALA B 618 27.36 8.81 19.69
CA ALA B 618 27.13 7.74 20.69
C ALA B 618 25.84 8.01 21.46
N GLY B 619 25.43 9.28 21.61
CA GLY B 619 24.18 9.67 22.29
C GLY B 619 24.05 11.18 22.46
N ARG B 620 23.20 11.61 23.40
CA ARG B 620 22.91 13.03 23.73
C ARG B 620 23.26 13.30 25.19
N GLY B 621 23.06 14.55 25.64
CA GLY B 621 23.25 14.98 27.04
C GLY B 621 24.04 16.28 27.13
N GLN B 622 24.08 16.89 28.32
CA GLN B 622 24.85 18.13 28.61
C GLN B 622 26.34 17.89 28.39
N ASN B 623 26.80 16.64 28.58
CA ASN B 623 28.24 16.25 28.60
C ASN B 623 28.72 15.82 27.21
N THR B 624 28.00 16.15 26.14
CA THR B 624 28.40 15.83 24.73
C THR B 624 28.10 17.03 23.82
N GLY B 625 28.79 17.08 22.67
CA GLY B 625 28.66 18.12 21.64
C GLY B 625 29.44 17.76 20.39
N ILE B 626 29.14 18.42 19.27
CA ILE B 626 29.84 18.23 17.95
C ILE B 626 30.05 19.60 17.30
N ALA B 627 31.20 19.78 16.65
CA ALA B 627 31.58 20.98 15.87
C ALA B 627 31.73 20.60 14.39
N PHE B 628 30.81 21.05 13.54
CA PHE B 628 30.82 20.86 12.06
C PHE B 628 31.71 21.95 11.45
N VAL B 629 32.92 21.57 11.02
CA VAL B 629 33.92 22.48 10.39
C VAL B 629 33.68 22.52 8.87
N SER B 630 33.14 23.63 8.37
CA SER B 630 33.00 23.93 6.92
C SER B 630 34.27 24.65 6.44
N LEU B 631 34.93 24.12 5.41
CA LEU B 631 36.24 24.63 4.90
C LEU B 631 36.01 25.65 3.79
N LYS B 632 37.08 26.26 3.30
CA LYS B 632 37.09 27.14 2.09
C LYS B 632 37.11 26.25 0.85
N ASP B 633 37.08 26.86 -0.34
CA ASP B 633 37.10 26.14 -1.65
C ASP B 633 38.46 25.45 -1.82
N TRP B 634 38.55 24.50 -2.76
CA TRP B 634 39.75 23.68 -3.03
C TRP B 634 40.79 24.51 -3.80
N ALA B 635 40.38 25.66 -4.35
CA ALA B 635 41.24 26.67 -5.00
C ALA B 635 42.11 27.37 -3.96
N ASP B 636 41.62 27.50 -2.72
CA ASP B 636 42.28 28.24 -1.60
C ASP B 636 42.97 27.26 -0.63
N ARG B 637 43.13 26.00 -1.02
CA ARG B 637 43.75 24.93 -0.19
C ARG B 637 44.63 24.05 -1.07
N PRO B 638 45.86 24.51 -1.40
CA PRO B 638 46.76 23.75 -2.29
C PRO B 638 47.53 22.62 -1.59
N GLY B 639 47.67 21.47 -2.27
CA GLY B 639 48.47 20.32 -1.81
C GLY B 639 47.73 19.46 -0.80
N GLU B 640 48.32 18.33 -0.41
CA GLU B 640 47.77 17.37 0.59
C GLU B 640 47.84 17.99 1.99
N GLU B 641 48.75 18.94 2.20
CA GLU B 641 48.95 19.71 3.47
C GLU B 641 47.62 20.33 3.94
N ASN B 642 46.75 20.73 3.01
CA ASN B 642 45.48 21.47 3.30
C ASN B 642 44.26 20.65 2.85
N LYS B 643 44.31 19.32 2.96
CA LYS B 643 43.16 18.41 2.71
C LYS B 643 42.68 17.85 4.05
N VAL B 644 41.41 17.41 4.11
CA VAL B 644 40.71 16.98 5.36
C VAL B 644 41.55 15.93 6.08
N GLU B 645 42.05 14.92 5.36
CA GLU B 645 42.85 13.80 5.92
C GLU B 645 43.98 14.36 6.80
N ALA B 646 44.69 15.38 6.32
CA ALA B 646 45.81 16.04 7.02
C ALA B 646 45.27 16.91 8.16
N ILE B 647 44.30 17.79 7.87
CA ILE B 647 43.64 18.71 8.85
C ILE B 647 43.10 17.88 10.02
N THR B 648 42.52 16.71 9.71
CA THR B 648 41.96 15.72 10.68
C THR B 648 43.06 15.27 11.65
N MET B 649 44.23 14.88 11.13
CA MET B 649 45.36 14.30 11.90
C MET B 649 45.93 15.36 12.86
N ARG B 650 46.17 16.58 12.35
CA ARG B 650 46.73 17.72 13.11
C ARG B 650 45.77 18.12 14.23
N ALA B 651 44.47 18.13 13.95
CA ALA B 651 43.38 18.49 14.88
C ALA B 651 43.33 17.49 16.04
N THR B 652 43.19 16.19 15.73
CA THR B 652 43.12 15.08 16.72
C THR B 652 44.33 15.13 17.65
N ARG B 653 45.53 15.26 17.08
CA ARG B 653 46.82 15.31 17.83
C ARG B 653 46.85 16.56 18.72
N ALA B 654 46.34 17.69 18.21
CA ALA B 654 46.32 19.01 18.91
C ALA B 654 45.34 18.99 20.08
N PHE B 655 44.24 18.23 19.98
CA PHE B 655 43.17 18.13 21.01
C PHE B 655 43.44 16.97 21.97
N SER B 656 44.57 16.28 21.82
CA SER B 656 45.06 15.23 22.76
C SER B 656 45.51 15.90 24.08
N GLN B 657 45.83 17.20 24.01
CA GLN B 657 46.27 18.03 25.18
C GLN B 657 45.07 18.31 26.09
N ILE B 658 43.86 18.37 25.53
CA ILE B 658 42.60 18.80 26.22
C ILE B 658 42.44 17.99 27.51
N LYS B 659 42.17 18.68 28.63
CA LYS B 659 42.02 18.07 29.98
C LYS B 659 40.54 17.82 30.27
N ASP B 660 40.21 16.62 30.74
CA ASP B 660 38.84 16.19 31.16
C ASP B 660 37.89 16.29 29.95
N ALA B 661 38.28 15.70 28.81
CA ALA B 661 37.45 15.58 27.58
C ALA B 661 38.18 14.70 26.56
N MET B 662 37.42 13.90 25.82
CA MET B 662 37.92 13.01 24.73
C MET B 662 37.47 13.59 23.38
N VAL B 663 38.33 14.39 22.76
CA VAL B 663 38.04 15.22 21.54
C VAL B 663 38.88 14.69 20.37
N PHE B 664 38.26 14.51 19.20
CA PHE B 664 38.92 14.08 17.95
C PHE B 664 38.02 14.37 16.74
N ALA B 665 38.62 14.77 15.62
CA ALA B 665 37.94 15.09 14.34
C ALA B 665 38.01 13.88 13.40
N PHE B 666 37.03 13.75 12.49
CA PHE B 666 36.94 12.66 11.48
C PHE B 666 36.14 13.16 10.26
N ASN B 667 36.55 12.73 9.06
CA ASN B 667 35.94 13.08 7.76
C ASN B 667 34.56 12.42 7.65
N LEU B 668 33.66 13.03 6.87
CA LEU B 668 32.32 12.46 6.56
C LEU B 668 32.49 11.27 5.62
N PRO B 669 31.59 10.26 5.69
CA PRO B 669 31.59 9.16 4.72
C PRO B 669 31.09 9.64 3.35
N ALA B 670 31.63 9.06 2.27
CA ALA B 670 31.28 9.38 0.86
C ALA B 670 29.76 9.55 0.74
N ILE B 671 29.00 8.56 1.23
CA ILE B 671 27.51 8.56 1.28
C ILE B 671 27.08 8.76 2.74
N VAL B 672 26.55 9.94 3.06
CA VAL B 672 26.16 10.38 4.44
C VAL B 672 24.97 9.54 4.93
N GLU B 673 24.12 9.06 4.02
CA GLU B 673 22.84 8.37 4.33
C GLU B 673 23.11 6.92 4.80
N LEU B 674 24.26 6.35 4.41
CA LEU B 674 24.58 4.90 4.57
C LEU B 674 25.38 4.68 5.87
N GLY B 675 25.76 5.76 6.56
CA GLY B 675 26.66 5.71 7.73
C GLY B 675 28.11 5.59 7.29
N THR B 676 28.95 4.94 8.10
CA THR B 676 30.41 4.77 7.86
C THR B 676 30.62 3.75 6.73
N ALA B 677 29.98 2.59 6.81
CA ALA B 677 30.00 1.50 5.81
C ALA B 677 31.42 0.92 5.67
N THR B 678 32.19 0.93 6.78
CA THR B 678 33.54 0.30 6.89
C THR B 678 33.72 -0.22 8.32
N GLY B 679 33.96 -1.52 8.47
CA GLY B 679 34.06 -2.22 9.76
C GLY B 679 32.96 -3.26 9.92
N PHE B 680 32.44 -3.44 11.15
CA PHE B 680 31.28 -4.30 11.46
C PHE B 680 30.39 -3.60 12.50
N ASP B 681 29.16 -4.12 12.65
CA ASP B 681 28.11 -3.58 13.56
C ASP B 681 27.47 -4.75 14.32
N PHE B 682 27.78 -4.88 15.62
CA PHE B 682 27.44 -6.04 16.49
C PHE B 682 26.41 -5.60 17.53
N GLU B 683 25.35 -6.40 17.71
CA GLU B 683 24.28 -6.19 18.73
C GLU B 683 24.36 -7.32 19.77
N LEU B 684 24.60 -6.97 21.03
CA LEU B 684 24.65 -7.91 22.19
C LEU B 684 23.30 -7.85 22.91
N ILE B 685 22.59 -8.99 23.01
CA ILE B 685 21.14 -9.05 23.36
C ILE B 685 20.94 -9.79 24.69
N ASP B 686 19.98 -9.32 25.49
CA ASP B 686 19.49 -9.97 26.74
C ASP B 686 18.26 -10.82 26.40
N GLN B 687 18.42 -12.14 26.27
CA GLN B 687 17.39 -13.08 25.76
C GLN B 687 16.78 -13.90 26.90
N ALA B 688 17.02 -13.53 28.16
CA ALA B 688 16.52 -14.25 29.35
C ALA B 688 16.31 -13.29 30.53
N GLY B 689 15.80 -12.09 30.25
CA GLY B 689 15.47 -11.05 31.25
C GLY B 689 16.53 -10.92 32.34
N LEU B 690 17.81 -10.93 31.94
CA LEU B 690 18.98 -10.84 32.86
C LEU B 690 19.03 -9.45 33.50
N GLY B 691 18.66 -8.41 32.76
CA GLY B 691 18.66 -7.01 33.21
C GLY B 691 19.79 -6.21 32.59
N HIS B 692 19.90 -4.92 32.95
CA HIS B 692 20.89 -3.96 32.39
C HIS B 692 22.30 -4.31 32.88
N GLU B 693 22.49 -4.45 34.19
CA GLU B 693 23.80 -4.66 34.86
C GLU B 693 24.50 -5.89 34.29
N LYS B 694 23.76 -7.00 34.12
CA LYS B 694 24.32 -8.31 33.68
C LYS B 694 24.74 -8.24 32.21
N LEU B 695 24.03 -7.46 31.39
CA LEU B 695 24.35 -7.24 29.95
C LEU B 695 25.58 -6.32 29.84
N THR B 696 25.76 -5.40 30.79
CA THR B 696 26.94 -4.50 30.91
C THR B 696 28.19 -5.35 31.19
N GLN B 697 28.08 -6.33 32.11
CA GLN B 697 29.19 -7.23 32.52
C GLN B 697 29.55 -8.15 31.35
N ALA B 698 28.55 -8.71 30.66
CA ALA B 698 28.71 -9.58 29.47
C ALA B 698 29.40 -8.81 28.34
N ARG B 699 29.06 -7.53 28.19
CA ARG B 699 29.66 -6.61 27.18
C ARG B 699 31.14 -6.39 27.54
N ASN B 700 31.42 -5.95 28.76
CA ASN B 700 32.80 -5.70 29.29
C ASN B 700 33.65 -6.96 29.08
N GLN B 701 33.07 -8.14 29.31
CA GLN B 701 33.73 -9.47 29.15
C GLN B 701 34.07 -9.70 27.67
N LEU B 702 33.17 -9.34 26.75
CA LEU B 702 33.37 -9.47 25.28
C LEU B 702 34.40 -8.44 24.81
N LEU B 703 34.31 -7.20 25.31
CA LEU B 703 35.26 -6.10 25.02
C LEU B 703 36.67 -6.51 25.46
N ALA B 704 36.79 -7.10 26.67
CA ALA B 704 38.05 -7.56 27.28
C ALA B 704 38.71 -8.65 26.41
N GLU B 705 37.90 -9.56 25.86
CA GLU B 705 38.37 -10.71 25.04
C GLU B 705 38.79 -10.23 23.64
N ALA B 706 38.10 -9.21 23.10
CA ALA B 706 38.38 -8.60 21.78
C ALA B 706 39.73 -7.88 21.81
N ALA B 707 40.12 -7.34 22.97
CA ALA B 707 41.40 -6.62 23.21
C ALA B 707 42.57 -7.61 23.16
N LYS B 708 42.32 -8.89 23.44
CA LYS B 708 43.34 -9.98 23.46
C LYS B 708 43.51 -10.59 22.06
N HIS B 709 43.00 -9.92 21.02
CA HIS B 709 43.24 -10.26 19.59
C HIS B 709 43.44 -8.98 18.78
N PRO B 710 44.51 -8.19 19.03
CA PRO B 710 44.83 -7.02 18.21
C PRO B 710 45.17 -7.42 16.76
N ASP B 711 45.71 -8.63 16.59
CA ASP B 711 46.08 -9.24 15.28
C ASP B 711 44.84 -9.37 14.38
N MET B 712 43.65 -9.61 14.96
CA MET B 712 42.39 -9.87 14.22
C MET B 712 41.45 -8.66 14.31
N LEU B 713 41.19 -8.16 15.53
CA LEU B 713 40.19 -7.09 15.80
C LEU B 713 40.90 -5.80 16.21
N THR B 714 40.37 -4.65 15.77
CA THR B 714 40.87 -3.29 16.10
C THR B 714 39.68 -2.36 16.38
N SER B 715 39.80 -1.51 17.41
CA SER B 715 38.85 -0.44 17.79
C SER B 715 37.46 -1.04 18.13
N VAL B 716 37.43 -2.20 18.78
CA VAL B 716 36.17 -2.85 19.25
C VAL B 716 35.68 -2.09 20.48
N ARG B 717 34.65 -1.26 20.32
CA ARG B 717 34.15 -0.29 21.34
C ARG B 717 32.62 -0.32 21.36
N PRO B 718 31.98 0.05 22.49
CA PRO B 718 30.52 0.17 22.55
C PRO B 718 30.02 1.49 21.96
N ASN B 719 28.99 1.44 21.12
CA ASN B 719 28.28 2.62 20.55
C ASN B 719 27.11 2.97 21.48
N GLY B 720 27.43 3.42 22.69
CA GLY B 720 26.47 3.77 23.75
C GLY B 720 27.11 4.60 24.85
N LEU B 721 26.34 4.96 25.88
CA LEU B 721 26.81 5.78 27.03
C LEU B 721 26.94 4.88 28.27
N GLU B 722 28.00 5.09 29.05
CA GLU B 722 28.27 4.36 30.32
C GLU B 722 27.32 4.88 31.40
N ASP B 723 27.01 4.04 32.40
CA ASP B 723 26.11 4.38 33.53
C ASP B 723 26.69 5.57 34.31
N THR B 724 25.82 6.43 34.84
CA THR B 724 26.17 7.71 35.51
C THR B 724 25.45 7.79 36.85
N PRO B 725 25.96 8.58 37.83
CA PRO B 725 25.26 8.81 39.09
C PRO B 725 23.93 9.55 38.87
N GLN B 726 22.86 9.09 39.53
CA GLN B 726 21.50 9.70 39.46
C GLN B 726 20.90 9.78 40.86
N PHE B 727 20.21 10.88 41.15
CA PHE B 727 19.68 11.27 42.49
C PHE B 727 18.34 10.58 42.73
N LYS B 728 18.37 9.41 43.40
CA LYS B 728 17.17 8.59 43.73
C LYS B 728 16.47 9.19 44.95
N ILE B 729 15.27 9.73 44.76
CA ILE B 729 14.42 10.32 45.85
C ILE B 729 13.23 9.37 46.08
N ASP B 730 12.92 9.09 47.35
CA ASP B 730 11.85 8.13 47.76
C ASP B 730 10.80 8.88 48.61
N ILE B 731 9.56 8.92 48.12
CA ILE B 731 8.38 9.51 48.81
C ILE B 731 7.87 8.50 49.84
N ASP B 732 7.93 8.84 51.13
CA ASP B 732 7.38 8.00 52.23
C ASP B 732 5.85 8.11 52.18
N GLN B 733 5.18 7.04 51.74
CA GLN B 733 3.70 6.99 51.53
C GLN B 733 2.98 7.22 52.86
N GLU B 734 3.48 6.62 53.94
CA GLU B 734 2.90 6.69 55.31
C GLU B 734 2.98 8.13 55.83
N LYS B 735 4.15 8.77 55.72
CA LYS B 735 4.40 10.16 56.20
C LYS B 735 3.52 11.14 55.41
N ALA B 736 3.37 10.92 54.11
CA ALA B 736 2.55 11.75 53.19
C ALA B 736 1.07 11.63 53.56
N GLN B 737 0.58 10.40 53.77
CA GLN B 737 -0.83 10.09 54.11
C GLN B 737 -1.16 10.63 55.51
N ALA B 738 -0.22 10.54 56.46
CA ALA B 738 -0.38 10.95 57.87
C ALA B 738 -0.50 12.47 57.98
N LEU B 739 0.21 13.22 57.13
CA LEU B 739 0.20 14.71 57.11
C LEU B 739 -0.97 15.23 56.26
N GLY B 740 -1.60 14.35 55.47
CA GLY B 740 -2.74 14.69 54.59
C GLY B 740 -2.28 15.30 53.28
N VAL B 741 -1.16 14.79 52.74
CA VAL B 741 -0.54 15.25 51.46
C VAL B 741 -0.68 14.12 50.43
N SER B 742 -1.26 14.41 49.27
CA SER B 742 -1.53 13.46 48.17
C SER B 742 -0.28 13.23 47.33
N ILE B 743 -0.12 12.03 46.77
CA ILE B 743 1.04 11.62 45.92
C ILE B 743 1.00 12.41 44.61
N ASN B 744 -0.20 12.70 44.10
CA ASN B 744 -0.42 13.46 42.83
C ASN B 744 0.16 14.88 43.00
N ASP B 745 -0.24 15.60 44.05
CA ASP B 745 0.25 16.97 44.37
C ASP B 745 1.78 16.94 44.55
N ILE B 746 2.31 15.91 45.21
CA ILE B 746 3.77 15.71 45.46
C ILE B 746 4.48 15.50 44.12
N ASN B 747 4.12 14.43 43.40
CA ASN B 747 4.81 13.98 42.16
C ASN B 747 4.62 15.03 41.05
N THR B 748 3.53 15.79 41.06
CA THR B 748 3.28 16.91 40.11
C THR B 748 4.23 18.07 40.41
N THR B 749 4.35 18.45 41.69
CA THR B 749 5.22 19.56 42.18
C THR B 749 6.68 19.28 41.78
N LEU B 750 7.16 18.07 42.05
CA LEU B 750 8.54 17.61 41.70
C LEU B 750 8.70 17.64 40.17
N GLY B 751 7.80 16.96 39.46
CA GLY B 751 7.83 16.82 37.99
C GLY B 751 7.77 18.17 37.27
N ALA B 752 6.88 19.06 37.72
CA ALA B 752 6.64 20.40 37.12
C ALA B 752 7.87 21.29 37.32
N ALA B 753 8.27 21.51 38.58
CA ALA B 753 9.37 22.40 38.99
C ALA B 753 10.68 21.96 38.32
N TRP B 754 11.10 20.73 38.57
CA TRP B 754 12.46 20.21 38.24
C TRP B 754 12.55 19.77 36.77
N GLY B 755 11.52 19.11 36.25
CA GLY B 755 11.49 18.53 34.89
C GLY B 755 10.87 19.45 33.86
N GLY B 756 9.91 20.28 34.28
CA GLY B 756 9.09 21.12 33.37
C GLY B 756 7.81 20.39 32.97
N SER B 757 6.70 21.11 32.86
CA SER B 757 5.35 20.55 32.54
C SER B 757 4.72 21.36 31.38
N TYR B 758 4.44 20.69 30.26
CA TYR B 758 3.68 21.23 29.10
C TYR B 758 2.20 21.30 29.49
N VAL B 759 1.70 22.51 29.75
CA VAL B 759 0.33 22.76 30.30
C VAL B 759 -0.68 22.74 29.13
N ASN B 760 -0.57 23.71 28.21
CA ASN B 760 -1.51 23.88 27.08
C ASN B 760 -0.90 24.86 26.06
N ASP B 761 -1.66 25.25 25.04
CA ASP B 761 -1.21 26.13 23.91
C ASP B 761 -1.69 27.56 24.14
N PHE B 762 -0.96 28.52 23.56
CA PHE B 762 -1.32 29.96 23.43
C PHE B 762 -1.02 30.40 21.99
N ILE B 763 -1.39 31.63 21.62
CA ILE B 763 -1.25 32.14 20.22
C ILE B 763 -0.41 33.42 20.23
N ASP B 764 0.85 33.32 19.77
CA ASP B 764 1.80 34.46 19.65
C ASP B 764 1.86 34.90 18.18
N ARG B 765 1.23 36.03 17.86
CA ARG B 765 1.24 36.68 16.51
C ARG B 765 0.66 35.69 15.48
N GLY B 766 -0.52 35.13 15.77
CA GLY B 766 -1.27 34.23 14.86
C GLY B 766 -0.56 32.92 14.62
N ARG B 767 0.16 32.40 15.62
CA ARG B 767 0.87 31.10 15.59
C ARG B 767 0.61 30.35 16.90
N VAL B 768 0.09 29.13 16.83
CA VAL B 768 -0.15 28.26 18.02
C VAL B 768 1.21 27.79 18.55
N LYS B 769 1.47 28.02 19.84
CA LYS B 769 2.76 27.72 20.52
C LYS B 769 2.48 27.17 21.92
N LYS B 770 3.43 26.42 22.48
CA LYS B 770 3.26 25.62 23.73
C LYS B 770 3.56 26.50 24.95
N VAL B 771 2.90 26.21 26.08
CA VAL B 771 3.12 26.87 27.40
C VAL B 771 3.77 25.84 28.35
N TYR B 772 5.00 26.10 28.79
CA TYR B 772 5.77 25.27 29.76
C TYR B 772 5.89 26.02 31.08
N VAL B 773 5.46 25.39 32.19
CA VAL B 773 5.78 25.85 33.58
C VAL B 773 6.97 25.03 34.08
N MET B 774 7.94 25.69 34.72
CA MET B 774 9.19 25.08 35.24
C MET B 774 9.76 25.98 36.35
N SER B 775 10.63 25.44 37.19
CA SER B 775 11.34 26.19 38.25
C SER B 775 12.39 27.12 37.60
N GLU B 776 12.52 28.34 38.13
CA GLU B 776 13.63 29.26 37.80
C GLU B 776 14.95 28.56 38.19
N ALA B 777 15.93 28.56 37.28
CA ALA B 777 17.18 27.77 37.35
C ALA B 777 17.66 27.61 38.80
N LYS B 778 17.73 28.70 39.56
CA LYS B 778 18.48 28.79 40.84
C LYS B 778 17.82 27.95 41.95
N TYR B 779 16.59 27.44 41.75
CA TYR B 779 15.85 26.64 42.75
C TYR B 779 15.70 25.17 42.31
N ARG B 780 16.38 24.74 41.24
CA ARG B 780 16.29 23.34 40.72
C ARG B 780 17.67 22.87 40.23
N MET B 781 18.72 23.08 41.04
CA MET B 781 20.13 22.79 40.67
C MET B 781 20.70 21.67 41.55
N LEU B 782 20.69 21.85 42.88
CA LEU B 782 21.38 20.95 43.85
C LEU B 782 20.36 20.28 44.77
N PRO B 783 20.70 19.10 45.36
CA PRO B 783 19.80 18.39 46.27
C PRO B 783 19.22 19.20 47.44
N ASP B 784 19.95 20.22 47.91
CA ASP B 784 19.52 21.11 49.03
C ASP B 784 18.26 21.89 48.63
N ASP B 785 18.07 22.17 47.34
CA ASP B 785 16.94 22.98 46.79
C ASP B 785 15.62 22.20 46.90
N ILE B 786 15.69 20.86 47.00
CA ILE B 786 14.50 19.95 47.15
C ILE B 786 13.64 20.43 48.33
N GLY B 787 14.28 20.75 49.46
CA GLY B 787 13.61 21.10 50.74
C GLY B 787 12.96 22.47 50.72
N ASP B 788 13.21 23.28 49.68
CA ASP B 788 12.63 24.65 49.52
C ASP B 788 11.27 24.58 48.81
N TRP B 789 10.87 23.40 48.33
CA TRP B 789 9.58 23.15 47.63
C TRP B 789 8.54 22.62 48.63
N TYR B 790 7.40 23.30 48.71
CA TYR B 790 6.30 23.04 49.69
C TYR B 790 5.05 22.57 48.93
N VAL B 791 4.39 21.52 49.45
CA VAL B 791 3.13 20.93 48.92
C VAL B 791 2.04 21.12 49.98
N ARG B 792 0.88 21.68 49.60
CA ARG B 792 -0.24 21.97 50.54
C ARG B 792 -0.96 20.67 50.88
N ALA B 793 -1.09 20.39 52.18
CA ALA B 793 -1.89 19.27 52.73
C ALA B 793 -3.38 19.64 52.68
N ALA B 794 -4.27 18.67 52.94
CA ALA B 794 -5.74 18.84 52.90
C ALA B 794 -6.20 19.88 53.94
N ASP B 795 -5.48 20.00 55.06
CA ASP B 795 -5.81 20.91 56.19
C ASP B 795 -5.25 22.31 55.92
N GLY B 796 -4.51 22.51 54.83
CA GLY B 796 -4.07 23.83 54.33
C GLY B 796 -2.67 24.20 54.79
N GLN B 797 -2.00 23.34 55.55
CA GLN B 797 -0.61 23.55 56.04
C GLN B 797 0.37 23.21 54.91
N MET B 798 1.36 24.10 54.68
CA MET B 798 2.43 23.90 53.67
C MET B 798 3.50 22.97 54.26
N VAL B 799 3.75 21.83 53.61
CA VAL B 799 4.69 20.76 54.06
C VAL B 799 5.89 20.76 53.12
N PRO B 800 7.14 20.90 53.64
CA PRO B 800 8.33 20.84 52.79
C PRO B 800 8.61 19.40 52.33
N PHE B 801 9.26 19.24 51.17
CA PHE B 801 9.62 17.94 50.56
C PHE B 801 10.45 17.11 51.54
N SER B 802 11.35 17.76 52.29
CA SER B 802 12.25 17.14 53.29
C SER B 802 11.46 16.36 54.35
N ALA B 803 10.23 16.78 54.64
CA ALA B 803 9.36 16.19 55.70
C ALA B 803 8.97 14.75 55.35
N PHE B 804 8.75 14.45 54.06
CA PHE B 804 8.18 13.16 53.58
C PHE B 804 9.07 12.51 52.51
N SER B 805 10.33 12.94 52.36
CA SER B 805 11.27 12.44 51.33
C SER B 805 12.60 12.02 51.96
N SER B 806 13.35 11.18 51.24
CA SER B 806 14.71 10.69 51.60
C SER B 806 15.47 10.34 50.32
N SER B 807 16.71 10.82 50.18
CA SER B 807 17.51 10.73 48.92
C SER B 807 18.84 9.99 49.16
N ARG B 808 19.34 9.31 48.12
CA ARG B 808 20.68 8.66 48.08
C ARG B 808 21.14 8.66 46.61
N TRP B 809 22.43 8.38 46.37
CA TRP B 809 23.00 8.21 45.02
C TRP B 809 22.99 6.73 44.62
N GLU B 810 22.65 6.45 43.36
CA GLU B 810 22.80 5.12 42.72
C GLU B 810 23.08 5.33 41.23
N TYR B 811 23.66 4.32 40.57
CA TYR B 811 24.07 4.37 39.14
C TYR B 811 22.96 3.78 38.25
N GLY B 812 22.60 4.50 37.19
CA GLY B 812 21.65 4.05 36.15
C GLY B 812 22.07 4.53 34.77
N SER B 813 21.44 4.01 33.72
CA SER B 813 21.77 4.29 32.30
C SER B 813 21.19 5.62 31.87
N PRO B 814 21.96 6.50 31.20
CA PRO B 814 21.42 7.70 30.57
C PRO B 814 20.96 7.47 29.12
N ARG B 815 21.10 6.24 28.62
CA ARG B 815 20.74 5.83 27.23
C ARG B 815 20.64 4.30 27.17
N LEU B 816 19.41 3.77 27.08
CA LEU B 816 19.10 2.32 27.04
C LEU B 816 18.79 1.91 25.59
N GLU B 817 19.53 0.93 25.06
CA GLU B 817 19.41 0.43 23.66
C GLU B 817 18.60 -0.87 23.66
N ARG B 818 17.86 -1.11 22.57
CA ARG B 818 17.08 -2.36 22.32
C ARG B 818 17.18 -2.75 20.85
N TYR B 819 17.15 -4.05 20.55
CA TYR B 819 17.21 -4.61 19.17
C TYR B 819 16.19 -5.76 19.05
N ASN B 820 15.23 -5.62 18.14
CA ASN B 820 14.13 -6.58 17.86
C ASN B 820 13.34 -6.83 19.16
N GLY B 821 13.04 -5.77 19.90
CA GLY B 821 12.12 -5.79 21.06
C GLY B 821 12.82 -6.16 22.36
N LEU B 822 14.06 -6.67 22.31
CA LEU B 822 14.82 -7.15 23.48
C LEU B 822 15.93 -6.14 23.81
N PRO B 823 16.38 -6.04 25.08
CA PRO B 823 17.46 -5.12 25.44
C PRO B 823 18.77 -5.46 24.72
N SER B 824 19.47 -4.44 24.21
CA SER B 824 20.68 -4.59 23.35
C SER B 824 21.80 -3.66 23.83
N MET B 825 23.03 -3.93 23.37
CA MET B 825 24.21 -3.03 23.47
C MET B 825 24.99 -3.11 22.16
N GLU B 826 24.96 -2.03 21.37
CA GLU B 826 25.61 -1.95 20.03
C GLU B 826 27.13 -1.83 20.23
N ILE B 827 27.89 -2.66 19.51
CA ILE B 827 29.38 -2.72 19.58
C ILE B 827 29.94 -2.54 18.16
N LEU B 828 30.80 -1.52 17.96
CA LEU B 828 31.47 -1.22 16.68
C LEU B 828 32.94 -1.69 16.74
N GLY B 829 33.44 -2.20 15.61
CA GLY B 829 34.86 -2.56 15.42
C GLY B 829 35.19 -2.70 13.94
N GLN B 830 36.44 -3.06 13.64
CA GLN B 830 36.93 -3.28 12.25
C GLN B 830 38.00 -4.37 12.26
N ALA B 831 38.14 -5.10 11.15
CA ALA B 831 39.20 -6.13 10.94
C ALA B 831 40.57 -5.46 10.98
N ALA B 832 41.53 -6.08 11.67
CA ALA B 832 42.90 -5.57 11.91
C ALA B 832 43.64 -5.48 10.57
N PRO B 833 44.72 -4.67 10.49
CA PRO B 833 45.46 -4.46 9.24
C PRO B 833 45.72 -5.75 8.44
N GLY B 834 45.30 -5.77 7.17
CA GLY B 834 45.56 -6.86 6.21
C GLY B 834 44.67 -8.08 6.47
N LYS B 835 43.56 -7.91 7.19
CA LYS B 835 42.57 -8.98 7.49
C LYS B 835 41.18 -8.52 7.01
N SER B 836 40.39 -9.45 6.45
CA SER B 836 39.03 -9.20 5.92
C SER B 836 38.04 -9.05 7.07
N THR B 837 37.01 -8.22 6.89
CA THR B 837 35.93 -7.95 7.88
C THR B 837 35.11 -9.23 8.10
N GLY B 838 34.99 -10.07 7.08
CA GLY B 838 34.37 -11.41 7.17
C GLY B 838 35.10 -12.33 8.14
N GLU B 839 36.43 -12.17 8.22
CA GLU B 839 37.32 -12.95 9.13
C GLU B 839 37.11 -12.46 10.58
N ALA B 840 37.08 -11.14 10.76
CA ALA B 840 36.92 -10.45 12.07
C ALA B 840 35.56 -10.81 12.69
N MET B 841 34.51 -10.87 11.88
CA MET B 841 33.13 -11.24 12.31
C MET B 841 33.11 -12.67 12.86
N GLU B 842 33.81 -13.60 12.18
CA GLU B 842 33.88 -15.04 12.53
C GLU B 842 34.47 -15.20 13.94
N LEU B 843 35.38 -14.30 14.34
CA LEU B 843 35.99 -14.28 15.70
C LEU B 843 34.99 -13.70 16.70
N MET B 844 34.33 -12.58 16.35
CA MET B 844 33.30 -11.91 17.20
C MET B 844 32.18 -12.91 17.53
N GLU B 845 31.85 -13.80 16.59
CA GLU B 845 30.86 -14.90 16.79
C GLU B 845 31.42 -15.91 17.79
N GLN B 846 32.70 -16.27 17.67
CA GLN B 846 33.41 -17.25 18.54
C GLN B 846 33.49 -16.71 19.97
N LEU B 847 34.01 -15.49 20.14
CA LEU B 847 34.15 -14.80 21.45
C LEU B 847 32.79 -14.73 22.15
N ALA B 848 31.73 -14.39 21.39
CA ALA B 848 30.36 -14.15 21.88
C ALA B 848 29.72 -15.46 22.36
N SER B 849 30.09 -16.60 21.76
CA SER B 849 29.53 -17.93 22.06
C SER B 849 30.06 -18.47 23.40
N LYS B 850 30.92 -17.71 24.09
CA LYS B 850 31.47 -18.03 25.44
C LYS B 850 31.23 -16.84 26.38
N LEU B 851 29.98 -16.33 26.40
CA LEU B 851 29.49 -15.29 27.34
C LEU B 851 28.47 -15.94 28.27
N PRO B 852 28.06 -15.28 29.39
CA PRO B 852 27.08 -15.86 30.31
C PRO B 852 25.79 -16.32 29.62
N THR B 853 25.13 -17.35 30.19
CA THR B 853 23.87 -17.95 29.67
C THR B 853 22.80 -16.87 29.55
N GLY B 854 22.07 -16.84 28.44
CA GLY B 854 20.99 -15.88 28.15
C GLY B 854 21.45 -14.72 27.28
N VAL B 855 22.77 -14.49 27.19
CA VAL B 855 23.38 -13.40 26.38
C VAL B 855 23.56 -13.90 24.94
N GLY B 856 22.73 -13.41 24.01
CA GLY B 856 22.81 -13.71 22.58
C GLY B 856 23.45 -12.56 21.81
N TYR B 857 23.47 -12.64 20.48
CA TYR B 857 24.06 -11.62 19.57
C TYR B 857 23.36 -11.66 18.21
N ASP B 858 23.53 -10.60 17.42
CA ASP B 858 22.99 -10.49 16.03
C ASP B 858 23.77 -9.39 15.28
N TRP B 859 23.78 -9.48 13.95
CA TRP B 859 24.44 -8.51 13.02
C TRP B 859 23.37 -7.55 12.46
N THR B 860 23.71 -6.25 12.38
CA THR B 860 22.80 -5.17 11.91
C THR B 860 23.54 -4.24 10.94
N GLY B 861 22.80 -3.40 10.21
CA GLY B 861 23.33 -2.35 9.32
C GLY B 861 24.22 -2.90 8.23
N MET B 862 25.42 -2.32 8.05
CA MET B 862 26.43 -2.72 7.05
C MET B 862 26.75 -4.21 7.17
N SER B 863 26.85 -4.74 8.41
CA SER B 863 27.17 -6.16 8.71
C SER B 863 26.07 -7.08 8.18
N TYR B 864 24.80 -6.70 8.40
CA TYR B 864 23.59 -7.43 7.93
C TYR B 864 23.63 -7.59 6.41
N GLN B 865 23.96 -6.51 5.70
CA GLN B 865 24.02 -6.45 4.21
C GLN B 865 25.29 -7.16 3.72
N GLU B 866 26.44 -6.87 4.34
CA GLU B 866 27.74 -7.56 4.08
C GLU B 866 27.53 -9.08 4.08
N ARG B 867 26.80 -9.59 5.09
CA ARG B 867 26.54 -11.04 5.32
C ARG B 867 25.78 -11.62 4.12
N LEU B 868 24.72 -10.96 3.65
CA LEU B 868 23.76 -11.49 2.65
C LEU B 868 24.01 -10.89 1.27
N SER B 869 25.07 -10.09 1.11
CA SER B 869 25.56 -9.57 -0.20
C SER B 869 26.82 -10.33 -0.63
N GLY B 870 27.70 -10.66 0.33
CA GLY B 870 28.91 -11.49 0.12
C GLY B 870 28.56 -12.93 -0.20
N ASN B 871 27.37 -13.39 0.19
CA ASN B 871 26.87 -14.78 -0.02
C ASN B 871 26.67 -15.05 -1.52
N GLN B 872 26.24 -14.04 -2.28
CA GLN B 872 25.77 -14.20 -3.69
C GLN B 872 26.86 -13.76 -4.68
N ALA B 873 27.99 -13.23 -4.19
CA ALA B 873 29.13 -12.77 -5.02
C ALA B 873 29.65 -13.92 -5.88
N PRO B 874 29.93 -15.12 -5.32
CA PRO B 874 30.47 -16.24 -6.11
C PRO B 874 29.58 -16.65 -7.29
N SER B 875 28.26 -16.66 -7.08
CA SER B 875 27.23 -17.08 -8.06
C SER B 875 27.21 -16.14 -9.27
N LEU B 876 27.50 -14.85 -9.07
CA LEU B 876 27.45 -13.80 -10.12
C LEU B 876 28.71 -13.85 -10.98
N TYR B 877 29.89 -13.99 -10.35
CA TYR B 877 31.18 -14.24 -11.05
C TYR B 877 31.07 -15.50 -11.91
N ALA B 878 30.39 -16.53 -11.38
CA ALA B 878 30.18 -17.85 -12.03
C ALA B 878 29.34 -17.68 -13.29
N ILE B 879 28.13 -17.11 -13.17
CA ILE B 879 27.17 -16.90 -14.29
C ILE B 879 27.87 -16.08 -15.39
N SER B 880 28.46 -14.95 -15.02
CA SER B 880 29.17 -14.00 -15.92
C SER B 880 30.14 -14.77 -16.82
N LEU B 881 31.05 -15.56 -16.22
CA LEU B 881 32.10 -16.34 -16.95
C LEU B 881 31.45 -17.39 -17.85
N ILE B 882 30.42 -18.09 -17.37
CA ILE B 882 29.70 -19.16 -18.12
C ILE B 882 29.02 -18.54 -19.36
N VAL B 883 28.39 -17.38 -19.21
CA VAL B 883 27.62 -16.70 -20.31
C VAL B 883 28.61 -16.09 -21.30
N VAL B 884 29.72 -15.50 -20.81
CA VAL B 884 30.83 -14.95 -21.65
C VAL B 884 31.35 -16.07 -22.56
N PHE B 885 31.59 -17.25 -21.99
CA PHE B 885 32.07 -18.47 -22.72
C PHE B 885 31.02 -18.88 -23.77
N LEU B 886 29.77 -19.07 -23.34
CA LEU B 886 28.65 -19.56 -24.19
C LEU B 886 28.42 -18.62 -25.38
N CYS B 887 28.53 -17.31 -25.17
CA CYS B 887 28.34 -16.25 -26.20
C CYS B 887 29.44 -16.37 -27.26
N LEU B 888 30.71 -16.38 -26.83
CA LEU B 888 31.90 -16.50 -27.72
C LEU B 888 31.87 -17.83 -28.47
N ALA B 889 31.39 -18.90 -27.83
CA ALA B 889 31.26 -20.26 -28.40
C ALA B 889 30.36 -20.22 -29.64
N ALA B 890 29.25 -19.48 -29.58
CA ALA B 890 28.26 -19.32 -30.67
C ALA B 890 28.84 -18.45 -31.79
N LEU B 891 29.58 -17.40 -31.43
CA LEU B 891 30.23 -16.45 -32.37
C LEU B 891 31.20 -17.21 -33.30
N TYR B 892 32.07 -18.03 -32.70
CA TYR B 892 33.19 -18.73 -33.41
C TYR B 892 32.74 -20.10 -33.92
N GLU B 893 31.72 -20.72 -33.28
CA GLU B 893 31.29 -22.11 -33.54
C GLU B 893 32.43 -23.04 -33.10
N SER B 894 32.80 -22.97 -31.82
CA SER B 894 33.94 -23.72 -31.21
C SER B 894 33.85 -23.67 -29.68
N TRP B 895 34.00 -24.82 -29.02
CA TRP B 895 34.06 -24.94 -27.54
C TRP B 895 35.44 -24.50 -27.03
N SER B 896 36.45 -24.50 -27.90
CA SER B 896 37.89 -24.33 -27.57
C SER B 896 38.33 -22.86 -27.71
N ILE B 897 38.05 -22.25 -28.87
CA ILE B 897 38.60 -20.92 -29.28
C ILE B 897 38.26 -19.85 -28.25
N PRO B 898 37.02 -19.81 -27.69
CA PRO B 898 36.69 -18.82 -26.65
C PRO B 898 37.79 -18.56 -25.63
N PHE B 899 38.49 -19.61 -25.18
CA PHE B 899 39.60 -19.55 -24.18
C PHE B 899 40.68 -18.55 -24.65
N SER B 900 40.95 -18.52 -25.96
CA SER B 900 41.93 -17.59 -26.59
C SER B 900 41.58 -16.13 -26.26
N VAL B 901 40.29 -15.81 -26.22
CA VAL B 901 39.76 -14.46 -25.85
C VAL B 901 39.78 -14.32 -24.32
N MET B 902 39.22 -15.31 -23.60
CA MET B 902 38.98 -15.26 -22.13
C MET B 902 40.31 -15.12 -21.36
N LEU B 903 41.41 -15.63 -21.92
CA LEU B 903 42.76 -15.62 -21.29
C LEU B 903 43.35 -14.20 -21.26
N VAL B 904 42.68 -13.21 -21.87
CA VAL B 904 43.16 -11.80 -21.95
C VAL B 904 42.98 -11.09 -20.60
N VAL B 905 42.00 -11.54 -19.79
CA VAL B 905 41.48 -10.81 -18.59
C VAL B 905 42.64 -10.26 -17.75
N PRO B 906 43.62 -11.09 -17.31
CA PRO B 906 44.69 -10.61 -16.42
C PRO B 906 45.58 -9.49 -17.01
N LEU B 907 45.63 -9.37 -18.34
CA LEU B 907 46.49 -8.40 -19.06
C LEU B 907 45.92 -6.98 -18.89
N GLY B 908 44.60 -6.84 -18.92
CA GLY B 908 43.88 -5.58 -18.63
C GLY B 908 44.00 -5.18 -17.17
N VAL B 909 43.99 -6.17 -16.27
CA VAL B 909 43.92 -5.98 -14.79
C VAL B 909 45.29 -5.52 -14.26
N ILE B 910 46.36 -6.26 -14.58
CA ILE B 910 47.73 -6.09 -14.00
C ILE B 910 48.16 -4.60 -14.07
N GLY B 911 47.92 -3.94 -15.20
CA GLY B 911 48.29 -2.53 -15.44
C GLY B 911 47.66 -1.59 -14.42
N ALA B 912 46.36 -1.75 -14.18
CA ALA B 912 45.56 -0.93 -13.25
C ALA B 912 46.01 -1.17 -11.81
N LEU B 913 46.27 -2.43 -11.44
CA LEU B 913 46.72 -2.83 -10.08
C LEU B 913 48.06 -2.18 -9.75
N LEU B 914 49.01 -2.21 -10.68
CA LEU B 914 50.36 -1.58 -10.55
C LEU B 914 50.19 -0.07 -10.31
N ALA B 915 49.32 0.57 -11.09
CA ALA B 915 49.03 2.04 -11.03
C ALA B 915 48.56 2.41 -9.63
N ALA B 916 47.55 1.69 -9.11
CA ALA B 916 46.91 1.92 -7.79
C ALA B 916 47.91 1.60 -6.66
N THR B 917 48.64 0.49 -6.78
CA THR B 917 49.63 0.00 -5.77
C THR B 917 50.73 1.07 -5.59
N PHE B 918 51.26 1.60 -6.70
CA PHE B 918 52.32 2.64 -6.72
C PHE B 918 51.74 3.96 -6.17
N ARG B 919 50.59 4.39 -6.68
CA ARG B 919 49.91 5.65 -6.29
C ARG B 919 49.44 5.59 -4.83
N GLY B 920 48.96 4.41 -4.39
CA GLY B 920 48.41 4.19 -3.04
C GLY B 920 46.90 4.41 -2.99
N LEU B 921 46.22 4.18 -4.11
CA LEU B 921 44.73 4.20 -4.20
C LEU B 921 44.17 2.92 -3.56
N THR B 922 42.85 2.84 -3.41
CA THR B 922 42.13 1.69 -2.79
C THR B 922 41.24 1.02 -3.84
N ASN B 923 40.90 -0.25 -3.62
CA ASN B 923 40.00 -1.05 -4.49
C ASN B 923 38.55 -0.69 -4.15
N ASP B 924 38.09 0.49 -4.58
CA ASP B 924 36.70 1.00 -4.40
C ASP B 924 35.85 0.55 -5.59
N VAL B 925 34.55 0.82 -5.56
CA VAL B 925 33.57 0.42 -6.61
C VAL B 925 33.96 1.08 -7.94
N TYR B 926 34.37 2.36 -7.91
CA TYR B 926 34.81 3.14 -9.10
C TYR B 926 35.93 2.38 -9.83
N PHE B 927 36.91 1.91 -9.06
CA PHE B 927 38.08 1.12 -9.55
C PHE B 927 37.61 -0.22 -10.09
N GLN B 928 36.74 -0.91 -9.34
CA GLN B 928 36.19 -2.27 -9.67
C GLN B 928 35.43 -2.22 -11.00
N VAL B 929 34.59 -1.19 -11.20
CA VAL B 929 33.85 -0.96 -12.48
C VAL B 929 34.86 -0.52 -13.55
N GLY B 930 35.92 0.18 -13.13
CA GLY B 930 37.07 0.58 -13.98
C GLY B 930 37.80 -0.63 -14.54
N LEU B 931 38.01 -1.66 -13.71
CA LEU B 931 38.67 -2.94 -14.12
C LEU B 931 37.81 -3.65 -15.18
N LEU B 932 36.49 -3.65 -15.00
CA LEU B 932 35.52 -4.33 -15.90
C LEU B 932 35.54 -3.70 -17.30
N THR B 933 35.61 -2.37 -17.37
CA THR B 933 35.64 -1.59 -18.64
C THR B 933 36.99 -1.79 -19.34
N THR B 934 38.07 -1.93 -18.56
CA THR B 934 39.44 -2.27 -19.05
C THR B 934 39.43 -3.70 -19.60
N ILE B 935 38.89 -4.65 -18.83
CA ILE B 935 38.66 -6.06 -19.25
C ILE B 935 37.80 -6.07 -20.51
N GLY B 936 36.73 -5.25 -20.53
CA GLY B 936 35.76 -5.16 -21.64
C GLY B 936 36.42 -4.76 -22.95
N LEU B 937 37.31 -3.76 -22.93
CA LEU B 937 37.94 -3.15 -24.13
C LEU B 937 39.05 -4.08 -24.66
N SER B 938 39.89 -4.61 -23.76
CA SER B 938 40.99 -5.56 -24.09
C SER B 938 40.41 -6.86 -24.64
N ALA B 939 39.23 -7.26 -24.15
CA ALA B 939 38.43 -8.40 -24.68
C ALA B 939 37.93 -8.07 -26.08
N LYS B 940 37.41 -6.85 -26.27
CA LYS B 940 36.89 -6.33 -27.57
C LYS B 940 37.98 -6.43 -28.64
N ASN B 941 39.21 -6.03 -28.30
CA ASN B 941 40.41 -6.09 -29.17
C ASN B 941 40.66 -7.54 -29.60
N ALA B 942 40.76 -8.44 -28.62
CA ALA B 942 41.10 -9.88 -28.79
C ALA B 942 40.04 -10.57 -29.66
N ILE B 943 38.75 -10.28 -29.42
CA ILE B 943 37.60 -10.92 -30.12
C ILE B 943 37.73 -10.68 -31.64
N LEU B 944 38.14 -9.48 -32.05
CA LEU B 944 38.30 -9.07 -33.47
C LEU B 944 39.54 -9.74 -34.07
N ILE B 945 40.66 -9.77 -33.34
CA ILE B 945 41.93 -10.43 -33.75
C ILE B 945 41.64 -11.92 -34.02
N VAL B 946 40.94 -12.58 -33.11
CA VAL B 946 40.58 -14.02 -33.17
C VAL B 946 39.59 -14.26 -34.31
N GLU B 947 38.60 -13.36 -34.47
CA GLU B 947 37.56 -13.42 -35.53
C GLU B 947 38.24 -13.40 -36.91
N PHE B 948 39.09 -12.39 -37.15
CA PHE B 948 39.87 -12.20 -38.40
C PHE B 948 40.73 -13.43 -38.67
N ALA B 949 41.49 -13.87 -37.65
CA ALA B 949 42.40 -15.04 -37.71
C ALA B 949 41.61 -16.30 -38.10
N LYS B 950 40.48 -16.55 -37.42
CA LYS B 950 39.60 -17.74 -37.67
C LYS B 950 38.98 -17.64 -39.06
N ASP B 951 38.45 -16.47 -39.42
CA ASP B 951 37.79 -16.21 -40.73
C ASP B 951 38.79 -16.50 -41.87
N LEU B 952 40.04 -16.05 -41.72
CA LEU B 952 41.11 -16.25 -42.74
C LEU B 952 41.39 -17.76 -42.92
N MET B 953 41.46 -18.52 -41.82
CA MET B 953 41.68 -19.98 -41.83
C MET B 953 40.46 -20.70 -42.45
N ASP B 954 39.25 -20.20 -42.16
CA ASP B 954 37.97 -20.83 -42.59
C ASP B 954 37.68 -20.48 -44.05
N LYS B 955 37.66 -19.18 -44.39
CA LYS B 955 37.21 -18.67 -45.71
C LYS B 955 38.33 -18.81 -46.75
N GLU B 956 39.48 -18.17 -46.52
CA GLU B 956 40.60 -18.07 -47.50
C GLU B 956 41.50 -19.31 -47.42
N GLY B 957 41.34 -20.14 -46.39
CA GLY B 957 42.05 -21.43 -46.25
C GLY B 957 43.53 -21.24 -45.96
N LYS B 958 43.87 -20.24 -45.14
CA LYS B 958 45.28 -19.93 -44.73
C LYS B 958 45.67 -20.84 -43.56
N GLY B 959 46.97 -20.94 -43.28
CA GLY B 959 47.53 -21.68 -42.14
C GLY B 959 47.32 -20.92 -40.84
N LEU B 960 47.51 -21.60 -39.69
CA LEU B 960 47.30 -21.04 -38.34
C LEU B 960 48.13 -19.76 -38.16
N ILE B 961 49.46 -19.86 -38.33
CA ILE B 961 50.42 -18.77 -38.04
C ILE B 961 50.27 -17.66 -39.08
N GLU B 962 50.07 -18.03 -40.35
CA GLU B 962 49.84 -17.09 -41.49
C GLU B 962 48.64 -16.19 -41.17
N ALA B 963 47.49 -16.80 -40.88
CA ALA B 963 46.20 -16.14 -40.58
C ALA B 963 46.34 -15.25 -39.34
N THR B 964 47.05 -15.73 -38.31
CA THR B 964 47.25 -15.04 -37.01
C THR B 964 48.12 -13.78 -37.23
N LEU B 965 49.19 -13.89 -38.01
CA LEU B 965 50.11 -12.77 -38.36
C LEU B 965 49.36 -11.72 -39.19
N ASP B 966 48.45 -12.16 -40.06
CA ASP B 966 47.64 -11.28 -40.94
C ASP B 966 46.60 -10.54 -40.08
N ALA B 967 45.99 -11.25 -39.11
CA ALA B 967 44.99 -10.71 -38.17
C ALA B 967 45.58 -9.54 -37.38
N VAL B 968 46.67 -9.79 -36.63
CA VAL B 968 47.32 -8.81 -35.71
C VAL B 968 47.75 -7.57 -36.50
N ARG B 969 48.17 -7.74 -37.76
CA ARG B 969 48.61 -6.64 -38.67
C ARG B 969 47.43 -5.70 -38.94
N MET B 970 46.30 -6.25 -39.37
CA MET B 970 45.06 -5.51 -39.75
C MET B 970 44.49 -4.78 -38.53
N ARG B 971 44.67 -5.34 -37.32
CA ARG B 971 44.04 -4.86 -36.06
C ARG B 971 44.97 -3.95 -35.27
N LEU B 972 46.25 -3.85 -35.64
CA LEU B 972 47.26 -3.04 -34.90
C LEU B 972 46.82 -1.57 -34.86
N ARG B 973 46.52 -0.98 -36.03
CA ARG B 973 46.20 0.47 -36.19
C ARG B 973 44.99 0.84 -35.34
N PRO B 974 43.80 0.20 -35.50
CA PRO B 974 42.61 0.60 -34.75
C PRO B 974 42.78 0.44 -33.23
N ILE B 975 43.54 -0.57 -32.79
CA ILE B 975 43.91 -0.82 -31.37
C ILE B 975 44.80 0.33 -30.88
N LEU B 976 45.77 0.75 -31.68
CA LEU B 976 46.74 1.84 -31.34
C LEU B 976 46.03 3.19 -31.36
N MET B 977 45.12 3.41 -32.32
CA MET B 977 44.32 4.67 -32.46
C MET B 977 43.49 4.87 -31.19
N THR B 978 42.70 3.87 -30.79
CA THR B 978 41.86 3.87 -29.57
C THR B 978 42.71 4.17 -28.33
N SER B 979 43.88 3.52 -28.23
CA SER B 979 44.82 3.62 -27.07
C SER B 979 45.38 5.04 -26.95
N LEU B 980 46.01 5.54 -28.00
CA LEU B 980 46.64 6.90 -28.06
C LEU B 980 45.58 7.96 -27.71
N ALA B 981 44.31 7.70 -28.02
CA ALA B 981 43.16 8.60 -27.74
C ALA B 981 42.72 8.45 -26.27
N PHE B 982 42.42 7.22 -25.83
CA PHE B 982 41.80 6.91 -24.52
C PHE B 982 42.81 7.08 -23.38
N ILE B 983 44.11 6.92 -23.66
CA ILE B 983 45.21 7.08 -22.67
C ILE B 983 45.46 8.58 -22.42
N LEU B 984 45.35 9.40 -23.47
CA LEU B 984 45.32 10.89 -23.36
C LEU B 984 43.92 11.35 -22.90
N GLY B 985 42.91 10.49 -23.09
CA GLY B 985 41.50 10.74 -22.74
C GLY B 985 41.29 10.93 -21.25
N VAL B 986 41.78 9.99 -20.42
CA VAL B 986 41.63 10.01 -18.93
C VAL B 986 42.96 10.49 -18.31
N MET B 987 43.76 11.23 -19.06
CA MET B 987 45.00 11.90 -18.57
C MET B 987 44.62 12.98 -17.55
N PRO B 988 43.54 13.77 -17.76
CA PRO B 988 43.12 14.79 -16.79
C PRO B 988 42.74 14.23 -15.40
N LEU B 989 42.12 13.05 -15.36
CA LEU B 989 41.54 12.44 -14.12
C LEU B 989 42.66 12.00 -13.16
N VAL B 990 43.74 11.39 -13.69
CA VAL B 990 44.82 10.73 -12.92
C VAL B 990 45.51 11.75 -12.00
N ILE B 991 45.82 12.95 -12.52
CA ILE B 991 46.69 13.98 -11.87
C ILE B 991 45.84 15.12 -11.32
N SER B 992 44.52 14.93 -11.19
CA SER B 992 43.56 15.91 -10.63
C SER B 992 43.75 16.00 -9.11
N THR B 993 44.17 17.17 -8.60
CA THR B 993 44.50 17.44 -7.18
C THR B 993 43.35 18.19 -6.49
N GLY B 994 42.34 18.61 -7.24
CA GLY B 994 41.29 19.55 -6.78
C GLY B 994 40.11 18.84 -6.15
N ALA B 995 38.89 19.21 -6.58
CA ALA B 995 37.60 18.81 -5.97
C ALA B 995 37.00 17.60 -6.71
N GLY B 996 36.21 16.79 -6.00
CA GLY B 996 35.57 15.56 -6.52
C GLY B 996 36.55 14.68 -7.28
N SER B 997 37.82 14.67 -6.84
CA SER B 997 38.97 14.04 -7.54
C SER B 997 39.21 12.62 -7.03
N GLY B 998 38.75 12.30 -5.81
CA GLY B 998 38.80 10.95 -5.23
C GLY B 998 38.09 9.92 -6.10
N ALA B 999 36.98 10.34 -6.73
CA ALA B 999 36.23 9.56 -7.74
C ALA B 999 37.00 9.57 -9.06
N GLN B 1000 37.39 10.77 -9.53
CA GLN B 1000 38.13 10.98 -10.81
C GLN B 1000 39.37 10.08 -10.83
N ASN B 1001 40.19 10.13 -9.78
CA ASN B 1001 41.41 9.31 -9.61
C ASN B 1001 41.04 7.83 -9.77
N ALA B 1002 40.19 7.31 -8.87
CA ALA B 1002 39.76 5.89 -8.80
C ALA B 1002 39.18 5.44 -10.15
N VAL B 1003 38.26 6.22 -10.71
CA VAL B 1003 37.58 5.95 -12.03
C VAL B 1003 38.66 5.93 -13.12
N GLY B 1004 39.46 7.00 -13.21
CA GLY B 1004 40.45 7.21 -14.28
C GLY B 1004 41.68 6.31 -14.13
N THR B 1005 42.37 6.41 -12.99
CA THR B 1005 43.65 5.69 -12.68
C THR B 1005 43.48 4.18 -12.87
N GLY B 1006 42.30 3.64 -12.54
CA GLY B 1006 41.97 2.21 -12.69
C GLY B 1006 41.92 1.77 -14.15
N VAL B 1007 42.11 2.71 -15.09
CA VAL B 1007 42.13 2.45 -16.56
C VAL B 1007 43.49 2.90 -17.13
N MET B 1008 43.93 4.12 -16.80
CA MET B 1008 45.24 4.71 -17.20
C MET B 1008 46.31 3.61 -17.31
N GLY B 1009 46.67 3.01 -16.17
CA GLY B 1009 47.72 1.97 -16.07
C GLY B 1009 47.31 0.70 -16.81
N GLY B 1010 46.05 0.29 -16.66
CA GLY B 1010 45.45 -0.86 -17.37
C GLY B 1010 45.74 -0.82 -18.85
N MET B 1011 45.46 0.33 -19.50
CA MET B 1011 45.54 0.52 -20.98
C MET B 1011 47.01 0.54 -21.43
N VAL B 1012 47.89 1.22 -20.70
CA VAL B 1012 49.33 1.41 -21.04
C VAL B 1012 50.01 0.04 -21.14
N THR B 1013 49.52 -0.97 -20.40
CA THR B 1013 50.03 -2.37 -20.43
C THR B 1013 49.15 -3.23 -21.34
N ALA B 1014 47.83 -3.22 -21.12
CA ALA B 1014 46.83 -4.04 -21.86
C ALA B 1014 47.08 -3.94 -23.36
N THR B 1015 47.25 -2.71 -23.87
CA THR B 1015 47.60 -2.41 -25.29
C THR B 1015 48.86 -3.19 -25.68
N VAL B 1016 49.94 -3.03 -24.89
CA VAL B 1016 51.27 -3.64 -25.15
C VAL B 1016 51.15 -5.16 -25.09
N LEU B 1017 50.56 -5.69 -24.01
CA LEU B 1017 50.47 -7.15 -23.73
C LEU B 1017 49.55 -7.83 -24.74
N ALA B 1018 48.34 -7.29 -24.96
CA ALA B 1018 47.29 -7.88 -25.82
C ALA B 1018 47.82 -8.12 -27.24
N ILE B 1019 48.47 -7.12 -27.83
CA ILE B 1019 48.97 -7.18 -29.25
C ILE B 1019 50.02 -8.31 -29.39
N PHE B 1020 50.69 -8.68 -28.29
CA PHE B 1020 51.75 -9.72 -28.27
C PHE B 1020 51.25 -11.06 -27.72
N PHE B 1021 50.26 -11.06 -26.80
CA PHE B 1021 49.80 -12.27 -26.06
C PHE B 1021 48.58 -12.91 -26.72
N VAL B 1022 47.67 -12.10 -27.29
CA VAL B 1022 46.44 -12.60 -27.99
C VAL B 1022 46.87 -13.53 -29.14
N PRO B 1023 47.82 -13.14 -30.02
CA PRO B 1023 48.32 -14.05 -31.06
C PRO B 1023 48.88 -15.36 -30.48
N VAL B 1024 49.50 -15.31 -29.29
CA VAL B 1024 50.03 -16.51 -28.58
C VAL B 1024 48.84 -17.38 -28.16
N PHE B 1025 47.89 -16.80 -27.42
CA PHE B 1025 46.69 -17.49 -26.86
C PHE B 1025 45.98 -18.27 -27.97
N PHE B 1026 45.72 -17.63 -29.12
CA PHE B 1026 44.99 -18.21 -30.27
C PHE B 1026 45.74 -19.44 -30.78
N VAL B 1027 47.05 -19.31 -31.03
CA VAL B 1027 47.93 -20.38 -31.58
C VAL B 1027 47.94 -21.58 -30.62
N VAL B 1028 48.19 -21.34 -29.32
CA VAL B 1028 48.34 -22.38 -28.27
C VAL B 1028 47.05 -23.21 -28.21
N VAL B 1029 45.88 -22.54 -28.18
CA VAL B 1029 44.54 -23.18 -28.02
C VAL B 1029 44.21 -24.01 -29.27
N ARG B 1030 44.36 -23.42 -30.46
CA ARG B 1030 44.07 -24.07 -31.77
C ARG B 1030 44.93 -25.33 -31.95
N ARG B 1031 46.17 -25.31 -31.45
CA ARG B 1031 47.10 -26.46 -31.46
C ARG B 1031 46.60 -27.55 -30.51
N ARG B 1032 46.34 -27.18 -29.25
CA ARG B 1032 45.94 -28.11 -28.15
C ARG B 1032 44.68 -28.88 -28.56
N PHE B 1033 43.68 -28.18 -29.10
CA PHE B 1033 42.36 -28.74 -29.53
C PHE B 1033 42.31 -28.77 -31.06
N SER B 1034 42.72 -29.90 -31.66
CA SER B 1034 42.70 -30.17 -33.12
C SER B 1034 43.55 -29.14 -33.86
N MET C 1 3.50 -10.53 -49.50
CA MET C 1 2.30 -10.81 -48.63
C MET C 1 1.01 -10.65 -49.42
N PRO C 2 0.81 -9.55 -50.21
CA PRO C 2 -0.40 -9.42 -51.02
C PRO C 2 -0.58 -10.58 -52.02
N ASN C 3 0.50 -10.97 -52.70
CA ASN C 3 0.52 -12.09 -53.68
C ASN C 3 0.14 -13.41 -52.99
N PHE C 4 0.66 -13.63 -51.77
CA PHE C 4 0.44 -14.84 -50.95
C PHE C 4 -1.06 -15.05 -50.72
N PHE C 5 -1.80 -13.98 -50.41
CA PHE C 5 -3.23 -14.01 -50.00
C PHE C 5 -4.15 -13.89 -51.23
N ILE C 6 -3.62 -13.44 -52.37
CA ILE C 6 -4.35 -13.45 -53.68
C ILE C 6 -4.56 -14.91 -54.11
N ASP C 7 -3.60 -15.79 -53.80
CA ASP C 7 -3.66 -17.25 -54.08
C ASP C 7 -4.49 -17.95 -52.99
N ARG C 8 -4.45 -17.45 -51.75
CA ARG C 8 -5.11 -18.05 -50.55
C ARG C 8 -6.21 -17.10 -50.05
N PRO C 9 -7.39 -17.05 -50.71
CA PRO C 9 -8.50 -16.22 -50.25
C PRO C 9 -9.16 -16.69 -48.93
N ILE C 10 -9.01 -17.97 -48.57
CA ILE C 10 -9.61 -18.57 -47.34
C ILE C 10 -8.76 -18.18 -46.13
N PHE C 11 -7.43 -18.31 -46.22
CA PHE C 11 -6.45 -17.84 -45.21
C PHE C 11 -6.75 -16.37 -44.90
N ALA C 12 -6.91 -15.56 -45.95
CA ALA C 12 -7.24 -14.11 -45.87
C ALA C 12 -8.56 -13.91 -45.12
N TRP C 13 -9.59 -14.71 -45.44
CA TRP C 13 -10.94 -14.67 -44.80
C TRP C 13 -10.84 -15.12 -43.34
N VAL C 14 -9.95 -16.09 -43.04
CA VAL C 14 -9.76 -16.67 -41.68
C VAL C 14 -9.19 -15.61 -40.73
N ILE C 15 -8.18 -14.84 -41.19
CA ILE C 15 -7.55 -13.74 -40.41
C ILE C 15 -8.63 -12.67 -40.13
N ALA C 16 -9.47 -12.37 -41.12
CA ALA C 16 -10.57 -11.37 -41.04
C ALA C 16 -11.59 -11.80 -39.98
N ILE C 17 -12.07 -13.05 -40.06
CA ILE C 17 -13.15 -13.60 -39.17
C ILE C 17 -12.65 -13.69 -37.73
N ILE C 18 -11.38 -14.06 -37.51
CA ILE C 18 -10.77 -14.21 -36.15
C ILE C 18 -10.67 -12.84 -35.48
N ILE C 19 -10.20 -11.82 -36.21
CA ILE C 19 -10.08 -10.41 -35.72
C ILE C 19 -11.47 -9.89 -35.33
N MET C 20 -12.51 -10.30 -36.06
CA MET C 20 -13.92 -9.81 -35.88
C MET C 20 -14.51 -10.38 -34.58
N LEU C 21 -14.59 -11.71 -34.46
CA LEU C 21 -15.21 -12.38 -33.27
C LEU C 21 -14.38 -12.11 -32.01
N ALA C 22 -13.09 -11.79 -32.16
CA ALA C 22 -12.23 -11.26 -31.07
C ALA C 22 -12.80 -9.92 -30.59
N GLY C 23 -13.23 -9.06 -31.52
CA GLY C 23 -13.90 -7.78 -31.25
C GLY C 23 -15.31 -7.98 -30.70
N GLY C 24 -16.04 -8.93 -31.26
CA GLY C 24 -17.39 -9.31 -30.80
C GLY C 24 -17.39 -9.73 -29.34
N LEU C 25 -16.41 -10.54 -28.95
CA LEU C 25 -16.21 -11.02 -27.54
C LEU C 25 -15.74 -9.86 -26.66
N ALA C 26 -14.91 -8.96 -27.20
CA ALA C 26 -14.37 -7.77 -26.52
C ALA C 26 -15.51 -6.80 -26.16
N ILE C 27 -16.44 -6.58 -27.10
CA ILE C 27 -17.61 -5.66 -26.95
C ILE C 27 -18.42 -6.04 -25.69
N LEU C 28 -18.57 -7.34 -25.42
CA LEU C 28 -19.41 -7.88 -24.31
C LEU C 28 -18.71 -7.65 -22.96
N LYS C 29 -17.38 -7.78 -22.91
CA LYS C 29 -16.56 -7.61 -21.68
C LYS C 29 -16.31 -6.12 -21.41
N LEU C 30 -16.28 -5.29 -22.45
CA LEU C 30 -15.90 -3.84 -22.38
C LEU C 30 -16.90 -3.07 -21.53
N PRO C 31 -16.42 -2.20 -20.60
CA PRO C 31 -17.31 -1.30 -19.86
C PRO C 31 -17.77 -0.12 -20.72
N VAL C 32 -18.84 0.57 -20.29
CA VAL C 32 -19.43 1.76 -20.98
C VAL C 32 -19.44 2.94 -19.99
N ALA C 33 -19.13 4.14 -20.49
CA ALA C 33 -19.12 5.42 -19.74
C ALA C 33 -19.25 6.58 -20.73
N GLN C 34 -19.45 7.81 -20.23
CA GLN C 34 -19.45 9.04 -21.07
C GLN C 34 -17.99 9.42 -21.39
N TYR C 35 -17.12 9.38 -20.38
CA TYR C 35 -15.68 9.69 -20.46
C TYR C 35 -14.88 8.67 -19.66
N PRO C 36 -13.54 8.60 -19.84
CA PRO C 36 -12.67 7.90 -18.89
C PRO C 36 -12.47 8.77 -17.64
N THR C 37 -11.49 8.42 -16.80
CA THR C 37 -11.04 9.25 -15.64
C THR C 37 -10.25 10.44 -16.18
N ILE C 38 -10.95 11.56 -16.43
CA ILE C 38 -10.38 12.81 -17.03
C ILE C 38 -9.87 13.71 -15.89
N ALA C 39 -10.73 13.97 -14.89
CA ALA C 39 -10.46 14.84 -13.73
C ALA C 39 -9.25 14.32 -12.97
N PRO C 40 -8.36 15.21 -12.46
CA PRO C 40 -7.21 14.79 -11.67
C PRO C 40 -7.64 14.36 -10.27
N PRO C 41 -7.01 13.31 -9.68
CA PRO C 41 -7.42 12.81 -8.37
C PRO C 41 -7.11 13.82 -7.26
N ALA C 42 -7.98 13.87 -6.24
CA ALA C 42 -7.91 14.82 -5.11
C ALA C 42 -8.06 14.07 -3.78
N VAL C 43 -7.39 14.57 -2.72
CA VAL C 43 -7.43 14.02 -1.34
C VAL C 43 -7.81 15.17 -0.39
N THR C 44 -8.83 14.98 0.44
CA THR C 44 -9.35 16.00 1.40
C THR C 44 -9.04 15.58 2.83
N ILE C 45 -8.42 16.47 3.61
CA ILE C 45 -8.22 16.35 5.09
C ILE C 45 -9.34 17.12 5.79
N SER C 46 -10.28 16.41 6.42
CA SER C 46 -11.45 16.97 7.14
C SER C 46 -11.22 16.90 8.65
N ALA C 47 -11.02 18.05 9.30
CA ALA C 47 -10.88 18.21 10.77
C ALA C 47 -12.05 19.04 11.31
N SER C 48 -12.28 19.00 12.62
CA SER C 48 -13.39 19.71 13.32
C SER C 48 -12.93 20.18 14.71
N TYR C 49 -13.05 21.49 14.97
CA TYR C 49 -12.82 22.14 16.29
C TYR C 49 -14.14 22.71 16.79
N PRO C 50 -14.95 21.93 17.55
CA PRO C 50 -16.30 22.36 17.93
C PRO C 50 -16.34 23.71 18.65
N GLY C 51 -17.18 24.63 18.15
CA GLY C 51 -17.42 25.97 18.74
C GLY C 51 -16.18 26.84 18.71
N ALA C 52 -15.54 26.96 17.53
CA ALA C 52 -14.31 27.76 17.30
C ALA C 52 -14.49 28.61 16.05
N ASP C 53 -14.23 29.92 16.15
CA ASP C 53 -14.27 30.89 15.04
C ASP C 53 -13.19 30.52 14.01
N ALA C 54 -13.46 30.78 12.72
CA ALA C 54 -12.60 30.46 11.56
C ALA C 54 -11.13 30.79 11.88
N LYS C 55 -10.88 31.96 12.48
CA LYS C 55 -9.51 32.48 12.79
C LYS C 55 -8.79 31.52 13.75
N THR C 56 -9.41 31.19 14.89
CA THR C 56 -8.89 30.25 15.92
C THR C 56 -8.60 28.90 15.26
N VAL C 57 -9.51 28.43 14.40
CA VAL C 57 -9.42 27.12 13.70
C VAL C 57 -8.24 27.16 12.72
N GLN C 58 -8.12 28.25 11.96
CA GLN C 58 -7.08 28.46 10.92
C GLN C 58 -5.68 28.40 11.56
N ASP C 59 -5.49 29.13 12.66
CA ASP C 59 -4.18 29.32 13.35
C ASP C 59 -3.73 28.02 14.02
N THR C 60 -4.66 27.28 14.63
CA THR C 60 -4.38 26.12 15.53
C THR C 60 -4.47 24.79 14.77
N VAL C 61 -5.12 24.74 13.60
CA VAL C 61 -5.36 23.48 12.83
C VAL C 61 -4.87 23.63 11.39
N THR C 62 -5.56 24.44 10.57
CA THR C 62 -5.41 24.50 9.10
C THR C 62 -3.96 24.80 8.72
N GLN C 63 -3.33 25.79 9.37
CA GLN C 63 -1.96 26.26 9.06
C GLN C 63 -0.94 25.23 9.59
N VAL C 64 -1.23 24.60 10.73
CA VAL C 64 -0.39 23.52 11.35
C VAL C 64 -0.31 22.34 10.38
N ILE C 65 -1.43 21.98 9.74
CA ILE C 65 -1.53 20.86 8.76
C ILE C 65 -0.85 21.27 7.45
N GLU C 66 -1.20 22.45 6.91
CA GLU C 66 -0.80 22.91 5.56
C GLU C 66 0.73 23.03 5.44
N GLN C 67 1.42 23.44 6.52
CA GLN C 67 2.89 23.67 6.53
C GLN C 67 3.63 22.32 6.56
N ASN C 68 2.93 21.20 6.81
CA ASN C 68 3.48 19.82 6.80
C ASN C 68 3.14 19.11 5.48
N MET C 69 2.34 19.75 4.61
CA MET C 69 1.91 19.18 3.30
C MET C 69 2.92 19.57 2.21
N ASN C 70 4.16 19.88 2.59
CA ASN C 70 5.27 20.21 1.67
C ASN C 70 5.84 18.90 1.07
N GLY C 71 6.24 18.95 -0.21
CA GLY C 71 6.98 17.89 -0.90
C GLY C 71 6.25 16.55 -0.88
N ILE C 72 5.02 16.52 -1.41
CA ILE C 72 4.27 15.28 -1.78
C ILE C 72 4.35 15.13 -3.30
N ASP C 73 4.46 13.89 -3.79
CA ASP C 73 4.66 13.56 -5.23
C ASP C 73 3.42 13.96 -6.03
N ASN C 74 3.61 14.75 -7.09
CA ASN C 74 2.60 15.07 -8.13
C ASN C 74 1.50 15.99 -7.58
N LEU C 75 1.80 16.78 -6.54
CA LEU C 75 0.85 17.78 -5.96
C LEU C 75 0.82 19.02 -6.86
N MET C 76 -0.32 19.28 -7.51
CA MET C 76 -0.53 20.45 -8.41
C MET C 76 -0.79 21.70 -7.54
N TYR C 77 -1.85 21.68 -6.74
CA TYR C 77 -2.27 22.81 -5.86
C TYR C 77 -3.02 22.27 -4.64
N MET C 78 -3.23 23.15 -3.65
CA MET C 78 -3.85 22.83 -2.33
C MET C 78 -4.77 23.99 -1.91
N SER C 79 -6.09 23.77 -1.99
CA SER C 79 -7.14 24.71 -1.53
C SER C 79 -7.70 24.24 -0.18
N SER C 80 -7.93 25.17 0.74
CA SER C 80 -8.51 24.91 2.10
C SER C 80 -9.39 26.08 2.54
N ASN C 81 -10.34 25.81 3.43
CA ASN C 81 -11.23 26.84 4.04
C ASN C 81 -11.48 26.47 5.51
N SER C 82 -11.42 27.48 6.40
CA SER C 82 -11.75 27.38 7.84
C SER C 82 -12.97 28.26 8.13
N ASP C 83 -14.03 27.71 8.72
CA ASP C 83 -15.32 28.41 8.94
C ASP C 83 -15.69 28.39 10.43
N SER C 84 -16.69 29.19 10.81
CA SER C 84 -17.06 29.52 12.21
C SER C 84 -17.75 28.34 12.91
N THR C 85 -18.15 27.31 12.15
CA THR C 85 -18.73 26.04 12.68
C THR C 85 -17.65 25.25 13.41
N GLY C 86 -16.39 25.44 13.01
CA GLY C 86 -15.21 24.74 13.57
C GLY C 86 -14.53 23.85 12.55
N THR C 87 -15.19 23.62 11.40
CA THR C 87 -14.78 22.65 10.36
C THR C 87 -13.55 23.15 9.59
N VAL C 88 -12.66 22.24 9.20
CA VAL C 88 -11.51 22.48 8.27
C VAL C 88 -11.62 21.44 7.14
N GLN C 89 -11.43 21.88 5.89
CA GLN C 89 -11.39 21.00 4.69
C GLN C 89 -10.22 21.42 3.80
N ILE C 90 -9.10 20.69 3.88
CA ILE C 90 -7.86 20.90 3.07
C ILE C 90 -7.84 19.88 1.93
N THR C 91 -8.11 20.32 0.70
CA THR C 91 -8.15 19.47 -0.52
C THR C 91 -6.84 19.62 -1.31
N LEU C 92 -6.08 18.53 -1.43
CA LEU C 92 -4.84 18.44 -2.24
C LEU C 92 -5.17 17.75 -3.57
N THR C 93 -4.95 18.44 -4.70
CA THR C 93 -5.21 17.94 -6.07
C THR C 93 -3.88 17.51 -6.71
N PHE C 94 -3.86 16.34 -7.38
CA PHE C 94 -2.66 15.69 -7.93
C PHE C 94 -2.76 15.59 -9.46
N GLU C 95 -1.62 15.51 -10.14
CA GLU C 95 -1.51 15.56 -11.62
C GLU C 95 -2.17 14.30 -12.21
N SER C 96 -2.92 14.44 -13.30
CA SER C 96 -3.62 13.35 -14.02
C SER C 96 -2.64 12.20 -14.32
N GLY C 97 -2.92 11.01 -13.79
CA GLY C 97 -2.05 9.82 -13.90
C GLY C 97 -1.63 9.30 -12.54
N THR C 98 -1.58 10.19 -11.53
CA THR C 98 -1.24 9.88 -10.12
C THR C 98 -2.15 8.76 -9.60
N ASP C 99 -1.57 7.77 -8.92
CA ASP C 99 -2.32 6.74 -8.15
C ASP C 99 -2.92 7.41 -6.91
N ALA C 100 -4.26 7.49 -6.84
CA ALA C 100 -5.01 8.18 -5.78
C ALA C 100 -4.79 7.49 -4.43
N ASP C 101 -4.55 6.17 -4.44
CA ASP C 101 -4.32 5.34 -3.22
C ASP C 101 -2.95 5.71 -2.62
N ILE C 102 -1.92 5.88 -3.46
CA ILE C 102 -0.56 6.31 -3.03
C ILE C 102 -0.62 7.76 -2.55
N ALA C 103 -1.38 8.61 -3.26
CA ALA C 103 -1.59 10.04 -2.91
C ALA C 103 -2.17 10.14 -1.49
N GLN C 104 -3.23 9.37 -1.20
CA GLN C 104 -3.89 9.30 0.13
C GLN C 104 -2.86 8.95 1.19
N VAL C 105 -2.08 7.89 0.96
CA VAL C 105 -1.03 7.37 1.89
C VAL C 105 -0.01 8.48 2.18
N GLN C 106 0.49 9.15 1.14
CA GLN C 106 1.53 10.22 1.24
C GLN C 106 0.97 11.40 2.03
N VAL C 107 -0.29 11.77 1.82
CA VAL C 107 -0.99 12.85 2.57
C VAL C 107 -1.14 12.42 4.03
N GLN C 108 -1.55 11.17 4.27
CA GLN C 108 -1.77 10.61 5.62
C GLN C 108 -0.44 10.53 6.38
N ASN C 109 0.64 10.15 5.70
CA ASN C 109 2.01 10.06 6.26
C ASN C 109 2.47 11.46 6.70
N LYS C 110 2.31 12.46 5.82
CA LYS C 110 2.73 13.86 6.08
C LYS C 110 1.78 14.51 7.12
N LEU C 111 0.52 14.09 7.16
CA LEU C 111 -0.49 14.62 8.13
C LEU C 111 -0.10 14.23 9.55
N GLN C 112 0.46 13.02 9.75
CA GLN C 112 0.74 12.43 11.09
C GLN C 112 1.81 13.27 11.81
N LEU C 113 2.59 14.07 11.09
CA LEU C 113 3.56 15.05 11.66
C LEU C 113 2.82 16.23 12.29
N ALA C 114 1.57 16.49 11.86
CA ALA C 114 0.74 17.64 12.27
C ALA C 114 -0.15 17.28 13.47
N MET C 115 -0.73 16.07 13.46
CA MET C 115 -1.66 15.54 14.51
C MET C 115 -1.17 15.89 15.91
N PRO C 116 0.12 15.67 16.26
CA PRO C 116 0.65 16.06 17.57
C PRO C 116 0.34 17.50 18.01
N LEU C 117 0.46 18.46 17.08
CA LEU C 117 0.44 19.92 17.37
C LEU C 117 -1.00 20.47 17.38
N LEU C 118 -1.98 19.69 16.92
CA LEU C 118 -3.42 20.10 16.89
C LEU C 118 -3.96 20.10 18.32
N PRO C 119 -5.03 20.88 18.62
CA PRO C 119 -5.67 20.82 19.93
C PRO C 119 -6.22 19.42 20.24
N GLN C 120 -6.29 19.05 21.53
CA GLN C 120 -6.74 17.72 22.01
C GLN C 120 -8.21 17.49 21.63
N GLU C 121 -9.00 18.57 21.55
CA GLU C 121 -10.45 18.54 21.21
C GLU C 121 -10.64 18.20 19.73
N VAL C 122 -9.69 18.61 18.86
CA VAL C 122 -9.73 18.35 17.39
C VAL C 122 -9.35 16.88 17.14
N GLN C 123 -8.30 16.40 17.80
CA GLN C 123 -7.84 14.98 17.77
C GLN C 123 -8.98 14.06 18.24
N GLN C 124 -9.77 14.52 19.21
CA GLN C 124 -10.90 13.78 19.83
C GLN C 124 -12.03 13.57 18.80
N GLN C 125 -12.22 14.52 17.87
CA GLN C 125 -13.30 14.46 16.84
C GLN C 125 -12.83 13.58 15.67
N GLY C 126 -11.52 13.35 15.53
CA GLY C 126 -10.92 12.49 14.49
C GLY C 126 -10.73 13.23 13.18
N VAL C 127 -9.56 13.06 12.55
CA VAL C 127 -9.18 13.71 11.27
C VAL C 127 -9.21 12.63 10.17
N SER C 128 -10.06 12.81 9.16
CA SER C 128 -10.25 11.87 8.02
C SER C 128 -9.36 12.28 6.84
N VAL C 129 -8.73 11.31 6.18
CA VAL C 129 -7.94 11.48 4.93
C VAL C 129 -8.45 10.47 3.91
N GLU C 130 -9.17 10.93 2.89
CA GLU C 130 -9.80 10.05 1.85
C GLU C 130 -9.89 10.80 0.51
N LYS C 131 -9.95 10.04 -0.58
CA LYS C 131 -10.11 10.54 -1.97
C LYS C 131 -11.48 11.20 -2.09
N SER C 132 -11.56 12.37 -2.72
CA SER C 132 -12.76 13.26 -2.72
C SER C 132 -13.04 13.81 -4.12
N SER C 133 -14.29 13.67 -4.59
CA SER C 133 -14.90 14.46 -5.69
C SER C 133 -15.72 15.60 -5.07
N SER C 134 -16.04 16.63 -5.85
CA SER C 134 -16.69 17.89 -5.39
C SER C 134 -18.06 18.09 -6.05
N SER C 135 -18.54 17.12 -6.84
CA SER C 135 -19.81 17.19 -7.60
C SER C 135 -20.66 15.95 -7.33
N PHE C 136 -21.98 16.11 -7.26
CA PHE C 136 -22.97 15.03 -6.98
C PHE C 136 -23.31 14.29 -8.27
N LEU C 137 -23.12 12.96 -8.28
CA LEU C 137 -23.59 12.05 -9.35
C LEU C 137 -25.11 12.19 -9.49
N MET C 138 -25.81 12.20 -8.35
CA MET C 138 -27.29 12.38 -8.26
C MET C 138 -27.66 12.87 -6.87
N VAL C 139 -28.89 13.38 -6.72
CA VAL C 139 -29.58 13.61 -5.41
C VAL C 139 -30.80 12.66 -5.37
N VAL C 140 -30.90 11.83 -4.33
CA VAL C 140 -32.03 10.89 -4.10
C VAL C 140 -32.98 11.52 -3.07
N GLY C 141 -34.06 12.15 -3.54
CA GLY C 141 -35.08 12.77 -2.67
C GLY C 141 -35.99 11.72 -2.06
N VAL C 142 -36.44 11.95 -0.82
CA VAL C 142 -37.43 11.08 -0.11
C VAL C 142 -38.54 11.99 0.45
N ILE C 143 -39.80 11.64 0.21
CA ILE C 143 -41.01 12.39 0.66
C ILE C 143 -42.03 11.41 1.24
N ASN C 144 -43.05 11.93 1.91
CA ASN C 144 -44.19 11.15 2.49
C ASN C 144 -45.48 11.65 1.85
N THR C 145 -46.25 10.73 1.24
CA THR C 145 -47.46 11.04 0.42
C THR C 145 -48.70 11.12 1.31
N ASP C 146 -48.82 10.25 2.31
CA ASP C 146 -50.01 10.13 3.20
C ASP C 146 -49.90 11.11 4.38
N GLY C 147 -48.79 11.88 4.46
CA GLY C 147 -48.60 12.97 5.43
C GLY C 147 -48.62 12.49 6.88
N THR C 148 -48.19 11.25 7.11
CA THR C 148 -48.09 10.62 8.46
C THR C 148 -46.70 10.85 9.05
N MET C 149 -45.72 11.22 8.22
CA MET C 149 -44.32 11.54 8.62
C MET C 149 -44.02 13.00 8.25
N THR C 150 -43.35 13.72 9.17
CA THR C 150 -42.87 15.12 8.97
C THR C 150 -41.53 15.08 8.23
N GLN C 151 -40.91 16.25 8.04
CA GLN C 151 -39.59 16.42 7.37
C GLN C 151 -38.49 15.75 8.20
N GLU C 152 -38.55 15.90 9.53
CA GLU C 152 -37.57 15.35 10.51
C GLU C 152 -37.69 13.82 10.55
N ASP C 153 -38.92 13.30 10.47
CA ASP C 153 -39.23 11.85 10.49
C ASP C 153 -38.63 11.17 9.25
N ILE C 154 -38.73 11.82 8.08
CA ILE C 154 -38.12 11.33 6.81
C ILE C 154 -36.60 11.35 6.96
N SER C 155 -36.05 12.51 7.37
CA SER C 155 -34.60 12.75 7.57
C SER C 155 -33.99 11.68 8.47
N ASP C 156 -34.67 11.35 9.57
CA ASP C 156 -34.23 10.30 10.54
C ASP C 156 -34.21 8.93 9.84
N TYR C 157 -35.29 8.58 9.14
CA TYR C 157 -35.46 7.26 8.47
C TYR C 157 -34.37 7.08 7.41
N VAL C 158 -34.14 8.10 6.59
CA VAL C 158 -33.06 8.12 5.55
C VAL C 158 -31.72 7.90 6.25
N ALA C 159 -31.47 8.63 7.34
CA ALA C 159 -30.19 8.64 8.09
C ALA C 159 -29.95 7.29 8.77
N ALA C 160 -31.00 6.69 9.35
CA ALA C 160 -30.92 5.51 10.25
C ALA C 160 -30.94 4.20 9.47
N ASN C 161 -31.65 4.14 8.34
CA ASN C 161 -31.95 2.88 7.61
C ASN C 161 -31.27 2.85 6.22
N MET C 162 -31.11 4.00 5.56
CA MET C 162 -30.74 4.09 4.12
C MET C 162 -29.31 4.61 3.95
N LYS C 163 -28.93 5.70 4.64
CA LYS C 163 -27.67 6.45 4.41
C LYS C 163 -26.46 5.51 4.47
N ASP C 164 -26.37 4.70 5.53
CA ASP C 164 -25.21 3.80 5.81
C ASP C 164 -25.02 2.81 4.65
N ALA C 165 -26.10 2.13 4.23
CA ALA C 165 -26.08 1.09 3.17
C ALA C 165 -25.72 1.73 1.81
N ILE C 166 -26.26 2.92 1.53
CA ILE C 166 -25.99 3.69 0.28
C ILE C 166 -24.52 4.15 0.28
N SER C 167 -23.98 4.50 1.44
CA SER C 167 -22.58 4.98 1.61
C SER C 167 -21.58 3.83 1.43
N ARG C 168 -22.02 2.58 1.60
CA ARG C 168 -21.20 1.35 1.43
C ARG C 168 -21.48 0.70 0.07
N THR C 169 -22.36 1.30 -0.74
CA THR C 169 -22.75 0.80 -2.10
C THR C 169 -21.57 1.00 -3.05
N SER C 170 -21.48 0.14 -4.07
CA SER C 170 -20.35 0.06 -5.05
C SER C 170 -20.19 1.39 -5.80
N GLY C 171 -19.04 2.05 -5.64
CA GLY C 171 -18.64 3.24 -6.41
C GLY C 171 -19.12 4.55 -5.78
N VAL C 172 -19.78 4.48 -4.63
CA VAL C 172 -20.25 5.68 -3.87
C VAL C 172 -19.10 6.21 -3.02
N GLY C 173 -18.61 7.42 -3.35
CA GLY C 173 -17.45 8.06 -2.69
C GLY C 173 -17.85 8.73 -1.39
N ASP C 174 -18.86 9.61 -1.43
CA ASP C 174 -19.35 10.41 -0.27
C ASP C 174 -20.87 10.55 -0.37
N VAL C 175 -21.55 10.72 0.76
CA VAL C 175 -23.03 10.83 0.86
C VAL C 175 -23.38 11.95 1.86
N GLN C 176 -23.98 13.03 1.36
CA GLN C 176 -24.47 14.19 2.17
C GLN C 176 -25.97 14.02 2.42
N LEU C 177 -26.38 13.97 3.69
CA LEU C 177 -27.82 13.92 4.10
C LEU C 177 -28.38 15.36 4.09
N PHE C 178 -29.42 15.60 3.29
CA PHE C 178 -30.19 16.87 3.28
C PHE C 178 -31.26 16.78 4.37
N GLY C 179 -30.83 17.02 5.61
CA GLY C 179 -31.58 16.77 6.85
C GLY C 179 -30.63 16.35 7.97
N SER C 180 -31.16 15.77 9.05
CA SER C 180 -30.39 15.28 10.22
C SER C 180 -31.05 14.04 10.83
N GLN C 181 -30.25 13.10 11.33
CA GLN C 181 -30.71 11.92 12.10
C GLN C 181 -31.24 12.39 13.46
N TYR C 182 -32.25 11.72 14.02
CA TYR C 182 -32.84 12.05 15.34
C TYR C 182 -31.80 11.82 16.44
N ALA C 183 -31.86 12.66 17.48
CA ALA C 183 -31.09 12.56 18.73
C ALA C 183 -32.05 12.83 19.90
N MET C 184 -31.68 12.41 21.12
CA MET C 184 -32.48 12.68 22.34
C MET C 184 -32.25 14.13 22.77
N ARG C 185 -33.07 15.05 22.24
CA ARG C 185 -32.97 16.51 22.51
C ARG C 185 -33.56 16.81 23.90
N ILE C 186 -32.72 17.25 24.82
CA ILE C 186 -33.11 17.71 26.19
C ILE C 186 -33.17 19.26 26.17
N TRP C 187 -34.34 19.81 25.86
CA TRP C 187 -34.55 21.28 25.72
C TRP C 187 -34.73 21.91 27.11
N MET C 188 -33.64 22.47 27.67
CA MET C 188 -33.56 22.97 29.06
C MET C 188 -34.29 24.31 29.19
N ASN C 189 -34.97 24.51 30.33
CA ASN C 189 -35.62 25.79 30.74
C ASN C 189 -34.79 26.38 31.89
N PRO C 190 -34.20 27.59 31.73
CA PRO C 190 -33.35 28.18 32.77
C PRO C 190 -34.12 28.64 34.02
N ASN C 191 -35.38 29.03 33.85
CA ASN C 191 -36.27 29.50 34.94
C ASN C 191 -36.50 28.35 35.93
N GLU C 192 -36.90 27.18 35.40
CA GLU C 192 -37.17 25.95 36.20
C GLU C 192 -35.85 25.38 36.74
N LEU C 193 -34.75 25.52 36.00
CA LEU C 193 -33.37 25.16 36.46
C LEU C 193 -32.99 26.03 37.66
N ASN C 194 -33.29 27.34 37.60
CA ASN C 194 -33.00 28.32 38.67
C ASN C 194 -33.93 28.05 39.87
N LYS C 195 -35.16 27.59 39.61
CA LYS C 195 -36.21 27.35 40.63
C LYS C 195 -35.76 26.27 41.63
N PHE C 196 -35.19 25.17 41.13
CA PHE C 196 -34.74 24.00 41.94
C PHE C 196 -33.24 24.12 42.26
N GLN C 197 -32.62 25.26 41.94
CA GLN C 197 -31.19 25.58 42.22
C GLN C 197 -30.30 24.55 41.51
N LEU C 198 -30.40 24.47 40.18
CA LEU C 198 -29.65 23.52 39.33
C LEU C 198 -29.03 24.24 38.13
N THR C 199 -28.20 23.53 37.37
CA THR C 199 -27.46 24.02 36.17
C THR C 199 -27.47 22.95 35.09
N PRO C 200 -27.14 23.28 33.82
CA PRO C 200 -26.88 22.26 32.80
C PRO C 200 -25.79 21.26 33.20
N VAL C 201 -24.86 21.67 34.08
CA VAL C 201 -23.80 20.81 34.68
C VAL C 201 -24.47 19.62 35.38
N ASP C 202 -25.46 19.90 36.24
CA ASP C 202 -26.21 18.88 37.03
C ASP C 202 -26.99 17.95 36.08
N VAL C 203 -27.51 18.49 34.98
CA VAL C 203 -28.29 17.75 33.95
C VAL C 203 -27.36 16.78 33.22
N ILE C 204 -26.16 17.24 32.84
CA ILE C 204 -25.12 16.42 32.13
C ILE C 204 -24.65 15.31 33.07
N THR C 205 -24.29 15.67 34.31
CA THR C 205 -23.86 14.74 35.40
C THR C 205 -24.88 13.59 35.53
N ALA C 206 -26.17 13.94 35.59
CA ALA C 206 -27.30 12.99 35.80
C ALA C 206 -27.48 12.09 34.58
N ILE C 207 -27.46 12.66 33.37
CA ILE C 207 -27.68 11.92 32.09
C ILE C 207 -26.57 10.87 31.91
N LYS C 208 -25.33 11.21 32.23
CA LYS C 208 -24.15 10.29 32.15
C LYS C 208 -24.32 9.17 33.18
N ALA C 209 -24.83 9.48 34.38
CA ALA C 209 -25.01 8.55 35.51
C ALA C 209 -26.12 7.53 35.20
N GLN C 210 -27.24 7.99 34.63
CA GLN C 210 -28.52 7.22 34.55
C GLN C 210 -28.75 6.69 33.13
N ASN C 211 -28.10 7.27 32.11
CA ASN C 211 -28.03 6.71 30.73
C ASN C 211 -26.61 6.19 30.50
N ALA C 212 -26.29 5.03 31.09
CA ALA C 212 -24.97 4.37 31.03
C ALA C 212 -25.15 2.89 30.64
N GLN C 213 -24.19 2.34 29.90
CA GLN C 213 -24.10 0.90 29.54
C GLN C 213 -22.88 0.32 30.27
N VAL C 214 -23.12 -0.35 31.40
CA VAL C 214 -22.07 -0.82 32.37
C VAL C 214 -21.66 -2.25 32.02
N ALA C 215 -20.36 -2.55 32.14
CA ALA C 215 -19.78 -3.92 32.09
C ALA C 215 -19.60 -4.42 33.53
N ALA C 216 -20.46 -5.36 33.96
CA ALA C 216 -20.62 -5.78 35.37
C ALA C 216 -20.16 -7.24 35.58
N GLY C 217 -19.41 -7.80 34.63
CA GLY C 217 -18.79 -9.13 34.74
C GLY C 217 -19.78 -10.26 34.62
N GLN C 218 -19.48 -11.42 35.22
CA GLN C 218 -20.27 -12.68 35.10
C GLN C 218 -20.34 -13.41 36.43
N LEU C 219 -21.32 -14.31 36.57
CA LEU C 219 -21.34 -15.42 37.56
C LEU C 219 -20.61 -16.62 36.95
N GLY C 220 -19.73 -17.27 37.72
CA GLY C 220 -18.95 -18.44 37.27
C GLY C 220 -18.00 -18.11 36.13
N GLY C 221 -17.48 -16.87 36.10
CA GLY C 221 -16.53 -16.40 35.09
C GLY C 221 -15.12 -16.91 35.38
N THR C 222 -14.28 -16.99 34.35
CA THR C 222 -12.88 -17.49 34.43
C THR C 222 -12.00 -16.47 35.14
N PRO C 223 -11.11 -16.87 36.07
CA PRO C 223 -10.98 -18.26 36.52
C PRO C 223 -12.08 -18.68 37.49
N PRO C 224 -12.75 -19.84 37.28
CA PRO C 224 -13.83 -20.28 38.15
C PRO C 224 -13.33 -21.10 39.35
N VAL C 225 -14.19 -21.28 40.36
CA VAL C 225 -14.03 -22.32 41.42
C VAL C 225 -14.51 -23.65 40.81
N LYS C 226 -13.58 -24.55 40.50
CA LYS C 226 -13.86 -25.87 39.86
C LYS C 226 -15.06 -26.53 40.55
N GLY C 227 -16.09 -26.90 39.78
CA GLY C 227 -17.35 -27.46 40.28
C GLY C 227 -18.53 -26.54 40.09
N GLN C 228 -18.27 -25.29 39.63
CA GLN C 228 -19.30 -24.28 39.28
C GLN C 228 -20.21 -24.87 38.20
N GLN C 229 -21.53 -24.66 38.34
CA GLN C 229 -22.58 -25.18 37.42
C GLN C 229 -23.13 -24.05 36.55
N LEU C 230 -23.11 -22.81 37.05
CA LEU C 230 -23.72 -21.62 36.41
C LEU C 230 -22.64 -20.71 35.82
N ASN C 231 -22.80 -20.32 34.54
CA ASN C 231 -22.02 -19.25 33.87
C ASN C 231 -23.01 -18.27 33.21
N ALA C 232 -23.31 -17.16 33.89
CA ALA C 232 -24.33 -16.17 33.49
C ALA C 232 -23.74 -14.75 33.52
N SER C 233 -24.06 -13.93 32.51
CA SER C 233 -23.66 -12.51 32.40
C SER C 233 -24.48 -11.67 33.38
N ILE C 234 -23.81 -10.78 34.13
CA ILE C 234 -24.46 -9.79 35.04
C ILE C 234 -24.81 -8.55 34.20
N ILE C 235 -26.11 -8.28 34.03
CA ILE C 235 -26.65 -7.10 33.30
C ILE C 235 -27.00 -6.02 34.32
N ALA C 236 -26.28 -4.90 34.32
CA ALA C 236 -26.52 -3.70 35.15
C ALA C 236 -27.29 -2.67 34.30
N GLN C 237 -27.00 -1.38 34.47
CA GLN C 237 -27.62 -0.27 33.70
C GLN C 237 -27.36 -0.49 32.20
N THR C 238 -28.41 -0.34 31.38
CA THR C 238 -28.34 -0.29 29.89
C THR C 238 -28.73 1.13 29.44
N ARG C 239 -28.51 1.44 28.17
CA ARG C 239 -28.88 2.74 27.54
C ARG C 239 -30.40 2.90 27.59
N LEU C 240 -30.89 4.12 27.84
CA LEU C 240 -32.34 4.47 27.80
C LEU C 240 -32.77 4.48 26.33
N THR C 241 -34.03 4.13 26.05
CA THR C 241 -34.54 3.84 24.68
C THR C 241 -35.76 4.71 24.31
N SER C 242 -36.14 5.67 25.15
CA SER C 242 -37.38 6.48 24.97
C SER C 242 -37.31 7.79 25.75
N THR C 243 -38.08 8.79 25.30
CA THR C 243 -38.23 10.13 25.95
C THR C 243 -38.80 9.96 27.37
N GLU C 244 -39.67 8.97 27.57
CA GLU C 244 -40.30 8.62 28.87
C GLU C 244 -39.19 8.31 29.90
N GLU C 245 -38.23 7.47 29.51
CA GLU C 245 -37.13 6.98 30.38
C GLU C 245 -36.18 8.15 30.72
N PHE C 246 -35.86 9.00 29.74
CA PHE C 246 -35.02 10.22 29.93
C PHE C 246 -35.78 11.23 30.80
N GLY C 247 -37.09 11.32 30.62
CA GLY C 247 -37.99 12.21 31.39
C GLY C 247 -37.91 11.95 32.88
N LYS C 248 -37.89 10.68 33.29
CA LYS C 248 -37.96 10.25 34.72
C LYS C 248 -36.56 10.09 35.31
N ILE C 249 -35.53 10.65 34.67
CA ILE C 249 -34.16 10.77 35.23
C ILE C 249 -34.24 11.67 36.47
N LEU C 250 -33.77 11.18 37.62
CA LEU C 250 -33.81 11.89 38.93
C LEU C 250 -32.59 12.82 39.04
N LEU C 251 -32.82 14.13 39.10
CA LEU C 251 -31.76 15.17 39.25
C LEU C 251 -31.43 15.34 40.74
N LYS C 252 -32.45 15.33 41.61
CA LYS C 252 -32.29 15.36 43.09
C LYS C 252 -33.63 15.08 43.78
N VAL C 253 -33.58 14.77 45.08
CA VAL C 253 -34.76 14.69 45.99
C VAL C 253 -34.67 15.86 46.97
N ASN C 254 -35.73 16.68 47.04
CA ASN C 254 -35.81 17.88 47.91
C ASN C 254 -35.86 17.46 49.38
N GLN C 255 -35.81 18.44 50.30
CA GLN C 255 -35.75 18.23 51.77
C GLN C 255 -37.03 17.52 52.26
N ASP C 256 -38.16 17.73 51.58
CA ASP C 256 -39.50 17.21 51.96
C ASP C 256 -39.77 15.86 51.26
N GLY C 257 -38.72 15.15 50.84
CA GLY C 257 -38.82 13.86 50.14
C GLY C 257 -39.54 13.98 48.81
N SER C 258 -39.42 15.13 48.14
CA SER C 258 -40.04 15.45 46.83
C SER C 258 -38.99 15.33 45.72
N ARG C 259 -39.31 14.63 44.63
CA ARG C 259 -38.36 14.25 43.54
C ARG C 259 -38.42 15.30 42.42
N VAL C 260 -37.25 15.78 41.99
CA VAL C 260 -37.06 16.68 40.81
C VAL C 260 -36.55 15.84 39.65
N LEU C 261 -37.40 15.59 38.64
CA LEU C 261 -37.08 14.78 37.44
C LEU C 261 -36.56 15.70 36.33
N LEU C 262 -35.92 15.13 35.31
CA LEU C 262 -35.35 15.87 34.15
C LEU C 262 -36.47 16.56 33.36
N ARG C 263 -37.67 15.97 33.35
CA ARG C 263 -38.86 16.48 32.62
C ARG C 263 -39.46 17.70 33.33
N ASP C 264 -39.01 18.01 34.55
CA ASP C 264 -39.50 19.15 35.37
C ASP C 264 -38.67 20.41 35.07
N VAL C 265 -37.51 20.27 34.42
CA VAL C 265 -36.57 21.39 34.11
C VAL C 265 -36.31 21.48 32.60
N ALA C 266 -36.95 20.64 31.78
CA ALA C 266 -36.68 20.54 30.33
C ALA C 266 -37.82 19.79 29.61
N LYS C 267 -37.94 20.03 28.29
CA LYS C 267 -38.80 19.26 27.36
C LYS C 267 -37.97 18.14 26.73
N ILE C 268 -38.53 16.94 26.63
CA ILE C 268 -37.86 15.70 26.11
C ILE C 268 -38.57 15.26 24.84
N GLU C 269 -37.86 15.22 23.71
CA GLU C 269 -38.39 14.79 22.38
C GLU C 269 -37.26 14.26 21.50
N LEU C 270 -37.60 13.42 20.52
CA LEU C 270 -36.68 13.01 19.42
C LEU C 270 -36.56 14.18 18.44
N GLY C 271 -35.33 14.67 18.23
CA GLY C 271 -35.04 15.82 17.36
C GLY C 271 -33.67 15.73 16.71
N GLY C 272 -33.48 16.41 15.58
CA GLY C 272 -32.24 16.35 14.76
C GLY C 272 -31.00 16.71 15.56
N GLU C 273 -29.86 16.08 15.24
CA GLU C 273 -28.53 16.40 15.81
C GLU C 273 -28.23 17.88 15.57
N ASN C 274 -28.56 18.37 14.37
CA ASN C 274 -28.55 19.81 13.98
C ASN C 274 -29.82 20.11 13.18
N TYR C 275 -30.26 21.37 13.16
CA TYR C 275 -31.51 21.85 12.53
C TYR C 275 -31.21 22.86 11.41
N ASP C 276 -29.98 22.86 10.89
CA ASP C 276 -29.49 23.87 9.91
C ASP C 276 -30.11 23.59 8.54
N ILE C 277 -30.12 22.33 8.10
CA ILE C 277 -30.56 21.91 6.72
C ILE C 277 -32.07 21.66 6.72
N ILE C 278 -32.77 22.24 5.74
CA ILE C 278 -34.21 21.99 5.41
C ILE C 278 -34.32 21.90 3.87
N ALA C 279 -34.90 20.81 3.36
CA ALA C 279 -35.02 20.53 1.90
C ALA C 279 -36.50 20.45 1.50
N GLU C 280 -36.85 21.02 0.34
CA GLU C 280 -38.21 20.97 -0.27
C GLU C 280 -38.11 20.42 -1.69
N PHE C 281 -38.95 19.43 -2.03
CA PHE C 281 -39.10 18.86 -3.40
C PHE C 281 -40.40 19.42 -4.01
N ASN C 282 -40.27 20.40 -4.91
CA ASN C 282 -41.39 21.12 -5.58
C ASN C 282 -42.27 21.80 -4.52
N GLY C 283 -41.64 22.39 -3.49
CA GLY C 283 -42.31 23.16 -2.42
C GLY C 283 -42.77 22.29 -1.27
N GLN C 284 -42.74 20.96 -1.43
CA GLN C 284 -43.25 19.97 -0.45
C GLN C 284 -42.10 19.51 0.45
N PRO C 285 -42.26 19.52 1.79
CA PRO C 285 -41.23 19.03 2.72
C PRO C 285 -40.63 17.69 2.27
N ALA C 286 -39.29 17.61 2.27
CA ALA C 286 -38.52 16.44 1.78
C ALA C 286 -37.19 16.30 2.55
N SER C 287 -36.60 15.10 2.49
CA SER C 287 -35.17 14.84 2.80
C SER C 287 -34.51 14.27 1.54
N GLY C 288 -33.19 14.09 1.54
CA GLY C 288 -32.45 13.61 0.37
C GLY C 288 -31.05 13.11 0.71
N LEU C 289 -30.46 12.34 -0.20
CA LEU C 289 -29.05 11.86 -0.15
C LEU C 289 -28.29 12.45 -1.35
N GLY C 290 -27.37 13.38 -1.08
CA GLY C 290 -26.43 13.93 -2.09
C GLY C 290 -25.26 12.98 -2.29
N ILE C 291 -25.35 12.10 -3.29
CA ILE C 291 -24.36 11.01 -3.56
C ILE C 291 -23.29 11.54 -4.52
N LYS C 292 -22.01 11.37 -4.16
CA LYS C 292 -20.83 11.72 -5.00
C LYS C 292 -20.20 10.42 -5.52
N LEU C 293 -19.74 10.44 -6.77
CA LEU C 293 -19.07 9.29 -7.44
C LEU C 293 -17.64 9.17 -6.91
N ALA C 294 -17.24 7.97 -6.50
CA ALA C 294 -15.89 7.63 -5.99
C ALA C 294 -14.86 7.76 -7.12
N THR C 295 -13.63 8.15 -6.80
CA THR C 295 -12.50 8.34 -7.75
C THR C 295 -12.27 7.04 -8.53
N GLY C 296 -12.52 7.07 -9.85
CA GLY C 296 -12.25 5.96 -10.77
C GLY C 296 -13.46 5.05 -10.99
N ALA C 297 -14.56 5.28 -10.26
CA ALA C 297 -15.80 4.48 -10.33
C ALA C 297 -16.54 4.78 -11.64
N ASN C 298 -17.25 3.77 -12.17
CA ASN C 298 -18.08 3.88 -13.40
C ASN C 298 -19.44 4.47 -13.03
N ALA C 299 -19.86 5.55 -13.70
CA ALA C 299 -21.07 6.34 -13.42
C ALA C 299 -22.33 5.48 -13.55
N LEU C 300 -22.46 4.75 -14.66
CA LEU C 300 -23.65 3.92 -15.01
C LEU C 300 -23.78 2.74 -14.03
N ASP C 301 -22.65 2.12 -13.63
CA ASP C 301 -22.61 0.98 -12.69
C ASP C 301 -23.02 1.44 -11.30
N THR C 302 -22.41 2.53 -10.80
CA THR C 302 -22.67 3.14 -9.48
C THR C 302 -24.15 3.51 -9.36
N ALA C 303 -24.73 4.08 -10.42
CA ALA C 303 -26.15 4.48 -10.51
C ALA C 303 -27.05 3.24 -10.42
N ALA C 304 -26.69 2.18 -11.14
CA ALA C 304 -27.41 0.88 -11.17
C ALA C 304 -27.27 0.18 -9.80
N ALA C 305 -26.14 0.36 -9.12
CA ALA C 305 -25.84 -0.19 -7.78
C ALA C 305 -26.71 0.54 -6.73
N ILE C 306 -26.89 1.86 -6.88
CA ILE C 306 -27.76 2.69 -6.00
C ILE C 306 -29.22 2.27 -6.21
N ARG C 307 -29.62 2.05 -7.47
CA ARG C 307 -30.98 1.57 -7.87
C ARG C 307 -31.24 0.20 -7.24
N ALA C 308 -30.27 -0.71 -7.33
CA ALA C 308 -30.32 -2.08 -6.78
C ALA C 308 -30.52 -2.04 -5.25
N GLU C 309 -29.79 -1.15 -4.57
CA GLU C 309 -29.77 -1.03 -3.08
C GLU C 309 -31.08 -0.39 -2.60
N LEU C 310 -31.61 0.59 -3.33
CA LEU C 310 -32.89 1.29 -2.99
C LEU C 310 -34.07 0.33 -3.21
N ALA C 311 -34.00 -0.51 -4.24
CA ALA C 311 -35.03 -1.53 -4.57
C ALA C 311 -35.14 -2.56 -3.44
N LYS C 312 -34.02 -2.89 -2.79
CA LYS C 312 -33.95 -3.84 -1.65
C LYS C 312 -34.58 -3.22 -0.40
N MET C 313 -34.53 -1.88 -0.28
CA MET C 313 -35.01 -1.12 0.91
C MET C 313 -36.51 -0.85 0.82
N GLU C 314 -37.04 -0.65 -0.39
CA GLU C 314 -38.44 -0.17 -0.65
C GLU C 314 -39.45 -0.99 0.14
N PRO C 315 -39.43 -2.34 0.08
CA PRO C 315 -40.45 -3.16 0.74
C PRO C 315 -40.59 -2.96 2.27
N PHE C 316 -39.54 -2.49 2.95
CA PHE C 316 -39.50 -2.31 4.42
C PHE C 316 -39.70 -0.83 4.78
N PHE C 317 -40.17 -0.01 3.84
CA PHE C 317 -40.49 1.43 4.06
C PHE C 317 -41.76 1.55 4.89
N PRO C 318 -41.89 2.60 5.74
CA PRO C 318 -43.16 2.92 6.39
C PRO C 318 -44.22 3.40 5.38
N SER C 319 -45.44 3.65 5.86
CA SER C 319 -46.63 4.00 5.05
C SER C 319 -46.40 5.33 4.32
N GLY C 320 -46.42 5.29 2.97
CA GLY C 320 -46.47 6.47 2.10
C GLY C 320 -45.10 7.07 1.81
N LEU C 321 -44.01 6.48 2.35
CA LEU C 321 -42.63 6.95 2.09
C LEU C 321 -42.25 6.59 0.65
N LYS C 322 -41.92 7.60 -0.18
CA LYS C 322 -41.66 7.45 -1.63
C LYS C 322 -40.32 8.09 -1.99
N ILE C 323 -39.52 7.42 -2.81
CA ILE C 323 -38.24 7.94 -3.38
C ILE C 323 -38.56 8.74 -4.64
N VAL C 324 -37.94 9.91 -4.79
CA VAL C 324 -38.01 10.76 -6.02
C VAL C 324 -36.57 11.02 -6.50
N TYR C 325 -36.39 11.33 -7.78
CA TYR C 325 -35.09 11.50 -8.46
C TYR C 325 -35.02 12.90 -9.07
N PRO C 326 -34.86 13.96 -8.23
CA PRO C 326 -34.91 15.35 -8.71
C PRO C 326 -33.63 15.91 -9.32
N TYR C 327 -32.54 15.12 -9.36
CA TYR C 327 -31.22 15.52 -9.90
C TYR C 327 -30.38 14.27 -10.14
N ASP C 328 -30.03 14.01 -11.40
CA ASP C 328 -29.23 12.84 -11.85
C ASP C 328 -28.56 13.17 -13.18
N THR C 329 -27.25 12.93 -13.30
CA THR C 329 -26.42 13.23 -14.49
C THR C 329 -26.36 12.01 -15.42
N THR C 330 -26.82 10.84 -14.95
CA THR C 330 -26.72 9.54 -15.66
C THR C 330 -27.71 9.47 -16.83
N PRO C 331 -28.91 10.09 -16.76
CA PRO C 331 -29.76 10.24 -17.94
C PRO C 331 -29.04 10.86 -19.14
N PHE C 332 -28.18 11.86 -18.88
CA PHE C 332 -27.35 12.55 -19.90
C PHE C 332 -26.25 11.60 -20.41
N VAL C 333 -25.62 10.85 -19.51
CA VAL C 333 -24.54 9.87 -19.82
C VAL C 333 -25.10 8.82 -20.79
N LYS C 334 -26.33 8.36 -20.57
CA LYS C 334 -27.02 7.32 -21.38
C LYS C 334 -27.34 7.87 -22.78
N ILE C 335 -28.02 9.02 -22.84
CA ILE C 335 -28.54 9.62 -24.11
C ILE C 335 -27.36 10.06 -24.98
N SER C 336 -26.32 10.68 -24.39
CA SER C 336 -25.11 11.16 -25.09
C SER C 336 -24.45 10.00 -25.86
N ILE C 337 -24.32 8.85 -25.21
CA ILE C 337 -23.74 7.60 -25.79
C ILE C 337 -24.65 7.10 -26.93
N HIS C 338 -25.96 7.06 -26.70
CA HIS C 338 -27.00 6.64 -27.68
C HIS C 338 -26.88 7.49 -28.95
N GLU C 339 -26.62 8.79 -28.80
CA GLU C 339 -26.55 9.79 -29.90
C GLU C 339 -25.25 9.62 -30.70
N VAL C 340 -24.16 9.18 -30.05
CA VAL C 340 -22.84 8.96 -30.71
C VAL C 340 -22.89 7.64 -31.50
N VAL C 341 -23.55 6.61 -30.97
CA VAL C 341 -23.79 5.32 -31.65
C VAL C 341 -24.63 5.58 -32.90
N LYS C 342 -25.69 6.39 -32.77
CA LYS C 342 -26.52 6.90 -33.90
C LYS C 342 -25.60 7.55 -34.94
N THR C 343 -24.76 8.50 -34.50
CA THR C 343 -23.77 9.23 -35.33
C THR C 343 -22.82 8.23 -36.02
N LEU C 344 -22.38 7.20 -35.30
CA LEU C 344 -21.43 6.16 -35.79
C LEU C 344 -22.11 5.32 -36.87
N VAL C 345 -23.34 4.83 -36.62
CA VAL C 345 -24.13 3.99 -37.56
C VAL C 345 -24.47 4.85 -38.80
N GLU C 346 -24.86 6.11 -38.59
CA GLU C 346 -25.16 7.10 -39.67
C GLU C 346 -23.93 7.29 -40.55
N ALA C 347 -22.74 7.40 -39.95
CA ALA C 347 -21.44 7.59 -40.64
C ALA C 347 -21.13 6.39 -41.54
N ILE C 348 -21.38 5.16 -41.04
CA ILE C 348 -21.15 3.88 -41.76
C ILE C 348 -22.09 3.81 -42.97
N ILE C 349 -23.36 4.20 -42.80
CA ILE C 349 -24.40 4.22 -43.88
C ILE C 349 -23.96 5.21 -44.97
N LEU C 350 -23.53 6.41 -44.58
CA LEU C 350 -23.15 7.52 -45.51
C LEU C 350 -21.90 7.12 -46.30
N VAL C 351 -20.83 6.70 -45.60
CA VAL C 351 -19.53 6.28 -46.21
C VAL C 351 -19.80 5.17 -47.23
N PHE C 352 -20.69 4.22 -46.91
CA PHE C 352 -21.13 3.12 -47.81
C PHE C 352 -21.75 3.71 -49.09
N LEU C 353 -22.65 4.69 -48.95
CA LEU C 353 -23.36 5.34 -50.08
C LEU C 353 -22.37 6.15 -50.94
N VAL C 354 -21.37 6.77 -50.31
CA VAL C 354 -20.28 7.54 -51.00
C VAL C 354 -19.47 6.55 -51.85
N MET C 355 -19.22 5.33 -51.33
CA MET C 355 -18.46 4.27 -52.03
C MET C 355 -19.33 3.67 -53.15
N TYR C 356 -20.63 3.51 -52.90
CA TYR C 356 -21.64 3.00 -53.88
C TYR C 356 -21.75 3.97 -55.06
N LEU C 357 -21.70 5.28 -54.77
CA LEU C 357 -21.79 6.38 -55.78
C LEU C 357 -20.73 6.20 -56.87
N PHE C 358 -19.49 5.86 -56.47
CA PHE C 358 -18.30 5.80 -57.37
C PHE C 358 -18.14 4.39 -57.97
N LEU C 359 -18.24 3.34 -57.16
CA LEU C 359 -17.94 1.93 -57.57
C LEU C 359 -19.18 1.30 -58.23
N GLN C 360 -20.38 1.66 -57.77
CA GLN C 360 -21.68 1.46 -58.49
C GLN C 360 -22.13 -0.01 -58.42
N ASN C 361 -21.29 -0.96 -58.84
CA ASN C 361 -21.56 -2.42 -58.71
C ASN C 361 -21.53 -2.79 -57.22
N PHE C 362 -22.47 -3.63 -56.77
CA PHE C 362 -22.66 -4.00 -55.34
C PHE C 362 -21.49 -4.87 -54.87
N ARG C 363 -20.97 -5.74 -55.75
CA ARG C 363 -19.83 -6.64 -55.46
C ARG C 363 -18.59 -5.80 -55.15
N ALA C 364 -18.29 -4.80 -55.99
CA ALA C 364 -17.14 -3.89 -55.88
C ALA C 364 -17.27 -3.01 -54.63
N THR C 365 -18.49 -2.58 -54.30
CA THR C 365 -18.81 -1.70 -53.14
C THR C 365 -18.65 -2.45 -51.83
N LEU C 366 -18.86 -3.77 -51.83
CA LEU C 366 -18.85 -4.64 -50.62
C LEU C 366 -17.42 -4.85 -50.14
N ILE C 367 -16.44 -4.88 -51.07
CA ILE C 367 -15.00 -5.20 -50.79
C ILE C 367 -14.44 -4.20 -49.78
N PRO C 368 -14.51 -2.87 -50.01
CA PRO C 368 -14.05 -1.90 -49.02
C PRO C 368 -15.00 -1.74 -47.81
N THR C 369 -16.28 -2.11 -47.98
CA THR C 369 -17.31 -2.07 -46.91
C THR C 369 -17.03 -3.17 -45.87
N ILE C 370 -16.47 -4.31 -46.31
CA ILE C 370 -16.09 -5.46 -45.44
C ILE C 370 -14.96 -5.03 -44.48
N ALA C 371 -14.19 -4.00 -44.85
CA ALA C 371 -13.12 -3.41 -44.01
C ALA C 371 -13.69 -2.80 -42.73
N VAL C 372 -14.94 -2.30 -42.77
CA VAL C 372 -15.57 -1.52 -41.66
C VAL C 372 -15.77 -2.42 -40.45
N PRO C 373 -16.47 -3.58 -40.56
CA PRO C 373 -16.58 -4.52 -39.44
C PRO C 373 -15.22 -5.05 -38.94
N VAL C 374 -14.35 -5.48 -39.86
CA VAL C 374 -13.04 -6.14 -39.55
C VAL C 374 -12.19 -5.18 -38.71
N VAL C 375 -12.07 -3.91 -39.13
CA VAL C 375 -11.20 -2.88 -38.48
C VAL C 375 -11.82 -2.48 -37.13
N LEU C 376 -13.11 -2.11 -37.11
CA LEU C 376 -13.81 -1.59 -35.91
C LEU C 376 -13.80 -2.64 -34.79
N LEU C 377 -14.16 -3.89 -35.11
CA LEU C 377 -14.16 -5.02 -34.14
C LEU C 377 -12.71 -5.26 -33.67
N GLY C 378 -11.76 -5.29 -34.60
CA GLY C 378 -10.31 -5.35 -34.30
C GLY C 378 -9.90 -4.24 -33.34
N THR C 379 -10.41 -3.02 -33.54
CA THR C 379 -10.15 -1.82 -32.69
C THR C 379 -10.73 -2.05 -31.30
N PHE C 380 -11.99 -2.51 -31.21
CA PHE C 380 -12.68 -2.87 -29.94
C PHE C 380 -11.85 -3.90 -29.17
N ALA C 381 -11.27 -4.88 -29.87
CA ALA C 381 -10.41 -5.94 -29.31
C ALA C 381 -9.13 -5.33 -28.73
N VAL C 382 -8.59 -4.29 -29.38
CA VAL C 382 -7.36 -3.56 -28.91
C VAL C 382 -7.74 -2.72 -27.68
N LEU C 383 -8.88 -2.03 -27.71
CA LEU C 383 -9.40 -1.21 -26.57
C LEU C 383 -9.51 -2.08 -25.32
N ALA C 384 -9.93 -3.34 -25.47
CA ALA C 384 -10.08 -4.34 -24.39
C ALA C 384 -8.70 -4.73 -23.84
N ALA C 385 -7.74 -4.98 -24.73
CA ALA C 385 -6.37 -5.45 -24.42
C ALA C 385 -5.62 -4.41 -23.57
N PHE C 386 -5.73 -3.13 -23.93
CA PHE C 386 -5.02 -1.99 -23.28
C PHE C 386 -5.89 -1.39 -22.16
N GLY C 387 -7.13 -1.87 -22.00
CA GLY C 387 -8.00 -1.58 -20.85
C GLY C 387 -8.72 -0.24 -20.97
N PHE C 388 -9.06 0.16 -22.19
CA PHE C 388 -9.90 1.36 -22.50
C PHE C 388 -11.38 0.94 -22.51
N SER C 389 -12.29 1.90 -22.32
CA SER C 389 -13.76 1.71 -22.25
C SER C 389 -14.42 2.25 -23.52
N ILE C 390 -15.62 1.76 -23.84
CA ILE C 390 -16.54 2.37 -24.85
C ILE C 390 -17.08 3.68 -24.26
N ASN C 391 -16.60 4.81 -24.76
CA ASN C 391 -16.99 6.17 -24.28
C ASN C 391 -17.07 7.12 -25.48
N THR C 392 -17.63 8.31 -25.26
CA THR C 392 -17.88 9.35 -26.31
C THR C 392 -16.59 9.63 -27.08
N LEU C 393 -15.45 9.69 -26.39
CA LEU C 393 -14.13 10.08 -26.95
C LEU C 393 -13.59 8.96 -27.85
N THR C 394 -13.55 7.72 -27.33
CA THR C 394 -13.15 6.50 -28.10
C THR C 394 -14.13 6.29 -29.26
N MET C 395 -15.41 6.63 -29.06
CA MET C 395 -16.47 6.52 -30.09
C MET C 395 -16.26 7.60 -31.17
N PHE C 396 -15.95 8.84 -30.78
CA PHE C 396 -15.62 9.95 -31.72
C PHE C 396 -14.44 9.53 -32.60
N GLY C 397 -13.43 8.92 -31.99
CA GLY C 397 -12.24 8.35 -32.68
C GLY C 397 -12.65 7.40 -33.80
N MET C 398 -13.68 6.60 -33.58
CA MET C 398 -14.22 5.62 -34.56
C MET C 398 -14.96 6.36 -35.67
N VAL C 399 -15.83 7.33 -35.32
CA VAL C 399 -16.62 8.15 -36.27
C VAL C 399 -15.66 8.81 -37.27
N LEU C 400 -14.57 9.38 -36.77
CA LEU C 400 -13.47 9.98 -37.59
C LEU C 400 -12.83 8.89 -38.46
N ALA C 401 -12.53 7.74 -37.86
CA ALA C 401 -11.79 6.61 -38.49
C ALA C 401 -12.60 6.00 -39.64
N ILE C 402 -13.93 6.04 -39.58
CA ILE C 402 -14.84 5.39 -40.57
C ILE C 402 -14.40 5.77 -41.99
N GLY C 403 -14.16 7.07 -42.24
CA GLY C 403 -13.80 7.61 -43.55
C GLY C 403 -12.30 7.63 -43.81
N LEU C 404 -11.52 6.93 -42.98
CA LEU C 404 -10.04 6.80 -43.11
C LEU C 404 -9.64 5.32 -43.28
N LEU C 405 -10.31 4.41 -42.57
CA LEU C 405 -9.98 2.95 -42.55
C LEU C 405 -10.35 2.31 -43.89
N VAL C 406 -11.26 2.93 -44.66
CA VAL C 406 -11.73 2.41 -45.98
C VAL C 406 -10.81 2.94 -47.10
N ASP C 407 -9.96 3.93 -46.81
CA ASP C 407 -9.10 4.64 -47.80
C ASP C 407 -8.21 3.63 -48.52
N ASP C 408 -7.33 2.94 -47.79
CA ASP C 408 -6.36 1.94 -48.33
C ASP C 408 -7.13 0.87 -49.12
N ALA C 409 -8.26 0.40 -48.59
CA ALA C 409 -9.13 -0.63 -49.20
C ALA C 409 -9.73 -0.11 -50.52
N ILE C 410 -10.22 1.15 -50.52
CA ILE C 410 -10.76 1.84 -51.72
C ILE C 410 -9.64 1.99 -52.76
N VAL C 411 -8.49 2.54 -52.35
CA VAL C 411 -7.29 2.80 -53.19
C VAL C 411 -6.94 1.52 -53.97
N VAL C 412 -7.02 0.36 -53.32
CA VAL C 412 -6.74 -0.97 -53.94
C VAL C 412 -7.80 -1.24 -55.02
N VAL C 413 -9.08 -1.28 -54.62
CA VAL C 413 -10.23 -1.63 -55.51
C VAL C 413 -10.24 -0.71 -56.73
N GLU C 414 -10.06 0.59 -56.52
CA GLU C 414 -10.09 1.64 -57.58
C GLU C 414 -8.94 1.39 -58.58
N ASN C 415 -7.73 1.12 -58.08
CA ASN C 415 -6.51 0.90 -58.91
C ASN C 415 -6.69 -0.36 -59.76
N VAL C 416 -7.34 -1.39 -59.22
CA VAL C 416 -7.67 -2.66 -59.93
C VAL C 416 -8.65 -2.35 -61.07
N GLU C 417 -9.73 -1.63 -60.74
CA GLU C 417 -10.79 -1.19 -61.71
C GLU C 417 -10.16 -0.37 -62.84
N ARG C 418 -9.18 0.47 -62.50
CA ARG C 418 -8.44 1.36 -63.44
C ARG C 418 -7.59 0.51 -64.39
N VAL C 419 -6.79 -0.41 -63.84
CA VAL C 419 -5.92 -1.36 -64.60
C VAL C 419 -6.79 -2.20 -65.54
N MET C 420 -7.97 -2.64 -65.06
CA MET C 420 -8.95 -3.44 -65.84
C MET C 420 -9.54 -2.59 -66.96
N ALA C 421 -9.77 -1.29 -66.72
CA ALA C 421 -10.32 -0.33 -67.70
C ALA C 421 -9.25 0.01 -68.75
N GLU C 422 -7.99 0.20 -68.31
CA GLU C 422 -6.85 0.60 -69.18
C GLU C 422 -6.41 -0.59 -70.04
N GLU C 423 -5.98 -1.70 -69.42
CA GLU C 423 -5.30 -2.82 -70.10
C GLU C 423 -6.29 -3.95 -70.45
N GLY C 424 -7.45 -4.00 -69.80
CA GLY C 424 -8.49 -5.04 -70.04
C GLY C 424 -8.06 -6.40 -69.53
N LEU C 425 -7.24 -6.43 -68.47
CA LEU C 425 -6.73 -7.68 -67.83
C LEU C 425 -7.85 -8.30 -67.00
N PRO C 426 -7.87 -9.64 -66.80
CA PRO C 426 -8.77 -10.25 -65.83
C PRO C 426 -8.45 -9.83 -64.41
N PRO C 427 -9.42 -9.89 -63.47
CA PRO C 427 -9.23 -9.35 -62.11
C PRO C 427 -7.99 -9.85 -61.36
N LYS C 428 -7.65 -11.15 -61.50
CA LYS C 428 -6.55 -11.82 -60.75
C LYS C 428 -5.22 -11.18 -61.14
N GLU C 429 -4.99 -10.96 -62.45
CA GLU C 429 -3.74 -10.34 -62.99
C GLU C 429 -3.79 -8.83 -62.74
N ALA C 430 -4.99 -8.23 -62.77
CA ALA C 430 -5.23 -6.78 -62.52
C ALA C 430 -4.86 -6.44 -61.07
N THR C 431 -5.25 -7.29 -60.12
CA THR C 431 -4.94 -7.15 -58.67
C THR C 431 -3.43 -7.31 -58.47
N ARG C 432 -2.86 -8.43 -58.95
CA ARG C 432 -1.41 -8.74 -58.88
C ARG C 432 -0.59 -7.50 -59.27
N LYS C 433 -0.89 -6.90 -60.42
CA LYS C 433 -0.22 -5.69 -60.95
C LYS C 433 -0.45 -4.52 -59.98
N SER C 434 -1.72 -4.23 -59.67
CA SER C 434 -2.17 -3.07 -58.86
C SER C 434 -1.40 -3.01 -57.53
N MET C 435 -1.34 -4.12 -56.80
CA MET C 435 -0.66 -4.23 -55.48
C MET C 435 0.81 -3.83 -55.61
N GLY C 436 1.42 -4.06 -56.77
CA GLY C 436 2.84 -3.77 -57.06
C GLY C 436 3.15 -2.28 -57.06
N GLN C 437 2.18 -1.42 -57.40
CA GLN C 437 2.40 0.02 -57.72
C GLN C 437 1.70 0.93 -56.71
N ILE C 438 0.92 0.39 -55.76
CA ILE C 438 0.14 1.19 -54.77
C ILE C 438 0.65 0.96 -53.34
N GLN C 439 1.36 -0.15 -53.09
CA GLN C 439 1.79 -0.60 -51.73
C GLN C 439 2.45 0.55 -50.97
N GLY C 440 3.22 1.40 -51.68
CA GLY C 440 3.88 2.59 -51.12
C GLY C 440 2.88 3.58 -50.53
N ALA C 441 1.78 3.83 -51.23
CA ALA C 441 0.70 4.76 -50.83
C ALA C 441 -0.10 4.17 -49.66
N LEU C 442 -0.45 2.88 -49.74
CA LEU C 442 -1.23 2.15 -48.69
C LEU C 442 -0.54 2.34 -47.33
N VAL C 443 0.78 2.12 -47.28
CA VAL C 443 1.61 2.19 -46.04
C VAL C 443 1.77 3.66 -45.63
N GLY C 444 1.99 4.55 -46.58
CA GLY C 444 2.17 6.00 -46.36
C GLY C 444 0.95 6.62 -45.69
N ILE C 445 -0.24 6.33 -46.22
CA ILE C 445 -1.56 6.82 -45.69
C ILE C 445 -1.72 6.33 -44.25
N ALA C 446 -1.53 5.02 -44.03
CA ALA C 446 -1.63 4.34 -42.71
C ALA C 446 -0.66 4.98 -41.71
N MET C 447 0.55 5.34 -42.16
CA MET C 447 1.66 5.85 -41.30
C MET C 447 1.34 7.26 -40.82
N VAL C 448 1.10 8.21 -41.73
CA VAL C 448 0.93 9.66 -41.44
C VAL C 448 -0.35 9.88 -40.61
N LEU C 449 -1.39 9.06 -40.82
CA LEU C 449 -2.67 9.13 -40.08
C LEU C 449 -2.58 8.35 -38.76
N SER C 450 -1.49 7.62 -38.54
CA SER C 450 -1.15 6.95 -37.25
C SER C 450 -0.15 7.84 -36.47
N ALA C 451 0.96 8.19 -37.12
CA ALA C 451 2.11 8.92 -36.53
C ALA C 451 1.68 10.24 -35.90
N VAL C 452 0.68 10.92 -36.48
CA VAL C 452 0.24 12.28 -36.07
C VAL C 452 -0.46 12.22 -34.70
N PHE C 453 -0.97 11.04 -34.31
CA PHE C 453 -1.73 10.82 -33.05
C PHE C 453 -0.86 10.14 -31.98
N VAL C 454 0.41 9.85 -32.29
CA VAL C 454 1.34 9.15 -31.34
C VAL C 454 1.87 10.13 -30.31
N PRO C 455 2.47 11.29 -30.70
CA PRO C 455 3.00 12.26 -29.74
C PRO C 455 1.97 12.75 -28.71
N MET C 456 0.73 12.99 -29.13
CA MET C 456 -0.37 13.56 -28.30
C MET C 456 -0.65 12.67 -27.09
N ALA C 457 -0.47 11.34 -27.24
CA ALA C 457 -0.74 10.31 -26.22
C ALA C 457 0.16 10.52 -24.99
N PHE C 458 1.37 11.05 -25.18
CA PHE C 458 2.42 11.20 -24.15
C PHE C 458 2.21 12.47 -23.31
N PHE C 459 1.39 13.42 -23.79
CA PHE C 459 1.15 14.73 -23.12
C PHE C 459 0.33 14.51 -21.84
N GLY C 460 0.42 15.47 -20.91
CA GLY C 460 -0.14 15.38 -19.55
C GLY C 460 -1.40 16.21 -19.38
N GLY C 461 -1.88 16.32 -18.14
CA GLY C 461 -3.13 17.02 -17.78
C GLY C 461 -4.36 16.21 -18.15
N SER C 462 -5.55 16.78 -17.94
CA SER C 462 -6.86 16.22 -18.37
C SER C 462 -6.91 16.17 -19.90
N THR C 463 -6.22 17.11 -20.55
CA THR C 463 -6.07 17.21 -22.03
C THR C 463 -5.46 15.92 -22.57
N GLY C 464 -4.39 15.43 -21.94
CA GLY C 464 -3.67 14.20 -22.31
C GLY C 464 -4.56 12.97 -22.22
N ALA C 465 -5.40 12.90 -21.18
CA ALA C 465 -6.36 11.81 -20.93
C ALA C 465 -7.36 11.72 -22.07
N ILE C 466 -7.80 12.87 -22.61
CA ILE C 466 -8.74 12.97 -23.76
C ILE C 466 -7.99 12.55 -25.03
N TYR C 467 -6.80 13.12 -25.27
CA TYR C 467 -5.93 12.88 -26.44
C TYR C 467 -5.76 11.36 -26.66
N ARG C 468 -5.46 10.63 -25.58
CA ARG C 468 -5.14 9.17 -25.60
C ARG C 468 -6.31 8.35 -26.15
N GLN C 469 -7.55 8.80 -25.93
CA GLN C 469 -8.79 8.07 -26.33
C GLN C 469 -8.87 8.03 -27.86
N PHE C 470 -8.63 9.17 -28.52
CA PHE C 470 -8.57 9.31 -30.00
C PHE C 470 -7.35 8.56 -30.54
N SER C 471 -6.20 8.73 -29.87
CA SER C 471 -4.88 8.15 -30.25
C SER C 471 -5.00 6.63 -30.42
N ILE C 472 -5.33 5.91 -29.34
CA ILE C 472 -5.41 4.43 -29.30
C ILE C 472 -6.44 3.93 -30.32
N THR C 473 -7.55 4.67 -30.51
CA THR C 473 -8.68 4.31 -31.41
C THR C 473 -8.22 4.38 -32.87
N ILE C 474 -7.65 5.52 -33.29
CA ILE C 474 -7.33 5.83 -34.71
C ILE C 474 -6.06 5.09 -35.13
N VAL C 475 -5.01 5.12 -34.30
CA VAL C 475 -3.71 4.42 -34.57
C VAL C 475 -4.00 2.94 -34.83
N SER C 476 -4.84 2.32 -33.98
CA SER C 476 -5.28 0.91 -34.09
C SER C 476 -6.13 0.73 -35.36
N ALA C 477 -7.07 1.64 -35.61
CA ALA C 477 -7.99 1.63 -36.78
C ALA C 477 -7.18 1.66 -38.08
N MET C 478 -6.19 2.56 -38.17
CA MET C 478 -5.33 2.76 -39.37
C MET C 478 -4.36 1.59 -39.52
N ALA C 479 -3.76 1.12 -38.41
CA ALA C 479 -2.81 -0.01 -38.38
C ALA C 479 -3.48 -1.28 -38.90
N LEU C 480 -4.77 -1.49 -38.57
CA LEU C 480 -5.59 -2.64 -39.05
C LEU C 480 -6.04 -2.37 -40.50
N SER C 481 -6.32 -1.11 -40.84
CA SER C 481 -6.81 -0.68 -42.19
C SER C 481 -5.84 -1.17 -43.28
N VAL C 482 -4.54 -1.01 -43.06
CA VAL C 482 -3.46 -1.38 -44.03
C VAL C 482 -3.35 -2.91 -44.10
N LEU C 483 -3.48 -3.61 -42.96
CA LEU C 483 -3.44 -5.10 -42.90
C LEU C 483 -4.56 -5.67 -43.75
N VAL C 484 -5.77 -5.09 -43.67
CA VAL C 484 -6.97 -5.50 -44.47
C VAL C 484 -6.69 -5.20 -45.95
N ALA C 485 -6.08 -4.05 -46.25
CA ALA C 485 -5.76 -3.58 -47.62
C ALA C 485 -4.64 -4.44 -48.24
N LEU C 486 -3.83 -5.11 -47.40
CA LEU C 486 -2.69 -5.95 -47.84
C LEU C 486 -3.09 -7.44 -47.88
N ILE C 487 -4.03 -7.88 -47.03
CA ILE C 487 -4.40 -9.32 -46.87
C ILE C 487 -5.73 -9.60 -47.56
N LEU C 488 -6.84 -9.11 -47.01
CA LEU C 488 -8.22 -9.48 -47.42
C LEU C 488 -8.59 -8.80 -48.75
N THR C 489 -8.56 -7.46 -48.78
CA THR C 489 -9.05 -6.62 -49.91
C THR C 489 -8.49 -7.12 -51.24
N PRO C 490 -7.16 -7.40 -51.36
CA PRO C 490 -6.60 -7.98 -52.58
C PRO C 490 -7.23 -9.34 -52.94
N ALA C 491 -7.39 -10.23 -51.94
CA ALA C 491 -7.98 -11.58 -52.09
C ALA C 491 -9.43 -11.46 -52.60
N LEU C 492 -10.15 -10.43 -52.18
CA LEU C 492 -11.54 -10.15 -52.62
C LEU C 492 -11.54 -9.64 -54.07
N CYS C 493 -10.68 -8.66 -54.37
CA CYS C 493 -10.50 -8.04 -55.71
C CYS C 493 -10.21 -9.13 -56.76
N ALA C 494 -9.50 -10.20 -56.37
CA ALA C 494 -9.11 -11.34 -57.23
C ALA C 494 -10.30 -12.27 -57.47
N THR C 495 -11.16 -12.44 -56.47
CA THR C 495 -12.20 -13.51 -56.41
C THR C 495 -13.58 -12.97 -56.80
N MET C 496 -14.00 -11.80 -56.30
CA MET C 496 -15.40 -11.32 -56.40
C MET C 496 -15.47 -9.89 -56.98
N LEU C 497 -14.67 -9.60 -58.02
CA LEU C 497 -14.84 -8.39 -58.88
C LEU C 497 -15.29 -8.84 -60.27
N LYS C 498 -16.23 -8.10 -60.87
CA LYS C 498 -16.78 -8.37 -62.23
C LYS C 498 -15.75 -7.91 -63.27
N PRO C 499 -15.25 -8.81 -64.15
CA PRO C 499 -14.24 -8.43 -65.14
C PRO C 499 -14.71 -7.29 -66.06
N ILE C 500 -14.01 -6.15 -66.01
CA ILE C 500 -14.28 -4.95 -66.86
C ILE C 500 -13.46 -5.07 -68.15
N ALA C 501 -14.07 -4.75 -69.30
CA ALA C 501 -13.45 -4.79 -70.65
C ALA C 501 -12.58 -3.54 -70.84
N LYS C 502 -11.62 -3.62 -71.77
CA LYS C 502 -10.66 -2.53 -72.09
C LYS C 502 -11.43 -1.35 -72.71
N GLY C 503 -11.23 -0.14 -72.18
CA GLY C 503 -11.84 1.11 -72.68
C GLY C 503 -13.06 1.53 -71.89
N ASP C 504 -13.87 0.56 -71.43
CA ASP C 504 -15.14 0.78 -70.67
C ASP C 504 -14.80 1.50 -69.35
N HIS C 505 -15.33 2.71 -69.16
CA HIS C 505 -15.17 3.54 -67.93
C HIS C 505 -16.54 3.82 -67.31
N GLY C 506 -17.54 2.98 -67.61
CA GLY C 506 -18.91 3.08 -67.06
C GLY C 506 -19.70 4.23 -67.68
N GLU C 507 -19.23 4.78 -68.81
CA GLU C 507 -19.93 5.84 -69.58
C GLU C 507 -21.11 5.22 -70.34
N GLY C 508 -21.01 3.92 -70.66
CA GLY C 508 -22.06 3.15 -71.37
C GLY C 508 -23.25 2.83 -70.48
N LYS C 509 -23.08 2.87 -69.15
CA LYS C 509 -24.15 2.62 -68.15
C LYS C 509 -25.29 3.60 -68.39
N LYS C 510 -26.54 3.17 -68.12
CA LYS C 510 -27.78 3.97 -68.33
C LYS C 510 -28.40 4.31 -66.98
N GLY C 511 -28.91 5.53 -66.83
CA GLY C 511 -29.50 6.06 -65.57
C GLY C 511 -28.64 7.15 -64.97
N PHE C 512 -28.52 7.18 -63.64
CA PHE C 512 -27.77 8.21 -62.86
C PHE C 512 -26.27 7.94 -62.96
N PHE C 513 -25.86 6.67 -62.79
CA PHE C 513 -24.43 6.23 -62.80
C PHE C 513 -23.81 6.54 -64.16
N GLY C 514 -24.58 6.42 -65.24
CA GLY C 514 -24.18 6.82 -66.61
C GLY C 514 -23.83 8.29 -66.69
N TRP C 515 -24.69 9.15 -66.11
CA TRP C 515 -24.53 10.63 -66.07
C TRP C 515 -23.31 11.01 -65.23
N PHE C 516 -23.19 10.42 -64.02
CA PHE C 516 -22.13 10.73 -63.02
C PHE C 516 -20.75 10.39 -63.60
N ASN C 517 -20.62 9.23 -64.26
CA ASN C 517 -19.35 8.74 -64.85
C ASN C 517 -18.89 9.72 -65.94
N ARG C 518 -19.79 10.06 -66.88
CA ARG C 518 -19.52 11.03 -67.98
C ARG C 518 -19.13 12.39 -67.38
N MET C 519 -19.89 12.86 -66.39
CA MET C 519 -19.63 14.14 -65.66
C MET C 519 -18.22 14.09 -65.05
N PHE C 520 -17.89 12.99 -64.37
CA PHE C 520 -16.61 12.79 -63.63
C PHE C 520 -15.46 12.62 -64.62
N GLU C 521 -15.68 11.86 -65.70
CA GLU C 521 -14.70 11.66 -66.80
C GLU C 521 -14.36 13.03 -67.41
N LYS C 522 -15.38 13.86 -67.67
CA LYS C 522 -15.22 15.23 -68.22
C LYS C 522 -14.56 16.15 -67.18
N SER C 523 -14.90 15.96 -65.90
CA SER C 523 -14.32 16.72 -64.74
C SER C 523 -12.82 16.42 -64.63
N THR C 524 -12.42 15.15 -64.80
CA THR C 524 -11.01 14.67 -64.76
C THR C 524 -10.21 15.32 -65.90
N HIS C 525 -10.78 15.32 -67.12
CA HIS C 525 -10.17 15.90 -68.34
C HIS C 525 -9.86 17.39 -68.13
N HIS C 526 -10.79 18.14 -67.52
CA HIS C 526 -10.66 19.58 -67.20
C HIS C 526 -9.56 19.80 -66.17
N TYR C 527 -9.55 18.98 -65.11
CA TYR C 527 -8.61 19.09 -63.95
C TYR C 527 -7.16 18.95 -64.45
N THR C 528 -6.88 17.94 -65.28
CA THR C 528 -5.53 17.63 -65.83
C THR C 528 -5.04 18.81 -66.67
N ASP C 529 -5.90 19.34 -67.56
CA ASP C 529 -5.61 20.54 -68.40
C ASP C 529 -5.30 21.74 -67.49
N SER C 530 -6.04 21.88 -66.39
CA SER C 530 -5.92 22.98 -65.41
C SER C 530 -4.55 22.91 -64.70
N VAL C 531 -4.16 21.71 -64.24
CA VAL C 531 -2.84 21.45 -63.58
C VAL C 531 -1.71 21.76 -64.58
N GLY C 532 -1.86 21.29 -65.83
CA GLY C 532 -0.92 21.56 -66.94
C GLY C 532 -0.63 23.04 -67.07
N GLY C 533 -1.66 23.88 -66.94
CA GLY C 533 -1.56 25.36 -66.95
C GLY C 533 -0.86 25.88 -65.71
N ILE C 534 -1.16 25.31 -64.55
CA ILE C 534 -0.59 25.71 -63.22
C ILE C 534 0.93 25.48 -63.22
N LEU C 535 1.39 24.37 -63.80
CA LEU C 535 2.82 23.95 -63.80
C LEU C 535 3.66 24.85 -64.71
N ARG C 536 3.03 25.63 -65.59
CA ARG C 536 3.69 26.60 -66.50
C ARG C 536 3.71 28.01 -65.84
N SER C 537 2.98 28.19 -64.74
CA SER C 537 2.85 29.48 -64.00
C SER C 537 2.95 29.24 -62.49
N THR C 538 4.02 28.56 -62.05
CA THR C 538 4.26 28.13 -60.64
C THR C 538 4.45 29.36 -59.74
N GLY C 539 5.08 30.42 -60.24
CA GLY C 539 5.39 31.66 -59.51
C GLY C 539 4.15 32.29 -58.88
N ARG C 540 3.04 32.31 -59.63
CA ARG C 540 1.74 32.88 -59.20
C ARG C 540 1.23 32.13 -57.96
N TYR C 541 1.35 30.80 -57.96
CA TYR C 541 0.75 29.88 -56.95
C TYR C 541 1.66 29.78 -55.71
N LEU C 542 2.93 30.17 -55.83
CA LEU C 542 3.86 30.29 -54.67
C LEU C 542 3.50 31.53 -53.85
N VAL C 543 3.01 32.59 -54.52
CA VAL C 543 2.57 33.87 -53.89
C VAL C 543 1.20 33.67 -53.24
N LEU C 544 0.28 32.99 -53.94
CA LEU C 544 -1.06 32.61 -53.41
C LEU C 544 -0.89 31.80 -52.12
N TYR C 545 0.06 30.86 -52.11
CA TYR C 545 0.37 29.96 -50.97
C TYR C 545 0.79 30.80 -49.76
N LEU C 546 1.69 31.76 -49.94
CA LEU C 546 2.19 32.66 -48.87
C LEU C 546 1.06 33.55 -48.35
N ILE C 547 0.11 33.93 -49.22
CA ILE C 547 -1.13 34.66 -48.83
C ILE C 547 -1.98 33.74 -47.95
N ILE C 548 -2.21 32.50 -48.40
CA ILE C 548 -3.00 31.46 -47.66
C ILE C 548 -2.36 31.22 -46.29
N VAL C 549 -1.03 31.15 -46.23
CA VAL C 549 -0.25 30.90 -44.98
C VAL C 549 -0.43 32.11 -44.03
N VAL C 550 -0.37 33.33 -44.56
CA VAL C 550 -0.63 34.59 -43.80
C VAL C 550 -2.09 34.59 -43.34
N GLY C 551 -3.01 34.20 -44.24
CA GLY C 551 -4.45 34.04 -43.95
C GLY C 551 -4.70 33.03 -42.85
N MET C 552 -3.98 31.89 -42.90
CA MET C 552 -4.02 30.81 -41.88
C MET C 552 -3.57 31.37 -40.53
N ALA C 553 -2.42 32.04 -40.51
CA ALA C 553 -1.80 32.63 -39.29
C ALA C 553 -2.75 33.67 -38.66
N TYR C 554 -3.41 34.48 -39.49
CA TYR C 554 -4.34 35.56 -39.06
C TYR C 554 -5.59 34.94 -38.41
N LEU C 555 -6.25 34.01 -39.10
CA LEU C 555 -7.48 33.32 -38.62
C LEU C 555 -7.20 32.60 -37.30
N PHE C 556 -5.99 32.04 -37.14
CA PHE C 556 -5.55 31.26 -35.96
C PHE C 556 -5.51 32.16 -34.72
N VAL C 557 -4.68 33.21 -34.75
CA VAL C 557 -4.42 34.14 -33.61
C VAL C 557 -5.74 34.86 -33.25
N ARG C 558 -6.59 35.13 -34.25
CA ARG C 558 -7.87 35.86 -34.09
C ARG C 558 -8.90 34.98 -33.36
N LEU C 559 -8.97 33.69 -33.72
CA LEU C 559 -9.95 32.71 -33.17
C LEU C 559 -9.78 32.61 -31.65
N PRO C 560 -10.83 32.90 -30.85
CA PRO C 560 -10.77 32.71 -29.39
C PRO C 560 -10.67 31.22 -29.00
N SER C 561 -10.21 30.95 -27.77
CA SER C 561 -9.92 29.59 -27.25
C SER C 561 -10.79 29.30 -26.01
N SER C 562 -10.93 28.02 -25.67
CA SER C 562 -11.67 27.49 -24.49
C SER C 562 -11.13 26.09 -24.16
N PHE C 563 -11.76 25.38 -23.21
CA PHE C 563 -11.38 24.00 -22.81
C PHE C 563 -12.30 22.99 -23.50
N LEU C 564 -13.56 22.88 -23.08
CA LEU C 564 -14.55 21.90 -23.59
C LEU C 564 -15.92 22.57 -23.72
N PRO C 565 -16.69 22.27 -24.80
CA PRO C 565 -18.04 22.81 -24.95
C PRO C 565 -18.98 22.43 -23.80
N ASP C 566 -19.72 23.41 -23.27
CA ASP C 566 -20.81 23.19 -22.28
C ASP C 566 -21.94 22.43 -22.97
N GLU C 567 -22.66 21.58 -22.23
CA GLU C 567 -23.76 20.72 -22.74
C GLU C 567 -25.02 20.95 -21.92
N ASP C 568 -26.19 20.74 -22.54
CA ASP C 568 -27.49 20.56 -21.83
C ASP C 568 -27.50 19.13 -21.26
N GLN C 569 -27.37 19.00 -19.94
CA GLN C 569 -27.25 17.69 -19.24
C GLN C 569 -28.59 17.37 -18.53
N GLY C 570 -29.67 18.05 -18.91
CA GLY C 570 -31.03 17.85 -18.36
C GLY C 570 -31.15 18.32 -16.93
N VAL C 571 -30.10 18.91 -16.37
CA VAL C 571 -30.03 19.39 -14.95
C VAL C 571 -29.15 20.65 -14.91
N PHE C 572 -29.34 21.48 -13.88
CA PHE C 572 -28.46 22.63 -13.53
C PHE C 572 -28.74 23.04 -12.07
N MET C 573 -27.92 23.95 -11.53
CA MET C 573 -27.94 24.33 -10.09
C MET C 573 -28.04 25.86 -9.96
N THR C 574 -28.69 26.32 -8.89
CA THR C 574 -28.84 27.75 -8.50
C THR C 574 -28.25 27.96 -7.10
N MET C 575 -27.30 28.89 -6.96
CA MET C 575 -26.67 29.25 -5.66
C MET C 575 -27.48 30.39 -5.02
N VAL C 576 -27.56 30.40 -3.70
CA VAL C 576 -28.30 31.42 -2.89
C VAL C 576 -27.44 31.80 -1.67
N GLN C 577 -26.95 33.03 -1.63
CA GLN C 577 -26.12 33.58 -0.53
C GLN C 577 -26.70 34.93 -0.09
N LEU C 578 -27.15 35.01 1.18
CA LEU C 578 -27.73 36.24 1.78
C LEU C 578 -26.64 36.95 2.60
N PRO C 579 -26.85 38.23 2.99
CA PRO C 579 -25.88 38.96 3.80
C PRO C 579 -25.54 38.29 5.14
N ALA C 580 -24.44 38.72 5.76
CA ALA C 580 -23.97 38.27 7.10
C ALA C 580 -25.06 38.54 8.14
N GLY C 581 -25.50 37.49 8.85
CA GLY C 581 -26.46 37.57 9.96
C GLY C 581 -27.88 37.21 9.54
N ALA C 582 -28.12 36.98 8.24
CA ALA C 582 -29.43 36.59 7.68
C ALA C 582 -29.83 35.22 8.24
N THR C 583 -31.12 35.03 8.54
CA THR C 583 -31.67 33.87 9.26
C THR C 583 -32.19 32.82 8.27
N GLN C 584 -32.56 31.64 8.78
CA GLN C 584 -33.17 30.50 8.05
C GLN C 584 -34.42 30.97 7.31
N GLU C 585 -35.19 31.88 7.92
CA GLU C 585 -36.49 32.39 7.39
C GLU C 585 -36.26 33.22 6.13
N ARG C 586 -35.34 34.21 6.19
CA ARG C 586 -35.01 35.12 5.06
C ARG C 586 -34.51 34.30 3.86
N THR C 587 -33.71 33.27 4.11
CA THR C 587 -33.15 32.35 3.07
C THR C 587 -34.30 31.59 2.39
N GLN C 588 -35.29 31.16 3.17
CA GLN C 588 -36.46 30.38 2.67
C GLN C 588 -37.34 31.28 1.80
N LYS C 589 -37.40 32.59 2.08
CA LYS C 589 -38.13 33.59 1.27
C LYS C 589 -37.51 33.66 -0.13
N VAL C 590 -36.18 33.70 -0.22
CA VAL C 590 -35.42 33.78 -1.50
C VAL C 590 -35.57 32.44 -2.25
N LEU C 591 -35.46 31.32 -1.53
CA LEU C 591 -35.59 29.95 -2.11
C LEU C 591 -37.00 29.76 -2.67
N ASN C 592 -38.02 30.34 -2.02
CA ASN C 592 -39.42 30.35 -2.50
C ASN C 592 -39.48 31.10 -3.83
N GLU C 593 -38.89 32.30 -3.90
CA GLU C 593 -38.82 33.15 -5.11
C GLU C 593 -38.13 32.39 -6.25
N VAL C 594 -37.05 31.66 -5.93
CA VAL C 594 -36.24 30.87 -6.90
C VAL C 594 -37.07 29.67 -7.38
N THR C 595 -37.65 28.91 -6.45
CA THR C 595 -38.52 27.73 -6.73
C THR C 595 -39.74 28.18 -7.54
N HIS C 596 -40.37 29.29 -7.13
CA HIS C 596 -41.54 29.91 -7.80
C HIS C 596 -41.26 30.10 -9.29
N TYR C 597 -40.17 30.80 -9.62
CA TYR C 597 -39.74 31.13 -11.00
C TYR C 597 -39.73 29.85 -11.85
N TYR C 598 -39.08 28.79 -11.35
CA TYR C 598 -38.88 27.50 -12.06
C TYR C 598 -40.22 26.78 -12.23
N LEU C 599 -41.13 26.90 -11.26
CA LEU C 599 -42.43 26.18 -11.23
C LEU C 599 -43.52 26.97 -11.96
N THR C 600 -43.30 28.26 -12.23
CA THR C 600 -44.28 29.16 -12.91
C THR C 600 -43.80 29.51 -14.32
N LYS C 601 -42.73 30.31 -14.43
CA LYS C 601 -42.20 30.84 -15.72
C LYS C 601 -41.65 29.69 -16.58
N GLU C 602 -40.77 28.85 -16.02
CA GLU C 602 -40.06 27.76 -16.73
C GLU C 602 -40.75 26.42 -16.46
N LYS C 603 -42.08 26.41 -16.33
CA LYS C 603 -42.87 25.20 -15.97
C LYS C 603 -42.93 24.23 -17.16
N ASN C 604 -42.69 24.72 -18.38
CA ASN C 604 -42.69 23.92 -19.63
C ASN C 604 -41.38 23.16 -19.79
N ASN C 605 -40.29 23.65 -19.15
CA ASN C 605 -38.92 23.09 -19.29
C ASN C 605 -38.49 22.40 -18.00
N VAL C 606 -38.74 23.01 -16.83
CA VAL C 606 -38.39 22.46 -15.49
C VAL C 606 -39.36 21.34 -15.14
N GLU C 607 -38.84 20.17 -14.74
CA GLU C 607 -39.64 18.99 -14.30
C GLU C 607 -39.82 19.04 -12.77
N SER C 608 -38.71 19.21 -12.03
CA SER C 608 -38.69 19.21 -10.54
C SER C 608 -37.59 20.15 -10.02
N VAL C 609 -37.77 20.66 -8.80
CA VAL C 609 -36.82 21.55 -8.07
C VAL C 609 -36.63 21.00 -6.65
N PHE C 610 -35.40 20.66 -6.28
CA PHE C 610 -35.01 20.21 -4.91
C PHE C 610 -34.15 21.31 -4.27
N ALA C 611 -34.79 22.18 -3.48
CA ALA C 611 -34.16 23.35 -2.82
C ALA C 611 -33.77 22.97 -1.38
N VAL C 612 -32.55 23.30 -0.98
CA VAL C 612 -31.96 22.99 0.36
C VAL C 612 -31.62 24.31 1.06
N ASN C 613 -32.25 24.58 2.21
CA ASN C 613 -32.00 25.77 3.07
C ASN C 613 -31.00 25.38 4.16
N GLY C 614 -29.84 26.06 4.20
CA GLY C 614 -28.79 25.86 5.21
C GLY C 614 -27.65 24.97 4.72
N PHE C 615 -27.42 24.95 3.40
CA PHE C 615 -26.33 24.19 2.73
C PHE C 615 -26.12 24.76 1.33
N GLY C 616 -24.86 24.92 0.91
CA GLY C 616 -24.49 25.47 -0.40
C GLY C 616 -23.01 25.34 -0.70
N PHE C 617 -22.48 26.25 -1.52
CA PHE C 617 -21.07 26.26 -2.02
C PHE C 617 -20.17 26.99 -1.02
N ALA C 618 -20.75 27.74 -0.09
CA ALA C 618 -20.06 28.42 1.03
C ALA C 618 -20.36 27.70 2.35
N GLY C 619 -20.45 26.37 2.30
CA GLY C 619 -20.64 25.48 3.48
C GLY C 619 -22.04 25.60 4.08
N ARG C 620 -22.22 25.05 5.28
CA ARG C 620 -23.49 25.14 6.06
C ARG C 620 -23.58 26.53 6.68
N GLY C 621 -24.80 26.99 6.99
CA GLY C 621 -25.09 28.33 7.52
C GLY C 621 -26.48 28.80 7.13
N GLN C 622 -27.20 29.42 8.06
CA GLN C 622 -28.62 29.85 7.90
C GLN C 622 -28.79 30.73 6.66
N ASN C 623 -27.78 31.53 6.32
CA ASN C 623 -27.83 32.54 5.22
C ASN C 623 -27.37 31.93 3.89
N THR C 624 -27.24 30.61 3.80
CA THR C 624 -26.77 29.87 2.59
C THR C 624 -27.87 28.91 2.12
N GLY C 625 -27.98 28.72 0.80
CA GLY C 625 -28.95 27.80 0.16
C GLY C 625 -28.51 27.39 -1.24
N ILE C 626 -29.07 26.28 -1.74
CA ILE C 626 -28.80 25.71 -3.09
C ILE C 626 -30.10 25.11 -3.63
N ALA C 627 -30.28 25.11 -4.96
CA ALA C 627 -31.47 24.58 -5.67
C ALA C 627 -31.03 23.67 -6.82
N PHE C 628 -31.32 22.38 -6.71
CA PHE C 628 -31.08 21.34 -7.74
C PHE C 628 -32.28 21.27 -8.68
N VAL C 629 -32.12 21.73 -9.93
CA VAL C 629 -33.20 21.81 -10.96
C VAL C 629 -32.98 20.68 -11.98
N SER C 630 -34.01 19.87 -12.21
CA SER C 630 -34.06 18.82 -13.27
C SER C 630 -35.09 19.22 -14.34
N LEU C 631 -34.67 19.23 -15.60
CA LEU C 631 -35.50 19.64 -16.76
C LEU C 631 -36.24 18.41 -17.32
N LYS C 632 -37.27 18.65 -18.13
CA LYS C 632 -38.05 17.60 -18.83
C LYS C 632 -37.18 17.00 -19.93
N ASP C 633 -37.57 15.85 -20.48
CA ASP C 633 -36.80 15.11 -21.52
C ASP C 633 -36.49 16.06 -22.69
N TRP C 634 -35.30 15.92 -23.28
CA TRP C 634 -34.74 16.80 -24.34
C TRP C 634 -35.74 16.97 -25.49
N ALA C 635 -36.44 15.88 -25.86
CA ALA C 635 -37.42 15.81 -26.96
C ALA C 635 -38.56 16.82 -26.73
N ASP C 636 -38.96 17.01 -25.47
CA ASP C 636 -40.10 17.89 -25.07
C ASP C 636 -39.59 19.31 -24.77
N ARG C 637 -38.36 19.64 -25.17
CA ARG C 637 -37.75 20.99 -25.04
C ARG C 637 -37.08 21.37 -26.36
N PRO C 638 -37.85 21.52 -27.46
CA PRO C 638 -37.29 21.91 -28.76
C PRO C 638 -36.98 23.42 -28.82
N GLY C 639 -35.92 23.79 -29.53
CA GLY C 639 -35.50 25.19 -29.72
C GLY C 639 -34.35 25.56 -28.78
N GLU C 640 -33.56 26.57 -29.16
CA GLU C 640 -32.36 27.04 -28.42
C GLU C 640 -32.78 27.75 -27.12
N GLU C 641 -33.96 28.39 -27.12
CA GLU C 641 -34.47 29.19 -25.97
C GLU C 641 -34.92 28.25 -24.83
N ASN C 642 -35.12 26.96 -25.11
CA ASN C 642 -35.61 25.95 -24.14
C ASN C 642 -34.45 25.09 -23.61
N LYS C 643 -33.20 25.44 -23.95
CA LYS C 643 -31.99 24.71 -23.48
C LYS C 643 -31.40 25.44 -22.27
N VAL C 644 -30.44 24.81 -21.58
CA VAL C 644 -29.96 25.19 -20.22
C VAL C 644 -29.33 26.59 -20.25
N GLU C 645 -28.50 26.88 -21.28
CA GLU C 645 -27.81 28.18 -21.43
C GLU C 645 -28.84 29.32 -21.37
N ALA C 646 -29.96 29.17 -22.09
CA ALA C 646 -31.06 30.16 -22.19
C ALA C 646 -31.80 30.28 -20.86
N ILE C 647 -32.15 29.14 -20.25
CA ILE C 647 -32.95 29.05 -18.98
C ILE C 647 -32.15 29.72 -17.85
N THR C 648 -30.87 29.38 -17.72
CA THR C 648 -29.93 29.91 -16.68
C THR C 648 -29.75 31.43 -16.87
N MET C 649 -29.59 31.88 -18.12
CA MET C 649 -29.40 33.31 -18.48
C MET C 649 -30.65 34.10 -18.07
N ARG C 650 -31.84 33.63 -18.45
CA ARG C 650 -33.15 34.24 -18.10
C ARG C 650 -33.34 34.21 -16.58
N ALA C 651 -33.01 33.08 -15.95
CA ALA C 651 -33.15 32.85 -14.48
C ALA C 651 -32.28 33.85 -13.71
N THR C 652 -30.99 33.95 -14.06
CA THR C 652 -30.00 34.83 -13.41
C THR C 652 -30.44 36.30 -13.53
N ARG C 653 -30.90 36.70 -14.71
CA ARG C 653 -31.39 38.09 -15.00
C ARG C 653 -32.64 38.37 -14.16
N ALA C 654 -33.53 37.37 -14.01
CA ALA C 654 -34.76 37.45 -13.20
C ALA C 654 -34.41 37.55 -11.71
N PHE C 655 -33.45 36.75 -11.25
CA PHE C 655 -33.03 36.65 -9.83
C PHE C 655 -32.18 37.85 -9.42
N SER C 656 -31.60 38.58 -10.38
CA SER C 656 -30.80 39.82 -10.15
C SER C 656 -31.66 40.90 -9.47
N GLN C 657 -32.98 40.83 -9.66
CA GLN C 657 -33.97 41.79 -9.10
C GLN C 657 -34.36 41.41 -7.65
N ILE C 658 -33.93 40.25 -7.16
CA ILE C 658 -34.23 39.77 -5.77
C ILE C 658 -33.50 40.67 -4.77
N LYS C 659 -34.18 41.03 -3.68
CA LYS C 659 -33.74 42.06 -2.69
C LYS C 659 -32.72 41.45 -1.73
N ASP C 660 -31.50 42.03 -1.67
CA ASP C 660 -30.43 41.72 -0.69
C ASP C 660 -30.16 40.21 -0.68
N ALA C 661 -29.60 39.68 -1.78
CA ALA C 661 -29.20 38.26 -1.92
C ALA C 661 -28.44 38.05 -3.24
N MET C 662 -27.30 37.36 -3.18
CA MET C 662 -26.56 36.83 -4.35
C MET C 662 -27.26 35.55 -4.83
N VAL C 663 -27.89 35.59 -6.02
CA VAL C 663 -28.60 34.44 -6.64
C VAL C 663 -28.16 34.32 -8.10
N PHE C 664 -27.63 33.16 -8.48
CA PHE C 664 -27.10 32.86 -9.84
C PHE C 664 -27.46 31.41 -10.22
N ALA C 665 -28.21 31.25 -11.32
CA ALA C 665 -28.46 29.96 -12.00
C ALA C 665 -27.39 29.76 -13.08
N PHE C 666 -26.72 28.61 -13.08
CA PHE C 666 -25.55 28.30 -13.96
C PHE C 666 -25.61 26.85 -14.44
N ASN C 667 -25.07 26.60 -15.64
CA ASN C 667 -24.91 25.25 -16.24
C ASN C 667 -23.72 24.56 -15.58
N LEU C 668 -23.65 23.22 -15.67
CA LEU C 668 -22.47 22.42 -15.25
C LEU C 668 -21.41 22.51 -16.36
N PRO C 669 -20.11 22.35 -16.03
CA PRO C 669 -19.09 22.11 -17.06
C PRO C 669 -19.26 20.68 -17.60
N ALA C 670 -18.94 20.46 -18.87
CA ALA C 670 -19.03 19.15 -19.55
C ALA C 670 -18.36 18.07 -18.69
N ILE C 671 -17.24 18.41 -18.05
CA ILE C 671 -16.51 17.56 -17.07
C ILE C 671 -16.83 18.08 -15.65
N VAL C 672 -17.70 17.37 -14.93
CA VAL C 672 -18.38 17.85 -13.69
C VAL C 672 -17.44 17.74 -12.48
N GLU C 673 -16.51 16.77 -12.48
CA GLU C 673 -15.65 16.45 -11.30
C GLU C 673 -14.67 17.60 -11.01
N LEU C 674 -14.31 18.40 -12.03
CA LEU C 674 -13.35 19.52 -11.91
C LEU C 674 -14.01 20.70 -11.17
N GLY C 675 -14.99 21.35 -11.79
CA GLY C 675 -15.70 22.52 -11.24
C GLY C 675 -17.19 22.24 -11.04
N THR C 676 -17.81 22.88 -10.05
CA THR C 676 -19.25 22.76 -9.71
C THR C 676 -20.08 23.51 -10.77
N ALA C 677 -19.57 24.64 -11.27
CA ALA C 677 -20.26 25.56 -12.20
C ALA C 677 -19.41 25.80 -13.44
N THR C 678 -20.05 26.23 -14.54
CA THR C 678 -19.41 26.62 -15.82
C THR C 678 -18.66 27.94 -15.64
N GLY C 679 -17.88 28.35 -16.66
CA GLY C 679 -17.13 29.62 -16.68
C GLY C 679 -15.68 29.42 -16.26
N PHE C 680 -15.13 30.37 -15.49
CA PHE C 680 -13.72 30.38 -15.00
C PHE C 680 -13.70 30.25 -13.48
N ASP C 681 -12.56 29.80 -12.93
CA ASP C 681 -12.32 29.58 -11.48
C ASP C 681 -11.02 30.30 -11.09
N PHE C 682 -11.15 31.52 -10.56
CA PHE C 682 -10.05 32.48 -10.26
C PHE C 682 -9.78 32.48 -8.75
N GLU C 683 -8.50 32.51 -8.35
CA GLU C 683 -8.04 32.57 -6.94
C GLU C 683 -7.21 33.86 -6.74
N LEU C 684 -7.72 34.81 -5.94
CA LEU C 684 -7.02 36.05 -5.55
C LEU C 684 -6.20 35.77 -4.28
N ILE C 685 -4.87 35.78 -4.37
CA ILE C 685 -3.94 35.31 -3.31
C ILE C 685 -3.24 36.51 -2.65
N ASP C 686 -3.08 36.46 -1.33
CA ASP C 686 -2.31 37.44 -0.51
C ASP C 686 -0.89 36.90 -0.35
N GLN C 687 0.07 37.44 -1.11
CA GLN C 687 1.45 36.91 -1.26
C GLN C 687 2.46 37.80 -0.52
N ALA C 688 2.00 38.76 0.29
CA ALA C 688 2.84 39.72 1.03
C ALA C 688 2.33 39.92 2.46
N GLY C 689 1.62 38.92 3.01
CA GLY C 689 1.04 38.96 4.37
C GLY C 689 0.38 40.31 4.67
N LEU C 690 -0.44 40.80 3.74
CA LEU C 690 -1.12 42.12 3.81
C LEU C 690 -2.20 42.10 4.90
N GLY C 691 -2.93 40.97 5.02
CA GLY C 691 -4.02 40.76 5.99
C GLY C 691 -5.33 40.45 5.30
N HIS C 692 -6.37 40.11 6.09
CA HIS C 692 -7.72 39.75 5.58
C HIS C 692 -8.44 40.99 5.03
N GLU C 693 -8.34 42.12 5.76
CA GLU C 693 -9.04 43.39 5.43
C GLU C 693 -8.59 43.89 4.05
N LYS C 694 -7.30 43.78 3.74
CA LYS C 694 -6.69 44.31 2.49
C LYS C 694 -7.03 43.39 1.31
N LEU C 695 -7.09 42.08 1.53
CA LEU C 695 -7.46 41.08 0.48
C LEU C 695 -8.95 41.23 0.15
N THR C 696 -9.77 41.60 1.14
CA THR C 696 -11.20 41.99 0.97
C THR C 696 -11.29 43.24 0.09
N GLN C 697 -10.54 44.28 0.45
CA GLN C 697 -10.46 45.58 -0.30
C GLN C 697 -9.99 45.32 -1.74
N ALA C 698 -9.01 44.42 -1.91
CA ALA C 698 -8.40 44.04 -3.22
C ALA C 698 -9.43 43.29 -4.08
N ARG C 699 -10.20 42.39 -3.46
CA ARG C 699 -11.27 41.60 -4.14
C ARG C 699 -12.36 42.55 -4.65
N ASN C 700 -12.79 43.50 -3.80
CA ASN C 700 -13.84 44.51 -4.11
C ASN C 700 -13.40 45.37 -5.31
N GLN C 701 -12.11 45.69 -5.39
CA GLN C 701 -11.50 46.51 -6.48
C GLN C 701 -11.61 45.76 -7.81
N LEU C 702 -11.28 44.46 -7.82
CA LEU C 702 -11.35 43.57 -9.01
C LEU C 702 -12.81 43.36 -9.41
N LEU C 703 -13.70 43.10 -8.44
CA LEU C 703 -15.15 42.88 -8.66
C LEU C 703 -15.78 44.13 -9.28
N ALA C 704 -15.39 45.33 -8.82
CA ALA C 704 -15.87 46.64 -9.29
C ALA C 704 -15.46 46.85 -10.76
N GLU C 705 -14.21 46.57 -11.09
CA GLU C 705 -13.63 46.73 -12.46
C GLU C 705 -14.21 45.67 -13.40
N ALA C 706 -14.51 44.48 -12.89
CA ALA C 706 -15.12 43.35 -13.65
C ALA C 706 -16.53 43.72 -14.09
N ALA C 707 -17.26 44.46 -13.25
CA ALA C 707 -18.67 44.89 -13.49
C ALA C 707 -18.73 45.96 -14.60
N LYS C 708 -17.62 46.66 -14.86
CA LYS C 708 -17.51 47.72 -15.89
C LYS C 708 -17.37 47.11 -17.29
N HIS C 709 -17.18 45.78 -17.38
CA HIS C 709 -17.08 45.01 -18.65
C HIS C 709 -18.15 43.93 -18.70
N PRO C 710 -19.46 44.29 -18.78
CA PRO C 710 -20.53 43.31 -18.92
C PRO C 710 -20.56 42.67 -20.33
N ASP C 711 -19.87 43.29 -21.30
CA ASP C 711 -19.70 42.79 -22.69
C ASP C 711 -18.81 41.54 -22.70
N MET C 712 -18.01 41.33 -21.65
CA MET C 712 -17.02 40.20 -21.57
C MET C 712 -17.36 39.26 -20.40
N LEU C 713 -17.63 39.81 -19.20
CA LEU C 713 -17.80 39.03 -17.94
C LEU C 713 -19.23 39.21 -17.39
N THR C 714 -19.87 38.11 -16.98
CA THR C 714 -21.19 38.08 -16.28
C THR C 714 -21.17 36.99 -15.20
N SER C 715 -22.06 37.11 -14.21
CA SER C 715 -22.21 36.19 -13.06
C SER C 715 -20.89 36.11 -12.27
N VAL C 716 -20.15 37.21 -12.19
CA VAL C 716 -18.88 37.33 -11.42
C VAL C 716 -19.23 37.43 -9.93
N ARG C 717 -18.77 36.48 -9.13
CA ARG C 717 -19.18 36.28 -7.71
C ARG C 717 -18.03 35.68 -6.91
N PRO C 718 -17.85 36.08 -5.64
CA PRO C 718 -16.94 35.37 -4.73
C PRO C 718 -17.59 34.08 -4.23
N ASN C 719 -16.85 32.97 -4.22
CA ASN C 719 -17.32 31.65 -3.71
C ASN C 719 -16.99 31.58 -2.21
N GLY C 720 -17.45 32.57 -1.45
CA GLY C 720 -17.18 32.71 -0.01
C GLY C 720 -18.15 33.67 0.66
N LEU C 721 -17.95 33.90 1.97
CA LEU C 721 -18.87 34.68 2.84
C LEU C 721 -18.25 36.05 3.17
N GLU C 722 -19.11 37.04 3.43
CA GLU C 722 -18.71 38.39 3.93
C GLU C 722 -18.46 38.29 5.44
N ASP C 723 -17.69 39.24 5.99
CA ASP C 723 -17.38 39.33 7.44
C ASP C 723 -18.69 39.44 8.23
N THR C 724 -18.82 38.66 9.32
CA THR C 724 -20.04 38.53 10.15
C THR C 724 -19.83 39.22 11.49
N PRO C 725 -20.89 39.85 12.08
CA PRO C 725 -20.82 40.33 13.46
C PRO C 725 -20.77 39.16 14.45
N GLN C 726 -20.02 39.32 15.54
CA GLN C 726 -19.80 38.30 16.60
C GLN C 726 -20.15 38.91 17.97
N PHE C 727 -20.97 38.21 18.76
CA PHE C 727 -21.37 38.61 20.13
C PHE C 727 -20.29 38.15 21.11
N LYS C 728 -19.23 38.95 21.25
CA LYS C 728 -18.08 38.69 22.16
C LYS C 728 -18.53 38.88 23.61
N ILE C 729 -18.47 37.82 24.42
CA ILE C 729 -18.87 37.79 25.85
C ILE C 729 -17.64 37.51 26.71
N ASP C 730 -17.41 38.33 27.75
CA ASP C 730 -16.22 38.26 28.63
C ASP C 730 -16.66 37.83 30.05
N ILE C 731 -16.06 36.77 30.58
CA ILE C 731 -16.28 36.27 31.96
C ILE C 731 -15.25 36.94 32.88
N ASP C 732 -15.68 37.87 33.73
CA ASP C 732 -14.82 38.53 34.75
C ASP C 732 -14.52 37.51 35.85
N GLN C 733 -13.32 36.93 35.83
CA GLN C 733 -12.94 35.75 36.66
C GLN C 733 -12.64 36.17 38.10
N GLU C 734 -12.32 37.46 38.34
CA GLU C 734 -12.16 38.02 39.70
C GLU C 734 -13.51 38.00 40.42
N LYS C 735 -14.55 38.53 39.78
CA LYS C 735 -15.95 38.58 40.31
C LYS C 735 -16.51 37.16 40.42
N ALA C 736 -16.12 36.26 39.52
CA ALA C 736 -16.51 34.82 39.51
C ALA C 736 -15.99 34.16 40.79
N GLN C 737 -14.68 34.28 41.06
CA GLN C 737 -14.00 33.71 42.26
C GLN C 737 -14.53 34.40 43.53
N ALA C 738 -14.79 35.71 43.45
CA ALA C 738 -15.30 36.54 44.58
C ALA C 738 -16.67 36.01 45.05
N LEU C 739 -17.49 35.50 44.12
CA LEU C 739 -18.85 34.97 44.39
C LEU C 739 -18.83 33.44 44.58
N GLY C 740 -17.65 32.82 44.43
CA GLY C 740 -17.42 31.39 44.68
C GLY C 740 -18.08 30.50 43.65
N VAL C 741 -17.99 30.87 42.37
CA VAL C 741 -18.47 30.07 41.21
C VAL C 741 -17.25 29.67 40.37
N SER C 742 -17.14 28.39 40.01
CA SER C 742 -16.06 27.84 39.15
C SER C 742 -16.35 28.22 37.69
N ILE C 743 -15.33 28.66 36.95
CA ILE C 743 -15.44 29.05 35.51
C ILE C 743 -15.69 27.80 34.66
N ASN C 744 -15.41 26.61 35.22
CA ASN C 744 -15.79 25.29 34.65
C ASN C 744 -17.31 25.23 34.48
N ASP C 745 -18.06 25.58 35.53
CA ASP C 745 -19.56 25.56 35.55
C ASP C 745 -20.09 26.68 34.64
N ILE C 746 -19.43 27.83 34.60
CA ILE C 746 -19.79 28.99 33.73
C ILE C 746 -19.65 28.55 32.26
N ASN C 747 -18.44 28.11 31.88
CA ASN C 747 -18.08 27.71 30.49
C ASN C 747 -19.00 26.58 30.01
N THR C 748 -19.42 25.68 30.90
CA THR C 748 -20.32 24.54 30.61
C THR C 748 -21.75 25.08 30.40
N THR C 749 -22.28 25.82 31.38
CA THR C 749 -23.65 26.41 31.37
C THR C 749 -23.84 27.22 30.08
N LEU C 750 -22.89 28.12 29.78
CA LEU C 750 -22.88 28.99 28.57
C LEU C 750 -22.84 28.10 27.31
N GLY C 751 -21.88 27.19 27.25
CA GLY C 751 -21.65 26.28 26.10
C GLY C 751 -22.81 25.34 25.87
N ALA C 752 -23.31 24.71 26.93
CA ALA C 752 -24.43 23.73 26.90
C ALA C 752 -25.71 24.42 26.41
N ALA C 753 -26.06 25.56 26.99
CA ALA C 753 -27.31 26.31 26.74
C ALA C 753 -27.38 26.77 25.29
N TRP C 754 -26.42 27.59 24.85
CA TRP C 754 -26.48 28.37 23.59
C TRP C 754 -26.01 27.54 22.39
N GLY C 755 -24.97 26.72 22.56
CA GLY C 755 -24.33 25.94 21.49
C GLY C 755 -24.86 24.51 21.40
N GLY C 756 -25.20 23.91 22.54
CA GLY C 756 -25.58 22.48 22.66
C GLY C 756 -24.38 21.63 23.05
N SER C 757 -24.61 20.57 23.82
CA SER C 757 -23.56 19.66 24.35
C SER C 757 -23.94 18.19 24.08
N TYR C 758 -23.13 17.51 23.27
CA TYR C 758 -23.21 16.04 23.02
C TYR C 758 -22.71 15.32 24.30
N VAL C 759 -23.66 14.82 25.10
CA VAL C 759 -23.40 14.23 26.45
C VAL C 759 -22.89 12.79 26.29
N ASN C 760 -23.71 11.91 25.73
CA ASN C 760 -23.40 10.47 25.50
C ASN C 760 -24.37 9.90 24.47
N ASP C 761 -24.30 8.59 24.21
CA ASP C 761 -25.15 7.88 23.22
C ASP C 761 -26.37 7.27 23.94
N PHE C 762 -27.39 6.91 23.16
CA PHE C 762 -28.59 6.13 23.60
C PHE C 762 -29.03 5.26 22.41
N ILE C 763 -29.97 4.33 22.65
CA ILE C 763 -30.45 3.34 21.63
C ILE C 763 -31.88 3.70 21.24
N ASP C 764 -32.10 4.09 19.97
CA ASP C 764 -33.43 4.39 19.40
C ASP C 764 -33.82 3.28 18.42
N ARG C 765 -34.74 2.40 18.85
CA ARG C 765 -35.29 1.26 18.04
C ARG C 765 -34.13 0.40 17.51
N GLY C 766 -33.18 0.05 18.38
CA GLY C 766 -32.05 -0.86 18.07
C GLY C 766 -30.98 -0.20 17.21
N ARG C 767 -30.73 1.10 17.41
CA ARG C 767 -29.67 1.87 16.73
C ARG C 767 -29.09 2.92 17.69
N VAL C 768 -27.76 3.03 17.73
CA VAL C 768 -27.01 4.02 18.57
C VAL C 768 -27.22 5.41 17.97
N LYS C 769 -27.77 6.35 18.76
CA LYS C 769 -27.95 7.77 18.38
C LYS C 769 -27.46 8.65 19.54
N LYS C 770 -27.24 9.94 19.28
CA LYS C 770 -26.60 10.90 20.23
C LYS C 770 -27.64 11.47 21.20
N VAL C 771 -27.16 12.04 22.32
CA VAL C 771 -27.97 12.78 23.33
C VAL C 771 -27.42 14.20 23.43
N TYR C 772 -28.27 15.21 23.17
CA TYR C 772 -27.91 16.65 23.22
C TYR C 772 -28.78 17.34 24.29
N VAL C 773 -28.12 18.06 25.21
CA VAL C 773 -28.77 19.06 26.11
C VAL C 773 -28.51 20.44 25.50
N MET C 774 -29.53 21.31 25.51
CA MET C 774 -29.49 22.66 24.88
C MET C 774 -30.64 23.50 25.45
N SER C 775 -30.49 24.82 25.45
CA SER C 775 -31.54 25.79 25.82
C SER C 775 -32.71 25.68 24.83
N GLU C 776 -33.94 25.74 25.32
CA GLU C 776 -35.16 25.84 24.49
C GLU C 776 -35.08 27.16 23.70
N ALA C 777 -35.32 27.10 22.38
CA ALA C 777 -35.15 28.20 21.41
C ALA C 777 -35.28 29.57 22.10
N LYS C 778 -36.40 29.80 22.80
CA LYS C 778 -36.86 31.13 23.26
C LYS C 778 -35.92 31.77 24.30
N TYR C 779 -34.98 31.01 24.88
CA TYR C 779 -34.04 31.49 25.93
C TYR C 779 -32.62 31.67 25.39
N ARG C 780 -32.42 31.60 24.07
CA ARG C 780 -31.08 31.75 23.43
C ARG C 780 -31.22 32.50 22.09
N MET C 781 -32.04 33.56 22.06
CA MET C 781 -32.36 34.34 20.84
C MET C 781 -31.76 35.76 20.95
N LEU C 782 -31.89 36.40 22.11
CA LEU C 782 -31.54 37.83 22.33
C LEU C 782 -30.31 37.95 23.23
N PRO C 783 -29.43 38.95 23.01
CA PRO C 783 -28.30 39.24 23.89
C PRO C 783 -28.61 39.29 25.39
N ASP C 784 -29.78 39.80 25.77
CA ASP C 784 -30.21 40.00 27.19
C ASP C 784 -30.53 38.66 27.85
N ASP C 785 -30.80 37.61 27.06
CA ASP C 785 -31.13 36.25 27.54
C ASP C 785 -29.91 35.62 28.24
N ILE C 786 -28.71 36.17 28.01
CA ILE C 786 -27.44 35.74 28.67
C ILE C 786 -27.62 35.75 30.19
N GLY C 787 -28.12 36.86 30.74
CA GLY C 787 -28.26 37.09 32.19
C GLY C 787 -29.38 36.27 32.83
N ASP C 788 -30.21 35.60 32.03
CA ASP C 788 -31.32 34.72 32.50
C ASP C 788 -30.75 33.44 33.10
N TRP C 789 -29.51 33.06 32.74
CA TRP C 789 -28.86 31.79 33.14
C TRP C 789 -28.15 31.95 34.48
N TYR C 790 -28.45 31.05 35.43
CA TYR C 790 -27.93 31.05 36.82
C TYR C 790 -26.98 29.87 37.01
N VAL C 791 -25.83 30.12 37.63
CA VAL C 791 -24.81 29.09 38.01
C VAL C 791 -24.76 29.00 39.54
N ARG C 792 -24.76 27.78 40.10
CA ARG C 792 -24.74 27.54 41.56
C ARG C 792 -23.34 27.80 42.10
N ALA C 793 -23.23 28.65 43.14
CA ALA C 793 -21.98 28.98 43.85
C ALA C 793 -21.66 27.88 44.87
N ALA C 794 -20.49 27.96 45.50
CA ALA C 794 -19.99 26.99 46.50
C ALA C 794 -20.90 26.97 47.74
N ASP C 795 -21.52 28.10 48.07
CA ASP C 795 -22.35 28.28 49.30
C ASP C 795 -23.83 27.97 49.01
N GLY C 796 -24.15 27.42 47.84
CA GLY C 796 -25.49 26.92 47.48
C GLY C 796 -26.38 27.96 46.84
N GLN C 797 -25.92 29.22 46.76
CA GLN C 797 -26.68 30.36 46.17
C GLN C 797 -26.55 30.34 44.65
N MET C 798 -27.63 30.72 43.93
CA MET C 798 -27.66 30.85 42.45
C MET C 798 -27.24 32.27 42.07
N VAL C 799 -26.39 32.41 41.05
CA VAL C 799 -25.77 33.69 40.61
C VAL C 799 -26.06 33.87 39.11
N PRO C 800 -26.68 35.00 38.69
CA PRO C 800 -26.94 35.25 37.27
C PRO C 800 -25.66 35.63 36.52
N PHE C 801 -25.57 35.28 35.24
CA PHE C 801 -24.42 35.57 34.33
C PHE C 801 -24.14 37.08 34.32
N SER C 802 -25.19 37.90 34.48
CA SER C 802 -25.12 39.39 34.51
C SER C 802 -24.17 39.89 35.61
N ALA C 803 -23.99 39.09 36.68
CA ALA C 803 -23.19 39.45 37.88
C ALA C 803 -21.68 39.38 37.59
N PHE C 804 -21.25 38.46 36.73
CA PHE C 804 -19.80 38.13 36.51
C PHE C 804 -19.43 38.16 35.02
N SER C 805 -20.20 38.85 34.17
CA SER C 805 -19.95 38.91 32.71
C SER C 805 -20.46 40.23 32.09
N SER C 806 -19.86 40.62 30.97
CA SER C 806 -20.28 41.74 30.08
C SER C 806 -20.11 41.31 28.62
N SER C 807 -20.70 42.06 27.68
CA SER C 807 -20.73 41.72 26.23
C SER C 807 -20.41 42.94 25.36
N ARG C 808 -20.06 42.69 24.10
CA ARG C 808 -19.81 43.72 23.05
C ARG C 808 -19.73 43.04 21.68
N TRP C 809 -19.83 43.81 20.60
CA TRP C 809 -19.92 43.31 19.20
C TRP C 809 -18.56 43.41 18.51
N GLU C 810 -18.04 42.27 18.03
CA GLU C 810 -16.82 42.17 17.18
C GLU C 810 -17.23 41.81 15.75
N TYR C 811 -16.27 41.82 14.82
CA TYR C 811 -16.43 41.40 13.41
C TYR C 811 -15.27 40.48 13.02
N GLY C 812 -15.49 39.62 12.02
CA GLY C 812 -14.50 38.64 11.53
C GLY C 812 -15.11 37.69 10.52
N SER C 813 -14.28 37.12 9.65
CA SER C 813 -14.68 36.19 8.56
C SER C 813 -15.24 34.91 9.15
N PRO C 814 -16.43 34.44 8.70
CA PRO C 814 -16.93 33.11 9.05
C PRO C 814 -16.43 32.01 8.10
N ARG C 815 -15.48 32.34 7.21
CA ARG C 815 -14.88 31.40 6.22
C ARG C 815 -13.58 32.00 5.67
N LEU C 816 -12.44 31.58 6.22
CA LEU C 816 -11.08 31.99 5.79
C LEU C 816 -10.54 30.95 4.80
N GLU C 817 -10.33 31.35 3.54
CA GLU C 817 -9.87 30.48 2.43
C GLU C 817 -8.36 30.62 2.28
N ARG C 818 -7.69 29.55 1.84
CA ARG C 818 -6.22 29.54 1.54
C ARG C 818 -5.99 28.73 0.26
N TYR C 819 -5.08 29.20 -0.61
CA TYR C 819 -4.67 28.52 -1.86
C TYR C 819 -3.14 28.41 -1.89
N ASN C 820 -2.62 27.17 -1.94
CA ASN C 820 -1.19 26.83 -1.86
C ASN C 820 -0.58 27.47 -0.60
N GLY C 821 -1.31 27.43 0.52
CA GLY C 821 -0.82 27.78 1.86
C GLY C 821 -0.79 29.27 2.15
N LEU C 822 -1.40 30.10 1.28
CA LEU C 822 -1.49 31.58 1.46
C LEU C 822 -2.95 32.01 1.46
N PRO C 823 -3.33 33.06 2.23
CA PRO C 823 -4.71 33.53 2.27
C PRO C 823 -5.23 33.90 0.88
N SER C 824 -6.36 33.32 0.48
CA SER C 824 -6.95 33.43 -0.88
C SER C 824 -8.44 33.83 -0.79
N MET C 825 -9.04 34.15 -1.94
CA MET C 825 -10.49 34.38 -2.11
C MET C 825 -10.90 33.94 -3.52
N GLU C 826 -11.62 32.82 -3.62
CA GLU C 826 -12.09 32.20 -4.89
C GLU C 826 -13.16 33.11 -5.51
N ILE C 827 -13.01 33.43 -6.80
CA ILE C 827 -13.99 34.22 -7.61
C ILE C 827 -14.40 33.38 -8.82
N LEU C 828 -15.70 33.07 -8.94
CA LEU C 828 -16.30 32.36 -10.10
C LEU C 828 -16.94 33.40 -11.03
N GLY C 829 -16.97 33.11 -12.34
CA GLY C 829 -17.57 33.99 -13.36
C GLY C 829 -17.68 33.31 -14.71
N GLN C 830 -18.61 33.79 -15.55
CA GLN C 830 -18.87 33.27 -16.92
C GLN C 830 -18.38 34.29 -17.95
N ALA C 831 -18.03 33.82 -19.15
CA ALA C 831 -17.80 34.65 -20.36
C ALA C 831 -19.16 35.09 -20.89
N ALA C 832 -19.33 36.39 -21.16
CA ALA C 832 -20.59 37.02 -21.63
C ALA C 832 -21.01 36.38 -22.95
N PRO C 833 -22.33 36.35 -23.27
CA PRO C 833 -22.80 35.72 -24.51
C PRO C 833 -22.01 36.16 -25.76
N GLY C 834 -21.54 35.18 -26.54
CA GLY C 834 -20.80 35.40 -27.80
C GLY C 834 -19.29 35.45 -27.58
N LYS C 835 -18.83 35.38 -26.32
CA LYS C 835 -17.40 35.35 -25.94
C LYS C 835 -17.02 33.94 -25.48
N SER C 836 -15.72 33.66 -25.38
CA SER C 836 -15.13 32.38 -24.90
C SER C 836 -14.55 32.59 -23.49
N THR C 837 -14.36 31.50 -22.74
CA THR C 837 -13.72 31.48 -21.40
C THR C 837 -12.28 32.00 -21.50
N GLY C 838 -11.61 31.75 -22.64
CA GLY C 838 -10.26 32.25 -22.95
C GLY C 838 -10.20 33.77 -22.94
N GLU C 839 -11.13 34.43 -23.63
CA GLU C 839 -11.26 35.91 -23.68
C GLU C 839 -11.55 36.45 -22.27
N ALA C 840 -12.39 35.75 -21.51
CA ALA C 840 -12.79 36.10 -20.13
C ALA C 840 -11.57 36.02 -19.19
N MET C 841 -10.81 34.92 -19.27
CA MET C 841 -9.57 34.69 -18.49
C MET C 841 -8.55 35.79 -18.80
N GLU C 842 -8.42 36.14 -20.09
CA GLU C 842 -7.45 37.15 -20.59
C GLU C 842 -7.72 38.52 -19.93
N LEU C 843 -8.99 38.93 -19.87
CA LEU C 843 -9.42 40.22 -19.24
C LEU C 843 -9.21 40.13 -17.72
N MET C 844 -9.65 39.03 -17.09
CA MET C 844 -9.51 38.78 -15.63
C MET C 844 -8.03 38.93 -15.23
N GLU C 845 -7.11 38.42 -16.05
CA GLU C 845 -5.64 38.51 -15.84
C GLU C 845 -5.19 39.97 -15.96
N GLN C 846 -5.72 40.71 -16.93
CA GLN C 846 -5.42 42.15 -17.17
C GLN C 846 -5.88 42.99 -15.98
N LEU C 847 -7.11 42.75 -15.50
CA LEU C 847 -7.72 43.49 -14.35
C LEU C 847 -6.95 43.18 -13.07
N ALA C 848 -6.50 41.92 -12.92
CA ALA C 848 -5.79 41.40 -11.72
C ALA C 848 -4.39 42.03 -11.61
N SER C 849 -3.77 42.37 -12.75
CA SER C 849 -2.40 42.94 -12.84
C SER C 849 -2.39 44.41 -12.39
N LYS C 850 -3.57 45.02 -12.21
CA LYS C 850 -3.75 46.45 -11.81
C LYS C 850 -4.17 46.55 -10.34
N LEU C 851 -4.00 45.47 -9.56
CA LEU C 851 -4.34 45.42 -8.12
C LEU C 851 -3.12 45.80 -7.28
N PRO C 852 -3.30 46.22 -6.01
CA PRO C 852 -2.19 46.60 -5.14
C PRO C 852 -1.06 45.56 -5.09
N THR C 853 0.19 46.02 -4.98
CA THR C 853 1.42 45.18 -4.93
C THR C 853 1.37 44.29 -3.68
N GLY C 854 1.66 43.00 -3.85
CA GLY C 854 1.52 41.95 -2.82
C GLY C 854 0.31 41.07 -3.07
N VAL C 855 -0.59 41.51 -3.96
CA VAL C 855 -1.83 40.76 -4.34
C VAL C 855 -1.60 40.13 -5.73
N GLY C 856 -1.46 38.80 -5.77
CA GLY C 856 -1.33 38.01 -7.01
C GLY C 856 -2.58 37.19 -7.27
N TYR C 857 -2.54 36.29 -8.26
CA TYR C 857 -3.66 35.40 -8.64
C TYR C 857 -3.13 34.05 -9.16
N ASP C 858 -4.04 33.10 -9.36
CA ASP C 858 -3.78 31.79 -10.01
C ASP C 858 -5.12 31.18 -10.45
N TRP C 859 -5.11 30.41 -11.54
CA TRP C 859 -6.28 29.65 -12.05
C TRP C 859 -6.26 28.25 -11.43
N THR C 860 -7.44 27.72 -11.05
CA THR C 860 -7.62 26.40 -10.42
C THR C 860 -8.74 25.63 -11.16
N GLY C 861 -8.90 24.35 -10.83
CA GLY C 861 -9.96 23.47 -11.36
C GLY C 861 -9.98 23.43 -12.87
N MET C 862 -11.11 23.83 -13.48
CA MET C 862 -11.35 23.78 -14.96
C MET C 862 -10.44 24.80 -15.66
N SER C 863 -10.28 25.99 -15.08
CA SER C 863 -9.48 27.12 -15.64
C SER C 863 -8.00 26.75 -15.68
N TYR C 864 -7.50 26.01 -14.68
CA TYR C 864 -6.10 25.52 -14.61
C TYR C 864 -5.81 24.58 -15.78
N GLN C 865 -6.74 23.65 -16.06
CA GLN C 865 -6.65 22.65 -17.16
C GLN C 865 -6.73 23.38 -18.51
N GLU C 866 -7.49 24.48 -18.58
CA GLU C 866 -7.71 25.29 -19.82
C GLU C 866 -6.40 25.99 -20.20
N ARG C 867 -5.77 26.69 -19.25
CA ARG C 867 -4.46 27.37 -19.43
C ARG C 867 -3.41 26.36 -19.87
N LEU C 868 -3.40 25.18 -19.23
CA LEU C 868 -2.43 24.07 -19.47
C LEU C 868 -2.58 23.55 -20.91
N SER C 869 -3.84 23.35 -21.36
CA SER C 869 -4.20 22.89 -22.73
C SER C 869 -3.69 23.88 -23.78
N GLY C 870 -3.71 25.17 -23.47
CA GLY C 870 -3.29 26.26 -24.37
C GLY C 870 -1.77 26.36 -24.50
N ASN C 871 -1.05 26.20 -23.38
CA ASN C 871 0.43 26.35 -23.31
C ASN C 871 1.13 25.18 -24.02
N GLN C 872 0.52 23.99 -24.01
CA GLN C 872 1.13 22.73 -24.52
C GLN C 872 0.76 22.52 -26.00
N ALA C 873 -0.14 23.35 -26.55
CA ALA C 873 -0.69 23.20 -27.93
C ALA C 873 0.40 23.43 -28.97
N PRO C 874 1.20 24.53 -28.90
CA PRO C 874 2.27 24.77 -29.86
C PRO C 874 3.28 23.61 -29.95
N SER C 875 3.73 23.12 -28.79
CA SER C 875 4.67 21.98 -28.65
C SER C 875 4.09 20.74 -29.32
N LEU C 876 2.80 20.46 -29.06
CA LEU C 876 2.06 19.28 -29.60
C LEU C 876 2.06 19.31 -31.13
N TYR C 877 1.69 20.45 -31.73
CA TYR C 877 1.63 20.64 -33.20
C TYR C 877 3.05 20.47 -33.78
N ALA C 878 4.04 21.12 -33.17
CA ALA C 878 5.45 21.20 -33.62
C ALA C 878 6.06 19.79 -33.72
N ILE C 879 6.03 19.03 -32.62
CA ILE C 879 6.61 17.65 -32.54
C ILE C 879 5.81 16.71 -33.44
N SER C 880 4.49 16.89 -33.54
CA SER C 880 3.59 16.10 -34.41
C SER C 880 4.03 16.24 -35.88
N LEU C 881 4.34 17.46 -36.32
CA LEU C 881 4.84 17.76 -37.70
C LEU C 881 6.21 17.10 -37.89
N ILE C 882 7.13 17.28 -36.94
CA ILE C 882 8.51 16.71 -36.96
C ILE C 882 8.44 15.18 -37.10
N VAL C 883 7.54 14.53 -36.37
CA VAL C 883 7.38 13.03 -36.37
C VAL C 883 6.87 12.59 -37.75
N VAL C 884 5.83 13.25 -38.28
CA VAL C 884 5.23 12.93 -39.61
C VAL C 884 6.30 13.10 -40.70
N PHE C 885 7.14 14.14 -40.58
CA PHE C 885 8.22 14.47 -41.54
C PHE C 885 9.27 13.35 -41.54
N LEU C 886 9.81 13.01 -40.37
CA LEU C 886 10.87 11.97 -40.20
C LEU C 886 10.33 10.60 -40.64
N CYS C 887 9.07 10.31 -40.32
CA CYS C 887 8.34 9.06 -40.71
C CYS C 887 8.30 8.93 -42.23
N LEU C 888 8.00 10.03 -42.94
CA LEU C 888 7.93 10.09 -44.43
C LEU C 888 9.34 9.97 -45.02
N ALA C 889 10.32 10.65 -44.42
CA ALA C 889 11.74 10.67 -44.85
C ALA C 889 12.30 9.24 -44.84
N ALA C 890 12.01 8.47 -43.79
CA ALA C 890 12.49 7.08 -43.58
C ALA C 890 11.80 6.14 -44.57
N LEU C 891 10.47 6.23 -44.69
CA LEU C 891 9.62 5.33 -45.53
C LEU C 891 10.04 5.43 -47.00
N TYR C 892 10.11 6.65 -47.54
CA TYR C 892 10.29 6.93 -48.99
C TYR C 892 11.75 7.22 -49.32
N GLU C 893 12.63 7.28 -48.30
CA GLU C 893 14.10 7.46 -48.47
C GLU C 893 14.36 8.74 -49.27
N SER C 894 13.87 9.87 -48.78
CA SER C 894 13.94 11.21 -49.44
C SER C 894 13.85 12.34 -48.42
N TRP C 895 14.46 13.49 -48.72
CA TRP C 895 14.26 14.77 -48.01
C TRP C 895 13.28 15.65 -48.80
N SER C 896 13.06 15.33 -50.08
CA SER C 896 12.24 16.12 -51.04
C SER C 896 10.76 15.76 -50.90
N ILE C 897 10.43 14.46 -50.89
CA ILE C 897 9.04 13.92 -50.81
C ILE C 897 8.40 14.40 -49.51
N PRO C 898 9.04 14.21 -48.33
CA PRO C 898 8.51 14.73 -47.07
C PRO C 898 8.20 16.24 -47.12
N PHE C 899 9.16 17.06 -47.56
CA PHE C 899 9.07 18.54 -47.61
C PHE C 899 7.98 18.96 -48.60
N SER C 900 7.88 18.27 -49.74
CA SER C 900 6.83 18.47 -50.77
C SER C 900 5.45 18.22 -50.17
N VAL C 901 5.34 17.21 -49.30
CA VAL C 901 4.07 16.82 -48.60
C VAL C 901 3.75 17.86 -47.52
N MET C 902 4.67 18.08 -46.57
CA MET C 902 4.45 18.88 -45.34
C MET C 902 3.93 20.29 -45.67
N LEU C 903 4.24 20.81 -46.86
CA LEU C 903 3.79 22.17 -47.33
C LEU C 903 2.28 22.16 -47.62
N VAL C 904 1.64 20.99 -47.64
CA VAL C 904 0.16 20.83 -47.85
C VAL C 904 -0.58 21.19 -46.56
N VAL C 905 0.08 21.09 -45.40
CA VAL C 905 -0.53 21.22 -44.05
C VAL C 905 -1.34 22.53 -43.98
N PRO C 906 -0.76 23.72 -44.27
CA PRO C 906 -1.51 24.97 -44.24
C PRO C 906 -2.80 25.01 -45.08
N LEU C 907 -2.85 24.25 -46.20
CA LEU C 907 -4.04 24.17 -47.09
C LEU C 907 -5.21 23.56 -46.31
N GLY C 908 -4.93 22.53 -45.50
CA GLY C 908 -5.93 21.88 -44.62
C GLY C 908 -6.28 22.74 -43.42
N VAL C 909 -5.27 23.35 -42.79
CA VAL C 909 -5.40 24.07 -41.49
C VAL C 909 -6.32 25.29 -41.67
N ILE C 910 -6.18 26.03 -42.77
CA ILE C 910 -7.00 27.26 -43.05
C ILE C 910 -8.48 26.87 -43.13
N GLY C 911 -8.79 25.74 -43.77
CA GLY C 911 -10.17 25.22 -43.91
C GLY C 911 -10.81 24.92 -42.57
N ALA C 912 -10.04 24.34 -41.65
CA ALA C 912 -10.45 24.02 -40.26
C ALA C 912 -10.74 25.33 -39.51
N LEU C 913 -9.91 26.35 -39.73
CA LEU C 913 -10.06 27.70 -39.10
C LEU C 913 -11.27 28.42 -39.72
N LEU C 914 -11.51 28.27 -41.02
CA LEU C 914 -12.68 28.87 -41.74
C LEU C 914 -13.97 28.28 -41.16
N ALA C 915 -14.06 26.96 -41.07
CA ALA C 915 -15.24 26.21 -40.57
C ALA C 915 -15.56 26.63 -39.14
N ALA C 916 -14.56 26.63 -38.25
CA ALA C 916 -14.68 26.97 -36.81
C ALA C 916 -15.10 28.43 -36.64
N THR C 917 -14.53 29.34 -37.43
CA THR C 917 -14.72 30.81 -37.34
C THR C 917 -16.15 31.19 -37.73
N PHE C 918 -16.65 30.65 -38.85
CA PHE C 918 -17.96 31.01 -39.45
C PHE C 918 -19.10 30.26 -38.74
N ARG C 919 -18.80 29.17 -38.02
CA ARG C 919 -19.80 28.37 -37.27
C ARG C 919 -19.92 28.91 -35.83
N GLY C 920 -18.89 29.58 -35.33
CA GLY C 920 -18.86 30.24 -34.01
C GLY C 920 -18.27 29.35 -32.93
N LEU C 921 -17.46 28.35 -33.32
CA LEU C 921 -16.73 27.46 -32.39
C LEU C 921 -15.38 28.09 -32.04
N THR C 922 -14.72 27.58 -30.99
CA THR C 922 -13.46 28.13 -30.41
C THR C 922 -12.30 27.15 -30.64
N ASN C 923 -11.08 27.58 -30.33
CA ASN C 923 -9.86 26.74 -30.31
C ASN C 923 -9.86 25.91 -29.01
N ASP C 924 -10.74 24.91 -28.94
CA ASP C 924 -10.94 24.03 -27.76
C ASP C 924 -10.11 22.75 -27.93
N VAL C 925 -10.20 21.83 -26.98
CA VAL C 925 -9.44 20.53 -26.96
C VAL C 925 -9.81 19.72 -28.20
N TYR C 926 -11.08 19.72 -28.58
CA TYR C 926 -11.63 18.95 -29.74
C TYR C 926 -11.09 19.53 -31.06
N PHE C 927 -10.84 20.84 -31.11
CA PHE C 927 -10.26 21.54 -32.29
C PHE C 927 -8.78 21.18 -32.42
N GLN C 928 -8.05 21.16 -31.30
CA GLN C 928 -6.62 20.74 -31.22
C GLN C 928 -6.48 19.33 -31.80
N VAL C 929 -7.37 18.41 -31.42
CA VAL C 929 -7.47 17.02 -31.99
C VAL C 929 -7.76 17.13 -33.50
N GLY C 930 -8.66 18.05 -33.88
CA GLY C 930 -9.05 18.29 -35.27
C GLY C 930 -7.88 18.75 -36.14
N LEU C 931 -7.03 19.64 -35.62
CA LEU C 931 -5.84 20.18 -36.33
C LEU C 931 -4.82 19.06 -36.57
N LEU C 932 -4.60 18.18 -35.59
CA LEU C 932 -3.71 17.01 -35.70
C LEU C 932 -4.26 16.07 -36.78
N THR C 933 -5.57 15.77 -36.74
CA THR C 933 -6.28 14.97 -37.77
C THR C 933 -6.07 15.63 -39.14
N THR C 934 -6.20 16.97 -39.20
CA THR C 934 -6.09 17.78 -40.45
C THR C 934 -4.69 17.63 -41.07
N ILE C 935 -3.64 17.55 -40.25
CA ILE C 935 -2.23 17.33 -40.72
C ILE C 935 -2.17 15.99 -41.44
N GLY C 936 -2.80 14.95 -40.87
CA GLY C 936 -2.85 13.59 -41.43
C GLY C 936 -3.70 13.51 -42.70
N LEU C 937 -4.85 14.18 -42.70
CA LEU C 937 -5.80 14.25 -43.85
C LEU C 937 -5.10 14.97 -45.01
N SER C 938 -4.37 16.05 -44.72
CA SER C 938 -3.61 16.88 -45.70
C SER C 938 -2.46 16.06 -46.30
N ALA C 939 -1.66 15.41 -45.45
CA ALA C 939 -0.50 14.56 -45.83
C ALA C 939 -0.99 13.38 -46.68
N LYS C 940 -2.12 12.76 -46.29
CA LYS C 940 -2.76 11.62 -47.00
C LYS C 940 -2.98 11.99 -48.47
N ASN C 941 -3.70 13.08 -48.74
CA ASN C 941 -4.05 13.57 -50.10
C ASN C 941 -2.78 13.90 -50.87
N ALA C 942 -1.79 14.52 -50.22
CA ALA C 942 -0.51 14.94 -50.82
C ALA C 942 0.30 13.70 -51.25
N ILE C 943 0.36 12.68 -50.40
CA ILE C 943 1.09 11.39 -50.66
C ILE C 943 0.54 10.75 -51.93
N LEU C 944 -0.79 10.58 -52.03
CA LEU C 944 -1.48 9.91 -53.15
C LEU C 944 -0.94 10.42 -54.50
N ILE C 945 -0.66 11.72 -54.61
CA ILE C 945 -0.05 12.35 -55.83
C ILE C 945 1.47 12.16 -55.81
N VAL C 946 2.15 12.77 -54.84
CA VAL C 946 3.64 12.89 -54.76
C VAL C 946 4.28 11.50 -54.87
N GLU C 947 3.73 10.50 -54.16
CA GLU C 947 4.26 9.11 -54.10
C GLU C 947 4.22 8.50 -55.50
N PHE C 948 3.06 8.58 -56.18
CA PHE C 948 2.80 7.99 -57.51
C PHE C 948 3.55 8.77 -58.60
N ALA C 949 3.89 10.03 -58.33
CA ALA C 949 4.66 10.92 -59.24
C ALA C 949 6.13 10.48 -59.27
N LYS C 950 6.78 10.42 -58.10
CA LYS C 950 8.18 9.95 -57.95
C LYS C 950 8.29 8.52 -58.48
N ASP C 951 7.29 7.68 -58.20
CA ASP C 951 7.26 6.24 -58.58
C ASP C 951 7.33 6.11 -60.11
N LEU C 952 6.64 6.99 -60.85
CA LEU C 952 6.64 7.03 -62.35
C LEU C 952 8.01 7.48 -62.85
N MET C 953 8.62 8.49 -62.19
CA MET C 953 9.94 9.05 -62.56
C MET C 953 11.03 7.99 -62.40
N ASP C 954 10.90 7.09 -61.42
CA ASP C 954 11.90 6.05 -61.07
C ASP C 954 11.65 4.78 -61.90
N LYS C 955 10.43 4.25 -61.87
CA LYS C 955 10.08 2.91 -62.40
C LYS C 955 9.79 2.98 -63.91
N GLU C 956 9.29 4.11 -64.41
CA GLU C 956 8.90 4.29 -65.84
C GLU C 956 9.75 5.37 -66.52
N GLY C 957 10.71 5.97 -65.80
CA GLY C 957 11.68 6.95 -66.34
C GLY C 957 11.02 8.06 -67.14
N LYS C 958 10.05 8.76 -66.54
CA LYS C 958 9.25 9.83 -67.19
C LYS C 958 9.75 11.21 -66.71
N GLY C 959 9.41 12.26 -67.47
CA GLY C 959 9.73 13.66 -67.13
C GLY C 959 8.97 14.12 -65.90
N LEU C 960 9.50 15.13 -65.21
CA LEU C 960 8.93 15.71 -63.96
C LEU C 960 7.47 16.14 -64.21
N ILE C 961 7.22 16.79 -65.36
CA ILE C 961 5.88 17.33 -65.76
C ILE C 961 4.95 16.16 -66.13
N GLU C 962 5.43 15.24 -66.98
CA GLU C 962 4.65 14.08 -67.48
C GLU C 962 4.23 13.19 -66.31
N ALA C 963 5.15 12.94 -65.37
CA ALA C 963 4.93 12.10 -64.16
C ALA C 963 3.87 12.73 -63.26
N THR C 964 4.02 14.03 -62.95
CA THR C 964 3.11 14.83 -62.09
C THR C 964 1.70 14.82 -62.71
N LEU C 965 1.59 15.10 -64.01
CA LEU C 965 0.30 15.19 -64.76
C LEU C 965 -0.35 13.80 -64.86
N ASP C 966 0.45 12.73 -64.96
CA ASP C 966 -0.04 11.32 -64.99
C ASP C 966 -0.56 10.94 -63.60
N ALA C 967 0.19 11.29 -62.54
CA ALA C 967 -0.13 11.00 -61.13
C ALA C 967 -1.51 11.60 -60.77
N VAL C 968 -1.67 12.90 -60.98
CA VAL C 968 -2.91 13.67 -60.65
C VAL C 968 -4.10 13.11 -61.44
N ARG C 969 -3.87 12.72 -62.70
CA ARG C 969 -4.91 12.18 -63.63
C ARG C 969 -5.49 10.89 -63.05
N MET C 970 -4.63 9.95 -62.65
CA MET C 970 -5.02 8.58 -62.21
C MET C 970 -5.45 8.58 -60.74
N ARG C 971 -5.08 9.60 -59.97
CA ARG C 971 -5.24 9.63 -58.48
C ARG C 971 -6.38 10.57 -58.05
N LEU C 972 -7.03 11.29 -58.98
CA LEU C 972 -8.15 12.21 -58.64
C LEU C 972 -9.33 11.39 -58.09
N ARG C 973 -9.75 10.35 -58.80
CA ARG C 973 -10.92 9.49 -58.45
C ARG C 973 -10.76 8.97 -57.01
N PRO C 974 -9.65 8.28 -56.66
CA PRO C 974 -9.47 7.80 -55.29
C PRO C 974 -9.34 8.91 -54.24
N ILE C 975 -8.67 10.02 -54.56
CA ILE C 975 -8.52 11.21 -53.66
C ILE C 975 -9.92 11.72 -53.29
N LEU C 976 -10.78 11.93 -54.28
CA LEU C 976 -12.17 12.46 -54.09
C LEU C 976 -13.03 11.40 -53.39
N MET C 977 -12.87 10.12 -53.75
CA MET C 977 -13.57 8.97 -53.12
C MET C 977 -13.30 8.97 -51.62
N THR C 978 -12.02 9.01 -51.22
CA THR C 978 -11.53 8.86 -49.83
C THR C 978 -11.69 10.18 -49.05
N SER C 979 -11.83 11.31 -49.76
CA SER C 979 -12.05 12.65 -49.17
C SER C 979 -13.53 12.85 -48.84
N LEU C 980 -14.43 12.51 -49.78
CA LEU C 980 -15.90 12.57 -49.59
C LEU C 980 -16.30 11.58 -48.48
N ALA C 981 -15.68 10.40 -48.46
CA ALA C 981 -15.89 9.35 -47.43
C ALA C 981 -15.80 9.98 -46.03
N PHE C 982 -14.70 10.70 -45.77
CA PHE C 982 -14.43 11.37 -44.46
C PHE C 982 -15.42 12.52 -44.23
N ILE C 983 -15.60 13.39 -45.23
CA ILE C 983 -16.45 14.62 -45.15
C ILE C 983 -17.88 14.19 -44.75
N LEU C 984 -18.48 13.25 -45.50
CA LEU C 984 -19.82 12.69 -45.21
C LEU C 984 -19.74 11.76 -43.98
N GLY C 985 -18.54 11.25 -43.68
CA GLY C 985 -18.26 10.45 -42.46
C GLY C 985 -18.44 11.28 -41.19
N VAL C 986 -17.98 12.53 -41.21
CA VAL C 986 -18.03 13.47 -40.04
C VAL C 986 -19.25 14.39 -40.16
N MET C 987 -20.03 14.29 -41.25
CA MET C 987 -21.23 15.12 -41.51
C MET C 987 -22.20 15.01 -40.32
N PRO C 988 -22.54 13.79 -39.83
CA PRO C 988 -23.50 13.65 -38.73
C PRO C 988 -23.09 14.39 -37.45
N LEU C 989 -21.79 14.39 -37.12
CA LEU C 989 -21.22 15.13 -35.95
C LEU C 989 -21.52 16.63 -36.11
N VAL C 990 -21.36 17.17 -37.33
CA VAL C 990 -21.45 18.62 -37.64
C VAL C 990 -22.91 19.09 -37.52
N ILE C 991 -23.86 18.28 -38.01
CA ILE C 991 -25.32 18.66 -38.11
C ILE C 991 -26.09 18.14 -36.89
N SER C 992 -25.42 17.48 -35.95
CA SER C 992 -26.03 16.91 -34.71
C SER C 992 -26.60 18.05 -33.85
N THR C 993 -27.85 17.90 -33.39
CA THR C 993 -28.56 18.84 -32.49
C THR C 993 -29.13 18.10 -31.27
N GLY C 994 -28.69 16.86 -31.04
CA GLY C 994 -29.15 16.02 -29.90
C GLY C 994 -28.43 16.38 -28.62
N ALA C 995 -28.59 15.55 -27.58
CA ALA C 995 -27.89 15.68 -26.28
C ALA C 995 -26.41 15.35 -26.47
N GLY C 996 -25.52 16.22 -25.96
CA GLY C 996 -24.06 16.07 -26.07
C GLY C 996 -23.55 16.43 -27.47
N SER C 997 -24.34 17.18 -28.24
CA SER C 997 -24.01 17.62 -29.62
C SER C 997 -22.94 18.72 -29.59
N GLY C 998 -22.80 19.42 -28.45
CA GLY C 998 -21.75 20.41 -28.21
C GLY C 998 -20.37 19.85 -28.51
N ALA C 999 -20.11 18.61 -28.09
CA ALA C 999 -18.85 17.86 -28.35
C ALA C 999 -18.84 17.35 -29.80
N GLN C 1000 -19.94 16.76 -30.25
CA GLN C 1000 -20.10 16.22 -31.63
C GLN C 1000 -19.76 17.32 -32.64
N ASN C 1001 -20.43 18.48 -32.53
CA ASN C 1001 -20.24 19.66 -33.41
C ASN C 1001 -18.77 20.09 -33.40
N ALA C 1002 -18.16 20.17 -32.21
CA ALA C 1002 -16.78 20.63 -31.98
C ALA C 1002 -15.77 19.68 -32.67
N VAL C 1003 -16.02 18.37 -32.59
CA VAL C 1003 -15.12 17.31 -33.14
C VAL C 1003 -15.19 17.33 -34.68
N GLY C 1004 -16.40 17.43 -35.25
CA GLY C 1004 -16.65 17.24 -36.69
C GLY C 1004 -16.35 18.50 -37.52
N THR C 1005 -16.72 19.68 -37.00
CA THR C 1005 -16.72 20.97 -37.74
C THR C 1005 -15.32 21.28 -38.28
N GLY C 1006 -14.30 21.25 -37.41
CA GLY C 1006 -12.90 21.58 -37.75
C GLY C 1006 -12.36 20.68 -38.85
N VAL C 1007 -12.46 19.36 -38.69
CA VAL C 1007 -11.87 18.34 -39.60
C VAL C 1007 -12.61 18.33 -40.94
N MET C 1008 -13.91 18.66 -40.96
CA MET C 1008 -14.73 18.71 -42.20
C MET C 1008 -14.19 19.82 -43.11
N GLY C 1009 -14.14 21.05 -42.59
CA GLY C 1009 -13.53 22.21 -43.28
C GLY C 1009 -12.09 21.95 -43.63
N GLY C 1010 -11.37 21.24 -42.75
CA GLY C 1010 -9.97 20.82 -42.95
C GLY C 1010 -9.82 19.95 -44.19
N MET C 1011 -10.58 18.86 -44.28
CA MET C 1011 -10.51 17.88 -45.39
C MET C 1011 -11.01 18.51 -46.69
N VAL C 1012 -11.99 19.43 -46.60
CA VAL C 1012 -12.59 20.15 -47.76
C VAL C 1012 -11.49 20.93 -48.48
N THR C 1013 -10.77 21.79 -47.76
CA THR C 1013 -9.65 22.63 -48.31
C THR C 1013 -8.44 21.74 -48.60
N ALA C 1014 -8.21 20.70 -47.79
CA ALA C 1014 -7.11 19.72 -47.95
C ALA C 1014 -7.36 18.82 -49.16
N THR C 1015 -8.53 18.94 -49.81
CA THR C 1015 -8.89 18.26 -51.08
C THR C 1015 -8.87 19.28 -52.23
N VAL C 1016 -9.69 20.33 -52.13
CA VAL C 1016 -9.91 21.35 -53.21
C VAL C 1016 -8.60 22.06 -53.53
N LEU C 1017 -7.93 22.64 -52.52
CA LEU C 1017 -6.66 23.40 -52.71
C LEU C 1017 -5.52 22.42 -53.07
N ALA C 1018 -5.44 21.29 -52.37
CA ALA C 1018 -4.33 20.31 -52.44
C ALA C 1018 -4.12 19.83 -53.88
N ILE C 1019 -5.19 19.36 -54.55
CA ILE C 1019 -5.14 18.77 -55.92
C ILE C 1019 -4.51 19.76 -56.90
N PHE C 1020 -4.52 21.07 -56.58
CA PHE C 1020 -3.96 22.15 -57.44
C PHE C 1020 -2.56 22.56 -56.95
N PHE C 1021 -2.32 22.60 -55.64
CA PHE C 1021 -1.10 23.18 -55.00
C PHE C 1021 -0.04 22.11 -54.75
N VAL C 1022 -0.43 20.84 -54.56
CA VAL C 1022 0.52 19.70 -54.30
C VAL C 1022 1.40 19.50 -55.53
N PRO C 1023 0.83 19.47 -56.77
CA PRO C 1023 1.65 19.36 -57.98
C PRO C 1023 2.70 20.48 -58.10
N VAL C 1024 2.36 21.70 -57.66
CA VAL C 1024 3.28 22.88 -57.62
C VAL C 1024 4.44 22.55 -56.68
N PHE C 1025 4.13 22.16 -55.43
CA PHE C 1025 5.12 21.86 -54.37
C PHE C 1025 6.15 20.84 -54.89
N PHE C 1026 5.66 19.72 -55.42
CA PHE C 1026 6.49 18.60 -55.97
C PHE C 1026 7.41 19.12 -57.06
N VAL C 1027 6.84 19.83 -58.05
CA VAL C 1027 7.55 20.33 -59.27
C VAL C 1027 8.59 21.38 -58.87
N VAL C 1028 8.24 22.30 -57.98
CA VAL C 1028 9.13 23.41 -57.50
C VAL C 1028 10.32 22.81 -56.74
N VAL C 1029 10.04 21.91 -55.79
CA VAL C 1029 11.04 21.35 -54.83
C VAL C 1029 12.00 20.41 -55.56
N ARG C 1030 11.50 19.57 -56.47
CA ARG C 1030 12.31 18.60 -57.26
C ARG C 1030 13.32 19.34 -58.14
N ARG C 1031 12.94 20.52 -58.66
CA ARG C 1031 13.80 21.37 -59.52
C ARG C 1031 14.89 22.04 -58.67
N ARG C 1032 14.48 22.68 -57.56
CA ARG C 1032 15.39 23.39 -56.61
C ARG C 1032 16.36 22.39 -55.99
N PHE C 1033 15.91 21.15 -55.74
CA PHE C 1033 16.74 20.02 -55.23
C PHE C 1033 16.76 18.89 -56.27
N ASP D 13 44.49 13.31 37.33
CA ASP D 13 44.92 12.61 36.08
C ASP D 13 44.76 11.09 36.29
N LEU D 14 45.50 10.51 37.25
CA LEU D 14 45.45 9.07 37.61
C LEU D 14 44.25 8.81 38.53
N GLY D 15 43.81 9.83 39.28
CA GLY D 15 42.63 9.77 40.15
C GLY D 15 41.37 9.43 39.39
N LYS D 16 41.20 10.02 38.19
CA LYS D 16 40.03 9.80 37.29
C LYS D 16 40.10 8.38 36.71
N LYS D 17 41.29 7.91 36.37
CA LYS D 17 41.55 6.58 35.73
C LYS D 17 41.35 5.47 36.76
N LEU D 18 41.54 5.76 38.06
CA LEU D 18 41.33 4.79 39.18
C LEU D 18 39.82 4.60 39.39
N LEU D 19 39.07 5.71 39.51
CA LEU D 19 37.59 5.72 39.66
C LEU D 19 36.99 4.78 38.60
N GLU D 20 37.40 4.94 37.35
CA GLU D 20 36.94 4.14 36.17
C GLU D 20 37.32 2.67 36.36
N ALA D 21 38.56 2.39 36.76
CA ALA D 21 39.13 1.04 36.93
C ALA D 21 38.45 0.32 38.11
N ALA D 22 38.15 1.06 39.19
CA ALA D 22 37.57 0.55 40.45
C ALA D 22 36.18 -0.03 40.21
N ARG D 23 35.33 0.69 39.45
CA ARG D 23 33.90 0.32 39.20
C ARG D 23 33.81 -0.76 38.12
N ALA D 24 34.70 -0.74 37.13
CA ALA D 24 34.76 -1.70 36.01
C ALA D 24 35.20 -3.07 36.51
N GLY D 25 35.99 -3.12 37.59
CA GLY D 25 36.54 -4.34 38.20
C GLY D 25 37.87 -4.74 37.59
N ARG D 26 38.60 -3.78 37.00
CA ARG D 26 39.91 -3.98 36.36
C ARG D 26 40.99 -4.10 37.45
N ASP D 27 41.23 -5.31 37.94
CA ASP D 27 42.16 -5.61 39.06
C ASP D 27 43.60 -5.31 38.64
N ASP D 28 43.99 -5.72 37.42
CA ASP D 28 45.37 -5.59 36.88
C ASP D 28 45.74 -4.10 36.75
N GLU D 29 44.78 -3.26 36.36
CA GLU D 29 44.99 -1.80 36.13
C GLU D 29 45.09 -1.08 37.49
N VAL D 30 44.22 -1.41 38.45
CA VAL D 30 44.19 -0.81 39.81
C VAL D 30 45.55 -1.04 40.48
N ARG D 31 46.05 -2.29 40.44
CA ARG D 31 47.35 -2.71 41.03
C ARG D 31 48.48 -1.84 40.45
N ILE D 32 48.44 -1.56 39.14
CA ILE D 32 49.43 -0.68 38.44
C ILE D 32 49.27 0.75 38.94
N LEU D 33 48.03 1.25 39.06
CA LEU D 33 47.71 2.64 39.48
C LEU D 33 48.13 2.86 40.94
N MET D 34 48.08 1.82 41.78
CA MET D 34 48.50 1.87 43.20
C MET D 34 50.03 2.00 43.30
N ALA D 35 50.76 1.42 42.34
CA ALA D 35 52.24 1.48 42.25
C ALA D 35 52.68 2.90 41.86
N ASN D 36 51.89 3.58 41.02
CA ASN D 36 52.21 4.92 40.45
C ASN D 36 51.69 6.03 41.37
N GLY D 37 50.94 5.67 42.43
CA GLY D 37 50.46 6.61 43.46
C GLY D 37 49.21 7.35 43.03
N ALA D 38 48.26 6.66 42.39
CA ALA D 38 46.93 7.20 42.02
C ALA D 38 46.14 7.47 43.31
N ASP D 39 45.59 8.68 43.45
CA ASP D 39 44.94 9.18 44.69
C ASP D 39 43.76 8.27 45.03
N VAL D 40 43.80 7.65 46.23
CA VAL D 40 42.77 6.69 46.73
C VAL D 40 41.60 7.45 47.35
N ASN D 41 41.72 8.78 47.49
CA ASN D 41 40.65 9.67 48.02
C ASN D 41 40.05 10.51 46.88
N ALA D 42 40.39 10.18 45.62
CA ALA D 42 39.83 10.80 44.40
C ALA D 42 38.33 10.48 44.34
N ALA D 43 37.48 11.51 44.40
CA ALA D 43 36.00 11.39 44.41
C ALA D 43 35.43 11.98 43.11
N ASP D 44 34.27 11.48 42.67
CA ASP D 44 33.52 11.97 41.48
C ASP D 44 32.73 13.22 41.90
N VAL D 45 31.61 13.50 41.23
CA VAL D 45 30.80 14.75 41.43
C VAL D 45 29.87 14.55 42.64
N VAL D 46 29.53 13.31 42.97
CA VAL D 46 28.57 12.94 44.06
C VAL D 46 29.35 12.63 45.36
N GLY D 47 30.66 12.42 45.27
CA GLY D 47 31.55 12.21 46.43
C GLY D 47 31.90 10.74 46.65
N TRP D 48 31.84 9.92 45.59
CA TRP D 48 32.14 8.47 45.63
C TRP D 48 33.64 8.24 45.36
N THR D 49 34.37 7.78 46.38
CA THR D 49 35.78 7.31 46.28
C THR D 49 35.80 5.98 45.51
N PRO D 50 36.98 5.49 45.06
CA PRO D 50 37.06 4.18 44.40
C PRO D 50 36.54 3.04 45.28
N LEU D 51 36.62 3.19 46.61
CA LEU D 51 36.12 2.21 47.61
C LEU D 51 34.59 2.12 47.53
N HIS D 52 33.91 3.27 47.45
CA HIS D 52 32.44 3.37 47.18
C HIS D 52 32.10 2.57 45.93
N LEU D 53 32.77 2.88 44.82
CA LEU D 53 32.55 2.29 43.47
C LEU D 53 32.82 0.78 43.49
N ALA D 54 33.88 0.36 44.19
CA ALA D 54 34.28 -1.06 44.36
C ALA D 54 33.26 -1.78 45.26
N ALA D 55 32.83 -1.12 46.34
CA ALA D 55 31.82 -1.63 47.30
C ALA D 55 30.47 -1.81 46.60
N TYR D 56 30.10 -0.86 45.73
CA TYR D 56 28.80 -0.80 45.01
C TYR D 56 28.71 -1.94 43.99
N TRP D 57 29.73 -2.05 43.13
CA TRP D 57 29.75 -2.98 41.96
C TRP D 57 30.27 -4.36 42.36
N GLY D 58 30.55 -4.59 43.65
CA GLY D 58 30.88 -5.91 44.22
C GLY D 58 32.22 -6.43 43.73
N HIS D 59 33.28 -5.61 43.84
CA HIS D 59 34.66 -5.92 43.42
C HIS D 59 35.53 -6.13 44.67
N LEU D 60 35.69 -7.39 45.09
CA LEU D 60 36.28 -7.81 46.39
C LEU D 60 37.77 -7.42 46.46
N GLU D 61 38.57 -7.91 45.50
CA GLU D 61 40.05 -7.76 45.50
C GLU D 61 40.43 -6.27 45.50
N ILE D 62 39.74 -5.46 44.69
CA ILE D 62 39.97 -4.00 44.58
C ILE D 62 39.69 -3.32 45.92
N VAL D 63 38.62 -3.72 46.62
CA VAL D 63 38.27 -3.22 47.99
C VAL D 63 39.46 -3.46 48.92
N GLU D 64 40.01 -4.70 48.90
CA GLU D 64 41.16 -5.12 49.76
C GLU D 64 42.42 -4.32 49.37
N VAL D 65 42.69 -4.18 48.07
CA VAL D 65 43.86 -3.44 47.51
C VAL D 65 43.79 -1.98 47.97
N LEU D 66 42.63 -1.35 47.86
CA LEU D 66 42.41 0.09 48.19
C LEU D 66 42.61 0.32 49.69
N LEU D 67 42.10 -0.59 50.54
CA LEU D 67 42.22 -0.51 52.02
C LEU D 67 43.69 -0.63 52.43
N LYS D 68 44.45 -1.54 51.78
CA LYS D 68 45.91 -1.71 51.99
C LYS D 68 46.65 -0.40 51.64
N ASN D 69 46.17 0.31 50.61
CA ASN D 69 46.79 1.56 50.08
C ASN D 69 46.15 2.79 50.74
N GLY D 70 45.64 2.65 51.97
CA GLY D 70 45.21 3.77 52.83
C GLY D 70 44.00 4.51 52.29
N ALA D 71 42.99 3.78 51.82
CA ALA D 71 41.67 4.32 51.41
C ALA D 71 40.80 4.50 52.67
N ASP D 72 40.11 5.64 52.78
CA ASP D 72 39.22 5.96 53.92
C ASP D 72 38.02 5.00 53.90
N VAL D 73 37.93 4.11 54.89
CA VAL D 73 36.87 3.08 55.02
C VAL D 73 35.53 3.76 55.35
N ASN D 74 35.59 4.94 56.00
CA ASN D 74 34.40 5.74 56.42
C ASN D 74 34.34 7.05 55.62
N ALA D 75 34.80 7.03 54.37
CA ALA D 75 34.53 8.09 53.37
C ALA D 75 33.02 8.11 53.11
N TYR D 76 32.43 9.30 52.94
CA TYR D 76 30.98 9.47 52.70
C TYR D 76 30.75 10.42 51.52
N ASP D 77 29.74 10.12 50.70
CA ASP D 77 29.31 10.93 49.53
C ASP D 77 28.68 12.23 50.04
N THR D 78 28.18 13.08 49.13
CA THR D 78 27.58 14.39 49.45
C THR D 78 26.23 14.22 50.15
N LEU D 79 25.77 12.97 50.35
CA LEU D 79 24.50 12.64 51.06
C LEU D 79 24.76 11.73 52.27
N GLY D 80 26.03 11.46 52.60
CA GLY D 80 26.46 10.84 53.87
C GLY D 80 26.51 9.33 53.85
N SER D 81 26.44 8.70 52.67
CA SER D 81 26.47 7.22 52.47
C SER D 81 27.91 6.73 52.37
N THR D 82 28.28 5.74 53.19
CA THR D 82 29.64 5.12 53.28
C THR D 82 29.72 3.95 52.32
N PRO D 83 30.93 3.38 52.08
CA PRO D 83 31.05 2.14 51.31
C PRO D 83 30.25 0.97 51.91
N LEU D 84 30.18 0.89 53.24
CA LEU D 84 29.45 -0.16 53.99
C LEU D 84 27.95 -0.10 53.64
N HIS D 85 27.38 1.11 53.57
CA HIS D 85 25.98 1.37 53.15
C HIS D 85 25.71 0.68 51.81
N LEU D 86 26.57 0.92 50.82
CA LEU D 86 26.44 0.39 49.43
C LEU D 86 26.58 -1.14 49.47
N ALA D 87 27.65 -1.64 50.09
CA ALA D 87 27.99 -3.08 50.19
C ALA D 87 26.83 -3.86 50.83
N ALA D 88 26.24 -3.32 51.91
CA ALA D 88 25.13 -3.93 52.67
C ALA D 88 23.85 -3.96 51.83
N HIS D 89 23.58 -2.89 51.09
CA HIS D 89 22.36 -2.69 50.26
C HIS D 89 22.32 -3.72 49.13
N PHE D 90 23.43 -3.89 48.40
CA PHE D 90 23.52 -4.67 47.14
C PHE D 90 24.15 -6.06 47.38
N GLY D 91 24.02 -6.57 48.61
CA GLY D 91 24.20 -7.99 48.96
C GLY D 91 25.61 -8.51 48.72
N HIS D 92 26.63 -7.67 48.95
CA HIS D 92 28.07 -8.04 48.81
C HIS D 92 28.63 -8.44 50.18
N LEU D 93 28.27 -9.64 50.64
CA LEU D 93 28.59 -10.19 51.99
C LEU D 93 30.10 -10.09 52.26
N GLU D 94 30.92 -10.59 51.32
CA GLU D 94 32.40 -10.71 51.47
C GLU D 94 33.00 -9.33 51.76
N ILE D 95 32.54 -8.31 51.04
CA ILE D 95 33.04 -6.90 51.12
C ILE D 95 32.62 -6.29 52.46
N VAL D 96 31.39 -6.56 52.93
CA VAL D 96 30.85 -6.07 54.23
C VAL D 96 31.80 -6.50 55.35
N GLU D 97 32.20 -7.78 55.36
CA GLU D 97 33.16 -8.38 56.32
C GLU D 97 34.50 -7.65 56.24
N VAL D 98 35.07 -7.55 55.04
CA VAL D 98 36.41 -6.94 54.78
C VAL D 98 36.41 -5.49 55.27
N LEU D 99 35.33 -4.74 55.01
CA LEU D 99 35.18 -3.31 55.41
C LEU D 99 35.15 -3.20 56.94
N LEU D 100 34.37 -4.08 57.60
CA LEU D 100 34.13 -4.04 59.08
C LEU D 100 35.40 -4.44 59.83
N LYS D 101 36.21 -5.36 59.28
CA LYS D 101 37.55 -5.73 59.81
C LYS D 101 38.46 -4.48 59.81
N ASN D 102 38.40 -3.69 58.73
CA ASN D 102 39.30 -2.53 58.48
C ASN D 102 38.70 -1.26 59.11
N GLY D 103 37.72 -1.40 60.02
CA GLY D 103 37.24 -0.32 60.90
C GLY D 103 36.15 0.53 60.26
N ALA D 104 35.19 -0.11 59.57
CA ALA D 104 34.00 0.54 58.99
C ALA D 104 32.98 0.80 60.11
N ASP D 105 32.51 2.04 60.25
CA ASP D 105 31.50 2.46 61.26
C ASP D 105 30.19 1.73 60.95
N VAL D 106 29.83 0.74 61.78
CA VAL D 106 28.66 -0.16 61.59
C VAL D 106 27.35 0.61 61.83
N ASN D 107 27.41 1.69 62.63
CA ASN D 107 26.23 2.52 63.01
C ASN D 107 26.26 3.86 62.26
N ALA D 108 26.96 3.92 61.12
CA ALA D 108 27.08 5.13 60.27
C ALA D 108 25.69 5.55 59.75
N LYS D 109 25.25 6.75 60.09
CA LYS D 109 23.97 7.35 59.60
C LYS D 109 24.27 8.27 58.41
N ASP D 110 23.56 8.10 57.30
CA ASP D 110 23.55 9.06 56.16
C ASP D 110 22.68 10.26 56.55
N ASP D 111 22.39 11.16 55.62
CA ASP D 111 21.59 12.40 55.86
C ASP D 111 20.14 12.05 56.20
N ASN D 112 19.68 10.84 55.84
CA ASN D 112 18.30 10.34 56.06
C ASN D 112 18.19 9.61 57.41
N GLY D 113 19.32 9.35 58.06
CA GLY D 113 19.40 8.54 59.30
C GLY D 113 19.41 7.06 59.01
N ILE D 114 19.55 6.68 57.73
CA ILE D 114 19.60 5.26 57.25
C ILE D 114 20.97 4.68 57.62
N THR D 115 20.98 3.57 58.38
CA THR D 115 22.19 2.78 58.74
C THR D 115 22.40 1.70 57.68
N PRO D 116 23.58 1.05 57.62
CA PRO D 116 23.77 -0.12 56.76
C PRO D 116 22.84 -1.30 57.12
N LEU D 117 22.40 -1.38 58.38
CA LEU D 117 21.45 -2.42 58.86
C LEU D 117 20.07 -2.22 58.21
N HIS D 118 19.61 -0.97 58.11
CA HIS D 118 18.32 -0.58 57.47
C HIS D 118 18.30 -1.09 56.01
N LEU D 119 19.36 -0.81 55.25
CA LEU D 119 19.49 -1.15 53.81
C LEU D 119 19.55 -2.67 53.64
N ALA D 120 20.32 -3.36 54.48
CA ALA D 120 20.48 -4.83 54.49
C ALA D 120 19.14 -5.50 54.77
N ALA D 121 18.41 -5.00 55.78
CA ALA D 121 17.07 -5.47 56.20
C ALA D 121 16.06 -5.30 55.05
N ASN D 122 16.11 -4.15 54.36
CA ASN D 122 15.13 -3.75 53.32
C ASN D 122 15.19 -4.71 52.12
N ARG D 123 16.39 -5.10 51.70
CA ARG D 123 16.63 -5.99 50.53
C ARG D 123 16.66 -7.46 50.98
N GLY D 124 16.55 -7.72 52.29
CA GLY D 124 16.40 -9.06 52.87
C GLY D 124 17.67 -9.89 52.76
N HIS D 125 18.84 -9.27 52.98
CA HIS D 125 20.17 -9.92 52.96
C HIS D 125 20.47 -10.50 54.34
N LEU D 126 19.96 -11.72 54.60
CA LEU D 126 19.99 -12.40 55.92
C LEU D 126 21.41 -12.45 56.49
N GLU D 127 22.37 -12.94 55.69
CA GLU D 127 23.77 -13.21 56.10
C GLU D 127 24.42 -11.89 56.56
N ILE D 128 24.29 -10.84 55.75
CA ILE D 128 24.85 -9.48 56.00
C ILE D 128 24.31 -8.94 57.33
N VAL D 129 23.00 -9.07 57.57
CA VAL D 129 22.31 -8.55 58.79
C VAL D 129 22.99 -9.13 60.03
N GLU D 130 23.24 -10.45 60.04
CA GLU D 130 23.86 -11.18 61.18
C GLU D 130 25.32 -10.72 61.36
N VAL D 131 26.05 -10.54 60.26
CA VAL D 131 27.48 -10.06 60.27
C VAL D 131 27.52 -8.67 60.91
N LEU D 132 26.67 -7.76 60.46
CA LEU D 132 26.56 -6.36 60.99
C LEU D 132 26.27 -6.39 62.49
N LEU D 133 25.29 -7.21 62.91
CA LEU D 133 24.84 -7.36 64.32
C LEU D 133 26.00 -7.87 65.20
N LYS D 134 26.86 -8.74 64.66
CA LYS D 134 28.02 -9.34 65.38
C LYS D 134 29.06 -8.26 65.68
N TYR D 135 29.19 -7.25 64.80
CA TYR D 135 30.15 -6.12 64.93
C TYR D 135 29.52 -4.97 65.71
N GLY D 136 28.28 -5.13 66.18
CA GLY D 136 27.60 -4.21 67.10
C GLY D 136 26.74 -3.19 66.36
N ALA D 137 26.00 -3.63 65.34
CA ALA D 137 25.01 -2.81 64.60
C ALA D 137 23.82 -2.51 65.52
N ASP D 138 23.52 -1.23 65.76
CA ASP D 138 22.42 -0.77 66.64
C ASP D 138 21.09 -1.20 66.01
N VAL D 139 20.45 -2.22 66.60
CA VAL D 139 19.17 -2.82 66.12
C VAL D 139 18.02 -1.84 66.33
N ASN D 140 18.16 -0.92 67.30
CA ASN D 140 17.13 0.08 67.70
C ASN D 140 17.31 1.40 66.94
N ALA D 141 18.35 1.51 66.11
CA ALA D 141 18.65 2.71 65.28
C ALA D 141 17.44 3.04 64.40
N GLN D 142 16.97 4.29 64.43
CA GLN D 142 15.79 4.78 63.68
C GLN D 142 16.24 5.72 62.56
N ASP D 143 15.63 5.61 61.37
CA ASP D 143 15.79 6.58 60.26
C ASP D 143 14.97 7.84 60.61
N LYS D 144 14.89 8.81 59.70
CA LYS D 144 14.25 10.14 59.95
C LYS D 144 12.75 9.98 60.23
N PHE D 145 12.13 8.89 59.78
CA PHE D 145 10.68 8.60 59.94
C PHE D 145 10.41 7.82 61.23
N GLY D 146 11.46 7.27 61.85
CA GLY D 146 11.37 6.51 63.12
C GLY D 146 11.34 5.01 62.90
N LYS D 147 11.69 4.54 61.69
CA LYS D 147 11.66 3.10 61.30
C LYS D 147 12.95 2.42 61.76
N THR D 148 12.82 1.36 62.57
CA THR D 148 13.92 0.42 62.94
C THR D 148 14.07 -0.60 61.81
N ALA D 149 15.15 -1.39 61.82
CA ALA D 149 15.40 -2.50 60.86
C ALA D 149 14.29 -3.54 61.00
N PHE D 150 13.72 -3.67 62.20
CA PHE D 150 12.56 -4.55 62.51
C PHE D 150 11.30 -4.05 61.80
N ASP D 151 11.06 -2.74 61.83
CA ASP D 151 9.87 -2.08 61.21
C ASP D 151 9.91 -2.28 59.69
N ILE D 152 11.11 -2.36 59.09
CA ILE D 152 11.31 -2.61 57.64
C ILE D 152 10.99 -4.08 57.34
N SER D 153 11.39 -5.00 58.23
CA SER D 153 11.25 -6.47 58.07
C SER D 153 9.77 -6.87 58.10
N ILE D 154 9.00 -6.38 59.08
CA ILE D 154 7.55 -6.70 59.27
C ILE D 154 6.74 -6.13 58.11
N ASN D 155 7.11 -4.95 57.60
CA ASN D 155 6.40 -4.24 56.50
C ASN D 155 6.64 -4.98 55.17
N ASN D 156 7.84 -5.53 54.99
CA ASN D 156 8.22 -6.36 53.81
C ASN D 156 7.66 -7.78 53.98
N GLY D 157 7.30 -8.17 55.22
CA GLY D 157 6.75 -9.49 55.55
C GLY D 157 7.84 -10.55 55.55
N ASN D 158 9.07 -10.16 55.87
CA ASN D 158 10.27 -11.05 55.90
C ASN D 158 10.29 -11.77 57.24
N GLU D 159 9.58 -12.90 57.33
CA GLU D 159 9.39 -13.71 58.57
C GLU D 159 10.75 -14.11 59.17
N ASP D 160 11.70 -14.52 58.31
CA ASP D 160 13.04 -15.01 58.71
C ASP D 160 13.83 -13.86 59.35
N LEU D 161 13.91 -12.72 58.65
CA LEU D 161 14.62 -11.49 59.09
C LEU D 161 13.98 -10.92 60.35
N ALA D 162 12.64 -11.03 60.47
CA ALA D 162 11.84 -10.52 61.61
C ALA D 162 12.26 -11.22 62.91
N GLU D 163 12.54 -12.52 62.85
CA GLU D 163 12.95 -13.36 64.01
C GLU D 163 14.36 -12.95 64.48
N ILE D 164 15.30 -12.80 63.54
CA ILE D 164 16.74 -12.50 63.80
C ILE D 164 16.86 -11.22 64.66
N LEU D 165 16.00 -10.23 64.40
CA LEU D 165 16.02 -8.90 65.08
C LEU D 165 15.19 -8.95 66.37
N GLN D 166 15.03 -10.14 66.97
CA GLN D 166 14.33 -10.37 68.26
C GLN D 166 15.02 -11.49 69.04
N ASP E 13 -32.53 -35.95 33.07
CA ASP E 13 -32.43 -36.23 31.60
C ASP E 13 -33.83 -36.50 31.01
N LEU E 14 -34.90 -36.46 31.81
CA LEU E 14 -36.31 -36.53 31.35
C LEU E 14 -36.98 -35.17 31.60
N GLY E 15 -36.87 -34.65 32.82
CA GLY E 15 -37.35 -33.30 33.21
C GLY E 15 -36.57 -32.21 32.50
N LYS E 16 -35.34 -32.52 32.06
CA LYS E 16 -34.45 -31.60 31.28
C LYS E 16 -34.98 -31.45 29.86
N LYS E 17 -35.52 -32.53 29.27
CA LYS E 17 -36.13 -32.52 27.91
C LYS E 17 -37.46 -31.74 27.96
N LEU E 18 -38.14 -31.76 29.10
CA LEU E 18 -39.41 -31.03 29.34
C LEU E 18 -39.14 -29.53 29.43
N LEU E 19 -38.13 -29.14 30.21
CA LEU E 19 -37.68 -27.72 30.37
C LEU E 19 -37.40 -27.12 28.99
N GLU E 20 -36.63 -27.82 28.16
CA GLU E 20 -36.24 -27.40 26.78
C GLU E 20 -37.50 -27.29 25.90
N ALA E 21 -38.41 -28.27 26.00
CA ALA E 21 -39.64 -28.39 25.19
C ALA E 21 -40.65 -27.29 25.59
N ALA E 22 -40.80 -27.06 26.89
CA ALA E 22 -41.69 -26.03 27.48
C ALA E 22 -41.26 -24.63 27.01
N ARG E 23 -39.96 -24.41 26.84
CA ARG E 23 -39.35 -23.13 26.40
C ARG E 23 -39.57 -22.93 24.89
N ALA E 24 -39.12 -23.90 24.08
CA ALA E 24 -39.15 -23.85 22.59
C ALA E 24 -40.60 -23.78 22.09
N GLY E 25 -41.57 -24.15 22.93
CA GLY E 25 -43.02 -24.06 22.63
C GLY E 25 -43.50 -25.27 21.85
N ARG E 26 -42.81 -26.41 22.00
CA ARG E 26 -43.17 -27.69 21.33
C ARG E 26 -44.35 -28.33 22.08
N ASP E 27 -45.57 -27.83 21.81
CA ASP E 27 -46.83 -28.26 22.46
C ASP E 27 -46.95 -29.79 22.42
N ASP E 28 -46.69 -30.38 21.25
CA ASP E 28 -46.83 -31.84 20.98
C ASP E 28 -45.90 -32.62 21.93
N GLU E 29 -44.62 -32.27 21.95
CA GLU E 29 -43.54 -33.04 22.65
C GLU E 29 -43.71 -32.93 24.17
N VAL E 30 -44.31 -31.85 24.67
CA VAL E 30 -44.59 -31.65 26.13
C VAL E 30 -45.56 -32.75 26.59
N ARG E 31 -46.66 -32.95 25.85
CA ARG E 31 -47.70 -33.98 26.13
C ARG E 31 -47.06 -35.38 26.15
N ILE E 32 -46.15 -35.66 25.22
CA ILE E 32 -45.51 -37.00 25.04
C ILE E 32 -44.62 -37.30 26.27
N LEU E 33 -44.01 -36.27 26.85
CA LEU E 33 -43.12 -36.38 28.04
C LEU E 33 -43.97 -36.48 29.32
N MET E 34 -45.15 -35.86 29.35
CA MET E 34 -46.13 -35.98 30.47
C MET E 34 -46.58 -37.44 30.59
N ALA E 35 -46.86 -38.09 29.46
CA ALA E 35 -47.30 -39.50 29.36
C ALA E 35 -46.26 -40.44 29.97
N ASN E 36 -44.97 -40.05 29.92
CA ASN E 36 -43.83 -40.83 30.48
C ASN E 36 -43.46 -40.30 31.88
N GLY E 37 -44.39 -39.61 32.55
CA GLY E 37 -44.26 -39.13 33.95
C GLY E 37 -43.02 -38.29 34.16
N ALA E 38 -42.76 -37.33 33.26
CA ALA E 38 -41.67 -36.33 33.36
C ALA E 38 -41.98 -35.37 34.52
N ASP E 39 -41.00 -35.10 35.39
CA ASP E 39 -41.14 -34.21 36.57
C ASP E 39 -41.57 -32.82 36.08
N VAL E 40 -42.84 -32.46 36.35
CA VAL E 40 -43.47 -31.18 35.90
C VAL E 40 -42.90 -30.01 36.72
N ASN E 41 -42.32 -30.29 37.90
CA ASN E 41 -41.69 -29.30 38.79
C ASN E 41 -40.15 -29.41 38.68
N ALA E 42 -39.63 -29.92 37.56
CA ALA E 42 -38.19 -29.95 37.22
C ALA E 42 -37.67 -28.51 37.17
N ALA E 43 -36.49 -28.27 37.72
CA ALA E 43 -35.87 -26.92 37.83
C ALA E 43 -34.52 -26.91 37.11
N ASP E 44 -34.24 -25.83 36.37
CA ASP E 44 -32.91 -25.57 35.73
C ASP E 44 -31.96 -25.03 36.81
N VAL E 45 -30.83 -24.43 36.40
CA VAL E 45 -29.74 -23.99 37.33
C VAL E 45 -30.26 -22.81 38.18
N VAL E 46 -31.08 -21.94 37.59
CA VAL E 46 -31.58 -20.69 38.23
C VAL E 46 -32.93 -20.96 38.92
N GLY E 47 -33.46 -22.18 38.82
CA GLY E 47 -34.65 -22.64 39.58
C GLY E 47 -35.95 -22.42 38.82
N TRP E 48 -35.89 -22.37 37.48
CA TRP E 48 -37.06 -22.15 36.59
C TRP E 48 -37.68 -23.49 36.21
N THR E 49 -38.97 -23.68 36.49
CA THR E 49 -39.79 -24.85 36.09
C THR E 49 -40.23 -24.69 34.64
N PRO E 50 -40.68 -25.77 33.97
CA PRO E 50 -41.35 -25.66 32.67
C PRO E 50 -42.45 -24.57 32.63
N LEU E 51 -43.14 -24.36 33.76
CA LEU E 51 -44.23 -23.36 33.91
C LEU E 51 -43.65 -21.94 33.85
N HIS E 52 -42.48 -21.71 34.46
CA HIS E 52 -41.71 -20.44 34.40
C HIS E 52 -41.40 -20.09 32.94
N LEU E 53 -40.78 -21.05 32.22
CA LEU E 53 -40.32 -20.89 30.81
C LEU E 53 -41.51 -20.63 29.89
N ALA E 54 -42.61 -21.35 30.09
CA ALA E 54 -43.87 -21.21 29.32
C ALA E 54 -44.48 -19.82 29.56
N ALA E 55 -44.46 -19.35 30.81
CA ALA E 55 -45.01 -18.03 31.24
C ALA E 55 -44.15 -16.90 30.66
N TYR E 56 -42.85 -17.12 30.48
CA TYR E 56 -41.85 -16.12 30.01
C TYR E 56 -41.97 -15.95 28.49
N TRP E 57 -41.74 -17.04 27.74
CA TRP E 57 -41.70 -17.05 26.25
C TRP E 57 -43.12 -17.01 25.69
N GLY E 58 -44.14 -17.19 26.53
CA GLY E 58 -45.56 -16.92 26.22
C GLY E 58 -46.20 -18.04 25.43
N HIS E 59 -46.21 -19.25 25.99
CA HIS E 59 -46.82 -20.48 25.39
C HIS E 59 -48.03 -20.90 26.21
N LEU E 60 -49.20 -20.30 25.91
CA LEU E 60 -50.47 -20.47 26.66
C LEU E 60 -50.90 -21.94 26.68
N GLU E 61 -50.92 -22.59 25.51
CA GLU E 61 -51.40 -23.98 25.33
C GLU E 61 -50.62 -24.93 26.25
N ILE E 62 -49.32 -24.65 26.43
CA ILE E 62 -48.38 -25.47 27.27
C ILE E 62 -48.62 -25.16 28.76
N VAL E 63 -48.87 -23.90 29.11
CA VAL E 63 -49.15 -23.46 30.51
C VAL E 63 -50.35 -24.26 31.05
N GLU E 64 -51.38 -24.45 30.22
CA GLU E 64 -52.62 -25.21 30.55
C GLU E 64 -52.30 -26.70 30.74
N VAL E 65 -51.63 -27.30 29.75
CA VAL E 65 -51.21 -28.74 29.76
C VAL E 65 -50.43 -29.02 31.04
N LEU E 66 -49.39 -28.21 31.30
CA LEU E 66 -48.53 -28.28 32.52
C LEU E 66 -49.41 -28.26 33.78
N LEU E 67 -50.34 -27.30 33.86
CA LEU E 67 -51.20 -27.05 35.06
C LEU E 67 -52.19 -28.20 35.26
N LYS E 68 -52.72 -28.77 34.16
CA LYS E 68 -53.65 -29.94 34.21
C LYS E 68 -52.92 -31.16 34.77
N ASN E 69 -51.59 -31.22 34.60
CA ASN E 69 -50.72 -32.31 35.13
C ASN E 69 -50.21 -31.93 36.53
N GLY E 70 -50.90 -31.02 37.23
CA GLY E 70 -50.63 -30.66 38.64
C GLY E 70 -49.25 -30.04 38.83
N ALA E 71 -48.92 -29.04 38.00
CA ALA E 71 -47.68 -28.24 38.09
C ALA E 71 -47.80 -27.26 39.27
N ASP E 72 -46.73 -27.11 40.05
CA ASP E 72 -46.65 -26.17 41.20
C ASP E 72 -46.78 -24.74 40.66
N VAL E 73 -47.96 -24.13 40.84
CA VAL E 73 -48.35 -22.82 40.22
C VAL E 73 -47.60 -21.68 40.91
N ASN E 74 -47.21 -21.86 42.18
CA ASN E 74 -46.44 -20.87 42.99
C ASN E 74 -45.03 -21.41 43.24
N ALA E 75 -44.49 -22.23 42.33
CA ALA E 75 -43.05 -22.58 42.25
C ALA E 75 -42.28 -21.28 42.00
N TYR E 76 -41.19 -21.05 42.74
CA TYR E 76 -40.39 -19.81 42.67
C TYR E 76 -38.92 -20.15 42.38
N ASP E 77 -38.25 -19.27 41.64
CA ASP E 77 -36.82 -19.40 41.23
C ASP E 77 -35.93 -19.10 42.45
N THR E 78 -34.61 -19.06 42.25
CA THR E 78 -33.60 -18.87 43.33
C THR E 78 -33.59 -17.41 43.81
N LEU E 79 -34.43 -16.54 43.22
CA LEU E 79 -34.61 -15.12 43.63
C LEU E 79 -36.07 -14.82 43.98
N GLY E 80 -36.94 -15.84 44.04
CA GLY E 80 -38.29 -15.77 44.64
C GLY E 80 -39.38 -15.38 43.66
N SER E 81 -39.07 -15.25 42.36
CA SER E 81 -40.03 -14.87 41.29
C SER E 81 -40.83 -16.10 40.84
N THR E 82 -42.16 -15.96 40.75
CA THR E 82 -43.12 -17.01 40.31
C THR E 82 -43.40 -16.87 38.82
N PRO E 83 -44.03 -17.87 38.16
CA PRO E 83 -44.49 -17.73 36.78
C PRO E 83 -45.43 -16.53 36.54
N LEU E 84 -46.23 -16.15 37.55
CA LEU E 84 -47.17 -15.00 37.47
C LEU E 84 -46.38 -13.69 37.37
N HIS E 85 -45.29 -13.57 38.13
CA HIS E 85 -44.32 -12.43 38.06
C HIS E 85 -43.90 -12.22 36.61
N LEU E 86 -43.56 -13.30 35.90
CA LEU E 86 -43.02 -13.28 34.51
C LEU E 86 -44.12 -12.87 33.52
N ALA E 87 -45.26 -13.58 33.54
CA ALA E 87 -46.41 -13.38 32.62
C ALA E 87 -46.93 -11.94 32.74
N ALA E 88 -47.03 -11.41 33.96
CA ALA E 88 -47.49 -10.03 34.27
C ALA E 88 -46.50 -9.01 33.73
N HIS E 89 -45.20 -9.33 33.78
CA HIS E 89 -44.08 -8.42 33.38
C HIS E 89 -44.03 -8.28 31.86
N PHE E 90 -44.21 -9.38 31.12
CA PHE E 90 -44.03 -9.45 29.64
C PHE E 90 -45.39 -9.49 28.92
N GLY E 91 -46.44 -8.94 29.55
CA GLY E 91 -47.74 -8.62 28.92
C GLY E 91 -48.41 -9.83 28.29
N HIS E 92 -48.49 -10.94 29.02
CA HIS E 92 -49.19 -12.18 28.60
C HIS E 92 -50.52 -12.30 29.36
N LEU E 93 -51.53 -11.55 28.94
CA LEU E 93 -52.86 -11.42 29.62
C LEU E 93 -53.50 -12.80 29.79
N GLU E 94 -53.60 -13.57 28.70
CA GLU E 94 -54.24 -14.92 28.67
C GLU E 94 -53.60 -15.79 29.75
N ILE E 95 -52.27 -15.84 29.80
CA ILE E 95 -51.46 -16.69 30.73
C ILE E 95 -51.67 -16.21 32.16
N VAL E 96 -51.64 -14.90 32.40
CA VAL E 96 -51.89 -14.27 33.74
C VAL E 96 -53.25 -14.75 34.26
N GLU E 97 -54.27 -14.81 33.39
CA GLU E 97 -55.64 -15.28 33.72
C GLU E 97 -55.61 -16.77 34.09
N VAL E 98 -54.99 -17.61 33.25
CA VAL E 98 -54.91 -19.09 33.46
C VAL E 98 -54.27 -19.36 34.82
N LEU E 99 -53.14 -18.71 35.10
CA LEU E 99 -52.37 -18.87 36.37
C LEU E 99 -53.25 -18.48 37.57
N LEU E 100 -53.96 -17.35 37.49
CA LEU E 100 -54.82 -16.82 38.56
C LEU E 100 -56.04 -17.73 38.79
N LYS E 101 -56.59 -18.31 37.72
CA LYS E 101 -57.74 -19.26 37.76
C LYS E 101 -57.31 -20.54 38.49
N ASN E 102 -56.08 -21.01 38.24
CA ASN E 102 -55.51 -22.25 38.83
C ASN E 102 -54.98 -21.97 40.26
N GLY E 103 -55.14 -20.73 40.73
CA GLY E 103 -54.94 -20.35 42.15
C GLY E 103 -53.50 -19.93 42.44
N ALA E 104 -52.92 -19.10 41.58
CA ALA E 104 -51.58 -18.48 41.76
C ALA E 104 -51.70 -17.34 42.78
N ASP E 105 -50.72 -17.21 43.66
CA ASP E 105 -50.65 -16.16 44.71
C ASP E 105 -50.43 -14.81 44.01
N VAL E 106 -51.47 -13.98 43.93
CA VAL E 106 -51.47 -12.67 43.22
C VAL E 106 -50.61 -11.67 44.00
N ASN E 107 -50.40 -11.91 45.30
CA ASN E 107 -49.59 -11.05 46.21
C ASN E 107 -48.20 -11.68 46.43
N ALA E 108 -47.77 -12.58 45.56
CA ALA E 108 -46.43 -13.23 45.60
C ALA E 108 -45.35 -12.15 45.55
N LYS E 109 -44.34 -12.24 46.43
CA LYS E 109 -43.18 -11.31 46.47
C LYS E 109 -41.89 -12.09 46.18
N ASP E 110 -41.04 -11.55 45.30
CA ASP E 110 -39.64 -12.04 45.08
C ASP E 110 -38.78 -11.50 46.23
N ASP E 111 -37.48 -11.81 46.24
CA ASP E 111 -36.53 -11.45 47.32
C ASP E 111 -36.44 -9.93 47.48
N ASN E 112 -36.86 -9.17 46.45
CA ASN E 112 -36.81 -7.69 46.40
C ASN E 112 -38.11 -7.08 46.95
N GLY E 113 -39.13 -7.92 47.22
CA GLY E 113 -40.46 -7.49 47.70
C GLY E 113 -41.35 -7.02 46.56
N ILE E 114 -40.97 -7.32 45.32
CA ILE E 114 -41.71 -6.92 44.07
C ILE E 114 -42.82 -7.94 43.81
N THR E 115 -44.04 -7.46 43.52
CA THR E 115 -45.25 -8.28 43.24
C THR E 115 -45.54 -8.25 41.74
N PRO E 116 -46.34 -9.20 41.20
CA PRO E 116 -46.74 -9.18 39.79
C PRO E 116 -47.44 -7.87 39.37
N LEU E 117 -48.09 -7.18 40.32
CA LEU E 117 -48.73 -5.85 40.09
C LEU E 117 -47.66 -4.81 39.77
N HIS E 118 -46.57 -4.77 40.56
CA HIS E 118 -45.41 -3.86 40.37
C HIS E 118 -44.88 -3.97 38.94
N LEU E 119 -44.69 -5.21 38.45
CA LEU E 119 -44.08 -5.53 37.13
C LEU E 119 -45.04 -5.14 36.00
N ALA E 120 -46.33 -5.46 36.15
CA ALA E 120 -47.41 -5.12 35.19
C ALA E 120 -47.56 -3.60 35.07
N ALA E 121 -47.50 -2.90 36.22
CA ALA E 121 -47.62 -1.43 36.33
C ALA E 121 -46.40 -0.75 35.69
N ASN E 122 -45.20 -1.30 35.92
CA ASN E 122 -43.90 -0.72 35.50
C ASN E 122 -43.84 -0.62 33.97
N ARG E 123 -44.25 -1.69 33.27
N ARG E 123 -44.22 -1.70 33.28
CA ARG E 123 -44.18 -1.81 31.79
CA ARG E 123 -44.18 -1.82 31.79
C ARG E 123 -45.44 -1.22 31.15
C ARG E 123 -45.42 -1.16 31.17
N GLY E 124 -46.48 -0.94 31.96
CA GLY E 124 -47.71 -0.26 31.51
C GLY E 124 -48.64 -1.18 30.74
N HIS E 125 -48.70 -2.46 31.14
CA HIS E 125 -49.71 -3.45 30.64
C HIS E 125 -51.01 -3.23 31.42
N LEU E 126 -51.77 -2.20 31.04
CA LEU E 126 -52.92 -1.64 31.80
C LEU E 126 -54.01 -2.71 31.97
N GLU E 127 -54.18 -3.58 30.96
CA GLU E 127 -55.24 -4.62 30.90
C GLU E 127 -54.96 -5.71 31.93
N ILE E 128 -53.68 -6.01 32.20
CA ILE E 128 -53.23 -7.04 33.18
C ILE E 128 -53.39 -6.50 34.60
N VAL E 129 -53.07 -5.22 34.83
CA VAL E 129 -53.22 -4.53 36.15
C VAL E 129 -54.66 -4.74 36.64
N GLU E 130 -55.64 -4.63 35.73
CA GLU E 130 -57.10 -4.80 36.03
C GLU E 130 -57.37 -6.24 36.48
N VAL E 131 -56.77 -7.24 35.82
CA VAL E 131 -56.97 -8.69 36.14
C VAL E 131 -56.37 -8.97 37.52
N LEU E 132 -55.13 -8.53 37.76
CA LEU E 132 -54.41 -8.70 39.05
C LEU E 132 -55.24 -8.06 40.18
N LEU E 133 -55.79 -6.87 39.95
CA LEU E 133 -56.67 -6.13 40.90
C LEU E 133 -57.96 -6.91 41.13
N LYS E 134 -58.56 -7.46 40.05
CA LYS E 134 -59.84 -8.21 40.08
C LYS E 134 -59.71 -9.42 41.01
N TYR E 135 -58.54 -10.07 41.02
CA TYR E 135 -58.23 -11.28 41.84
C TYR E 135 -57.69 -10.87 43.20
N GLY E 136 -57.72 -9.57 43.53
CA GLY E 136 -57.47 -9.03 44.88
C GLY E 136 -55.99 -8.85 45.16
N ALA E 137 -55.29 -8.11 44.29
CA ALA E 137 -53.87 -7.71 44.47
C ALA E 137 -53.81 -6.46 45.38
N ASP E 138 -52.97 -6.50 46.41
CA ASP E 138 -52.78 -5.38 47.38
C ASP E 138 -52.10 -4.21 46.64
N VAL E 139 -52.82 -3.10 46.47
CA VAL E 139 -52.35 -1.88 45.77
C VAL E 139 -51.23 -1.21 46.59
N ASN E 140 -51.32 -1.30 47.92
CA ASN E 140 -50.39 -0.65 48.87
C ASN E 140 -49.19 -1.57 49.16
N ALA E 141 -49.08 -2.70 48.46
CA ALA E 141 -47.92 -3.61 48.50
C ALA E 141 -46.65 -2.82 48.18
N GLN E 142 -45.64 -2.90 49.07
CA GLN E 142 -44.37 -2.15 48.97
C GLN E 142 -43.22 -3.12 48.65
N ASP E 143 -42.29 -2.69 47.81
CA ASP E 143 -40.99 -3.38 47.55
C ASP E 143 -40.01 -2.97 48.65
N LYS E 144 -38.74 -3.38 48.54
CA LYS E 144 -37.68 -3.13 49.57
C LYS E 144 -37.40 -1.63 49.72
N PHE E 145 -37.82 -0.81 48.75
CA PHE E 145 -37.61 0.67 48.73
C PHE E 145 -38.88 1.41 49.17
N GLY E 146 -39.96 0.68 49.48
CA GLY E 146 -41.25 1.24 49.93
C GLY E 146 -41.99 1.94 48.80
N LYS E 147 -42.05 1.31 47.62
CA LYS E 147 -42.72 1.83 46.40
C LYS E 147 -44.01 1.05 46.17
N THR E 148 -45.15 1.74 46.02
CA THR E 148 -46.45 1.17 45.60
C THR E 148 -46.50 1.15 44.07
N ALA E 149 -47.50 0.48 43.49
CA ALA E 149 -47.76 0.43 42.03
C ALA E 149 -48.15 1.83 41.53
N PHE E 150 -48.76 2.64 42.40
CA PHE E 150 -49.16 4.05 42.14
C PHE E 150 -47.93 4.94 42.05
N ASP E 151 -46.92 4.70 42.91
CA ASP E 151 -45.63 5.43 42.92
C ASP E 151 -44.90 5.21 41.60
N ILE E 152 -44.99 4.01 41.03
CA ILE E 152 -44.38 3.61 39.73
C ILE E 152 -45.05 4.40 38.60
N SER E 153 -46.39 4.43 38.57
CA SER E 153 -47.22 5.07 37.51
C SER E 153 -46.98 6.58 37.48
N ILE E 154 -46.88 7.21 38.67
CA ILE E 154 -46.61 8.68 38.83
C ILE E 154 -45.21 8.99 38.30
N ASN E 155 -44.23 8.15 38.63
CA ASN E 155 -42.80 8.31 38.22
C ASN E 155 -42.67 8.07 36.71
N ASN E 156 -43.37 7.06 36.19
CA ASN E 156 -43.41 6.71 34.74
C ASN E 156 -44.11 7.83 33.96
N GLY E 157 -45.04 8.56 34.61
CA GLY E 157 -45.84 9.62 33.99
C GLY E 157 -47.03 9.05 33.23
N ASN E 158 -47.41 7.80 33.55
CA ASN E 158 -48.56 7.09 32.94
C ASN E 158 -49.83 7.45 33.73
N GLU E 159 -50.71 8.27 33.15
CA GLU E 159 -51.94 8.81 33.80
C GLU E 159 -53.06 7.76 33.72
N ASP E 160 -53.19 7.09 32.57
CA ASP E 160 -54.19 6.01 32.34
C ASP E 160 -54.11 4.99 33.48
N LEU E 161 -52.88 4.63 33.89
CA LEU E 161 -52.58 3.65 34.96
C LEU E 161 -52.85 4.28 36.34
N ALA E 162 -52.34 5.49 36.57
CA ALA E 162 -52.38 6.22 37.86
C ALA E 162 -53.81 6.28 38.40
N GLU E 163 -54.79 6.53 37.51
CA GLU E 163 -56.22 6.73 37.87
C GLU E 163 -56.88 5.37 38.12
N ILE E 164 -56.46 4.32 37.40
CA ILE E 164 -56.98 2.92 37.55
C ILE E 164 -56.66 2.40 38.95
N LEU E 165 -55.52 2.82 39.52
CA LEU E 165 -55.05 2.41 40.88
C LEU E 165 -55.60 3.37 41.95
N GLN E 166 -56.61 4.19 41.61
CA GLN E 166 -57.31 5.11 42.54
C GLN E 166 -58.74 5.35 42.04
C1B LMT F . 2.96 -23.46 -46.65
C2B LMT F . 3.69 -22.84 -47.84
C3B LMT F . 2.74 -22.57 -49.00
C4B LMT F . 1.95 -23.83 -49.34
C5B LMT F . 1.25 -24.36 -48.09
C6B LMT F . 0.47 -25.65 -48.37
O1B LMT F . 2.11 -22.48 -46.04
O2B LMT F . 4.32 -21.61 -47.44
O3B LMT F . 3.48 -22.12 -50.14
O4' LMT F . 0.98 -23.53 -50.36
O5B LMT F . 2.22 -24.62 -47.07
O6B LMT F . 1.36 -26.68 -48.83
C1' LMT F . 0.32 -22.04 -42.30
C2' LMT F . 1.56 -22.92 -42.32
C3' LMT F . 2.32 -22.88 -43.64
C4' LMT F . 1.40 -22.89 -44.87
C5' LMT F . 0.21 -21.96 -44.66
C6' LMT F . -0.78 -22.00 -45.82
O1' LMT F . -0.42 -22.33 -41.10
O2' LMT F . 2.44 -22.50 -41.27
O3' LMT F . 3.18 -24.01 -43.68
O5' LMT F . -0.47 -22.32 -43.45
O6' LMT F . -1.32 -23.31 -46.00
C1 LMT F . -1.66 -21.62 -41.01
C2 LMT F . -1.80 -21.01 -39.62
C3 LMT F . -3.24 -21.07 -39.13
C4 LMT F . -3.50 -20.01 -38.07
C5 LMT F . -3.73 -18.63 -38.68
C6 LMT F . -4.62 -17.77 -37.79
C7 LMT F . -4.45 -16.29 -38.08
C8 LMT F . -3.48 -15.61 -37.11
C9 LMT F . -3.72 -14.11 -37.05
C10 LMT F . -4.87 -13.75 -36.12
C11 LMT F . -4.73 -12.35 -35.53
C12 LMT F . -5.35 -12.27 -34.15
C1B LMT G . 17.75 -22.27 -1.57
C2B LMT G . 17.97 -20.82 -1.14
C3B LMT G . 18.90 -20.05 -2.08
C4B LMT G . 20.15 -20.86 -2.44
C5B LMT G . 19.73 -22.24 -2.94
C6B LMT G . 20.94 -23.09 -3.33
O1B LMT G . 16.85 -22.35 -2.68
O2B LMT G . 16.71 -20.14 -1.07
O3B LMT G . 19.31 -18.83 -1.45
O4' LMT G . 20.90 -20.17 -3.43
O5B LMT G . 18.99 -22.90 -1.91
O6B LMT G . 20.50 -24.38 -3.75
C1' LMT G . 13.71 -24.56 -4.13
C2' LMT G . 13.30 -23.28 -3.44
C3' LMT G . 14.53 -22.40 -3.19
C4' LMT G . 15.66 -23.15 -2.51
C5' LMT G . 15.88 -24.55 -3.09
C6' LMT G . 16.74 -25.44 -2.19
O1' LMT G . 12.57 -25.39 -4.33
O2' LMT G . 12.35 -22.57 -4.23
O3' LMT G . 14.14 -21.29 -2.38
O5' LMT G . 14.64 -25.25 -3.29
O6' LMT G . 17.90 -25.89 -2.90
C1 LMT G . 12.13 -25.46 -5.69
C2 LMT G . 10.94 -26.41 -5.79
C3 LMT G . 10.45 -26.55 -7.23
C4 LMT G . 11.35 -27.49 -8.02
C5 LMT G . 10.81 -27.75 -9.42
C6 LMT G . 11.81 -28.58 -10.22
C7 LMT G . 11.35 -28.85 -11.63
C8 LMT G . 12.50 -29.38 -12.48
C9 LMT G . 12.01 -30.15 -13.70
C10 LMT G . 12.91 -29.89 -14.90
C11 LMT G . 12.78 -30.98 -15.96
C12 LMT G . 14.06 -31.79 -16.08
C1B LMT H . -12.45 -57.09 -45.98
C2B LMT H . -11.71 -57.50 -47.24
C3B LMT H . -11.89 -56.48 -48.35
C4B LMT H . -13.36 -56.16 -48.56
C5B LMT H . -14.04 -55.78 -47.24
C6B LMT H . -15.53 -55.53 -47.43
O1B LMT H . -11.83 -55.94 -45.37
O2B LMT H . -10.31 -57.63 -46.95
O3B LMT H . -11.35 -57.01 -49.57
O4' LMT H . -13.49 -55.07 -49.49
O5B LMT H . -13.83 -56.82 -46.28
O6B LMT H . -16.30 -56.21 -46.42
C1' LMT H . -11.02 -55.04 -41.32
C2' LMT H . -10.10 -56.03 -42.04
C3' LMT H . -10.22 -55.93 -43.56
C4' LMT H . -11.69 -56.02 -43.96
C5' LMT H . -12.43 -54.88 -43.25
C6' LMT H . -13.89 -54.81 -43.70
O1' LMT H . -11.01 -55.37 -39.93
O2' LMT H . -8.74 -55.78 -41.66
O3' LMT H . -9.49 -57.00 -44.17
O5' LMT H . -12.36 -55.11 -41.85
O6' LMT H . -14.68 -54.13 -42.73
C1 LMT H . -11.98 -54.70 -39.12
C2 LMT H . -11.60 -53.25 -38.86
C3 LMT H . -10.21 -53.10 -38.24
C4 LMT H . -10.17 -53.48 -36.77
C5 LMT H . -10.61 -52.31 -35.87
C6 LMT H . -10.45 -52.68 -34.40
C7 LMT H . -9.00 -52.56 -33.92
C8 LMT H . -8.34 -53.93 -33.73
C9 LMT H . -7.22 -53.89 -32.70
C10 LMT H . -5.87 -54.30 -33.29
C11 LMT H . -4.71 -53.82 -32.41
C12 LMT H . -4.28 -52.42 -32.82
C1 HEX I . -10.93 -12.64 -17.45
C2 HEX I . -9.45 -12.39 -17.29
C3 HEX I . -8.71 -12.22 -18.59
C4 HEX I . -7.21 -12.33 -18.48
C5 HEX I . -6.47 -12.31 -19.80
C6 HEX I . -5.72 -13.57 -20.14
C1 GOL J . -21.72 -16.52 29.12
O1 GOL J . -21.58 -16.03 30.45
C2 GOL J . -23.17 -16.60 28.68
O2 GOL J . -23.64 -17.94 28.81
C3 GOL J . -24.09 -15.67 29.46
O3 GOL J . -25.17 -15.21 28.66
C1B LMT K . 15.39 -63.50 -31.68
C2B LMT K . 14.02 -64.11 -32.00
C3B LMT K . 14.13 -65.16 -33.10
C4B LMT K . 15.40 -64.99 -33.95
C5B LMT K . 16.66 -64.99 -33.09
C6B LMT K . 17.76 -64.13 -33.72
O1B LMT K . 15.42 -62.78 -30.43
O2B LMT K . 13.43 -64.72 -30.85
O3B LMT K . 12.98 -65.07 -33.96
O4' LMT K . 15.47 -66.06 -34.90
O5B LMT K . 16.39 -64.53 -31.75
O6B LMT K . 18.90 -64.09 -32.86
C1' LMT K . 16.59 -63.22 -26.46
C2' LMT K . 17.36 -64.09 -27.46
C3' LMT K . 17.11 -63.66 -28.90
C4' LMT K . 15.62 -63.49 -29.19
C5' LMT K . 14.94 -62.66 -28.09
C6' LMT K . 13.43 -62.55 -28.26
O1' LMT K . 16.76 -63.74 -25.14
O2' LMT K . 18.77 -64.00 -27.18
O3' LMT K . 17.69 -64.64 -29.76
O5' LMT K . 15.20 -63.26 -26.81
O6' LMT K . 13.06 -62.25 -29.61
C1 LMT K . 17.18 -62.78 -24.17
C2 LMT K . 18.65 -62.43 -24.36
C3 LMT K . 19.29 -61.87 -23.08
C4 LMT K . 20.52 -62.66 -22.63
C5 LMT K . 21.82 -61.87 -22.84
C6 LMT K . 22.27 -61.84 -24.30
C7 LMT K . 22.20 -60.46 -24.91
C8 LMT K . 23.36 -59.56 -24.46
C9 LMT K . 23.28 -58.19 -25.12
C10 LMT K . 23.63 -57.07 -24.14
C11 LMT K . 25.08 -57.15 -23.66
C12 LMT K . 25.62 -55.78 -23.34
OH2 ETE L . -7.35 -40.37 -59.91
C12 ETE L . -6.12 -40.94 -60.33
C22 ETE L . -5.04 -39.91 -60.49
OH3 ETE L . -3.96 -40.45 -61.25
C13 ETE L . -3.17 -38.29 -61.88
C23 ETE L . -2.81 -39.61 -61.27
OH4 ETE L . -1.99 -37.57 -62.22
C14 ETE L . -1.73 -36.07 -64.06
C24 ETE L . -2.27 -36.24 -62.68
OH5 ETE L . -0.87 -34.94 -64.10
C15 ETE L . 0.74 -34.09 -62.55
C25 ETE L . 0.42 -35.18 -63.53
OH6 ETE L . 2.05 -33.61 -62.76
C26 ETE L . 2.50 -32.75 -61.73
C1 3YI M . -18.39 -20.75 12.57
N1 3YI M . -19.78 -21.19 14.52
O1 3YI M . -19.01 -19.55 12.42
C2 3YI M . -18.77 -21.58 13.62
O2 3YI M . -17.59 -19.12 10.44
C3 3YI M . -18.10 -22.83 13.75
O3 3YI M . -14.34 -22.44 9.04
C4 3YI M . -17.10 -23.25 12.89
O4 3YI M . -14.74 -24.84 11.58
C5 3YI M . -15.72 -22.76 10.90
O5 3YI M . -14.82 -24.57 8.36
C6 3YI M . -15.35 -21.93 9.87
O6 3YI M . -18.92 -24.48 7.63
C7 3YI M . -15.96 -20.68 9.66
O7 3YI M . -19.66 -27.40 10.41
C8 3YI M . -16.96 -20.32 10.57
O8 3YI M . -21.45 -28.35 9.41
C9 3YI M . -17.36 -21.15 11.67
O9 3YI M . -22.91 -25.28 11.20
C10 3YI M . -16.71 -22.40 11.80
O10 3YI M . -23.14 -23.70 13.23
C11 3YI M . -14.90 -23.95 10.80
O11 3YI M . -18.23 -20.93 16.20
C12 3YI M . -14.22 -23.83 9.42
O12 3YI M . -16.52 -24.45 13.08
C13 3YI M . -12.74 -24.11 9.56
O13 3YI M . -17.53 -24.25 15.55
C14 3YI M . -15.57 -19.80 8.56
C15 3YI M . -19.41 -20.88 15.87
C16 3YI M . -20.49 -20.47 16.80
C17 3YI M . -21.56 -21.27 17.06
C18 3YI M . -21.76 -22.60 16.49
C19 3YI M . -22.94 -23.08 16.11
C20 3YI M . -23.09 -24.49 15.55
C21 3YI M . -22.52 -24.58 14.12
C22 3YI M . -22.70 -26.03 13.52
C23 3YI M . -22.19 -26.13 12.03
C24 3YI M . -20.68 -25.75 11.90
C25 3YI M . -20.16 -26.04 10.45
C26 3YI M . -19.01 -25.08 10.03
C27 3YI M . -18.49 -25.44 8.58
C28 3YI M . -16.98 -25.52 8.63
C29 3YI M . -16.22 -24.48 8.30
C30 3YI M . -20.41 -19.14 17.45
C31 3YI M . -22.41 -25.56 16.42
C32 3YI M . -24.15 -26.47 13.57
C33 3YI M . -19.81 -26.44 12.93
C34 3YI M . -19.49 -23.61 10.07
C35 3YI M . -20.24 -28.31 9.57
C36 3YI M . -19.31 -29.25 8.88
C37 3YI M . -20.02 -24.89 6.86
C38 3YI M . -18.40 -23.79 14.81
C1 EDO N . -33.58 -23.81 29.27
O1 EDO N . -33.78 -25.00 28.52
C2 EDO N . -33.43 -24.06 30.72
O2 EDO N . -32.26 -23.47 31.26
C1B LMT O . 63.87 -14.43 -31.32
C2B LMT O . 64.16 -15.07 -32.68
C3B LMT O . 63.37 -16.35 -32.85
C4B LMT O . 63.61 -17.30 -31.68
C5B LMT O . 63.40 -16.59 -30.34
C6B LMT O . 63.79 -17.52 -29.19
O1B LMT O . 62.50 -14.00 -31.27
O2B LMT O . 63.83 -14.15 -33.73
O3B LMT O . 63.76 -17.00 -34.07
O4' LMT O . 62.72 -18.41 -31.78
O5B LMT O . 64.16 -15.38 -30.29
O6B LMT O . 64.71 -16.86 -28.30
C1' LMT O . 60.53 -10.70 -29.58
C2' LMT O . 61.64 -10.39 -30.57
C3' LMT O . 62.01 -11.63 -31.39
C4' LMT O . 62.27 -12.83 -30.48
C5' LMT O . 61.07 -13.03 -29.56
C6' LMT O . 61.28 -14.24 -28.64
O1' LMT O . 60.35 -9.60 -28.69
O2' LMT O . 61.22 -9.35 -31.45
O3' LMT O . 63.18 -11.35 -32.17
O5' LMT O . 60.86 -11.85 -28.79
O6' LMT O . 60.88 -13.95 -27.29
C1 LMT O . 59.26 -8.73 -28.98
C2 LMT O . 58.91 -7.90 -27.74
C3 LMT O . 57.81 -8.55 -26.92
C4 LMT O . 57.61 -7.82 -25.59
C5 LMT O . 56.48 -8.45 -24.79
C6 LMT O . 56.54 -8.05 -23.31
C7 LMT O . 56.41 -6.53 -23.14
C8 LMT O . 55.66 -6.17 -21.86
C9 LMT O . 56.11 -4.81 -21.35
C10 LMT O . 55.07 -4.16 -20.42
C11 LMT O . 55.01 -2.65 -20.60
C12 LMT O . 56.30 -1.99 -20.16
O21 DDR P . 34.92 -6.31 -8.49
C21 DDR P . 34.60 -6.27 -9.65
C22 DDR P . 35.55 -6.48 -10.79
C23 DDR P . 36.49 -7.64 -10.61
C24 DDR P . 37.67 -7.61 -11.56
C25 DDR P . 38.42 -8.92 -11.68
C26 DDR P . 37.60 -10.04 -12.27
C27 DDR P . 38.37 -11.01 -13.13
C28 DDR P . 39.31 -11.92 -12.38
C29 DDR P . 39.39 -13.34 -12.88
C30 DDR P . 40.73 -13.70 -13.51
O52 DDR P . 33.35 -6.03 -10.05
C52 DDR P . 32.30 -6.95 -9.64
C53 DDR P . 31.32 -6.22 -8.75
O53 DDR P . 31.81 -6.11 -7.41
C51 DDR P . 31.67 -7.53 -10.89
O51 DDR P . 31.06 -8.80 -10.56
C1 DDR P . 30.56 -9.49 -11.57
O1 DDR P . 29.41 -9.40 -11.94
C2 DDR P . 31.60 -10.39 -12.20
C3 DDR P . 32.19 -9.84 -13.46
C4 DDR P . 33.58 -10.37 -13.75
C5 DDR P . 33.65 -11.39 -14.88
C6 DDR P . 34.85 -11.24 -15.80
C7 DDR P . 34.64 -11.84 -17.17
C8 DDR P . 35.81 -11.69 -18.11
C9 DDR P . 35.42 -11.48 -19.55
C10 DDR P . 36.46 -11.96 -20.54
N1 DDQ Q . 28.25 -16.90 -37.57
O1 DDQ Q . 29.28 -16.06 -37.08
CM1 DDQ Q . 28.60 -18.31 -37.23
CM2 DDQ Q . 28.17 -16.74 -39.04
C1 DDQ Q . 26.96 -16.51 -36.91
C2 DDQ Q . 26.79 -15.02 -36.68
C3 DDQ Q . 27.42 -14.55 -35.37
C4 DDQ Q . 26.46 -13.84 -34.42
C5 DDQ Q . 26.32 -14.50 -33.07
C6 DDQ Q . 26.76 -13.64 -31.91
C7 DDQ Q . 26.79 -14.35 -30.58
C8 DDQ Q . 25.55 -15.15 -30.27
C9 DDQ Q . 25.35 -15.47 -28.80
C10 DDQ Q . 23.91 -15.76 -28.45
C1 OCT R . 20.59 23.18 -14.47
C2 OCT R . 20.51 21.87 -15.20
C3 OCT R . 21.85 21.22 -15.47
C4 OCT R . 21.95 20.44 -16.76
C5 OCT R . 21.62 18.98 -16.63
C6 OCT R . 22.78 18.04 -16.93
C7 OCT R . 22.80 17.51 -18.34
C8 OCT R . 24.00 16.66 -18.67
C1 GOL S . 9.45 38.41 42.16
O1 GOL S . 8.09 38.42 41.72
C2 GOL S . 10.02 37.01 42.19
O2 GOL S . 11.41 37.06 42.50
C3 GOL S . 9.81 36.25 40.89
O3 GOL S . 10.61 35.08 40.82
C1B LMT T . -3.58 29.17 -68.66
C2B LMT T . -2.64 28.75 -69.78
C3B LMT T . -1.19 28.79 -69.29
C4B LMT T . -0.81 30.19 -68.81
C5B LMT T . -2.00 31.08 -68.43
C6B LMT T . -2.42 32.01 -69.57
O1B LMT T . -3.68 28.10 -67.71
O2B LMT T . -2.96 27.42 -70.22
O3B LMT T . -0.32 28.38 -70.35
O4' LMT T . 0.06 30.05 -67.67
O5B LMT T . -3.15 30.34 -67.97
O6B LMT T . -1.85 33.31 -69.37
C1' LMT T . -6.19 27.13 -64.53
C2' LMT T . -6.81 27.04 -65.92
C3' LMT T . -5.72 27.04 -66.99
C4' LMT T . -4.77 28.22 -66.80
C5' LMT T . -4.26 28.25 -65.35
C6' LMT T . -3.36 29.46 -65.11
O1' LMT T . -7.23 27.21 -63.55
O2' LMT T . -7.61 25.87 -66.03
O3' LMT T . -6.32 27.10 -68.29
O5' LMT T . -5.36 28.29 -64.45
O6' LMT T . -3.08 29.60 -63.70
C1 LMT T . -6.74 27.27 -62.20
C2 LMT T . -7.88 26.91 -61.24
C3 LMT T . -7.38 26.18 -59.99
C4 LMT T . -6.96 27.15 -58.88
C5 LMT T . -8.02 27.26 -57.79
C6 LMT T . -7.41 27.35 -56.39
C7 LMT T . -6.82 28.73 -56.11
C8 LMT T . -7.51 29.39 -54.92
C9 LMT T . -6.73 30.61 -54.43
C10 LMT T . -7.52 31.38 -53.37
C11 LMT T . -6.74 31.64 -52.09
C12 LMT T . -6.42 33.10 -51.91
C1 D10 U . 7.13 10.13 -29.95
C2 D10 U . 7.28 11.55 -29.46
C3 D10 U . 7.13 11.70 -27.97
C4 D10 U . 6.26 12.85 -27.50
C5 D10 U . 6.94 13.84 -26.58
C6 D10 U . 6.23 14.06 -25.27
C7 D10 U . 6.71 15.26 -24.49
C8 D10 U . 5.80 15.68 -23.36
C9 D10 U . 5.89 17.14 -22.98
C10 D10 U . 4.81 17.59 -22.04
C1 GOL V . -15.27 -11.04 32.41
O1 GOL V . -16.59 -11.35 31.98
C2 GOL V . -14.49 -12.28 32.76
O2 GOL V . -14.26 -13.05 31.58
C3 GOL V . -15.19 -13.14 33.80
O3 GOL V . -14.26 -13.98 34.50
CL CL W . -4.98 38.92 9.39
C1 GOL X . 12.10 2.97 55.57
O1 GOL X . 11.55 4.17 56.06
C2 GOL X . 13.32 3.24 54.70
O2 GOL X . 12.95 4.03 53.57
C3 GOL X . 14.02 1.98 54.22
O3 GOL X . 15.43 2.06 54.39
#